data_8BUO
#
_entry.id   8BUO
#
_cell.length_a   249.800
_cell.length_b   249.800
_cell.length_c   218.078
_cell.angle_alpha   90.000
_cell.angle_beta   90.000
_cell.angle_gamma   120.000
#
_symmetry.space_group_name_H-M   'P 31 2 1'
#
loop_
_entity.id
_entity.type
_entity.pdbx_description
1 polymer 'DNA damage-binding protein 1'
2 polymer 'Cyclin-dependent kinase 12'
3 polymer Cyclin-K
4 non-polymer 'SULFATE ION'
5 non-polymer (2~{R})-2-[[6-[(3-fluoranyl-4-pyridin-2-yl-phenyl)methylamino]-9-propan-2-yl-purin-2-yl]amino]butan-1-ol
#
loop_
_entity_poly.entity_id
_entity_poly.type
_entity_poly.pdbx_seq_one_letter_code
_entity_poly.pdbx_strand_id
1 'polypeptide(L)'
;GGGRMSYNYVVTAQKPTAVNGCVTGHFTSAEDLNLLIAKNTRLEIYVVTAEGLRPVKEVGMYGKIAVMELFRPKGESKDL
LFILTAKYNACILEYKQSGESIDIITRAHGNVQDRIGRPSETGIIGIIDPECRMIGLRLYDGLFKVIPLDRDNKELKAFN
IRLEELHVIDVKFLYGCQAPTICFVYQDPQGRHVKTYEVSLREKEFNKGPWKQENVEAEASMVIAVPEPFGGAIIIGQES
ITYHNGDKYLAIAPPIIKQSTIVCHNRVDPNGSRYLLGDMEGRLFMLLLEKEEQMDGTVTLKDLRVELLGETSIAECLTY
LDNGVVFVGSRLGDSQLVKLNVDSNEQGSYVVAMETFTNLGPIVDMCVVDLERQGQGQLVTCSGAFKEGSLRIIRNGIGG
NGNSGEIQKLHIRTVPLYESPRKICYQEVSQCFGVLSSRIEVQDTSGGTTALRPSASTQALSSSVSSSKLFSSSTAPHET
SFGEEVEVHNLLIIDQHTFEVLHAHQFLQNEYALSLVSCKLGKDPNTYFIVGTAMVYPEEAEPKQGRIVVFQYSDGKLQT
VAEKEVKGAVYSMVEFNGKLLASINSTVRLYEWTTEKELRTECNHYNNIMALYLKTKGDFILVGDLMRSVLLLAYKPMEG
NFEEIARDFNPNWMSAVEILDDDNFLGAENAFNLFVCQKDSAATTDEERQHLQEVGLFHLGEFVNVFCHGSLVMQNLGET
STPTQGSVLFGTVNGMIGLVTSLSESWYNLLLDMQNRLNKVIKSVGKIEHSFWRSFHTERKTEPATGFIDGDLIESFLDI
SRPKMQEVVANLQYDDGSGMKREATADDLIKVVEELTRIH
;
A,D,G
2 'polypeptide(L)'
;GGGRRQTESDWGKRCVDKFDIIGIIGEGTYGQVYKAKDKDTGELVALKKVRLDNEKEGFPITAIREIKILRQLIHRSVVN
MKEIVTDKQDALDFKKDKGAFYLVFEYMDHDLMGLLESGLVHFSEDHIKSFMKQLMEGLEYCHKKNFLHRDIKCSNILLN
NSGQIKLADFGLARLYNSEESRPY(TPO)NKVITLWYRPPELLLGEERYTPAIDVWSCGCILGELFTKKPIFQANLELAQ
LELISRLCGSPCPAVWPDVIRLPYFNTMKPKKQYRRRLREEFSFIPSAALDLLDHMLTLDPSKRCTAEQTLQSDFLKDVE
LSKMAPPDLPHWQDCHELWSKKRRRQRQ
;
B,E,H
3 'polypeptide(L)'
;GGGRMKENKENSSPSVTSANLDHTKPCWYWDKKDLAHTPSQLEGLDPATEARYRREGARFIFDVGTRLGLHYDTLATGII
YFHRFYMFHSFKQFPRYVTGACCLFLAGKVEETPKKCKDIIKTARSLLNDVQFGQFGDDPKEEVMVLERILLQTIKFDLQ
VEHPYQFLLKYAKQLKGDKNKIQKLVQMAWTFVNDSLCTTLSLQWEPEIIAVAVMYLAGRLCKFEIQEWTSKPMYRRWWE
QFVQDVPVDVLEDICHQILDLYSQGKQQMPH
;
C,F,I
#
loop_
_chem_comp.id
_chem_comp.type
_chem_comp.name
_chem_comp.formula
RLC non-polymer (2~{R})-2-[[6-[(3-fluoranyl-4-pyridin-2-yl-phenyl)methylamino]-9-propan-2-yl-purin-2-yl]amino]butan-1-ol 'C24 H28 F N7 O'
SO4 non-polymer 'SULFATE ION' 'O4 S -2'
#
# COMPACT_ATOMS: atom_id res chain seq x y z
N MET A 5 -28.13 49.69 22.16
CA MET A 5 -26.88 50.31 22.67
C MET A 5 -26.49 49.63 23.98
N SER A 6 -25.25 49.83 24.44
CA SER A 6 -24.76 49.28 25.68
C SER A 6 -24.16 50.37 26.55
N TYR A 7 -24.22 50.16 27.86
CA TYR A 7 -23.78 51.15 28.85
C TYR A 7 -22.81 50.50 29.82
N ASN A 8 -21.60 51.07 29.94
CA ASN A 8 -20.56 50.51 30.78
C ASN A 8 -19.79 51.63 31.50
N TYR A 9 -19.06 51.22 32.54
CA TYR A 9 -18.38 52.10 33.49
C TYR A 9 -16.96 51.57 33.68
N VAL A 10 -15.97 52.46 33.62
CA VAL A 10 -14.57 52.04 33.71
C VAL A 10 -13.84 52.90 34.73
N VAL A 11 -13.20 52.26 35.71
CA VAL A 11 -12.47 52.96 36.77
C VAL A 11 -11.08 52.36 36.95
N THR A 12 -10.17 53.19 37.48
CA THR A 12 -8.84 52.76 37.86
C THR A 12 -8.83 52.24 39.30
N ALA A 13 -8.37 51.01 39.48
CA ALA A 13 -8.16 50.47 40.83
C ALA A 13 -6.75 50.76 41.33
N GLN A 14 -5.75 50.62 40.47
CA GLN A 14 -4.37 50.98 40.78
C GLN A 14 -3.83 51.87 39.66
N LYS A 15 -3.30 53.04 40.01
CA LYS A 15 -2.75 53.95 39.01
C LYS A 15 -1.50 53.38 38.37
N PRO A 16 -1.16 53.85 37.16
CA PRO A 16 0.07 53.38 36.51
C PRO A 16 1.29 53.58 37.40
N THR A 17 2.12 52.55 37.48
CA THR A 17 3.28 52.54 38.36
C THR A 17 4.62 52.60 37.63
N ALA A 18 4.65 52.25 36.35
CA ALA A 18 5.93 52.20 35.65
C ALA A 18 6.40 53.61 35.36
N VAL A 19 7.71 53.82 35.49
CA VAL A 19 8.28 55.14 35.26
C VAL A 19 8.60 55.27 33.78
N ASN A 20 8.05 56.31 33.16
CA ASN A 20 8.18 56.56 31.73
C ASN A 20 9.15 57.69 31.43
N GLY A 21 9.50 58.47 32.45
CA GLY A 21 10.52 59.48 32.29
C GLY A 21 10.67 60.24 33.59
N CYS A 22 11.84 60.89 33.74
CA CYS A 22 12.12 61.60 34.97
C CYS A 22 13.20 62.65 34.74
N VAL A 23 12.93 63.86 35.28
CA VAL A 23 13.81 65.01 35.11
C VAL A 23 14.00 65.67 36.47
N THR A 24 15.06 66.48 36.56
CA THR A 24 15.35 67.27 37.73
C THR A 24 15.48 68.73 37.36
N GLY A 25 15.11 69.59 38.30
CA GLY A 25 15.27 71.01 38.09
C GLY A 25 14.81 71.79 39.30
N HIS A 26 14.43 73.03 39.03
CA HIS A 26 13.98 73.98 40.03
C HIS A 26 12.59 74.46 39.62
N PHE A 27 11.62 73.56 39.72
CA PHE A 27 10.29 73.78 39.19
C PHE A 27 9.32 74.40 40.19
N THR A 28 9.33 73.93 41.44
CA THR A 28 8.39 74.45 42.44
C THR A 28 8.87 75.79 43.01
N SER A 29 10.18 75.98 43.13
CA SER A 29 10.77 77.22 43.59
C SER A 29 12.15 77.34 42.97
N ALA A 30 12.61 78.57 42.76
CA ALA A 30 13.96 78.73 42.22
C ALA A 30 15.02 78.16 43.17
N GLU A 31 14.64 77.84 44.39
CA GLU A 31 15.52 77.40 45.46
C GLU A 31 15.58 75.89 45.65
N ASP A 32 14.44 75.22 45.57
CA ASP A 32 14.35 73.78 45.78
C ASP A 32 14.89 72.98 44.60
N LEU A 33 15.45 71.80 44.91
CA LEU A 33 15.79 70.82 43.89
C LEU A 33 14.62 69.86 43.73
N ASN A 34 14.07 69.80 42.52
CA ASN A 34 12.89 69.01 42.24
C ASN A 34 13.26 67.75 41.47
N LEU A 35 12.44 66.73 41.67
CA LEU A 35 12.44 65.53 40.84
C LEU A 35 11.01 65.37 40.33
N LEU A 36 10.84 65.49 39.02
CA LEU A 36 9.55 65.24 38.38
C LEU A 36 9.62 63.84 37.78
N ILE A 37 8.67 62.98 38.17
CA ILE A 37 8.59 61.60 37.69
C ILE A 37 7.30 61.49 36.88
N ALA A 38 7.41 60.97 35.67
CA ALA A 38 6.28 60.81 34.77
C ALA A 38 5.89 59.34 34.69
N LYS A 39 4.67 59.04 35.10
CA LYS A 39 4.00 57.77 34.82
C LYS A 39 2.91 58.03 33.81
N ASN A 40 2.46 56.98 33.13
CA ASN A 40 1.52 57.21 32.03
C ASN A 40 0.34 58.02 32.56
N THR A 41 0.13 59.21 32.00
CA THR A 41 -0.95 60.13 32.31
C THR A 41 -0.81 60.79 33.68
N ARG A 42 0.21 60.44 34.47
CA ARG A 42 0.39 60.96 35.83
C ARG A 42 1.74 61.66 35.98
N LEU A 43 1.73 62.85 36.59
CA LEU A 43 2.95 63.59 36.92
C LEU A 43 3.11 63.71 38.43
N GLU A 44 4.24 63.24 38.95
CA GLU A 44 4.55 63.29 40.37
C GLU A 44 5.68 64.28 40.61
N ILE A 45 5.48 65.24 41.52
CA ILE A 45 6.47 66.27 41.82
C ILE A 45 7.03 66.00 43.22
N TYR A 46 8.34 65.88 43.31
CA TYR A 46 9.03 65.64 44.58
C TYR A 46 10.04 66.76 44.82
N VAL A 47 10.44 66.90 46.08
CA VAL A 47 11.52 67.79 46.47
C VAL A 47 12.63 66.94 47.11
N VAL A 48 13.87 67.22 46.72
CA VAL A 48 15.02 66.40 47.08
C VAL A 48 15.54 66.82 48.45
N THR A 49 15.40 65.91 49.43
CA THR A 49 15.98 66.07 50.75
C THR A 49 17.29 65.30 50.89
N ALA A 50 17.88 65.38 52.09
CA ALA A 50 19.06 64.58 52.40
C ALA A 50 18.72 63.10 52.58
N GLU A 51 17.53 62.79 53.11
CA GLU A 51 17.14 61.39 53.29
C GLU A 51 16.48 60.74 52.08
N GLY A 52 15.74 61.50 51.29
CA GLY A 52 15.03 60.95 50.17
C GLY A 52 14.17 62.00 49.53
N LEU A 53 12.97 61.63 49.10
CA LEU A 53 12.08 62.53 48.39
C LEU A 53 10.92 62.95 49.28
N ARG A 54 10.63 64.24 49.29
CA ARG A 54 9.41 64.75 49.90
C ARG A 54 8.39 64.95 48.80
N PRO A 55 7.30 64.18 48.75
CA PRO A 55 6.25 64.48 47.77
C PRO A 55 5.58 65.80 48.10
N VAL A 56 5.18 66.52 47.05
CA VAL A 56 4.56 67.83 47.22
C VAL A 56 3.26 67.90 46.42
N LYS A 57 3.25 67.38 45.20
CA LYS A 57 2.06 67.51 44.35
C LYS A 57 2.01 66.38 43.34
N GLU A 58 0.79 65.94 43.02
CA GLU A 58 0.56 65.01 41.91
C GLU A 58 -0.65 65.46 41.11
N VAL A 59 -0.52 65.50 39.79
CA VAL A 59 -1.62 65.85 38.91
C VAL A 59 -1.78 64.77 37.86
N GLY A 60 -3.01 64.65 37.35
CA GLY A 60 -3.27 63.86 36.16
C GLY A 60 -3.43 64.78 34.97
N MET A 61 -3.11 64.26 33.79
CA MET A 61 -3.28 64.96 32.53
C MET A 61 -4.13 64.10 31.62
N TYR A 62 -4.92 64.75 30.76
CA TYR A 62 -5.78 64.01 29.84
C TYR A 62 -4.98 63.66 28.59
N GLY A 63 -3.99 62.78 28.81
CA GLY A 63 -3.06 62.39 27.78
C GLY A 63 -1.90 61.56 28.30
N LYS A 64 -1.30 60.76 27.41
CA LYS A 64 -0.08 60.04 27.73
C LYS A 64 1.11 61.00 27.60
N ILE A 65 1.93 61.08 28.64
CA ILE A 65 3.04 62.05 28.65
C ILE A 65 4.16 61.49 27.78
N ALA A 66 4.41 62.13 26.64
CA ALA A 66 5.45 61.74 25.70
C ALA A 66 6.73 62.53 25.88
N VAL A 67 6.65 63.85 26.03
CA VAL A 67 7.81 64.71 26.25
C VAL A 67 7.63 65.38 27.60
N MET A 68 8.72 65.42 28.39
CA MET A 68 8.72 66.14 29.66
C MET A 68 10.09 66.76 29.85
N GLU A 69 10.14 68.09 29.90
CA GLU A 69 11.41 68.80 30.01
C GLU A 69 11.22 70.08 30.81
N LEU A 70 12.23 70.41 31.61
CA LEU A 70 12.28 71.65 32.38
C LEU A 70 13.25 72.61 31.73
N PHE A 71 12.89 73.89 31.70
CA PHE A 71 13.72 74.94 31.13
C PHE A 71 13.42 76.24 31.85
N ARG A 72 14.34 77.21 31.73
CA ARG A 72 14.18 78.49 32.41
C ARG A 72 14.53 79.62 31.46
N PRO A 73 13.55 80.22 30.78
CA PRO A 73 13.86 81.31 29.85
C PRO A 73 14.26 82.57 30.60
N LYS A 74 15.10 83.38 29.96
CA LYS A 74 15.51 84.65 30.55
C LYS A 74 14.30 85.45 30.98
N GLY A 75 14.32 85.91 32.23
CA GLY A 75 13.23 86.66 32.82
C GLY A 75 12.41 85.87 33.80
N GLU A 76 12.50 84.55 33.79
CA GLU A 76 11.78 83.72 34.75
C GLU A 76 12.65 83.47 35.99
N SER A 77 12.01 83.41 37.17
CA SER A 77 12.74 83.12 38.39
C SER A 77 13.02 81.63 38.54
N LYS A 78 12.18 80.78 37.95
CA LYS A 78 12.25 79.35 38.19
C LYS A 78 11.90 78.61 36.91
N ASP A 79 12.14 77.30 36.94
CA ASP A 79 11.98 76.49 35.74
C ASP A 79 10.51 76.35 35.37
N LEU A 80 10.25 76.32 34.08
CA LEU A 80 8.93 76.00 33.54
C LEU A 80 8.98 74.59 32.97
N LEU A 81 7.80 73.99 32.85
CA LEU A 81 7.69 72.60 32.41
C LEU A 81 7.02 72.53 31.06
N PHE A 82 7.63 71.78 30.15
CA PHE A 82 7.03 71.50 28.85
C PHE A 82 6.60 70.03 28.81
N ILE A 83 5.38 69.81 28.36
CA ILE A 83 4.83 68.46 28.20
C ILE A 83 4.11 68.40 26.88
N LEU A 84 4.37 67.35 26.10
CA LEU A 84 3.66 67.04 24.87
C LEU A 84 3.03 65.67 25.05
N THR A 85 1.74 65.57 24.74
CA THR A 85 1.09 64.27 24.91
C THR A 85 1.22 63.47 23.62
N ALA A 86 0.93 62.16 23.72
CA ALA A 86 1.07 61.30 22.56
C ALA A 86 0.05 61.64 21.47
N LYS A 87 -1.04 62.31 21.81
CA LYS A 87 -1.99 62.80 20.81
C LYS A 87 -1.62 64.21 20.33
N TYR A 88 -0.42 64.67 20.66
CA TYR A 88 0.19 65.92 20.20
C TYR A 88 -0.40 67.14 20.88
N ASN A 89 -0.88 66.99 22.12
CA ASN A 89 -1.27 68.13 22.92
C ASN A 89 -0.01 68.69 23.61
N ALA A 90 0.30 69.97 23.34
CA ALA A 90 1.48 70.62 23.87
C ALA A 90 1.08 71.73 24.84
N CYS A 91 1.87 71.89 25.91
CA CYS A 91 1.57 72.93 26.88
C CYS A 91 2.84 73.30 27.65
N ILE A 92 2.85 74.52 28.17
CA ILE A 92 3.88 74.98 29.10
C ILE A 92 3.22 75.25 30.44
N LEU A 93 3.78 74.67 31.50
CA LEU A 93 3.15 74.68 32.81
C LEU A 93 4.02 75.39 33.84
N GLU A 94 3.35 75.94 34.86
CA GLU A 94 4.02 76.60 35.97
C GLU A 94 3.42 76.15 37.30
N TYR A 95 4.31 76.04 38.30
CA TYR A 95 3.94 75.73 39.68
C TYR A 95 3.73 77.05 40.43
N LYS A 96 2.58 77.17 41.09
CA LYS A 96 2.23 78.34 41.91
C LYS A 96 1.66 77.86 43.23
N GLN A 97 2.15 78.44 44.33
CA GLN A 97 1.78 78.04 45.68
C GLN A 97 1.42 79.26 46.49
N SER A 98 0.16 79.33 46.92
CA SER A 98 -0.33 80.40 47.78
C SER A 98 -0.53 79.86 49.19
N GLY A 99 0.55 79.81 49.96
CA GLY A 99 0.44 79.20 51.27
C GLY A 99 0.17 77.72 51.14
N GLU A 100 -0.99 77.30 51.65
CA GLU A 100 -1.42 75.91 51.58
C GLU A 100 -1.97 75.48 50.24
N SER A 101 -2.41 76.42 49.40
CA SER A 101 -3.03 76.10 48.12
C SER A 101 -1.96 75.89 47.04
N ILE A 102 -1.93 74.69 46.44
CA ILE A 102 -0.99 74.36 45.36
C ILE A 102 -1.79 74.11 44.09
N ASP A 103 -1.42 74.78 43.01
CA ASP A 103 -2.11 74.62 41.73
C ASP A 103 -1.09 74.74 40.60
N ILE A 104 -1.45 74.17 39.44
CA ILE A 104 -0.60 74.16 38.26
C ILE A 104 -1.18 75.08 37.18
N ILE A 105 -0.34 75.99 36.68
CA ILE A 105 -0.77 77.03 35.75
C ILE A 105 -0.48 76.54 34.34
N THR A 106 -1.43 76.73 33.44
CA THR A 106 -1.23 76.47 32.01
C THR A 106 -0.85 77.80 31.37
N ARG A 107 0.42 77.95 31.03
CA ARG A 107 0.90 79.22 30.46
C ARG A 107 0.72 79.31 28.95
N ALA A 108 0.88 78.20 28.24
CA ALA A 108 0.69 78.17 26.79
C ALA A 108 0.24 76.77 26.42
N HIS A 109 -0.62 76.67 25.40
CA HIS A 109 -1.11 75.36 25.00
C HIS A 109 -1.59 75.34 23.55
N GLY A 110 -1.50 74.15 22.95
CA GLY A 110 -2.00 73.92 21.61
C GLY A 110 -1.71 72.50 21.20
N ASN A 111 -2.35 72.08 20.09
CA ASN A 111 -2.16 70.77 19.49
C ASN A 111 -1.31 70.95 18.23
N VAL A 112 -0.19 70.23 18.15
CA VAL A 112 0.80 70.45 17.11
C VAL A 112 0.74 69.40 16.01
N GLN A 113 -0.38 68.69 15.91
CA GLN A 113 -0.53 67.63 14.92
C GLN A 113 -0.63 68.20 13.51
N ASP A 114 0.07 67.56 12.58
CA ASP A 114 0.01 67.90 11.17
C ASP A 114 -1.01 67.04 10.43
N ARG A 115 -1.68 67.66 9.45
CA ARG A 115 -2.66 66.93 8.66
C ARG A 115 -2.01 65.83 7.85
N ILE A 116 -0.77 66.04 7.41
CA ILE A 116 -0.02 65.06 6.63
C ILE A 116 1.34 64.84 7.28
N GLY A 117 1.69 63.59 7.51
CA GLY A 117 3.01 63.26 8.03
C GLY A 117 3.16 61.80 8.36
N ARG A 118 4.37 61.26 8.25
CA ARG A 118 4.58 59.86 8.59
C ARG A 118 5.18 59.78 9.98
N PRO A 119 4.48 59.19 10.95
CA PRO A 119 5.07 59.00 12.28
C PRO A 119 6.37 58.22 12.21
N SER A 120 7.37 58.69 12.96
CA SER A 120 8.72 58.13 12.91
C SER A 120 8.84 56.84 13.72
N GLU A 121 9.82 56.01 13.35
CA GLU A 121 10.05 54.73 14.00
C GLU A 121 10.52 54.92 15.44
N THR A 122 11.50 55.79 15.66
CA THR A 122 12.07 56.00 16.99
C THR A 122 11.15 56.80 17.91
N GLY A 123 10.02 57.32 17.42
CA GLY A 123 9.04 57.90 18.31
C GLY A 123 9.17 59.41 18.38
N ILE A 124 8.24 60.02 19.12
CA ILE A 124 8.32 61.45 19.38
C ILE A 124 9.58 61.78 20.16
N ILE A 125 10.34 62.78 19.69
CA ILE A 125 11.49 63.29 20.41
C ILE A 125 11.27 64.78 20.63
N GLY A 126 11.52 65.24 21.86
CA GLY A 126 11.41 66.64 22.19
C GLY A 126 12.65 67.15 22.91
N ILE A 127 13.21 68.27 22.45
CA ILE A 127 14.41 68.85 23.03
C ILE A 127 14.22 70.36 23.07
N ILE A 128 14.97 71.00 23.97
CA ILE A 128 14.90 72.45 24.12
C ILE A 128 16.30 73.03 24.06
N ASP A 129 16.39 74.16 23.38
CA ASP A 129 17.63 74.90 23.21
C ASP A 129 18.25 75.28 24.55
N PRO A 130 19.58 75.23 24.67
CA PRO A 130 20.21 75.68 25.92
C PRO A 130 19.89 77.12 26.27
N GLU A 131 19.76 78.00 25.28
CA GLU A 131 19.32 79.36 25.52
C GLU A 131 17.80 79.48 25.55
N CYS A 132 17.08 78.36 25.61
CA CYS A 132 15.62 78.35 25.69
C CYS A 132 15.01 79.30 24.66
N ARG A 133 15.56 79.27 23.45
CA ARG A 133 14.99 80.08 22.37
C ARG A 133 13.89 79.35 21.63
N MET A 134 13.92 78.01 21.63
CA MET A 134 12.93 77.25 20.89
C MET A 134 12.82 75.85 21.47
N ILE A 135 11.69 75.21 21.17
CA ILE A 135 11.47 73.79 21.42
C ILE A 135 11.53 73.06 20.09
N GLY A 136 12.35 72.02 20.01
CA GLY A 136 12.43 71.19 18.83
C GLY A 136 11.60 69.93 19.01
N LEU A 137 10.88 69.55 17.96
CA LEU A 137 10.06 68.35 17.98
C LEU A 137 10.33 67.54 16.72
N ARG A 138 10.51 66.23 16.89
CA ARG A 138 10.67 65.29 15.78
C ARG A 138 9.48 64.35 15.79
N LEU A 139 8.37 64.81 15.20
CA LEU A 139 7.18 63.99 15.13
C LEU A 139 7.11 63.09 13.89
N TYR A 140 7.49 63.58 12.72
CA TYR A 140 7.28 62.84 11.47
C TYR A 140 8.57 62.67 10.71
N ASP A 141 8.64 61.58 9.94
CA ASP A 141 9.79 61.34 9.09
C ASP A 141 9.92 62.47 8.08
N GLY A 142 11.13 62.99 7.92
CA GLY A 142 11.37 64.01 6.93
C GLY A 142 11.06 65.42 7.36
N LEU A 143 10.69 65.63 8.63
CA LEU A 143 10.29 66.95 9.09
C LEU A 143 10.79 67.23 10.50
N PHE A 144 11.13 68.50 10.75
CA PHE A 144 11.54 69.01 12.06
C PHE A 144 10.63 70.18 12.40
N LYS A 145 9.93 70.09 13.52
CA LYS A 145 8.98 71.11 13.94
C LYS A 145 9.55 72.01 15.04
N VAL A 146 9.50 73.33 14.79
CA VAL A 146 10.04 74.33 15.69
C VAL A 146 8.90 75.11 16.32
N ILE A 147 8.84 75.10 17.65
CA ILE A 147 8.02 76.03 18.41
C ILE A 147 8.96 77.09 18.98
N PRO A 148 8.97 78.32 18.46
CA PRO A 148 9.83 79.36 19.03
C PRO A 148 9.28 79.85 20.36
N LEU A 149 10.18 80.01 21.34
CA LEU A 149 9.75 80.37 22.69
C LEU A 149 9.75 81.89 22.92
N ASP A 150 8.97 82.60 22.10
CA ASP A 150 8.76 84.02 22.32
C ASP A 150 7.59 84.25 23.29
N ARG A 151 7.61 85.40 23.96
CA ARG A 151 6.59 85.71 24.96
C ARG A 151 5.18 85.69 24.40
N ASP A 152 5.01 85.94 23.11
CA ASP A 152 3.68 86.10 22.55
C ASP A 152 3.08 84.81 22.02
N ASN A 153 3.85 83.72 22.03
CA ASN A 153 3.37 82.47 21.47
C ASN A 153 2.64 81.66 22.55
N LYS A 154 1.48 82.20 22.95
CA LYS A 154 0.72 81.52 23.97
C LYS A 154 -0.04 80.32 23.42
N GLU A 155 -0.22 80.25 22.10
CA GLU A 155 -0.85 79.10 21.44
C GLU A 155 0.15 78.07 20.97
N LEU A 156 1.45 78.28 21.17
CA LEU A 156 2.49 77.36 20.74
C LEU A 156 2.39 77.08 19.23
N LYS A 157 2.25 78.14 18.44
CA LYS A 157 2.26 77.99 16.99
C LYS A 157 3.66 77.60 16.52
N ALA A 158 3.72 76.83 15.43
CA ALA A 158 5.00 76.27 15.01
C ALA A 158 5.04 76.07 13.49
N PHE A 159 6.27 75.95 12.99
CA PHE A 159 6.56 75.72 11.57
C PHE A 159 7.51 74.55 11.36
N ASN A 160 7.34 73.91 10.20
CA ASN A 160 8.15 72.75 9.82
C ASN A 160 9.26 73.12 8.86
N ILE A 161 10.47 72.61 9.14
CA ILE A 161 11.62 72.74 8.26
C ILE A 161 11.80 71.40 7.56
N ARG A 162 12.06 71.43 6.25
CA ARG A 162 12.24 70.18 5.53
C ARG A 162 13.55 69.56 5.96
N LEU A 163 13.51 68.26 6.26
CA LEU A 163 14.69 67.51 6.67
C LEU A 163 14.97 66.44 5.63
N GLU A 164 16.16 66.50 5.02
CA GLU A 164 16.50 65.55 3.98
C GLU A 164 16.64 64.15 4.55
N GLU A 165 17.26 64.03 5.73
CA GLU A 165 17.47 62.73 6.36
C GLU A 165 16.15 62.21 6.92
N LEU A 166 15.60 61.19 6.26
CA LEU A 166 14.25 60.74 6.60
C LEU A 166 14.23 59.90 7.88
N HIS A 167 15.22 59.03 8.05
CA HIS A 167 15.29 58.13 9.20
C HIS A 167 16.30 58.69 10.21
N VAL A 168 15.77 59.32 11.27
CA VAL A 168 16.58 59.91 12.32
C VAL A 168 16.48 59.03 13.55
N ILE A 169 17.61 58.73 14.16
CA ILE A 169 17.63 57.91 15.37
C ILE A 169 17.45 58.75 16.62
N ASP A 170 18.25 59.80 16.79
CA ASP A 170 18.16 60.65 17.97
C ASP A 170 18.76 62.01 17.66
N VAL A 171 18.26 63.04 18.37
CA VAL A 171 18.71 64.41 18.15
C VAL A 171 18.74 65.15 19.48
N LYS A 172 19.71 66.05 19.62
CA LYS A 172 19.84 66.91 20.78
C LYS A 172 20.26 68.30 20.29
N PHE A 173 19.91 69.32 21.06
CA PHE A 173 20.44 70.66 20.85
C PHE A 173 21.83 70.72 21.47
N LEU A 174 22.85 71.04 20.68
CA LEU A 174 24.20 71.02 21.23
C LEU A 174 24.47 72.32 21.99
N TYR A 175 25.46 72.26 22.90
CA TYR A 175 25.84 73.38 23.73
C TYR A 175 26.99 74.14 23.05
N GLY A 176 27.11 75.43 23.35
CA GLY A 176 28.29 76.14 22.91
C GLY A 176 28.34 76.50 21.44
N CYS A 177 27.19 76.71 20.80
CA CYS A 177 27.15 77.11 19.40
C CYS A 177 26.69 78.55 19.17
N GLN A 178 27.32 79.19 18.16
CA GLN A 178 27.02 80.58 17.84
C GLN A 178 25.54 80.79 17.53
N ALA A 179 24.90 79.77 16.99
CA ALA A 179 23.48 79.75 16.68
C ALA A 179 22.89 78.45 17.19
N PRO A 180 21.57 78.39 17.40
CA PRO A 180 20.97 77.11 17.80
C PRO A 180 21.37 76.02 16.83
N THR A 181 21.90 74.92 17.37
CA THR A 181 22.43 73.84 16.55
C THR A 181 21.94 72.49 17.06
N ILE A 182 21.56 71.62 16.12
CA ILE A 182 21.11 70.28 16.41
C ILE A 182 22.15 69.29 15.90
N CYS A 183 22.37 68.22 16.67
CA CYS A 183 23.25 67.12 16.30
C CYS A 183 22.44 65.85 16.34
N PHE A 184 22.36 65.15 15.21
CA PHE A 184 21.54 63.95 15.13
C PHE A 184 22.30 62.82 14.47
N VAL A 185 21.90 61.60 14.83
CA VAL A 185 22.33 60.37 14.17
C VAL A 185 21.20 59.90 13.28
N TYR A 186 21.49 59.63 12.01
CA TYR A 186 20.47 59.22 11.07
C TYR A 186 20.92 57.94 10.38
N GLN A 187 19.95 57.25 9.79
CA GLN A 187 20.20 56.04 9.03
C GLN A 187 19.71 56.16 7.59
N ASP A 188 20.61 55.89 6.66
CA ASP A 188 20.29 55.74 5.23
C ASP A 188 20.89 54.40 4.80
N PRO A 189 20.83 54.03 3.52
CA PRO A 189 21.32 52.70 3.13
C PRO A 189 22.79 52.48 3.38
N GLN A 190 23.59 53.53 3.52
CA GLN A 190 25.03 53.38 3.67
C GLN A 190 25.46 53.20 5.12
N GLY A 191 24.51 53.03 6.03
CA GLY A 191 24.85 52.94 7.43
C GLY A 191 24.29 54.08 8.24
N ARG A 192 24.84 54.31 9.42
CA ARG A 192 24.44 55.43 10.26
C ARG A 192 25.53 56.50 10.26
N HIS A 193 25.06 57.73 10.36
CA HIS A 193 25.91 58.90 10.30
C HIS A 193 25.48 59.87 11.38
N VAL A 194 26.41 60.71 11.79
CA VAL A 194 26.13 61.79 12.71
C VAL A 194 26.33 63.05 11.87
N LYS A 195 25.32 63.91 11.85
CA LYS A 195 25.32 65.11 11.04
C LYS A 195 24.78 66.23 11.91
N THR A 196 25.23 67.46 11.62
CA THR A 196 24.81 68.64 12.36
C THR A 196 24.21 69.68 11.43
N TYR A 197 23.22 70.40 11.94
CA TYR A 197 22.58 71.53 11.26
C TYR A 197 22.45 72.69 12.25
N GLU A 198 22.30 73.90 11.71
CA GLU A 198 22.01 75.10 12.50
C GLU A 198 20.60 75.55 12.16
N VAL A 199 19.86 76.08 13.14
CA VAL A 199 18.46 76.41 13.00
C VAL A 199 18.31 77.93 13.03
N SER A 200 17.61 78.48 12.05
CA SER A 200 17.37 79.93 11.96
C SER A 200 15.90 80.25 12.13
N LEU A 201 15.55 80.90 13.25
CA LEU A 201 14.18 81.34 13.45
C LEU A 201 13.81 82.45 12.47
N ARG A 202 14.78 83.31 12.12
CA ARG A 202 14.52 84.41 11.20
C ARG A 202 14.23 83.90 9.79
N GLU A 203 15.07 82.98 9.29
CA GLU A 203 14.89 82.40 7.96
C GLU A 203 13.92 81.23 7.94
N LYS A 204 13.71 80.57 9.08
CA LYS A 204 12.80 79.41 9.16
C LYS A 204 13.30 78.26 8.27
N GLU A 205 14.62 78.02 8.29
CA GLU A 205 15.24 76.91 7.58
C GLU A 205 16.54 76.53 8.27
N PHE A 206 17.07 75.36 7.90
CA PHE A 206 18.37 74.90 8.40
C PHE A 206 19.52 75.60 7.63
N ASN A 207 20.69 75.65 8.28
CA ASN A 207 21.93 76.17 7.69
C ASN A 207 23.02 75.14 7.91
N LYS A 208 24.13 75.26 7.18
CA LYS A 208 25.17 74.23 7.24
C LYS A 208 25.70 74.08 8.67
N GLY A 209 25.94 72.83 9.08
CA GLY A 209 26.26 72.53 10.45
C GLY A 209 27.68 72.86 10.85
N PRO A 210 27.91 73.03 12.16
CA PRO A 210 29.25 73.46 12.60
C PRO A 210 30.34 72.45 12.28
N TRP A 211 30.11 71.17 12.48
CA TRP A 211 31.19 70.23 12.27
C TRP A 211 30.78 69.12 11.32
N LYS A 212 31.80 68.46 10.80
CA LYS A 212 31.64 67.52 9.70
C LYS A 212 30.76 66.36 10.12
N GLN A 213 29.98 65.86 9.16
CA GLN A 213 29.31 64.60 9.41
C GLN A 213 30.36 63.50 9.32
N GLU A 214 30.18 62.50 10.17
CA GLU A 214 31.02 61.32 10.21
C GLU A 214 30.04 60.16 10.11
N ASN A 215 30.54 58.97 9.80
CA ASN A 215 29.70 57.78 9.77
C ASN A 215 30.02 56.91 10.98
N VAL A 216 28.99 56.67 11.79
CA VAL A 216 29.13 56.07 13.12
C VAL A 216 28.77 54.59 13.15
N GLU A 217 28.87 54.00 14.34
CA GLU A 217 28.51 52.61 14.54
C GLU A 217 27.13 52.32 13.96
N ALA A 218 26.97 51.10 13.42
CA ALA A 218 25.71 50.73 12.79
C ALA A 218 24.53 50.79 13.75
N GLU A 219 24.76 50.50 15.02
CA GLU A 219 23.71 50.54 16.04
C GLU A 219 23.88 51.73 17.00
N ALA A 220 24.42 52.84 16.49
CA ALA A 220 24.45 54.08 17.26
C ALA A 220 23.06 54.47 17.73
N SER A 221 22.86 54.56 19.04
CA SER A 221 21.53 54.71 19.62
C SER A 221 21.24 56.06 20.25
N MET A 222 22.16 56.63 21.05
CA MET A 222 21.83 57.82 21.81
C MET A 222 22.84 58.94 21.60
N VAL A 223 22.33 60.17 21.66
CA VAL A 223 23.11 61.39 21.46
C VAL A 223 23.14 62.14 22.78
N ILE A 224 24.35 62.50 23.23
CA ILE A 224 24.55 63.27 24.46
C ILE A 224 25.11 64.63 24.10
N ALA A 225 24.47 65.67 24.59
CA ALA A 225 24.97 67.04 24.45
C ALA A 225 25.94 67.27 25.60
N VAL A 226 27.19 67.62 25.26
CA VAL A 226 28.22 67.80 26.28
C VAL A 226 28.25 69.26 26.70
N PRO A 227 28.45 69.53 28.00
CA PRO A 227 28.39 70.93 28.47
C PRO A 227 29.49 71.78 27.85
N GLU A 228 29.31 73.10 28.00
CA GLU A 228 30.18 74.02 27.28
C GLU A 228 31.66 73.82 27.62
N PRO A 229 32.04 73.39 28.84
CA PRO A 229 33.48 73.18 29.09
C PRO A 229 34.20 72.30 28.08
N PHE A 230 33.58 71.21 27.63
CA PHE A 230 34.16 70.36 26.60
C PHE A 230 33.54 70.58 25.23
N GLY A 231 32.25 70.95 25.18
CA GLY A 231 31.52 71.12 23.94
C GLY A 231 31.36 69.83 23.17
N GLY A 232 30.56 69.83 22.10
CA GLY A 232 30.45 68.67 21.26
C GLY A 232 29.41 67.67 21.76
N ALA A 233 29.55 66.44 21.30
CA ALA A 233 28.58 65.39 21.61
C ALA A 233 29.27 64.04 21.80
N ILE A 234 28.59 63.16 22.54
CA ILE A 234 28.99 61.75 22.70
C ILE A 234 27.92 60.88 22.07
N ILE A 235 28.35 59.84 21.37
CA ILE A 235 27.44 58.91 20.68
C ILE A 235 27.61 57.53 21.31
N ILE A 236 26.52 56.99 21.85
CA ILE A 236 26.51 55.70 22.54
C ILE A 236 25.99 54.64 21.58
N GLY A 237 26.71 53.53 21.47
CA GLY A 237 26.25 52.42 20.65
C GLY A 237 26.08 51.11 21.39
N GLN A 238 26.19 49.98 20.67
CA GLN A 238 26.21 48.66 21.28
C GLN A 238 27.62 48.27 21.70
N GLU A 239 28.62 48.63 20.90
CA GLU A 239 30.01 48.29 21.20
C GLU A 239 30.89 49.47 21.56
N SER A 240 30.56 50.68 21.10
CA SER A 240 31.50 51.79 21.26
C SER A 240 30.81 53.08 21.68
N ILE A 241 31.59 53.94 22.35
CA ILE A 241 31.21 55.29 22.71
C ILE A 241 32.19 56.24 22.05
N THR A 242 31.69 57.23 21.34
CA THR A 242 32.54 58.16 20.60
C THR A 242 32.17 59.60 20.96
N TYR A 243 33.15 60.48 20.84
CA TYR A 243 32.99 61.90 21.08
C TYR A 243 33.33 62.65 19.79
N HIS A 244 32.40 63.48 19.33
CA HIS A 244 32.54 64.19 18.07
C HIS A 244 32.39 65.69 18.34
N ASN A 245 33.50 66.44 18.31
CA ASN A 245 33.45 67.89 18.27
C ASN A 245 34.45 68.40 17.25
N GLY A 246 33.95 69.12 16.24
CA GLY A 246 34.84 69.72 15.26
C GLY A 246 35.82 68.74 14.66
N ASP A 247 37.11 69.01 14.78
CA ASP A 247 38.13 68.09 14.33
C ASP A 247 38.45 67.00 15.35
N LYS A 248 38.00 67.14 16.59
CA LYS A 248 38.27 66.18 17.65
C LYS A 248 37.41 64.92 17.49
N TYR A 249 38.05 63.75 17.53
CA TYR A 249 37.34 62.48 17.48
C TYR A 249 37.95 61.50 18.47
N LEU A 250 37.14 60.96 19.37
CA LEU A 250 37.60 59.94 20.31
C LEU A 250 36.71 58.71 20.19
N ALA A 251 37.26 57.55 20.53
CA ALA A 251 36.46 56.31 20.53
C ALA A 251 37.03 55.35 21.56
N ILE A 252 36.19 54.92 22.50
CA ILE A 252 36.49 53.88 23.45
C ILE A 252 35.51 52.74 23.19
N ALA A 253 36.02 51.51 23.16
CA ALA A 253 35.20 50.32 22.88
C ALA A 253 35.52 49.26 23.92
N PRO A 254 35.16 49.51 25.19
CA PRO A 254 35.50 48.55 26.24
C PRO A 254 34.63 47.31 26.11
N PRO A 255 35.20 46.12 26.26
CA PRO A 255 34.40 44.90 26.04
C PRO A 255 33.23 44.75 26.98
N ILE A 256 33.19 45.50 28.09
CA ILE A 256 32.18 45.25 29.11
C ILE A 256 30.80 45.66 28.59
N ILE A 257 30.73 46.75 27.82
CA ILE A 257 29.43 47.23 27.36
C ILE A 257 28.86 46.38 26.23
N LYS A 258 29.69 45.67 25.46
CA LYS A 258 29.18 44.85 24.37
C LYS A 258 28.16 43.83 24.86
N GLN A 259 28.27 43.42 26.12
CA GLN A 259 27.44 42.35 26.67
C GLN A 259 25.97 42.72 26.76
N SER A 260 25.65 43.99 27.02
CA SER A 260 24.26 44.39 27.18
C SER A 260 24.05 45.78 26.63
N THR A 261 22.91 45.95 25.94
CA THR A 261 22.60 47.21 25.29
C THR A 261 22.36 48.32 26.33
N ILE A 262 23.01 49.46 26.13
CA ILE A 262 22.84 50.62 27.00
C ILE A 262 21.62 51.41 26.56
N VAL A 263 20.72 51.70 27.49
CA VAL A 263 19.46 52.35 27.15
C VAL A 263 19.26 53.72 27.79
N CYS A 264 19.94 54.09 28.88
CA CYS A 264 19.70 55.37 29.52
C CYS A 264 21.00 56.07 29.87
N HIS A 265 20.97 57.40 29.82
CA HIS A 265 22.13 58.22 30.13
C HIS A 265 21.65 59.40 30.96
N ASN A 266 22.54 59.89 31.83
CA ASN A 266 22.28 61.11 32.60
C ASN A 266 23.60 61.75 32.98
N ARG A 267 23.58 63.07 33.14
CA ARG A 267 24.78 63.84 33.42
C ARG A 267 24.90 64.00 34.93
N VAL A 268 26.04 63.59 35.48
CA VAL A 268 26.26 63.64 36.93
C VAL A 268 26.83 65.00 37.30
N ASP A 269 27.97 65.37 36.70
CA ASP A 269 28.64 66.62 37.03
C ASP A 269 28.29 67.64 35.97
N PRO A 270 27.82 68.83 36.35
CA PRO A 270 27.43 69.81 35.31
C PRO A 270 28.55 70.17 34.35
N ASN A 271 29.81 70.10 34.78
CA ASN A 271 30.91 70.38 33.86
C ASN A 271 30.99 69.36 32.72
N GLY A 272 30.42 68.17 32.92
CA GLY A 272 30.42 67.13 31.93
C GLY A 272 31.48 66.08 32.13
N SER A 273 32.23 66.14 33.24
CA SER A 273 33.29 65.18 33.47
C SER A 273 32.74 63.77 33.65
N ARG A 274 31.59 63.65 34.30
CA ARG A 274 31.04 62.34 34.65
C ARG A 274 29.60 62.19 34.17
N TYR A 275 29.31 61.03 33.60
CA TYR A 275 27.98 60.67 33.12
C TYR A 275 27.62 59.27 33.62
N LEU A 276 26.31 59.03 33.75
CA LEU A 276 25.82 57.72 34.15
C LEU A 276 25.22 57.02 32.92
N LEU A 277 25.51 55.72 32.79
CA LEU A 277 24.99 54.89 31.72
C LEU A 277 24.40 53.63 32.32
N GLY A 278 23.25 53.22 31.82
CA GLY A 278 22.63 51.98 32.27
C GLY A 278 22.30 51.07 31.10
N ASP A 279 22.26 49.78 31.38
CA ASP A 279 22.05 48.78 30.34
C ASP A 279 20.91 47.84 30.70
N MET A 280 20.50 47.05 29.70
CA MET A 280 19.29 46.22 29.83
C MET A 280 19.44 45.14 30.89
N GLU A 281 20.67 44.70 31.17
CA GLU A 281 20.87 43.70 32.22
C GLU A 281 20.96 44.31 33.61
N GLY A 282 20.65 45.60 33.74
CA GLY A 282 20.58 46.25 35.02
C GLY A 282 21.88 46.85 35.52
N ARG A 283 22.95 46.77 34.75
CA ARG A 283 24.23 47.32 35.17
C ARG A 283 24.24 48.83 35.08
N LEU A 284 24.94 49.46 36.01
CA LEU A 284 25.09 50.92 36.05
C LEU A 284 26.57 51.26 35.87
N PHE A 285 26.87 52.10 34.89
CA PHE A 285 28.23 52.49 34.59
C PHE A 285 28.44 53.98 34.86
N MET A 286 29.71 54.36 35.02
CA MET A 286 30.13 55.76 35.05
C MET A 286 30.97 56.03 33.81
N LEU A 287 30.57 57.01 33.01
CA LEU A 287 31.33 57.45 31.85
C LEU A 287 32.10 58.70 32.27
N LEU A 288 33.42 58.64 32.16
CA LEU A 288 34.31 59.69 32.66
C LEU A 288 34.93 60.41 31.48
N LEU A 289 34.87 61.74 31.50
CA LEU A 289 35.52 62.55 30.49
C LEU A 289 36.82 63.03 31.14
N GLU A 290 37.92 62.36 30.81
CA GLU A 290 39.22 62.65 31.41
C GLU A 290 39.75 63.90 30.70
N LYS A 291 39.91 64.98 31.43
CA LYS A 291 40.27 66.27 30.87
C LYS A 291 41.76 66.59 30.93
N GLU A 292 42.24 67.12 29.81
CA GLU A 292 43.59 67.64 29.66
C GLU A 292 43.42 69.06 29.15
N GLU A 293 43.84 70.04 29.94
CA GLU A 293 43.72 71.43 29.56
C GLU A 293 45.02 71.74 28.83
N GLN A 294 44.96 72.57 27.81
CA GLN A 294 46.16 72.86 27.05
C GLN A 294 46.73 74.16 27.60
N MET A 295 47.99 74.41 27.26
CA MET A 295 48.68 75.54 27.85
C MET A 295 48.06 76.88 27.51
N ASP A 296 47.48 77.02 26.32
CA ASP A 296 46.85 78.29 25.96
C ASP A 296 45.68 78.67 26.89
N GLY A 297 45.17 77.73 27.68
CA GLY A 297 43.97 77.92 28.47
C GLY A 297 42.74 77.15 28.02
N THR A 298 42.82 76.47 26.87
CA THR A 298 41.74 75.63 26.38
C THR A 298 41.66 74.30 27.14
N VAL A 299 40.45 73.72 27.21
CA VAL A 299 40.22 72.44 27.88
C VAL A 299 39.91 71.42 26.77
N THR A 300 40.72 70.37 26.69
CA THR A 300 40.56 69.35 25.67
C THR A 300 40.17 68.02 26.32
N LEU A 301 39.30 67.25 25.66
CA LEU A 301 38.94 65.93 26.14
C LEU A 301 40.05 64.96 25.76
N LYS A 302 40.86 64.54 26.75
CA LYS A 302 41.99 63.67 26.45
C LYS A 302 41.52 62.26 26.11
N ASP A 303 40.63 61.71 26.92
CA ASP A 303 40.20 60.34 26.71
C ASP A 303 38.90 60.11 27.47
N LEU A 304 38.24 59.02 27.11
CA LEU A 304 37.03 58.55 27.76
C LEU A 304 37.36 57.25 28.47
N ARG A 305 36.69 57.02 29.60
CA ARG A 305 36.85 55.83 30.41
C ARG A 305 35.48 55.39 30.85
N VAL A 306 35.29 54.08 30.96
CA VAL A 306 34.04 53.51 31.46
C VAL A 306 34.37 52.65 32.66
N GLU A 307 33.63 52.86 33.75
CA GLU A 307 33.84 52.12 35.00
C GLU A 307 32.50 51.57 35.46
N LEU A 308 32.47 50.26 35.79
CA LEU A 308 31.27 49.61 36.29
C LEU A 308 31.09 49.91 37.77
N LEU A 309 29.89 50.40 38.14
CA LEU A 309 29.59 50.75 39.51
C LEU A 309 28.87 49.64 40.29
N GLY A 310 27.91 48.98 39.65
CA GLY A 310 27.12 47.96 40.32
C GLY A 310 25.88 47.54 39.54
N GLU A 311 24.80 47.26 40.25
CA GLU A 311 23.57 46.81 39.61
C GLU A 311 22.37 47.51 40.20
N THR A 312 21.45 47.93 39.33
CA THR A 312 20.18 48.52 39.70
C THR A 312 19.06 47.72 39.04
N SER A 313 17.83 48.17 39.23
CA SER A 313 16.74 47.61 38.45
C SER A 313 16.86 48.10 37.00
N ILE A 314 16.46 47.24 36.07
CA ILE A 314 16.53 47.58 34.65
C ILE A 314 15.82 48.93 34.52
N ALA A 315 16.57 49.97 34.18
CA ALA A 315 16.10 51.35 34.29
C ALA A 315 15.65 51.90 32.94
N GLU A 316 14.45 52.49 32.92
CA GLU A 316 14.03 53.28 31.76
C GLU A 316 14.69 54.66 31.74
N CYS A 317 14.81 55.30 32.90
CA CYS A 317 15.42 56.61 32.97
C CYS A 317 16.26 56.67 34.23
N LEU A 318 17.40 57.33 34.16
CA LEU A 318 18.18 57.62 35.35
C LEU A 318 18.18 59.12 35.59
N THR A 319 18.24 59.50 36.85
CA THR A 319 18.49 60.89 37.18
C THR A 319 19.28 60.92 38.48
N TYR A 320 20.39 61.65 38.44
CA TYR A 320 21.24 61.87 39.59
C TYR A 320 20.65 63.06 40.33
N LEU A 321 20.55 62.93 41.65
CA LEU A 321 19.91 63.97 42.45
C LEU A 321 20.96 64.84 43.14
N ASP A 322 21.61 64.33 44.17
CA ASP A 322 22.61 65.12 44.85
C ASP A 322 23.41 64.18 45.75
N ASN A 323 24.58 64.63 46.15
CA ASN A 323 25.42 63.82 47.02
C ASN A 323 25.63 62.51 46.26
N GLY A 324 25.44 61.35 46.87
CA GLY A 324 25.61 60.10 46.18
C GLY A 324 24.31 59.46 45.77
N VAL A 325 23.22 60.23 45.67
CA VAL A 325 21.90 59.64 45.44
C VAL A 325 21.47 59.77 44.00
N VAL A 326 20.92 58.67 43.47
CA VAL A 326 20.46 58.55 42.10
C VAL A 326 19.07 57.94 42.14
N PHE A 327 18.15 58.51 41.38
CA PHE A 327 16.83 57.92 41.23
C PHE A 327 16.80 57.06 39.96
N VAL A 328 16.48 55.78 40.14
CA VAL A 328 16.40 54.80 39.06
C VAL A 328 14.94 54.66 38.67
N GLY A 329 14.56 55.26 37.55
CA GLY A 329 13.20 55.10 37.07
C GLY A 329 13.06 53.86 36.21
N SER A 330 12.28 52.87 36.67
CA SER A 330 12.21 51.59 36.02
C SER A 330 10.80 51.34 35.52
N ARG A 331 10.70 50.87 34.27
CA ARG A 331 9.47 50.46 33.64
C ARG A 331 9.19 48.97 33.73
N LEU A 332 10.23 48.16 33.89
CA LEU A 332 10.10 46.71 33.91
C LEU A 332 10.22 46.11 35.30
N GLY A 333 10.67 46.88 36.28
CA GLY A 333 10.80 46.42 37.64
C GLY A 333 10.57 47.56 38.61
N ASP A 334 10.83 47.34 39.89
CA ASP A 334 10.65 48.38 40.88
C ASP A 334 11.64 49.53 40.65
N SER A 335 11.15 50.77 40.77
CA SER A 335 12.01 51.94 40.73
C SER A 335 12.76 52.09 42.04
N GLN A 336 13.87 52.85 42.01
CA GLN A 336 14.71 52.88 43.18
C GLN A 336 15.35 54.22 43.48
N LEU A 337 15.84 54.33 44.71
CA LEU A 337 16.79 55.32 45.16
C LEU A 337 18.02 54.52 45.61
N VAL A 338 19.17 54.77 44.99
CA VAL A 338 20.39 54.01 45.27
C VAL A 338 21.47 55.05 45.59
N LYS A 339 22.39 54.69 46.49
CA LYS A 339 23.51 55.57 46.81
C LYS A 339 24.80 55.02 46.20
N LEU A 340 25.54 55.91 45.53
CA LEU A 340 26.82 55.59 44.95
C LEU A 340 27.92 55.93 45.96
N ASN A 341 28.75 54.96 46.29
CA ASN A 341 29.80 55.17 47.27
C ASN A 341 31.14 55.32 46.56
N VAL A 342 32.03 56.10 47.18
CA VAL A 342 33.37 56.26 46.65
C VAL A 342 34.16 54.97 46.83
N ASP A 343 33.97 54.31 47.96
CA ASP A 343 34.58 53.03 48.25
C ASP A 343 33.60 51.92 47.91
N SER A 344 34.13 50.88 47.29
CA SER A 344 33.35 49.69 46.99
C SER A 344 33.13 48.87 48.26
N ASN A 345 32.07 48.07 48.25
CA ASN A 345 31.83 47.18 49.38
C ASN A 345 32.67 45.92 49.18
N GLU A 346 32.53 44.96 50.08
CA GLU A 346 33.39 43.78 50.02
C GLU A 346 33.13 42.91 48.79
N GLN A 347 32.02 43.13 48.10
CA GLN A 347 31.71 42.39 46.87
C GLN A 347 32.20 43.11 45.62
N GLY A 348 32.77 44.30 45.78
CA GLY A 348 33.23 45.09 44.66
C GLY A 348 32.25 46.12 44.12
N SER A 349 31.09 46.27 44.75
CA SER A 349 30.05 47.16 44.24
C SER A 349 30.14 48.52 44.93
N TYR A 350 29.87 49.57 44.15
CA TYR A 350 29.76 50.92 44.69
C TYR A 350 28.32 51.36 44.88
N VAL A 351 27.36 50.48 44.61
CA VAL A 351 25.94 50.83 44.60
C VAL A 351 25.25 50.08 45.73
N VAL A 352 24.51 50.79 46.56
CA VAL A 352 23.77 50.19 47.65
C VAL A 352 22.35 50.77 47.63
N ALA A 353 21.35 49.89 47.59
CA ALA A 353 19.97 50.32 47.50
C ALA A 353 19.51 51.01 48.77
N MET A 354 18.74 52.10 48.61
CA MET A 354 18.15 52.82 49.73
C MET A 354 16.67 52.50 49.92
N GLU A 355 15.86 52.83 48.91
CA GLU A 355 14.43 52.61 48.98
C GLU A 355 13.97 51.90 47.71
N THR A 356 12.85 51.21 47.82
CA THR A 356 12.27 50.49 46.70
C THR A 356 10.83 50.93 46.56
N PHE A 357 10.50 51.43 45.36
CA PHE A 357 9.17 51.92 45.03
C PHE A 357 8.46 50.87 44.19
N THR A 358 7.32 50.39 44.66
CA THR A 358 6.64 49.29 43.98
C THR A 358 6.26 49.67 42.54
N ASN A 359 6.57 48.77 41.61
CA ASN A 359 6.13 48.85 40.23
C ASN A 359 5.52 47.50 39.86
N LEU A 360 4.22 47.47 39.59
CA LEU A 360 3.60 46.22 39.15
C LEU A 360 4.13 45.77 37.80
N GLY A 361 5.00 46.55 37.17
CA GLY A 361 5.67 46.17 35.95
C GLY A 361 4.66 45.83 34.90
N PRO A 362 5.11 45.25 33.79
CA PRO A 362 4.16 44.70 32.81
C PRO A 362 3.38 43.57 33.46
N ILE A 363 2.06 43.64 33.36
CA ILE A 363 1.20 42.58 33.90
C ILE A 363 0.89 41.67 32.70
N VAL A 364 1.69 40.61 32.54
CA VAL A 364 1.52 39.74 31.38
C VAL A 364 0.23 38.95 31.49
N ASP A 365 -0.06 38.43 32.69
CA ASP A 365 -1.28 37.67 32.94
C ASP A 365 -1.59 37.83 34.43
N MET A 366 -2.80 37.42 34.81
CA MET A 366 -3.19 37.49 36.22
C MET A 366 -4.45 36.66 36.44
N CYS A 367 -4.65 36.25 37.69
CA CYS A 367 -5.84 35.50 38.08
C CYS A 367 -6.31 35.98 39.45
N VAL A 368 -7.61 35.85 39.71
CA VAL A 368 -8.21 36.18 41.00
C VAL A 368 -8.52 34.88 41.73
N VAL A 369 -8.06 34.79 42.98
CA VAL A 369 -8.16 33.57 43.78
C VAL A 369 -8.39 33.96 45.23
N ASP A 370 -9.30 33.24 45.90
CA ASP A 370 -9.62 33.47 47.31
C ASP A 370 -8.73 32.58 48.18
N LEU A 371 -7.50 33.05 48.40
CA LEU A 371 -6.49 32.25 49.07
C LEU A 371 -6.85 31.89 50.51
N GLU A 372 -7.53 32.79 51.21
CA GLU A 372 -7.85 32.62 52.64
C GLU A 372 -9.30 32.25 52.92
N ARG A 373 -10.11 31.93 51.90
CA ARG A 373 -11.51 31.58 52.09
C ARG A 373 -12.27 32.74 52.73
N GLN A 374 -11.72 33.94 52.59
CA GLN A 374 -12.32 35.17 53.07
C GLN A 374 -13.61 35.51 52.36
N GLY A 375 -13.99 34.77 51.33
CA GLY A 375 -15.10 35.18 50.51
C GLY A 375 -14.79 36.40 49.66
N GLN A 376 -13.60 36.96 49.84
CA GLN A 376 -13.13 38.16 49.17
C GLN A 376 -12.56 37.89 47.79
N GLY A 377 -11.23 37.91 47.71
CA GLY A 377 -10.53 37.67 46.48
C GLY A 377 -9.18 38.36 46.54
N GLN A 378 -8.16 37.71 46.02
CA GLN A 378 -6.82 38.27 45.93
C GLN A 378 -6.41 38.21 44.48
N LEU A 379 -5.65 39.20 44.03
CA LEU A 379 -5.19 39.27 42.66
C LEU A 379 -3.72 38.84 42.63
N VAL A 380 -3.42 37.79 41.87
CA VAL A 380 -2.07 37.30 41.69
C VAL A 380 -1.66 37.65 40.26
N THR A 381 -0.64 38.49 40.12
CA THR A 381 -0.22 38.98 38.82
C THR A 381 1.11 38.38 38.40
N CYS A 382 1.27 38.20 37.09
CA CYS A 382 2.57 37.96 36.48
C CYS A 382 3.13 39.33 36.10
N SER A 383 4.12 39.80 36.86
CA SER A 383 4.59 41.16 36.76
C SER A 383 6.09 41.21 36.54
N GLY A 384 6.53 42.18 35.74
CA GLY A 384 7.94 42.41 35.51
C GLY A 384 8.50 41.57 34.39
N ALA A 385 9.80 41.72 34.19
CA ALA A 385 10.49 41.02 33.12
C ALA A 385 11.94 40.75 33.51
N PHE A 386 12.50 39.72 32.88
CA PHE A 386 13.92 39.36 33.01
C PHE A 386 14.25 39.27 34.51
N LYS A 387 15.31 39.91 34.98
CA LYS A 387 15.71 39.77 36.37
C LYS A 387 14.70 40.40 37.31
N GLU A 388 13.79 41.21 36.79
CA GLU A 388 12.77 41.87 37.60
C GLU A 388 11.47 41.07 37.69
N GLY A 389 11.41 39.91 37.06
CA GLY A 389 10.18 39.14 37.04
C GLY A 389 9.74 38.76 38.44
N SER A 390 8.44 38.81 38.67
CA SER A 390 7.90 38.55 40.00
C SER A 390 6.43 38.20 39.88
N LEU A 391 5.92 37.55 40.92
CA LEU A 391 4.49 37.47 41.16
C LEU A 391 4.13 38.50 42.23
N ARG A 392 2.93 39.06 42.12
CA ARG A 392 2.45 40.05 43.08
C ARG A 392 1.10 39.61 43.62
N ILE A 393 0.98 39.52 44.94
CA ILE A 393 -0.27 39.20 45.59
C ILE A 393 -0.89 40.51 46.07
N ILE A 394 -2.07 40.82 45.56
CA ILE A 394 -2.72 42.12 45.74
C ILE A 394 -4.08 41.90 46.38
N ARG A 395 -4.32 42.56 47.51
CA ARG A 395 -5.56 42.47 48.27
C ARG A 395 -5.92 43.87 48.76
N ASN A 396 -7.22 44.14 48.80
CA ASN A 396 -7.66 45.47 49.21
C ASN A 396 -7.51 45.64 50.73
N GLY A 397 -6.91 46.76 51.14
CA GLY A 397 -6.70 47.09 52.52
C GLY A 397 -7.82 47.89 53.17
N GLN A 408 -7.07 53.17 53.76
CA GLN A 408 -7.48 52.81 52.41
C GLN A 408 -6.27 52.76 51.47
N LYS A 409 -5.75 51.56 51.24
CA LYS A 409 -4.64 51.33 50.32
C LYS A 409 -4.67 49.86 49.94
N LEU A 410 -3.93 49.52 48.88
CA LEU A 410 -3.79 48.13 48.47
C LEU A 410 -2.55 47.52 49.12
N HIS A 411 -2.69 46.32 49.66
CA HIS A 411 -1.57 45.60 50.28
C HIS A 411 -0.99 44.62 49.27
N ILE A 412 0.31 44.73 49.02
CA ILE A 412 0.94 44.01 47.93
C ILE A 412 2.15 43.25 48.44
N ARG A 413 2.11 41.94 48.29
CA ARG A 413 3.25 41.06 48.55
C ARG A 413 3.96 40.76 47.24
N THR A 414 5.28 40.75 47.29
CA THR A 414 6.11 40.54 46.09
C THR A 414 6.85 39.22 46.21
N VAL A 415 6.83 38.45 45.13
CA VAL A 415 7.47 37.14 45.07
C VAL A 415 8.49 37.16 43.93
N PRO A 416 9.77 37.42 44.22
CA PRO A 416 10.75 37.52 43.14
C PRO A 416 11.00 36.19 42.42
N LEU A 417 11.12 36.29 41.08
CA LEU A 417 11.41 35.14 40.22
C LEU A 417 12.73 35.25 39.46
N TYR A 418 13.20 36.46 39.15
CA TYR A 418 14.43 36.71 38.40
C TYR A 418 14.39 36.15 36.99
N GLU A 419 13.21 35.74 36.51
CA GLU A 419 12.97 35.35 35.13
C GLU A 419 11.58 35.83 34.74
N SER A 420 11.30 35.83 33.44
CA SER A 420 10.07 36.45 32.94
C SER A 420 8.86 35.55 33.17
N PRO A 421 7.84 35.98 33.91
CA PRO A 421 6.61 35.20 33.98
C PRO A 421 5.71 35.50 32.80
N ARG A 422 5.03 34.45 32.30
CA ARG A 422 4.23 34.54 31.09
C ARG A 422 2.75 34.28 31.30
N LYS A 423 2.40 33.27 32.09
CA LYS A 423 0.99 32.97 32.34
C LYS A 423 0.89 32.45 33.77
N ILE A 424 -0.31 32.56 34.34
CA ILE A 424 -0.58 32.01 35.66
C ILE A 424 -2.01 31.48 35.70
N CYS A 425 -2.19 30.36 36.39
CA CYS A 425 -3.48 29.75 36.63
C CYS A 425 -3.42 29.06 37.98
N TYR A 426 -4.55 29.06 38.69
CA TYR A 426 -4.62 28.49 40.02
C TYR A 426 -5.26 27.10 40.00
N GLN A 427 -4.67 26.18 40.75
CA GLN A 427 -5.14 24.79 40.87
C GLN A 427 -5.44 24.56 42.34
N GLU A 428 -6.71 24.63 42.73
CA GLU A 428 -7.03 24.54 44.15
C GLU A 428 -6.72 23.15 44.69
N VAL A 429 -7.04 22.10 43.93
CA VAL A 429 -6.85 20.74 44.42
C VAL A 429 -5.44 20.54 44.93
N SER A 430 -4.46 21.21 44.33
CA SER A 430 -3.05 21.06 44.67
C SER A 430 -2.52 22.14 45.60
N GLN A 431 -3.37 23.07 46.04
CA GLN A 431 -2.95 24.18 46.90
C GLN A 431 -1.76 24.94 46.34
N CYS A 432 -1.69 25.04 45.01
CA CYS A 432 -0.55 25.69 44.36
C CYS A 432 -0.98 26.37 43.07
N PHE A 433 -0.13 27.30 42.62
CA PHE A 433 -0.24 27.92 41.31
C PHE A 433 0.65 27.22 40.29
N GLY A 434 0.25 27.30 39.02
CA GLY A 434 1.10 26.93 37.90
C GLY A 434 1.43 28.20 37.12
N VAL A 435 2.73 28.40 36.90
CA VAL A 435 3.22 29.61 36.25
C VAL A 435 4.17 29.25 35.12
N LEU A 436 3.93 29.84 33.95
CA LEU A 436 4.82 29.68 32.80
C LEU A 436 5.85 30.80 32.83
N SER A 437 7.11 30.45 32.62
CA SER A 437 8.20 31.41 32.71
C SER A 437 9.21 31.14 31.62
N SER A 438 9.99 32.16 31.30
CA SER A 438 11.11 32.03 30.37
C SER A 438 12.30 32.80 30.92
N ARG A 439 13.48 32.23 30.71
CA ARG A 439 14.72 32.84 31.16
C ARG A 439 15.70 32.90 29.99
N ILE A 440 16.63 33.84 30.07
CA ILE A 440 17.59 34.09 29.01
C ILE A 440 18.90 33.36 29.33
N GLU A 441 19.28 32.42 28.48
CA GLU A 441 20.61 31.83 28.47
C GLU A 441 21.34 32.26 27.19
N VAL A 442 22.66 32.16 27.19
CA VAL A 442 23.48 32.64 26.09
C VAL A 442 24.34 31.48 25.59
N GLN A 443 24.49 31.38 24.27
CA GLN A 443 25.30 30.30 23.70
C GLN A 443 26.72 30.44 24.22
N ASP A 444 27.25 29.37 24.80
CA ASP A 444 28.57 29.44 25.42
C ASP A 444 29.52 28.52 24.66
N THR A 445 30.77 28.49 25.13
CA THR A 445 31.80 27.76 24.41
C THR A 445 31.59 26.26 24.43
N SER A 446 30.74 25.75 25.33
CA SER A 446 30.51 24.32 25.35
C SER A 446 29.65 23.84 24.19
N GLY A 447 29.01 24.76 23.46
CA GLY A 447 27.97 24.41 22.52
C GLY A 447 26.56 24.49 23.08
N GLY A 448 26.42 24.38 24.39
CA GLY A 448 25.16 24.60 25.07
C GLY A 448 24.98 26.06 25.42
N THR A 449 24.21 26.31 26.47
CA THR A 449 23.95 27.67 26.91
C THR A 449 24.13 27.79 28.41
N THR A 450 24.36 29.03 28.85
CA THR A 450 24.59 29.35 30.25
C THR A 450 23.71 30.52 30.67
N ALA A 451 23.08 30.39 31.83
CA ALA A 451 22.20 31.43 32.33
C ALA A 451 22.98 32.55 32.99
N LEU A 452 22.54 33.78 32.76
CA LEU A 452 23.26 34.94 33.31
C LEU A 452 23.15 35.00 34.82
N ARG A 453 22.09 34.41 35.39
CA ARG A 453 21.88 34.43 36.84
C ARG A 453 20.94 33.29 37.19
N PRO A 454 20.99 32.79 38.42
CA PRO A 454 20.00 31.78 38.84
C PRO A 454 18.62 32.41 38.98
N SER A 455 17.60 31.59 38.78
CA SER A 455 16.23 32.10 38.80
C SER A 455 15.26 30.97 39.14
N ALA A 456 13.98 31.34 39.21
CA ALA A 456 12.96 30.45 39.74
C ALA A 456 13.01 29.06 39.10
N SER A 457 13.21 29.00 37.79
CA SER A 457 13.19 27.71 37.11
C SER A 457 14.44 26.88 37.46
N THR A 458 15.50 27.52 37.95
CA THR A 458 16.71 26.83 38.38
C THR A 458 16.78 26.59 39.89
N GLN A 459 15.94 27.26 40.68
CA GLN A 459 15.96 27.13 42.12
C GLN A 459 14.73 26.36 42.64
N ALA A 460 14.11 25.56 41.78
CA ALA A 460 13.00 24.70 42.19
C ALA A 460 13.49 23.57 43.08
N LEU A 461 12.63 23.11 43.99
CA LEU A 461 13.01 21.99 44.85
C LEU A 461 13.27 20.72 44.05
N SER A 462 12.32 20.32 43.22
CA SER A 462 12.46 19.19 42.30
C SER A 462 12.29 19.71 40.88
N SER A 463 12.88 19.02 39.91
CA SER A 463 12.87 19.50 38.53
C SER A 463 12.75 18.36 37.54
N SER A 464 12.27 18.71 36.34
CA SER A 464 12.11 17.77 35.24
C SER A 464 12.29 18.49 33.90
N VAL A 465 12.53 17.71 32.85
CA VAL A 465 12.75 18.22 31.49
C VAL A 465 11.98 17.34 30.51
N SER A 466 11.28 17.95 29.56
CA SER A 466 10.53 17.15 28.58
C SER A 466 11.49 16.28 27.78
N SER A 467 11.12 15.02 27.61
CA SER A 467 11.84 14.06 26.80
C SER A 467 11.08 13.70 25.53
N SER A 468 10.12 14.53 25.15
CA SER A 468 9.25 14.22 24.01
C SER A 468 10.07 13.99 22.76
N LYS A 469 9.64 12.99 21.98
CA LYS A 469 10.32 12.63 20.74
C LYS A 469 9.57 13.14 19.53
N LEU A 470 8.55 13.98 19.74
CA LEU A 470 7.64 14.35 18.67
C LEU A 470 8.39 15.00 17.50
N PHE A 471 9.17 16.05 17.78
CA PHE A 471 9.95 16.75 16.77
C PHE A 471 11.38 16.25 16.65
N SER A 472 11.74 15.18 17.37
CA SER A 472 13.11 14.69 17.36
C SER A 472 13.64 14.29 15.98
N SER A 473 12.78 14.11 14.98
CA SER A 473 13.30 13.69 13.68
C SER A 473 14.11 14.81 13.04
N SER A 474 13.73 16.06 13.32
CA SER A 474 14.46 17.24 12.87
C SER A 474 14.94 17.16 11.42
N THR A 475 16.25 17.08 11.20
CA THR A 475 16.87 17.16 9.89
C THR A 475 16.77 18.59 9.35
N ALA A 476 16.33 19.54 10.20
CA ALA A 476 16.28 20.97 9.92
C ALA A 476 17.41 21.66 10.66
N PRO A 477 18.38 22.27 9.95
CA PRO A 477 19.56 22.82 10.64
C PRO A 477 19.32 24.22 11.19
N HIS A 478 19.69 24.43 12.47
CA HIS A 478 19.60 25.75 13.09
C HIS A 478 20.98 26.03 13.71
N GLU A 479 21.81 26.82 13.04
CA GLU A 479 23.15 27.10 13.51
C GLU A 479 23.17 28.09 14.67
N THR A 480 24.16 27.91 15.54
CA THR A 480 24.33 28.70 16.74
C THR A 480 25.67 29.42 16.74
N SER A 481 25.65 30.71 17.08
CA SER A 481 26.85 31.51 17.21
C SER A 481 27.05 31.85 18.68
N PHE A 482 28.28 31.79 19.16
CA PHE A 482 28.57 32.09 20.55
C PHE A 482 28.11 33.52 20.87
N GLY A 483 27.42 33.68 22.00
CA GLY A 483 26.95 34.98 22.45
C GLY A 483 25.50 35.28 22.16
N GLU A 484 24.85 34.53 21.30
CA GLU A 484 23.46 34.79 20.94
C GLU A 484 22.53 34.38 22.09
N GLU A 485 21.45 35.12 22.28
CA GLU A 485 20.49 34.80 23.33
C GLU A 485 19.45 33.76 22.88
N VAL A 486 18.96 32.99 23.85
CA VAL A 486 17.86 32.06 23.65
C VAL A 486 16.91 32.14 24.84
N GLU A 487 15.63 31.87 24.59
CA GLU A 487 14.66 31.75 25.68
C GLU A 487 14.51 30.28 26.06
N VAL A 488 14.50 30.02 27.37
CA VAL A 488 14.25 28.69 27.90
C VAL A 488 12.97 28.78 28.71
N HIS A 489 11.98 27.99 28.36
CA HIS A 489 10.64 28.08 28.92
C HIS A 489 10.39 26.96 29.90
N ASN A 490 9.69 27.30 30.99
CA ASN A 490 9.43 26.34 32.06
C ASN A 490 8.00 26.46 32.55
N LEU A 491 7.54 25.39 33.19
CA LEU A 491 6.31 25.41 33.98
C LEU A 491 6.73 25.33 35.44
N LEU A 492 6.36 26.35 36.22
CA LEU A 492 6.69 26.41 37.63
C LEU A 492 5.48 26.01 38.46
N ILE A 493 5.69 25.14 39.45
CA ILE A 493 4.66 24.80 40.42
C ILE A 493 5.01 25.54 41.71
N ILE A 494 4.12 26.43 42.15
CA ILE A 494 4.39 27.37 43.23
C ILE A 494 3.32 27.23 44.30
N ASP A 495 3.76 27.17 45.55
CA ASP A 495 2.84 26.95 46.67
C ASP A 495 2.06 28.22 46.97
N GLN A 496 0.77 28.06 47.30
CA GLN A 496 -0.11 29.20 47.47
C GLN A 496 0.04 29.92 48.80
N HIS A 497 0.72 29.31 49.76
CA HIS A 497 0.92 29.95 51.06
C HIS A 497 2.33 30.51 51.19
N THR A 498 3.33 29.69 50.88
CA THR A 498 4.73 30.10 50.95
C THR A 498 5.26 30.72 49.66
N PHE A 499 4.70 30.30 48.51
CA PHE A 499 5.19 30.74 47.20
C PHE A 499 6.60 30.22 46.94
N GLU A 500 6.92 29.11 47.59
CA GLU A 500 8.10 28.34 47.24
C GLU A 500 7.91 27.73 45.86
N VAL A 501 8.98 27.75 45.07
CA VAL A 501 8.93 27.02 43.80
C VAL A 501 9.09 25.55 44.10
N LEU A 502 8.00 24.81 44.01
CA LEU A 502 8.02 23.41 44.39
C LEU A 502 8.64 22.59 43.28
N HIS A 503 8.34 22.95 42.03
CA HIS A 503 8.78 22.18 40.89
C HIS A 503 8.96 23.12 39.71
N ALA A 504 9.81 22.71 38.79
CA ALA A 504 10.03 23.42 37.54
C ALA A 504 10.20 22.39 36.44
N HIS A 505 9.43 22.55 35.37
CA HIS A 505 9.50 21.69 34.19
C HIS A 505 10.02 22.51 33.02
N GLN A 506 11.17 22.13 32.51
CA GLN A 506 11.75 22.80 31.36
C GLN A 506 11.26 22.17 30.06
N PHE A 507 10.79 23.03 29.16
CA PHE A 507 10.28 22.55 27.89
C PHE A 507 11.42 22.32 26.90
N LEU A 508 11.07 21.83 25.72
CA LEU A 508 12.06 21.45 24.74
C LEU A 508 12.87 22.67 24.29
N GLN A 509 14.05 22.39 23.75
CA GLN A 509 14.86 23.46 23.17
C GLN A 509 14.06 24.11 22.04
N ASN A 510 13.98 25.45 22.08
CA ASN A 510 13.22 26.22 21.11
C ASN A 510 11.72 26.02 21.21
N GLU A 511 11.24 25.55 22.35
CA GLU A 511 9.82 25.42 22.59
C GLU A 511 9.39 26.57 23.48
N TYR A 512 8.37 27.30 23.04
CA TYR A 512 7.83 28.41 23.81
C TYR A 512 6.51 27.96 24.41
N ALA A 513 6.32 28.25 25.69
CA ALA A 513 5.07 27.97 26.37
C ALA A 513 4.20 29.21 26.21
N LEU A 514 3.05 29.06 25.56
CA LEU A 514 2.21 30.20 25.26
C LEU A 514 0.86 30.17 25.98
N SER A 515 0.41 29.02 26.46
CA SER A 515 -0.90 28.93 27.10
C SER A 515 -0.86 27.92 28.26
N LEU A 516 -1.70 28.18 29.26
CA LEU A 516 -1.77 27.30 30.44
C LEU A 516 -3.18 27.28 31.00
N VAL A 517 -3.68 26.08 31.31
CA VAL A 517 -4.96 25.92 32.01
C VAL A 517 -4.81 24.84 33.09
N SER A 518 -5.70 24.92 34.09
CA SER A 518 -5.85 23.89 35.11
C SER A 518 -7.31 23.48 35.15
N CYS A 519 -7.58 22.19 34.91
CA CYS A 519 -8.96 21.74 34.83
C CYS A 519 -9.03 20.21 34.85
N LYS A 520 -10.25 19.71 35.06
CA LYS A 520 -10.59 18.31 34.83
C LYS A 520 -11.24 18.17 33.45
N LEU A 521 -11.01 17.02 32.80
CA LEU A 521 -11.62 16.76 31.51
C LEU A 521 -12.44 15.48 31.55
N GLY A 522 -13.52 15.49 30.76
CA GLY A 522 -14.32 14.30 30.55
C GLY A 522 -14.76 13.65 31.84
N LYS A 523 -14.64 12.33 31.87
CA LYS A 523 -14.92 11.51 33.03
C LYS A 523 -13.67 11.24 33.84
N ASP A 524 -12.59 11.97 33.57
CA ASP A 524 -11.33 11.80 34.29
C ASP A 524 -11.37 12.60 35.57
N PRO A 525 -11.27 11.96 36.75
CA PRO A 525 -11.36 12.72 38.01
C PRO A 525 -10.12 13.53 38.34
N ASN A 526 -8.98 13.26 37.68
CA ASN A 526 -7.74 13.95 37.99
C ASN A 526 -7.78 15.40 37.52
N THR A 527 -7.17 16.28 38.30
CA THR A 527 -7.02 17.69 37.92
C THR A 527 -5.64 17.88 37.30
N TYR A 528 -5.60 18.39 36.07
CA TYR A 528 -4.34 18.49 35.34
C TYR A 528 -3.91 19.94 35.11
N PHE A 529 -2.61 20.10 34.90
CA PHE A 529 -2.04 21.31 34.32
C PHE A 529 -1.84 21.01 32.83
N ILE A 530 -2.42 21.82 31.95
CA ILE A 530 -2.27 21.64 30.51
C ILE A 530 -1.62 22.88 29.92
N VAL A 531 -0.53 22.67 29.20
CA VAL A 531 0.28 23.74 28.64
C VAL A 531 0.22 23.61 27.13
N GLY A 532 0.10 24.73 26.44
CA GLY A 532 0.14 24.77 24.98
C GLY A 532 1.43 25.44 24.53
N THR A 533 2.17 24.73 23.67
CA THR A 533 3.49 25.17 23.27
C THR A 533 3.51 25.41 21.76
N ALA A 534 4.51 26.16 21.32
CA ALA A 534 4.75 26.39 19.89
C ALA A 534 6.26 26.34 19.67
N MET A 535 6.67 25.59 18.65
CA MET A 535 8.08 25.47 18.30
C MET A 535 8.52 26.66 17.45
N VAL A 536 9.44 27.45 18.00
CA VAL A 536 9.84 28.73 17.42
C VAL A 536 11.24 28.55 16.87
N TYR A 537 11.39 28.73 15.56
CA TYR A 537 12.71 28.79 14.93
C TYR A 537 12.88 30.12 14.24
N PRO A 538 14.02 30.80 14.41
CA PRO A 538 14.16 32.16 13.84
C PRO A 538 13.78 32.26 12.38
N GLU A 539 13.93 31.17 11.64
CA GLU A 539 13.68 31.19 10.21
C GLU A 539 12.19 31.32 9.90
N GLU A 540 11.33 30.84 10.78
CA GLU A 540 9.90 30.77 10.52
C GLU A 540 9.21 32.09 10.88
N ALA A 541 8.50 32.65 9.90
CA ALA A 541 7.67 33.81 10.18
C ALA A 541 6.50 33.43 11.08
N GLU A 542 5.94 32.24 10.87
CA GLU A 542 4.82 31.72 11.62
C GLU A 542 5.15 30.32 12.10
N PRO A 543 5.01 30.04 13.40
CA PRO A 543 5.36 28.70 13.90
C PRO A 543 4.52 27.64 13.20
N LYS A 544 5.18 26.54 12.85
CA LYS A 544 4.52 25.45 12.15
C LYS A 544 4.41 24.16 12.95
N GLN A 545 4.94 24.11 14.15
CA GLN A 545 4.87 22.92 14.99
C GLN A 545 4.47 23.35 16.39
N GLY A 546 3.86 22.43 17.12
CA GLY A 546 3.42 22.74 18.46
C GLY A 546 2.94 21.50 19.18
N ARG A 547 2.87 21.63 20.51
CA ARG A 547 2.50 20.54 21.39
C ARG A 547 1.42 21.02 22.34
N ILE A 548 0.51 20.12 22.70
CA ILE A 548 -0.38 20.29 23.85
C ILE A 548 0.02 19.21 24.84
N VAL A 549 0.42 19.61 26.04
CA VAL A 549 0.99 18.67 26.99
C VAL A 549 0.08 18.65 28.22
N VAL A 550 -0.30 17.45 28.64
CA VAL A 550 -1.10 17.27 29.84
C VAL A 550 -0.16 16.79 30.94
N PHE A 551 -0.14 17.53 32.04
CA PHE A 551 0.72 17.24 33.18
C PHE A 551 -0.17 16.92 34.37
N GLN A 552 0.38 16.16 35.31
CA GLN A 552 -0.27 16.01 36.60
C GLN A 552 0.72 16.30 37.70
N TYR A 553 0.36 17.23 38.58
CA TYR A 553 1.16 17.54 39.75
C TYR A 553 0.65 16.65 40.87
N SER A 554 1.47 15.69 41.28
CA SER A 554 1.11 14.75 42.33
C SER A 554 2.32 14.45 43.21
N ASP A 555 2.14 14.63 44.51
CA ASP A 555 3.16 14.25 45.49
C ASP A 555 4.52 14.87 45.16
N GLY A 556 4.50 16.18 44.89
CA GLY A 556 5.71 16.94 44.70
C GLY A 556 6.42 16.68 43.40
N LYS A 557 5.80 15.94 42.49
CA LYS A 557 6.36 15.66 41.17
C LYS A 557 5.30 15.91 40.10
N LEU A 558 5.77 16.43 38.98
CA LEU A 558 4.95 16.70 37.79
C LEU A 558 5.14 15.54 36.82
N GLN A 559 4.05 14.87 36.46
CA GLN A 559 4.07 13.70 35.60
C GLN A 559 3.53 14.07 34.22
N THR A 560 4.25 13.72 33.16
CA THR A 560 3.72 13.96 31.82
C THR A 560 2.66 12.89 31.50
N VAL A 561 1.41 13.32 31.38
CA VAL A 561 0.29 12.39 31.21
C VAL A 561 0.02 12.05 29.75
N ALA A 562 0.01 13.05 28.86
CA ALA A 562 -0.31 12.81 27.46
C ALA A 562 0.20 14.00 26.68
N GLU A 563 0.51 13.77 25.40
CA GLU A 563 0.93 14.87 24.55
C GLU A 563 0.24 14.74 23.21
N LYS A 564 -0.17 15.87 22.65
CA LYS A 564 -0.84 15.93 21.36
C LYS A 564 -0.05 16.88 20.48
N GLU A 565 0.42 16.38 19.34
CA GLU A 565 1.16 17.22 18.41
C GLU A 565 0.17 18.04 17.60
N VAL A 566 0.48 19.32 17.40
CA VAL A 566 -0.33 20.18 16.57
C VAL A 566 0.56 20.89 15.55
N LYS A 567 -0.06 21.30 14.45
CA LYS A 567 0.65 21.92 13.33
C LYS A 567 0.54 23.44 13.41
N GLY A 568 1.01 24.01 14.51
CA GLY A 568 0.88 25.43 14.73
C GLY A 568 1.25 25.78 16.15
N ALA A 569 0.83 26.98 16.56
CA ALA A 569 1.07 27.49 17.90
C ALA A 569 -0.21 27.42 18.72
N VAL A 570 -0.13 26.84 19.92
CA VAL A 570 -1.30 26.78 20.81
C VAL A 570 -1.30 28.08 21.61
N TYR A 571 -1.80 29.15 20.97
CA TYR A 571 -1.73 30.47 21.57
C TYR A 571 -2.59 30.55 22.83
N SER A 572 -3.79 29.99 22.78
CA SER A 572 -4.71 30.08 23.91
C SER A 572 -5.54 28.81 24.00
N MET A 573 -5.80 28.39 25.23
CA MET A 573 -6.56 27.19 25.54
C MET A 573 -7.55 27.55 26.64
N VAL A 574 -8.73 26.94 26.62
CA VAL A 574 -9.74 27.20 27.64
C VAL A 574 -10.58 25.94 27.83
N GLU A 575 -10.93 25.68 29.09
CA GLU A 575 -11.79 24.55 29.41
C GLU A 575 -13.21 24.83 28.92
N PHE A 576 -13.87 23.81 28.40
CA PHE A 576 -15.15 24.01 27.73
C PHE A 576 -16.02 22.80 28.00
N ASN A 577 -16.77 22.86 29.10
CA ASN A 577 -17.76 21.83 29.42
C ASN A 577 -17.14 20.44 29.33
N GLY A 578 -16.01 20.28 30.03
CA GLY A 578 -15.30 19.01 30.06
C GLY A 578 -14.46 18.70 28.83
N LYS A 579 -14.44 19.58 27.84
CA LYS A 579 -13.62 19.43 26.66
C LYS A 579 -12.56 20.52 26.66
N LEU A 580 -11.55 20.35 25.81
CA LEU A 580 -10.46 21.31 25.71
C LEU A 580 -10.59 22.07 24.40
N LEU A 581 -10.75 23.38 24.49
CA LEU A 581 -10.86 24.27 23.35
C LEU A 581 -9.54 25.02 23.21
N ALA A 582 -8.94 24.93 22.03
CA ALA A 582 -7.61 25.46 21.80
C ALA A 582 -7.57 26.17 20.46
N SER A 583 -6.67 27.14 20.37
CA SER A 583 -6.42 27.91 19.14
C SER A 583 -5.05 27.51 18.59
N ILE A 584 -5.03 26.99 17.38
CA ILE A 584 -3.79 26.60 16.72
C ILE A 584 -3.67 27.44 15.45
N ASN A 585 -2.87 28.52 15.51
CA ASN A 585 -2.74 29.48 14.40
C ASN A 585 -4.13 29.96 13.99
N SER A 586 -4.50 29.72 12.72
CA SER A 586 -5.83 30.09 12.24
C SER A 586 -6.93 29.24 12.88
N THR A 587 -6.69 27.94 13.00
CA THR A 587 -7.70 26.99 13.44
C THR A 587 -8.10 27.19 14.91
N VAL A 588 -9.39 27.00 15.18
CA VAL A 588 -9.92 26.93 16.54
C VAL A 588 -10.53 25.53 16.70
N ARG A 589 -10.03 24.75 17.66
CA ARG A 589 -10.36 23.34 17.76
C ARG A 589 -10.86 22.93 19.15
N LEU A 590 -11.81 21.98 19.16
CA LEU A 590 -12.35 21.41 20.38
C LEU A 590 -11.92 19.94 20.45
N TYR A 591 -11.24 19.58 21.54
CA TYR A 591 -10.76 18.21 21.77
C TYR A 591 -11.61 17.55 22.85
N GLU A 592 -11.79 16.24 22.74
CA GLU A 592 -12.36 15.45 23.83
C GLU A 592 -11.26 14.63 24.52
N TRP A 593 -11.49 14.35 25.81
CA TRP A 593 -10.54 13.60 26.63
C TRP A 593 -11.09 12.19 26.80
N THR A 594 -10.43 11.22 26.16
CA THR A 594 -10.94 9.86 26.09
C THR A 594 -10.71 9.11 27.39
N THR A 595 -11.32 7.93 27.47
CA THR A 595 -11.05 7.06 28.61
C THR A 595 -9.63 6.50 28.57
N GLU A 596 -8.93 6.61 27.43
CA GLU A 596 -7.54 6.23 27.33
C GLU A 596 -6.59 7.38 27.63
N LYS A 597 -7.10 8.48 28.18
CA LYS A 597 -6.25 9.60 28.58
C LYS A 597 -5.42 10.11 27.41
N GLU A 598 -6.10 10.36 26.29
CA GLU A 598 -5.52 11.01 25.13
C GLU A 598 -6.55 12.00 24.59
N LEU A 599 -6.06 13.07 23.96
CA LEU A 599 -6.92 14.09 23.39
C LEU A 599 -7.40 13.65 22.02
N ARG A 600 -8.67 13.85 21.74
CA ARG A 600 -9.26 13.49 20.47
C ARG A 600 -10.00 14.69 19.91
N THR A 601 -9.75 15.01 18.65
CA THR A 601 -10.37 16.17 18.04
C THR A 601 -11.84 15.88 17.78
N GLU A 602 -12.71 16.80 18.17
CA GLU A 602 -14.11 16.72 17.81
C GLU A 602 -14.44 17.56 16.59
N CYS A 603 -14.06 18.84 16.59
CA CYS A 603 -14.50 19.76 15.54
C CYS A 603 -13.58 20.98 15.49
N ASN A 604 -13.65 21.71 14.38
CA ASN A 604 -12.71 22.78 14.08
C ASN A 604 -13.42 24.00 13.49
N HIS A 605 -12.79 25.18 13.63
CA HIS A 605 -13.19 26.40 12.93
C HIS A 605 -11.95 27.01 12.28
N TYR A 606 -12.05 27.37 10.99
CA TYR A 606 -10.87 27.82 10.26
C TYR A 606 -10.89 29.28 9.79
N ASN A 607 -11.98 30.02 9.96
CA ASN A 607 -12.07 31.38 9.41
C ASN A 607 -11.47 32.38 10.40
N ASN A 608 -10.16 32.27 10.60
CA ASN A 608 -9.39 33.20 11.42
C ASN A 608 -7.98 33.38 10.85
N ILE A 609 -7.51 34.63 10.86
CA ILE A 609 -6.13 34.89 10.46
C ILE A 609 -5.15 34.35 11.50
N MET A 610 -5.36 34.71 12.76
CA MET A 610 -4.58 34.18 13.86
C MET A 610 -5.40 34.27 15.14
N ALA A 611 -5.69 33.12 15.75
CA ALA A 611 -6.62 33.02 16.88
C ALA A 611 -5.89 33.26 18.19
N LEU A 612 -5.64 34.53 18.49
CA LEU A 612 -4.75 34.87 19.60
C LEU A 612 -5.43 34.69 20.97
N TYR A 613 -6.72 34.99 21.08
CA TYR A 613 -7.40 34.97 22.37
C TYR A 613 -8.73 34.25 22.32
N LEU A 614 -9.02 33.49 23.38
CA LEU A 614 -10.25 32.71 23.48
C LEU A 614 -10.91 32.94 24.83
N LYS A 615 -12.25 32.99 24.83
CA LYS A 615 -13.05 33.11 26.04
C LYS A 615 -14.39 32.42 25.79
N THR A 616 -15.00 31.87 26.85
CA THR A 616 -16.20 31.08 26.67
C THR A 616 -17.25 31.43 27.73
N LYS A 617 -18.51 31.06 27.43
CA LYS A 617 -19.61 31.19 28.38
C LYS A 617 -20.70 30.25 27.92
N GLY A 618 -21.00 29.22 28.70
CA GLY A 618 -21.98 28.25 28.24
C GLY A 618 -21.41 27.54 27.03
N ASP A 619 -22.20 27.49 25.96
CA ASP A 619 -21.74 26.88 24.72
C ASP A 619 -21.27 27.92 23.69
N PHE A 620 -21.08 29.17 24.10
CA PHE A 620 -20.62 30.25 23.21
C PHE A 620 -19.13 30.50 23.40
N ILE A 621 -18.44 30.84 22.30
CA ILE A 621 -17.01 31.12 22.30
C ILE A 621 -16.77 32.47 21.62
N LEU A 622 -15.91 33.29 22.21
CA LEU A 622 -15.48 34.56 21.65
C LEU A 622 -14.02 34.48 21.21
N VAL A 623 -13.74 34.78 19.95
CA VAL A 623 -12.41 34.64 19.37
C VAL A 623 -11.83 36.01 19.08
N GLY A 624 -10.62 36.27 19.60
CA GLY A 624 -9.91 37.48 19.28
C GLY A 624 -8.82 37.29 18.24
N ASP A 625 -9.02 37.82 17.05
CA ASP A 625 -8.08 37.63 15.97
C ASP A 625 -7.01 38.72 16.03
N LEU A 626 -5.90 38.47 15.32
CA LEU A 626 -4.82 39.45 15.30
C LEU A 626 -5.27 40.77 14.70
N MET A 627 -6.05 40.71 13.64
CA MET A 627 -6.50 41.90 12.93
C MET A 627 -7.97 41.94 12.60
N ARG A 628 -8.71 40.86 12.75
CA ARG A 628 -10.10 40.80 12.33
C ARG A 628 -11.07 40.87 13.51
N SER A 629 -10.62 41.44 14.63
CA SER A 629 -11.39 41.80 15.83
C SER A 629 -12.05 40.56 16.44
N VAL A 630 -13.27 40.67 16.95
CA VAL A 630 -13.87 39.63 17.77
C VAL A 630 -14.90 38.89 16.93
N LEU A 631 -15.03 37.60 17.22
CA LEU A 631 -15.96 36.71 16.54
C LEU A 631 -16.66 35.88 17.60
N LEU A 632 -17.98 35.74 17.49
CA LEU A 632 -18.75 34.91 18.40
C LEU A 632 -19.02 33.56 17.74
N LEU A 633 -18.44 32.50 18.29
CA LEU A 633 -18.62 31.12 17.86
C LEU A 633 -19.60 30.39 18.79
N ALA A 634 -20.22 29.34 18.25
CA ALA A 634 -21.08 28.48 19.04
C ALA A 634 -20.83 27.02 18.75
N TYR A 635 -20.90 26.19 19.80
CA TYR A 635 -20.88 24.74 19.66
C TYR A 635 -22.33 24.27 19.53
N LYS A 636 -22.66 23.66 18.40
CA LYS A 636 -24.03 23.17 18.20
C LYS A 636 -24.04 21.75 18.78
N PRO A 637 -24.52 21.58 20.01
CA PRO A 637 -24.33 20.29 20.68
C PRO A 637 -24.88 19.11 19.91
N MET A 638 -26.02 19.31 19.24
CA MET A 638 -26.66 18.22 18.53
C MET A 638 -25.80 17.74 17.36
N GLU A 639 -25.11 18.67 16.71
CA GLU A 639 -24.43 18.40 15.46
C GLU A 639 -22.95 18.11 15.63
N GLY A 640 -22.35 18.56 16.73
CA GLY A 640 -20.94 18.35 16.98
C GLY A 640 -19.99 19.14 16.12
N ASN A 641 -20.28 20.40 15.86
CA ASN A 641 -19.45 21.27 15.03
C ASN A 641 -19.60 22.69 15.56
N PHE A 642 -18.76 23.58 15.06
CA PHE A 642 -18.82 24.98 15.45
C PHE A 642 -19.72 25.71 14.44
N GLU A 643 -20.44 26.73 14.91
CA GLU A 643 -21.17 27.63 14.05
C GLU A 643 -20.76 29.07 14.34
N GLU A 644 -20.95 29.94 13.35
CA GLU A 644 -20.53 31.34 13.43
C GLU A 644 -21.76 32.20 13.75
N ILE A 645 -21.80 32.73 14.98
CA ILE A 645 -22.93 33.55 15.38
C ILE A 645 -22.82 34.95 14.75
N ALA A 646 -21.67 35.61 14.93
CA ALA A 646 -21.52 36.98 14.42
C ALA A 646 -20.09 37.46 14.63
N ARG A 647 -19.61 38.27 13.69
CA ARG A 647 -18.24 38.75 13.65
C ARG A 647 -18.26 40.27 13.62
N ASP A 648 -17.22 40.88 14.18
CA ASP A 648 -17.03 42.33 14.09
C ASP A 648 -16.27 42.60 12.79
N PHE A 649 -16.98 43.07 11.78
CA PHE A 649 -16.34 43.29 10.49
C PHE A 649 -15.38 44.49 10.53
N ASN A 650 -15.55 45.44 11.47
CA ASN A 650 -14.57 46.51 11.64
C ASN A 650 -13.21 45.91 12.02
N PRO A 651 -12.11 46.34 11.38
CA PRO A 651 -10.80 45.73 11.67
C PRO A 651 -10.05 46.39 12.82
N ASN A 652 -9.59 45.59 13.79
CA ASN A 652 -8.81 46.09 14.91
C ASN A 652 -7.72 45.09 15.25
N TRP A 653 -6.56 45.60 15.67
CA TRP A 653 -5.52 44.75 16.26
C TRP A 653 -5.85 44.52 17.74
N MET A 654 -6.03 43.26 18.14
CA MET A 654 -6.57 42.95 19.45
C MET A 654 -5.44 42.58 20.40
N SER A 655 -5.55 43.02 21.66
CA SER A 655 -4.61 42.64 22.71
C SER A 655 -5.20 41.74 23.78
N ALA A 656 -6.49 41.90 24.08
CA ALA A 656 -7.20 41.06 25.03
C ALA A 656 -8.69 41.20 24.79
N VAL A 657 -9.44 40.16 25.14
CA VAL A 657 -10.89 40.15 24.93
C VAL A 657 -11.55 39.57 26.18
N GLU A 658 -12.78 39.99 26.43
CA GLU A 658 -13.57 39.39 27.50
C GLU A 658 -15.05 39.40 27.16
N ILE A 659 -15.77 38.42 27.70
CA ILE A 659 -17.23 38.32 27.59
C ILE A 659 -17.84 39.00 28.80
N LEU A 660 -18.73 39.96 28.56
CA LEU A 660 -19.42 40.68 29.65
C LEU A 660 -20.72 39.98 30.04
N ASP A 661 -21.56 39.66 29.06
CA ASP A 661 -22.79 38.89 29.25
C ASP A 661 -23.09 38.20 27.92
N ASP A 662 -24.21 37.48 27.86
CA ASP A 662 -24.50 36.68 26.67
C ASP A 662 -24.58 37.50 25.39
N ASP A 663 -24.71 38.83 25.47
CA ASP A 663 -24.84 39.68 24.30
C ASP A 663 -23.72 40.71 24.10
N ASN A 664 -23.06 41.15 25.18
CA ASN A 664 -22.05 42.20 25.09
C ASN A 664 -20.66 41.63 25.24
N PHE A 665 -19.73 42.10 24.40
CA PHE A 665 -18.38 41.57 24.37
C PHE A 665 -17.37 42.72 24.41
N LEU A 666 -16.34 42.54 25.21
CA LEU A 666 -15.33 43.56 25.46
C LEU A 666 -14.01 43.21 24.78
N GLY A 667 -13.32 44.24 24.29
CA GLY A 667 -12.08 44.03 23.56
C GLY A 667 -11.14 45.17 23.85
N ALA A 668 -9.86 44.92 23.64
CA ALA A 668 -8.83 45.92 23.83
C ALA A 668 -7.97 46.02 22.59
N GLU A 669 -7.74 47.23 22.12
CA GLU A 669 -7.03 47.45 20.87
C GLU A 669 -5.57 47.65 21.23
N ASN A 670 -4.69 47.42 20.25
CA ASN A 670 -3.28 47.74 20.48
C ASN A 670 -3.00 49.24 20.43
N ALA A 671 -4.00 50.06 20.12
CA ALA A 671 -3.89 51.50 20.10
C ALA A 671 -4.27 52.14 21.45
N PHE A 672 -4.31 51.35 22.52
CA PHE A 672 -4.70 51.80 23.84
C PHE A 672 -6.17 52.22 23.87
N ASN A 673 -7.02 51.47 23.16
CA ASN A 673 -8.46 51.71 23.11
C ASN A 673 -9.25 50.48 23.58
N LEU A 674 -10.46 50.75 24.07
CA LEU A 674 -11.40 49.74 24.51
C LEU A 674 -12.71 49.85 23.75
N PHE A 675 -13.29 48.71 23.38
CA PHE A 675 -14.56 48.69 22.67
C PHE A 675 -15.44 47.54 23.14
N VAL A 676 -16.75 47.72 22.94
CA VAL A 676 -17.78 46.75 23.30
C VAL A 676 -18.64 46.45 22.08
N CYS A 677 -18.75 45.16 21.74
CA CYS A 677 -19.56 44.70 20.63
C CYS A 677 -20.78 43.97 21.16
N GLN A 678 -21.92 44.13 20.48
CA GLN A 678 -23.16 43.48 20.87
C GLN A 678 -23.81 42.81 19.67
N LYS A 679 -24.53 41.72 19.93
CA LYS A 679 -25.38 41.12 18.91
C LYS A 679 -26.47 42.12 18.53
N ASP A 680 -26.76 42.23 17.22
CA ASP A 680 -27.80 43.18 16.82
C ASP A 680 -29.18 42.70 17.25
N SER A 681 -29.36 41.39 17.46
CA SER A 681 -30.55 40.80 18.05
C SER A 681 -31.85 41.26 17.37
N ALA A 682 -31.80 41.53 16.08
CA ALA A 682 -32.98 41.85 15.28
C ALA A 682 -33.00 40.91 14.08
N ALA A 683 -34.07 40.12 13.96
CA ALA A 683 -34.13 39.06 12.96
C ALA A 683 -34.77 39.50 11.63
N THR A 684 -34.66 40.77 11.25
CA THR A 684 -35.19 41.17 9.96
C THR A 684 -34.42 40.52 8.81
N THR A 685 -33.14 40.25 9.03
CA THR A 685 -32.26 39.67 8.03
C THR A 685 -31.19 38.89 8.76
N ASP A 686 -30.72 37.79 8.17
CA ASP A 686 -29.63 37.06 8.79
C ASP A 686 -28.41 37.95 8.97
N GLU A 687 -28.22 38.91 8.07
CA GLU A 687 -27.04 39.77 8.12
C GLU A 687 -26.99 40.60 9.39
N GLU A 688 -28.13 41.12 9.83
CA GLU A 688 -28.14 41.90 11.07
C GLU A 688 -27.73 41.02 12.24
N ARG A 689 -28.22 39.78 12.26
CA ARG A 689 -27.86 38.84 13.32
C ARG A 689 -26.35 38.58 13.33
N GLN A 690 -25.77 38.39 12.14
CA GLN A 690 -24.36 38.06 11.97
C GLN A 690 -23.45 39.28 12.09
N HIS A 691 -24.00 40.47 12.33
CA HIS A 691 -23.23 41.70 12.40
C HIS A 691 -23.14 42.12 13.86
N LEU A 692 -21.96 41.96 14.43
CA LEU A 692 -21.69 42.52 15.75
C LEU A 692 -21.54 44.03 15.61
N GLN A 693 -22.20 44.77 16.49
CA GLN A 693 -22.26 46.22 16.40
C GLN A 693 -21.37 46.81 17.49
N GLU A 694 -20.39 47.60 17.09
CA GLU A 694 -19.52 48.27 18.06
C GLU A 694 -20.35 49.39 18.71
N VAL A 695 -20.90 49.13 19.89
CA VAL A 695 -21.75 50.09 20.59
C VAL A 695 -20.99 50.85 21.67
N GLY A 696 -19.80 50.41 22.03
CA GLY A 696 -18.96 51.14 22.95
C GLY A 696 -17.59 51.41 22.37
N LEU A 697 -17.13 52.66 22.51
CA LEU A 697 -15.80 53.07 22.06
C LEU A 697 -15.20 53.93 23.15
N PHE A 698 -13.95 53.63 23.54
CA PHE A 698 -13.32 54.34 24.65
C PHE A 698 -11.80 54.29 24.52
N HIS A 699 -11.16 55.45 24.66
CA HIS A 699 -9.71 55.51 24.68
C HIS A 699 -9.23 55.39 26.12
N LEU A 700 -8.69 54.22 26.46
CA LEU A 700 -8.21 53.99 27.81
C LEU A 700 -6.89 54.71 28.11
N GLY A 701 -5.95 54.65 27.18
CA GLY A 701 -4.62 55.18 27.40
C GLY A 701 -3.63 54.17 27.94
N GLU A 702 -4.03 52.91 28.08
CA GLU A 702 -3.19 51.85 28.59
C GLU A 702 -3.29 50.65 27.66
N PHE A 703 -2.27 49.78 27.72
CA PHE A 703 -2.24 48.55 26.94
C PHE A 703 -2.73 47.41 27.82
N VAL A 704 -3.91 46.89 27.49
CA VAL A 704 -4.52 45.81 28.27
C VAL A 704 -3.99 44.47 27.75
N ASN A 705 -3.34 43.72 28.65
CA ASN A 705 -2.90 42.37 28.30
C ASN A 705 -3.88 41.29 28.73
N VAL A 706 -4.62 41.51 29.81
CA VAL A 706 -5.45 40.46 30.39
C VAL A 706 -6.75 41.04 30.94
N PHE A 707 -7.86 40.40 30.61
CA PHE A 707 -9.17 40.65 31.23
C PHE A 707 -9.47 39.45 32.14
N CYS A 708 -9.92 39.73 33.35
CA CYS A 708 -10.20 38.69 34.34
C CYS A 708 -11.43 39.03 35.17
N HIS A 709 -12.39 38.11 35.21
CA HIS A 709 -13.61 38.32 36.00
C HIS A 709 -13.32 38.16 37.50
N GLY A 710 -13.66 39.18 38.28
CA GLY A 710 -13.53 39.09 39.72
C GLY A 710 -13.46 40.47 40.36
N SER A 711 -13.38 40.45 41.70
CA SER A 711 -13.23 41.67 42.48
C SER A 711 -12.47 41.40 43.78
N LEU A 712 -11.65 42.38 44.17
CA LEU A 712 -10.89 42.31 45.41
C LEU A 712 -11.59 42.99 46.57
N VAL A 713 -12.65 43.73 46.27
CA VAL A 713 -13.49 44.36 47.28
C VAL A 713 -14.62 43.45 47.73
N MET A 714 -14.60 42.20 47.32
CA MET A 714 -15.60 41.23 47.74
C MET A 714 -15.42 40.87 49.21
N GLN A 715 -14.73 41.72 49.98
CA GLN A 715 -14.67 41.51 51.43
C GLN A 715 -16.05 41.72 52.04
N ASN A 716 -16.86 42.60 51.45
CA ASN A 716 -18.22 42.80 51.90
C ASN A 716 -19.13 41.72 51.32
N LEU A 717 -18.86 41.30 50.08
CA LEU A 717 -19.61 40.23 49.41
C LEU A 717 -21.10 40.43 49.61
N GLY A 718 -21.54 41.65 49.38
CA GLY A 718 -22.92 41.99 49.67
C GLY A 718 -23.70 42.79 48.66
N GLU A 719 -24.96 42.42 48.51
CA GLU A 719 -25.90 43.15 47.70
C GLU A 719 -26.25 44.46 48.39
N THR A 720 -26.74 45.41 47.61
CA THR A 720 -27.21 46.70 48.11
C THR A 720 -26.02 47.63 48.35
N SER A 721 -24.88 47.32 47.75
CA SER A 721 -23.70 48.16 47.83
C SER A 721 -23.31 48.78 46.49
N THR A 722 -23.93 48.36 45.38
CA THR A 722 -23.61 48.96 44.09
C THR A 722 -24.76 49.09 43.10
N PRO A 723 -24.89 50.26 42.46
CA PRO A 723 -25.80 50.38 41.32
C PRO A 723 -25.35 49.61 40.11
N THR A 724 -24.03 49.52 39.92
CA THR A 724 -23.41 48.85 38.79
C THR A 724 -23.35 47.35 39.09
N GLN A 725 -23.37 46.53 38.03
CA GLN A 725 -23.24 45.09 38.22
C GLN A 725 -22.16 44.52 37.29
N GLY A 726 -21.44 43.54 37.79
CA GLY A 726 -20.36 42.85 37.10
C GLY A 726 -18.99 43.38 37.48
N SER A 727 -17.98 42.52 37.36
CA SER A 727 -16.61 42.90 37.70
C SER A 727 -15.67 42.22 36.70
N VAL A 728 -15.02 43.04 35.87
CA VAL A 728 -14.02 42.59 34.92
C VAL A 728 -12.79 43.42 35.25
N LEU A 729 -11.79 42.79 35.87
CA LEU A 729 -10.52 43.45 36.16
C LEU A 729 -9.56 43.27 34.99
N PHE A 730 -8.72 44.27 34.75
CA PHE A 730 -7.75 44.14 33.67
C PHE A 730 -6.38 44.66 34.09
N GLY A 731 -5.35 44.05 33.51
CA GLY A 731 -3.97 44.41 33.77
C GLY A 731 -3.33 44.98 32.52
N THR A 732 -2.43 45.94 32.69
CA THR A 732 -1.84 46.67 31.59
C THR A 732 -0.32 46.65 31.69
N VAL A 733 0.33 47.14 30.63
CA VAL A 733 1.78 47.10 30.57
C VAL A 733 2.40 48.06 31.59
N ASN A 734 1.74 49.20 31.88
CA ASN A 734 2.33 50.18 32.78
C ASN A 734 1.97 49.93 34.24
N GLY A 735 1.49 48.73 34.57
CA GLY A 735 1.13 48.39 35.93
C GLY A 735 -0.26 48.81 36.34
N MET A 736 -0.92 49.65 35.54
CA MET A 736 -2.27 50.08 35.84
C MET A 736 -3.21 48.89 35.88
N ILE A 737 -4.06 48.85 36.90
CA ILE A 737 -5.15 47.87 37.02
C ILE A 737 -6.45 48.65 36.99
N GLY A 738 -7.40 48.20 36.17
CA GLY A 738 -8.68 48.88 36.05
C GLY A 738 -9.82 47.89 36.22
N LEU A 739 -11.04 48.44 36.14
CA LEU A 739 -12.24 47.62 36.31
C LEU A 739 -13.32 48.16 35.38
N VAL A 740 -14.04 47.24 34.74
CA VAL A 740 -15.12 47.56 33.84
C VAL A 740 -16.40 46.94 34.42
N THR A 741 -17.47 47.72 34.47
CA THR A 741 -18.76 47.21 34.96
C THR A 741 -19.86 47.87 34.14
N SER A 742 -21.02 47.20 34.11
CA SER A 742 -22.18 47.63 33.35
C SER A 742 -23.14 48.53 34.15
N LEU A 743 -23.92 49.31 33.40
CA LEU A 743 -24.88 50.26 33.95
C LEU A 743 -26.24 50.09 33.28
N SER A 744 -27.30 50.52 33.97
CA SER A 744 -28.61 50.63 33.33
C SER A 744 -28.69 51.92 32.51
N GLU A 745 -29.59 51.93 31.53
CA GLU A 745 -29.71 53.12 30.69
C GLU A 745 -29.90 54.37 31.54
N SER A 746 -30.71 54.28 32.58
CA SER A 746 -30.99 55.42 33.45
C SER A 746 -29.74 55.91 34.17
N TRP A 747 -28.95 54.99 34.74
CA TRP A 747 -27.79 55.43 35.51
C TRP A 747 -26.73 56.04 34.61
N TYR A 748 -26.49 55.44 33.45
CA TYR A 748 -25.53 55.97 32.49
C TYR A 748 -25.89 57.38 32.05
N ASN A 749 -27.15 57.58 31.61
CA ASN A 749 -27.55 58.90 31.17
C ASN A 749 -27.38 59.93 32.28
N LEU A 750 -27.64 59.53 33.52
CA LEU A 750 -27.32 60.40 34.64
C LEU A 750 -25.83 60.67 34.72
N LEU A 751 -25.03 59.61 34.80
CA LEU A 751 -23.59 59.77 34.97
C LEU A 751 -22.97 60.45 33.76
N LEU A 752 -23.50 60.16 32.56
CA LEU A 752 -23.01 60.84 31.36
C LEU A 752 -23.32 62.32 31.41
N ASP A 753 -24.58 62.68 31.70
CA ASP A 753 -24.95 64.09 31.80
C ASP A 753 -24.09 64.80 32.83
N MET A 754 -23.77 64.10 33.93
CA MET A 754 -22.90 64.67 34.95
C MET A 754 -21.48 64.88 34.46
N GLN A 755 -20.98 63.99 33.59
CA GLN A 755 -19.64 64.19 33.05
C GLN A 755 -19.57 65.52 32.29
N ASN A 756 -20.52 65.74 31.38
CA ASN A 756 -20.52 66.95 30.58
C ASN A 756 -20.55 68.18 31.48
N ARG A 757 -21.25 68.08 32.62
CA ARG A 757 -21.28 69.18 33.57
C ARG A 757 -19.94 69.30 34.28
N LEU A 758 -19.36 68.16 34.68
CA LEU A 758 -18.06 68.21 35.35
C LEU A 758 -16.97 68.75 34.44
N ASN A 759 -17.01 68.42 33.16
CA ASN A 759 -15.97 68.87 32.26
C ASN A 759 -16.00 70.38 32.09
N LYS A 760 -17.18 71.00 32.15
CA LYS A 760 -17.24 72.45 32.09
C LYS A 760 -16.68 73.08 33.37
N VAL A 761 -16.74 72.37 34.49
CA VAL A 761 -16.35 72.93 35.78
C VAL A 761 -14.89 72.66 36.10
N ILE A 762 -14.39 71.47 35.81
CA ILE A 762 -13.05 71.07 36.25
C ILE A 762 -12.02 71.62 35.28
N LYS A 763 -10.95 72.19 35.83
CA LYS A 763 -9.86 72.77 35.06
C LYS A 763 -8.83 71.69 34.75
N SER A 764 -8.53 71.53 33.46
CA SER A 764 -7.60 70.50 33.03
C SER A 764 -6.18 71.05 32.97
N VAL A 765 -5.21 70.21 33.33
CA VAL A 765 -3.81 70.59 33.18
C VAL A 765 -3.49 70.62 31.69
N GLY A 766 -2.89 71.71 31.23
CA GLY A 766 -2.65 71.88 29.82
C GLY A 766 -3.87 72.29 29.03
N LYS A 767 -5.01 72.48 29.69
CA LYS A 767 -6.24 72.85 29.02
C LYS A 767 -6.57 71.83 27.92
N ILE A 768 -6.48 70.56 28.28
CA ILE A 768 -6.80 69.47 27.36
C ILE A 768 -8.27 69.12 27.55
N GLU A 769 -9.05 69.19 26.48
CA GLU A 769 -10.45 68.81 26.53
C GLU A 769 -10.59 67.34 26.88
N HIS A 770 -11.40 67.05 27.91
CA HIS A 770 -11.61 65.67 28.31
C HIS A 770 -12.23 64.85 27.17
N SER A 771 -13.19 65.43 26.46
CA SER A 771 -13.85 64.71 25.37
C SER A 771 -12.85 64.26 24.31
N PHE A 772 -11.84 65.09 24.02
CA PHE A 772 -10.80 64.73 23.06
C PHE A 772 -9.98 63.56 23.56
N TRP A 773 -9.55 63.62 24.82
CA TRP A 773 -8.70 62.60 25.42
C TRP A 773 -9.31 61.21 25.28
N ARG A 774 -10.59 61.06 25.63
CA ARG A 774 -11.22 59.75 25.58
C ARG A 774 -11.74 59.37 24.20
N SER A 775 -11.59 60.22 23.18
CA SER A 775 -12.01 59.86 21.85
C SER A 775 -11.20 58.67 21.35
N PHE A 776 -11.89 57.68 20.78
CA PHE A 776 -11.22 56.55 20.14
C PHE A 776 -10.17 57.09 19.18
N HIS A 777 -8.97 56.53 19.23
CA HIS A 777 -7.90 57.09 18.42
C HIS A 777 -6.94 56.03 17.93
N THR A 778 -6.83 55.94 16.61
CA THR A 778 -5.76 55.26 15.89
C THR A 778 -5.13 56.26 14.94
N GLU A 779 -4.01 55.88 14.32
CA GLU A 779 -3.39 56.78 13.35
C GLU A 779 -4.36 57.14 12.22
N ARG A 780 -5.37 56.31 11.99
CA ARG A 780 -6.27 56.45 10.86
C ARG A 780 -7.66 56.94 11.23
N LYS A 781 -8.09 56.77 12.48
CA LYS A 781 -9.40 57.21 12.90
C LYS A 781 -9.36 57.99 14.21
N THR A 782 -10.35 58.85 14.38
CA THR A 782 -10.67 59.45 15.69
C THR A 782 -12.19 59.52 15.78
N GLU A 783 -12.75 58.90 16.81
CA GLU A 783 -14.19 58.89 17.04
C GLU A 783 -14.49 59.36 18.45
N PRO A 784 -15.63 60.01 18.65
CA PRO A 784 -16.02 60.37 20.01
C PRO A 784 -16.35 59.12 20.81
N ALA A 785 -16.03 59.15 22.09
CA ALA A 785 -16.31 58.02 22.96
C ALA A 785 -17.81 57.76 23.03
N THR A 786 -18.18 56.50 23.27
CA THR A 786 -19.58 56.14 23.39
C THR A 786 -19.75 54.91 24.28
N GLY A 787 -20.82 54.91 25.06
CA GLY A 787 -21.17 53.77 25.88
C GLY A 787 -20.31 53.56 27.10
N PHE A 788 -19.45 54.50 27.44
CA PHE A 788 -18.51 54.35 28.54
C PHE A 788 -18.53 55.61 29.41
N ILE A 789 -18.53 55.39 30.72
CA ILE A 789 -18.48 56.47 31.70
C ILE A 789 -17.08 56.47 32.29
N ASP A 790 -16.38 57.60 32.18
CA ASP A 790 -15.04 57.69 32.75
C ASP A 790 -15.20 57.82 34.25
N GLY A 791 -15.15 56.68 34.94
CA GLY A 791 -15.37 56.68 36.38
C GLY A 791 -14.40 57.56 37.11
N ASP A 792 -13.16 57.67 36.60
CA ASP A 792 -12.17 58.53 37.23
C ASP A 792 -12.56 60.00 37.13
N LEU A 793 -13.38 60.37 36.15
CA LEU A 793 -13.94 61.71 36.13
C LEU A 793 -15.08 61.83 37.14
N ILE A 794 -15.97 60.84 37.15
CA ILE A 794 -17.08 60.84 38.10
C ILE A 794 -16.56 60.86 39.53
N GLU A 795 -15.49 60.10 39.82
CA GLU A 795 -14.97 60.05 41.18
C GLU A 795 -14.18 61.30 41.56
N SER A 796 -13.97 62.23 40.65
CA SER A 796 -13.35 63.51 40.98
C SER A 796 -14.34 64.54 41.47
N PHE A 797 -15.66 64.27 41.33
CA PHE A 797 -16.67 65.16 41.88
C PHE A 797 -16.48 65.37 43.37
N LEU A 798 -16.07 64.31 44.09
CA LEU A 798 -15.87 64.41 45.53
C LEU A 798 -14.71 65.33 45.91
N ASP A 799 -13.77 65.56 45.01
CA ASP A 799 -12.57 66.35 45.31
C ASP A 799 -12.68 67.81 44.89
N ILE A 800 -13.74 68.21 44.19
CA ILE A 800 -13.90 69.60 43.76
C ILE A 800 -14.54 70.40 44.88
N SER A 801 -14.25 71.70 44.93
CA SER A 801 -14.70 72.55 46.03
C SER A 801 -16.23 72.67 46.02
N ARG A 802 -16.78 73.02 47.19
CA ARG A 802 -18.24 73.09 47.31
C ARG A 802 -18.89 74.01 46.28
N PRO A 803 -18.39 75.22 46.04
CA PRO A 803 -19.03 76.06 45.00
C PRO A 803 -19.17 75.33 43.69
N LYS A 804 -18.14 74.55 43.33
CA LYS A 804 -18.14 73.83 42.07
C LYS A 804 -19.14 72.69 42.09
N MET A 805 -19.29 72.02 43.24
CA MET A 805 -20.24 70.91 43.36
C MET A 805 -21.67 71.36 43.08
N GLN A 806 -22.12 72.41 43.77
CA GLN A 806 -23.49 72.87 43.57
C GLN A 806 -23.66 73.36 42.14
N GLU A 807 -22.59 73.90 41.56
CA GLU A 807 -22.61 74.31 40.16
C GLU A 807 -22.86 73.12 39.24
N VAL A 808 -22.31 71.95 39.59
CA VAL A 808 -22.47 70.76 38.76
C VAL A 808 -23.92 70.32 38.72
N VAL A 809 -24.62 70.39 39.86
CA VAL A 809 -25.97 69.85 39.95
C VAL A 809 -27.04 70.85 39.51
N ALA A 810 -26.65 72.05 39.09
CA ALA A 810 -27.64 73.06 38.74
C ALA A 810 -28.47 72.58 37.56
N ASN A 811 -29.78 72.77 37.67
CA ASN A 811 -30.70 72.45 36.60
C ASN A 811 -30.53 71.00 36.12
N LEU A 812 -30.25 70.10 37.04
CA LEU A 812 -30.03 68.71 36.71
C LEU A 812 -31.26 67.93 37.17
N GLN A 813 -31.95 67.31 36.22
CA GLN A 813 -33.17 66.55 36.43
C GLN A 813 -32.84 65.09 36.19
N TYR A 814 -32.98 64.25 37.22
CA TYR A 814 -32.71 62.83 37.07
C TYR A 814 -33.95 62.13 36.54
N ASP A 815 -33.75 61.18 35.63
CA ASP A 815 -34.84 60.39 35.05
C ASP A 815 -34.55 58.91 35.21
N ASP A 816 -35.62 58.14 35.32
CA ASP A 816 -35.59 56.70 35.53
C ASP A 816 -36.87 56.11 34.98
N GLY A 817 -36.87 54.80 34.77
CA GLY A 817 -38.12 54.11 34.51
C GLY A 817 -39.05 54.32 35.68
N SER A 818 -40.36 54.38 35.40
CA SER A 818 -41.36 54.63 36.43
C SER A 818 -41.30 56.10 36.85
N GLY A 819 -41.04 56.99 35.89
CA GLY A 819 -41.10 58.40 36.15
C GLY A 819 -39.92 58.91 36.94
N MET A 820 -40.26 59.64 38.01
CA MET A 820 -39.26 60.18 38.93
C MET A 820 -38.39 61.22 38.22
N LYS A 821 -39.04 62.15 37.49
CA LYS A 821 -38.32 63.22 36.81
C LYS A 821 -38.19 64.35 37.83
N ARG A 822 -37.11 64.32 38.60
CA ARG A 822 -36.86 65.26 39.69
C ARG A 822 -35.43 65.79 39.67
N GLU A 823 -35.26 67.01 40.18
CA GLU A 823 -33.94 67.60 40.39
C GLU A 823 -33.30 67.09 41.68
N ALA A 824 -31.97 66.91 41.64
CA ALA A 824 -31.20 66.43 42.79
C ALA A 824 -30.15 67.45 43.20
N THR A 825 -29.87 67.50 44.51
CA THR A 825 -28.87 68.38 45.09
C THR A 825 -27.48 67.73 45.10
N ALA A 826 -26.46 68.57 45.39
CA ALA A 826 -25.07 68.09 45.45
C ALA A 826 -24.81 67.12 46.61
N ASP A 827 -25.44 67.33 47.77
CA ASP A 827 -25.25 66.37 48.86
C ASP A 827 -25.85 65.03 48.50
N ASP A 828 -26.80 64.98 47.56
CA ASP A 828 -27.28 63.68 47.07
C ASP A 828 -26.20 62.99 46.25
N LEU A 829 -25.54 63.75 45.36
CA LEU A 829 -24.56 63.14 44.46
C LEU A 829 -23.32 62.69 45.21
N ILE A 830 -22.92 63.42 46.26
CA ILE A 830 -21.78 63.00 47.06
C ILE A 830 -21.98 61.58 47.56
N LYS A 831 -23.23 61.22 47.87
CA LYS A 831 -23.55 59.85 48.23
C LYS A 831 -23.41 58.90 47.03
N VAL A 832 -23.98 59.29 45.88
CA VAL A 832 -23.97 58.40 44.71
C VAL A 832 -22.52 58.05 44.33
N VAL A 833 -21.65 59.06 44.29
CA VAL A 833 -20.27 58.82 43.87
C VAL A 833 -19.56 57.98 44.93
N GLU A 834 -19.84 58.27 46.22
CA GLU A 834 -19.25 57.47 47.29
C GLU A 834 -19.61 55.99 47.15
N GLU A 835 -20.84 55.69 46.73
CA GLU A 835 -21.20 54.29 46.52
C GLU A 835 -20.42 53.70 45.35
N LEU A 836 -20.14 54.51 44.33
CA LEU A 836 -19.39 54.06 43.17
C LEU A 836 -17.90 53.90 43.47
N THR A 837 -17.38 54.60 44.48
CA THR A 837 -16.00 54.44 44.89
C THR A 837 -15.78 53.16 45.68
N ARG A 838 -16.83 52.38 45.92
CA ARG A 838 -16.78 51.12 46.65
C ARG A 838 -16.60 49.89 45.78
N ILE A 839 -16.90 49.99 44.48
CA ILE A 839 -16.72 48.84 43.63
C ILE A 839 -15.23 48.50 43.51
N HIS A 840 -14.36 49.48 43.74
CA HIS A 840 -12.92 49.30 43.59
C HIS A 840 -12.30 49.52 44.97
N THR B 7 -20.08 21.75 -19.79
CA THR B 7 -18.78 22.39 -19.98
C THR B 7 -18.53 23.44 -18.91
N GLU B 8 -17.32 24.01 -18.93
CA GLU B 8 -16.95 25.04 -17.95
C GLU B 8 -17.78 26.30 -18.08
N SER B 9 -18.48 26.47 -19.20
CA SER B 9 -19.15 27.72 -19.54
C SER B 9 -20.62 27.76 -19.13
N ASP B 10 -21.19 26.62 -18.74
CA ASP B 10 -22.61 26.50 -18.42
C ASP B 10 -22.83 26.93 -16.97
N TRP B 11 -22.89 28.24 -16.77
CA TRP B 11 -22.99 28.82 -15.44
C TRP B 11 -24.43 28.81 -14.92
N GLY B 12 -24.55 28.91 -13.59
CA GLY B 12 -25.82 29.01 -12.91
C GLY B 12 -26.47 27.69 -12.55
N LYS B 13 -25.92 26.57 -13.01
CA LYS B 13 -26.50 25.26 -12.73
C LYS B 13 -25.80 24.51 -11.60
N ARG B 14 -24.48 24.58 -11.53
CA ARG B 14 -23.75 23.81 -10.52
C ARG B 14 -24.20 24.29 -9.14
N CYS B 15 -24.31 23.37 -8.19
CA CYS B 15 -24.84 23.72 -6.88
C CYS B 15 -23.71 24.20 -5.96
N VAL B 16 -24.11 24.95 -4.94
CA VAL B 16 -23.18 25.42 -3.91
C VAL B 16 -22.80 24.30 -2.96
N ASP B 17 -23.43 23.13 -3.13
CA ASP B 17 -23.01 21.97 -2.34
C ASP B 17 -21.52 21.70 -2.55
N LYS B 18 -21.03 22.03 -3.73
CA LYS B 18 -19.66 21.71 -4.14
C LYS B 18 -18.61 22.47 -3.33
N PHE B 19 -19.02 23.41 -2.50
CA PHE B 19 -18.12 24.20 -1.68
C PHE B 19 -18.42 23.97 -0.21
N ASP B 20 -17.38 23.70 0.57
CA ASP B 20 -17.48 23.68 2.02
C ASP B 20 -17.32 25.11 2.52
N ILE B 21 -18.34 25.64 3.17
CA ILE B 21 -18.33 27.04 3.60
C ILE B 21 -17.47 27.16 4.86
N ILE B 22 -16.45 28.01 4.81
CA ILE B 22 -15.54 28.17 5.94
C ILE B 22 -16.05 29.21 6.92
N GLY B 23 -16.57 30.33 6.43
CA GLY B 23 -17.03 31.39 7.30
C GLY B 23 -17.52 32.54 6.45
N ILE B 24 -17.72 33.67 7.10
CA ILE B 24 -18.16 34.88 6.41
C ILE B 24 -17.03 35.89 6.53
N ILE B 25 -16.46 36.26 5.38
CA ILE B 25 -15.30 37.14 5.36
C ILE B 25 -15.75 38.59 5.42
N GLY B 26 -16.87 38.93 4.79
CA GLY B 26 -17.30 40.31 4.79
C GLY B 26 -18.77 40.52 4.51
N GLU B 27 -19.23 41.71 4.87
CA GLU B 27 -20.56 42.16 4.52
C GLU B 27 -20.52 42.68 3.08
N GLY B 28 -21.53 42.33 2.28
CA GLY B 28 -21.62 42.77 0.92
C GLY B 28 -22.69 43.81 0.69
N THR B 29 -22.79 44.23 -0.56
CA THR B 29 -23.81 45.19 -0.99
C THR B 29 -25.13 44.52 -1.33
N TYR B 30 -25.07 43.39 -2.03
CA TYR B 30 -26.24 42.65 -2.48
C TYR B 30 -26.37 41.33 -1.74
N GLY B 31 -25.38 40.97 -0.94
CA GLY B 31 -25.37 39.73 -0.20
C GLY B 31 -24.15 39.70 0.68
N GLN B 32 -24.10 38.69 1.54
CA GLN B 32 -22.94 38.43 2.38
C GLN B 32 -21.83 37.78 1.54
N VAL B 33 -20.59 37.98 1.94
CA VAL B 33 -19.46 37.36 1.27
C VAL B 33 -18.93 36.25 2.18
N TYR B 34 -18.86 35.04 1.64
CA TYR B 34 -18.42 33.86 2.38
C TYR B 34 -17.09 33.39 1.78
N LYS B 35 -16.25 32.81 2.63
CA LYS B 35 -15.04 32.11 2.22
C LYS B 35 -15.33 30.62 2.18
N ALA B 36 -14.83 29.93 1.17
CA ALA B 36 -15.16 28.52 1.04
C ALA B 36 -13.99 27.78 0.39
N LYS B 37 -14.06 26.45 0.45
CA LYS B 37 -13.07 25.56 -0.13
C LYS B 37 -13.83 24.69 -1.12
N ASP B 38 -13.31 24.58 -2.34
CA ASP B 38 -13.88 23.71 -3.35
C ASP B 38 -13.67 22.25 -2.96
N LYS B 39 -14.76 21.48 -2.91
CA LYS B 39 -14.63 20.10 -2.47
C LYS B 39 -13.79 19.26 -3.41
N ASP B 40 -13.87 19.53 -4.71
CA ASP B 40 -13.21 18.67 -5.70
C ASP B 40 -11.74 18.98 -5.83
N THR B 41 -11.37 20.26 -5.82
CA THR B 41 -10.00 20.69 -6.07
C THR B 41 -9.26 21.12 -4.83
N GLY B 42 -9.96 21.56 -3.79
CA GLY B 42 -9.33 22.13 -2.63
C GLY B 42 -9.06 23.60 -2.74
N GLU B 43 -9.37 24.21 -3.88
CA GLU B 43 -9.10 25.62 -4.07
C GLU B 43 -9.95 26.44 -3.11
N LEU B 44 -9.33 27.44 -2.51
CA LEU B 44 -10.07 28.37 -1.68
C LEU B 44 -10.70 29.41 -2.60
N VAL B 45 -12.00 29.63 -2.43
CA VAL B 45 -12.75 30.52 -3.29
C VAL B 45 -13.37 31.55 -2.35
N ALA B 46 -13.97 32.56 -2.95
CA ALA B 46 -14.76 33.54 -2.21
C ALA B 46 -16.12 33.58 -2.86
N LEU B 47 -17.16 33.32 -2.09
CA LEU B 47 -18.54 33.28 -2.57
C LEU B 47 -19.28 34.51 -2.09
N LYS B 48 -19.80 35.30 -3.03
CA LYS B 48 -20.68 36.43 -2.77
C LYS B 48 -22.12 36.03 -3.12
N LYS B 49 -23.02 36.21 -2.15
CA LYS B 49 -24.40 35.77 -2.25
C LYS B 49 -25.25 36.82 -2.97
N VAL B 50 -26.09 36.37 -3.89
CA VAL B 50 -27.00 37.26 -4.60
C VAL B 50 -28.43 36.84 -4.30
N ARG B 51 -29.22 37.75 -3.73
CA ARG B 51 -30.58 37.45 -3.33
C ARG B 51 -31.54 38.08 -4.33
N LEU B 52 -32.27 37.23 -5.05
CA LEU B 52 -33.39 37.68 -5.88
C LEU B 52 -34.72 37.42 -5.19
N ASP B 53 -34.67 36.98 -3.94
CA ASP B 53 -35.89 36.80 -3.16
C ASP B 53 -36.53 38.15 -2.81
N ASN B 54 -35.74 39.24 -2.77
CA ASN B 54 -36.31 40.54 -2.44
C ASN B 54 -37.43 40.91 -3.41
N GLU B 55 -37.24 40.61 -4.69
CA GLU B 55 -38.25 40.79 -5.72
C GLU B 55 -38.67 42.24 -5.87
N LYS B 56 -37.92 43.18 -5.30
CA LYS B 56 -38.18 44.59 -5.57
C LYS B 56 -37.87 44.90 -7.03
N GLU B 57 -36.66 44.53 -7.46
CA GLU B 57 -36.24 44.64 -8.85
C GLU B 57 -35.62 43.35 -9.35
N GLY B 58 -35.88 42.22 -8.69
CA GLY B 58 -35.30 40.99 -9.18
C GLY B 58 -33.79 41.02 -9.00
N PHE B 59 -33.09 40.50 -9.98
CA PHE B 59 -31.63 40.41 -9.88
C PHE B 59 -31.05 41.80 -9.71
N PRO B 60 -30.17 42.03 -8.73
CA PRO B 60 -29.65 43.38 -8.49
C PRO B 60 -28.72 43.79 -9.63
N ILE B 61 -28.84 45.04 -10.06
CA ILE B 61 -28.00 45.52 -11.14
C ILE B 61 -26.52 45.54 -10.74
N THR B 62 -26.25 45.88 -9.47
CA THR B 62 -24.87 45.85 -8.99
C THR B 62 -24.19 44.53 -9.33
N ALA B 63 -24.91 43.41 -9.12
CA ALA B 63 -24.36 42.10 -9.45
C ALA B 63 -24.29 41.90 -10.96
N ILE B 64 -25.29 42.41 -11.68
CA ILE B 64 -25.32 42.30 -13.14
C ILE B 64 -24.08 42.97 -13.75
N ARG B 65 -23.71 44.15 -13.25
CA ARG B 65 -22.50 44.81 -13.70
C ARG B 65 -21.26 43.98 -13.39
N GLU B 66 -21.16 43.44 -12.17
CA GLU B 66 -19.99 42.67 -11.79
C GLU B 66 -19.85 41.39 -12.61
N ILE B 67 -20.97 40.80 -13.03
CA ILE B 67 -20.93 39.64 -13.91
C ILE B 67 -20.60 40.05 -15.35
N LYS B 68 -21.34 41.02 -15.88
CA LYS B 68 -21.14 41.47 -17.26
C LYS B 68 -19.70 41.88 -17.52
N ILE B 69 -19.11 42.63 -16.59
CA ILE B 69 -17.80 43.21 -16.83
C ILE B 69 -16.67 42.22 -16.56
N LEU B 70 -16.77 41.47 -15.46
CA LEU B 70 -15.65 40.62 -15.06
C LEU B 70 -15.52 39.37 -15.93
N ARG B 71 -16.54 38.99 -16.71
CA ARG B 71 -16.33 37.94 -17.69
C ARG B 71 -15.59 38.45 -18.93
N GLN B 72 -15.65 39.75 -19.18
CA GLN B 72 -14.98 40.37 -20.30
C GLN B 72 -13.55 40.77 -19.97
N LEU B 73 -13.29 41.16 -18.71
CA LEU B 73 -12.01 41.70 -18.32
C LEU B 73 -11.13 40.61 -17.72
N ILE B 74 -9.96 40.41 -18.32
CA ILE B 74 -8.98 39.42 -17.88
C ILE B 74 -7.61 40.10 -17.80
N HIS B 75 -7.12 40.30 -16.57
CA HIS B 75 -5.81 40.88 -16.29
C HIS B 75 -5.34 40.34 -14.94
N ARG B 76 -4.01 40.30 -14.76
CA ARG B 76 -3.44 39.78 -13.51
C ARG B 76 -3.85 40.62 -12.31
N SER B 77 -4.24 41.87 -12.51
CA SER B 77 -4.63 42.79 -11.46
C SER B 77 -6.15 43.00 -11.42
N VAL B 78 -6.92 42.14 -12.08
CA VAL B 78 -8.37 42.18 -12.08
C VAL B 78 -8.89 40.89 -11.48
N VAL B 79 -9.79 41.00 -10.49
CA VAL B 79 -10.24 39.81 -9.78
C VAL B 79 -11.07 38.94 -10.72
N ASN B 80 -10.82 37.65 -10.68
CA ASN B 80 -11.43 36.71 -11.62
C ASN B 80 -12.67 36.10 -11.00
N MET B 81 -13.79 36.24 -11.70
CA MET B 81 -15.01 35.53 -11.35
C MET B 81 -14.93 34.13 -11.98
N LYS B 82 -14.91 33.09 -11.16
CA LYS B 82 -14.66 31.77 -11.72
C LYS B 82 -15.94 31.11 -12.24
N GLU B 83 -17.06 31.26 -11.52
CA GLU B 83 -18.33 30.69 -11.96
C GLU B 83 -19.46 31.25 -11.10
N ILE B 84 -20.69 30.87 -11.44
CA ILE B 84 -21.87 31.22 -10.66
C ILE B 84 -22.61 29.93 -10.32
N VAL B 85 -22.90 29.74 -9.03
CA VAL B 85 -23.53 28.52 -8.53
C VAL B 85 -24.79 28.89 -7.75
N THR B 86 -25.63 27.89 -7.50
CA THR B 86 -26.96 28.11 -6.95
C THR B 86 -27.24 27.21 -5.75
N ASP B 87 -28.23 27.63 -4.97
CA ASP B 87 -28.81 26.86 -3.87
C ASP B 87 -29.56 25.65 -4.42
N LYS B 88 -29.84 24.67 -3.55
CA LYS B 88 -30.52 23.44 -3.97
C LYS B 88 -31.81 23.78 -4.70
N GLN B 89 -32.04 23.06 -5.80
CA GLN B 89 -33.19 23.30 -6.69
C GLN B 89 -34.45 22.59 -6.24
N ASP B 90 -35.57 23.33 -6.26
CA ASP B 90 -36.86 22.70 -5.97
C ASP B 90 -37.20 21.71 -7.07
N ALA B 91 -36.94 22.09 -8.32
CA ALA B 91 -37.08 21.30 -9.53
C ALA B 91 -38.49 20.84 -9.86
N LEU B 92 -39.51 21.28 -9.14
CA LEU B 92 -40.88 20.99 -9.52
C LEU B 92 -41.60 22.18 -10.15
N ASP B 93 -41.50 23.37 -9.56
CA ASP B 93 -42.06 24.59 -10.12
C ASP B 93 -40.99 25.65 -9.92
N PHE B 94 -40.61 26.31 -11.02
CA PHE B 94 -39.60 27.37 -10.92
C PHE B 94 -40.12 28.56 -10.12
N LYS B 95 -41.42 28.82 -10.16
CA LYS B 95 -41.99 29.96 -9.44
C LYS B 95 -41.77 29.85 -7.94
N LYS B 96 -41.93 28.65 -7.38
CA LYS B 96 -41.72 28.48 -5.94
C LYS B 96 -40.28 28.77 -5.53
N ASP B 97 -39.33 28.53 -6.42
CA ASP B 97 -37.92 28.67 -6.05
C ASP B 97 -37.63 30.10 -5.61
N LYS B 98 -37.19 30.25 -4.37
CA LYS B 98 -36.74 31.53 -3.83
C LYS B 98 -35.24 31.48 -3.55
N GLY B 99 -34.57 30.46 -4.09
CA GLY B 99 -33.16 30.28 -3.83
C GLY B 99 -32.33 31.40 -4.40
N ALA B 100 -31.06 31.39 -4.04
CA ALA B 100 -30.14 32.46 -4.33
C ALA B 100 -28.94 31.93 -5.11
N PHE B 101 -28.31 32.83 -5.85
CA PHE B 101 -27.09 32.57 -6.59
C PHE B 101 -25.85 33.07 -5.84
N TYR B 102 -24.72 32.46 -6.16
CA TYR B 102 -23.42 32.78 -5.56
C TYR B 102 -22.41 33.07 -6.65
N LEU B 103 -21.69 34.19 -6.54
CA LEU B 103 -20.66 34.55 -7.51
C LEU B 103 -19.31 34.06 -6.97
N VAL B 104 -18.74 33.07 -7.65
CA VAL B 104 -17.47 32.50 -7.21
C VAL B 104 -16.34 33.41 -7.69
N PHE B 105 -15.49 33.81 -6.75
CA PHE B 105 -14.32 34.62 -7.03
C PHE B 105 -13.13 33.88 -6.41
N GLU B 106 -11.94 34.18 -6.91
CA GLU B 106 -10.74 33.71 -6.26
C GLU B 106 -10.63 34.30 -4.86
N TYR B 107 -9.90 33.62 -4.00
CA TYR B 107 -9.74 34.05 -2.62
C TYR B 107 -8.44 34.84 -2.48
N MET B 108 -8.55 36.11 -2.10
CA MET B 108 -7.42 36.98 -1.81
C MET B 108 -7.20 37.00 -0.29
N ASP B 109 -5.94 36.92 0.14
CA ASP B 109 -5.67 36.69 1.56
C ASP B 109 -6.06 37.90 2.42
N HIS B 110 -5.77 39.12 1.96
CA HIS B 110 -6.01 40.32 2.77
C HIS B 110 -6.53 41.47 1.90
N ASP B 111 -7.10 42.48 2.57
CA ASP B 111 -7.52 43.72 1.93
C ASP B 111 -6.65 44.87 2.44
N LEU B 112 -6.37 45.83 1.55
CA LEU B 112 -5.40 46.87 1.90
C LEU B 112 -5.83 47.67 3.12
N MET B 113 -7.12 48.00 3.22
CA MET B 113 -7.58 48.71 4.41
C MET B 113 -7.30 47.88 5.67
N GLY B 114 -7.63 46.60 5.63
CA GLY B 114 -7.39 45.75 6.77
C GLY B 114 -5.95 45.81 7.22
N LEU B 115 -5.01 45.68 6.28
CA LEU B 115 -3.61 45.67 6.64
C LEU B 115 -3.18 47.02 7.21
N LEU B 116 -3.65 48.13 6.65
CA LEU B 116 -3.29 49.44 7.21
C LEU B 116 -3.97 49.65 8.56
N GLU B 117 -5.24 49.24 8.68
CA GLU B 117 -5.97 49.49 9.92
C GLU B 117 -5.46 48.62 11.06
N SER B 118 -4.97 47.42 10.75
CA SER B 118 -4.34 46.58 11.76
C SER B 118 -2.92 47.06 12.09
N GLY B 119 -2.44 48.08 11.40
CA GLY B 119 -1.11 48.62 11.61
C GLY B 119 0.00 47.62 11.45
N LEU B 120 -0.22 46.58 10.67
CA LEU B 120 0.69 45.45 10.59
C LEU B 120 1.55 45.51 9.34
N VAL B 121 1.58 46.62 8.63
CA VAL B 121 2.30 46.68 7.37
C VAL B 121 3.22 47.89 7.39
N HIS B 122 4.41 47.68 6.84
CA HIS B 122 5.40 48.70 6.58
C HIS B 122 5.75 48.60 5.11
N PHE B 123 5.47 49.64 4.36
CA PHE B 123 5.72 49.67 2.94
C PHE B 123 7.00 50.46 2.67
N SER B 124 7.95 49.80 2.01
CA SER B 124 9.17 50.44 1.56
C SER B 124 8.91 51.05 0.19
N GLU B 125 9.77 51.97 -0.23
CA GLU B 125 9.59 52.55 -1.56
C GLU B 125 9.40 51.44 -2.59
N ASP B 126 10.28 50.43 -2.56
CA ASP B 126 10.18 49.33 -3.51
C ASP B 126 8.86 48.58 -3.40
N HIS B 127 8.31 48.47 -2.19
CA HIS B 127 6.99 47.86 -2.06
C HIS B 127 5.92 48.69 -2.71
N ILE B 128 5.94 50.01 -2.50
CA ILE B 128 4.91 50.86 -3.09
C ILE B 128 4.99 50.79 -4.61
N LYS B 129 6.20 50.70 -5.16
CA LYS B 129 6.36 50.59 -6.60
C LYS B 129 5.63 49.37 -7.14
N SER B 130 5.85 48.20 -6.52
CA SER B 130 5.20 46.99 -7.00
C SER B 130 3.68 47.07 -6.86
N PHE B 131 3.21 47.71 -5.79
CA PHE B 131 1.78 47.80 -5.55
C PHE B 131 1.13 48.76 -6.55
N MET B 132 1.66 49.98 -6.65
CA MET B 132 1.06 50.96 -7.54
C MET B 132 1.19 50.52 -8.99
N LYS B 133 2.27 49.83 -9.35
CA LYS B 133 2.40 49.36 -10.73
C LYS B 133 1.30 48.39 -11.10
N GLN B 134 1.02 47.41 -10.23
CA GLN B 134 -0.05 46.47 -10.53
C GLN B 134 -1.40 47.20 -10.57
N LEU B 135 -1.67 48.03 -9.57
CA LEU B 135 -2.93 48.75 -9.50
C LEU B 135 -3.19 49.55 -10.76
N MET B 136 -2.21 50.36 -11.18
CA MET B 136 -2.38 51.21 -12.34
C MET B 136 -2.30 50.46 -13.65
N GLU B 137 -1.61 49.31 -13.67
CA GLU B 137 -1.67 48.49 -14.86
C GLU B 137 -3.06 47.91 -15.04
N GLY B 138 -3.68 47.48 -13.93
CA GLY B 138 -5.04 47.00 -14.01
C GLY B 138 -6.00 48.10 -14.41
N LEU B 139 -5.86 49.28 -13.79
CA LEU B 139 -6.72 50.39 -14.16
C LEU B 139 -6.58 50.70 -15.64
N GLU B 140 -5.36 50.62 -16.17
CA GLU B 140 -5.13 50.84 -17.60
C GLU B 140 -5.85 49.81 -18.45
N TYR B 141 -5.78 48.53 -18.10
CA TYR B 141 -6.50 47.53 -18.86
C TYR B 141 -7.97 47.90 -18.95
N CYS B 142 -8.58 48.22 -17.80
CA CYS B 142 -9.98 48.57 -17.76
C CYS B 142 -10.24 49.87 -18.51
N HIS B 143 -9.39 50.87 -18.30
CA HIS B 143 -9.60 52.14 -18.99
C HIS B 143 -9.40 52.00 -20.49
N LYS B 144 -8.56 51.06 -20.92
CA LYS B 144 -8.42 50.80 -22.36
C LYS B 144 -9.64 50.08 -22.91
N LYS B 145 -10.29 49.24 -22.10
CA LYS B 145 -11.53 48.60 -22.50
C LYS B 145 -12.75 49.53 -22.37
N ASN B 146 -12.53 50.76 -21.89
CA ASN B 146 -13.54 51.81 -21.77
C ASN B 146 -14.56 51.52 -20.66
N PHE B 147 -14.17 50.78 -19.63
CA PHE B 147 -14.98 50.55 -18.44
C PHE B 147 -14.43 51.43 -17.31
N LEU B 148 -15.32 51.93 -16.45
CA LEU B 148 -14.91 52.81 -15.35
C LEU B 148 -15.26 52.15 -14.02
N HIS B 149 -14.29 52.12 -13.09
CA HIS B 149 -14.53 51.55 -11.76
C HIS B 149 -15.49 52.43 -10.97
N ARG B 150 -15.32 53.76 -11.07
CA ARG B 150 -16.19 54.72 -10.43
C ARG B 150 -16.17 54.65 -8.90
N ASP B 151 -15.57 53.59 -8.34
CA ASP B 151 -15.40 53.47 -6.88
C ASP B 151 -14.07 52.82 -6.54
N ILE B 152 -13.04 53.62 -6.22
CA ILE B 152 -11.76 53.10 -5.76
C ILE B 152 -11.58 53.42 -4.27
N LYS B 153 -11.23 52.41 -3.48
CA LYS B 153 -11.05 52.51 -2.03
C LYS B 153 -10.02 51.49 -1.59
N CYS B 154 -9.47 51.67 -0.38
CA CYS B 154 -8.51 50.70 0.13
C CYS B 154 -9.18 49.34 0.38
N SER B 155 -10.44 49.35 0.78
CA SER B 155 -11.16 48.11 1.00
C SER B 155 -11.28 47.32 -0.29
N ASN B 156 -11.28 48.02 -1.44
CA ASN B 156 -11.53 47.35 -2.70
C ASN B 156 -10.27 46.77 -3.35
N ILE B 157 -9.07 47.15 -2.91
CA ILE B 157 -7.83 46.59 -3.44
C ILE B 157 -7.40 45.46 -2.52
N LEU B 158 -7.33 44.25 -3.06
CA LEU B 158 -6.98 43.06 -2.31
C LEU B 158 -5.60 42.62 -2.76
N LEU B 159 -4.81 42.11 -1.84
CA LEU B 159 -3.47 41.62 -2.12
C LEU B 159 -3.34 40.21 -1.58
N ASN B 160 -2.73 39.34 -2.36
CA ASN B 160 -2.39 38.04 -1.80
C ASN B 160 -1.11 38.17 -1.00
N ASN B 161 -0.85 37.20 -0.13
CA ASN B 161 0.38 37.26 0.64
C ASN B 161 1.57 37.20 -0.30
N SER B 162 1.37 36.64 -1.50
CA SER B 162 2.42 36.54 -2.50
C SER B 162 2.82 37.89 -3.07
N GLY B 163 2.05 38.94 -2.85
CA GLY B 163 2.37 40.25 -3.34
C GLY B 163 1.65 40.63 -4.61
N GLN B 164 0.75 39.78 -5.08
CA GLN B 164 -0.10 40.08 -6.21
C GLN B 164 -1.23 40.99 -5.75
N ILE B 165 -1.63 41.91 -6.61
CA ILE B 165 -2.69 42.87 -6.32
C ILE B 165 -3.85 42.61 -7.28
N LYS B 166 -5.06 42.84 -6.79
CA LYS B 166 -6.26 42.64 -7.59
C LYS B 166 -7.32 43.67 -7.21
N LEU B 167 -8.08 44.12 -8.20
CA LEU B 167 -9.23 45.01 -8.01
C LEU B 167 -10.53 44.23 -7.91
N ALA B 168 -11.44 44.66 -7.00
CA ALA B 168 -12.63 43.85 -6.76
C ALA B 168 -13.88 44.68 -6.43
N ASP B 169 -14.09 45.81 -7.12
CA ASP B 169 -15.33 46.57 -6.91
C ASP B 169 -15.84 47.01 -8.26
N PHE B 170 -16.42 46.07 -9.01
CA PHE B 170 -17.07 46.41 -10.26
C PHE B 170 -18.58 46.52 -10.08
N GLY B 171 -19.03 46.66 -8.83
CA GLY B 171 -20.45 46.81 -8.58
C GLY B 171 -21.02 48.11 -9.11
N LEU B 172 -20.22 49.17 -9.07
CA LEU B 172 -20.60 50.48 -9.58
C LEU B 172 -19.82 50.84 -10.85
N ALA B 173 -19.66 49.89 -11.76
CA ALA B 173 -18.93 50.12 -13.01
C ALA B 173 -19.86 50.27 -14.22
N ARG B 174 -19.49 51.16 -15.14
CA ARG B 174 -20.22 51.41 -16.36
C ARG B 174 -19.23 51.86 -17.44
N LEU B 175 -19.61 51.64 -18.70
CA LEU B 175 -18.78 52.05 -19.84
C LEU B 175 -18.87 53.56 -20.08
N TYR B 176 -17.75 54.14 -20.53
CA TYR B 176 -17.64 55.55 -20.84
C TYR B 176 -17.40 55.67 -22.34
N ASN B 177 -18.19 56.50 -23.01
CA ASN B 177 -18.03 56.74 -24.44
C ASN B 177 -17.42 58.12 -24.63
N SER B 178 -16.21 58.15 -25.18
CA SER B 178 -15.46 59.38 -25.33
C SER B 178 -16.17 60.39 -26.22
N GLU B 179 -16.54 59.98 -27.44
CA GLU B 179 -17.18 60.92 -28.34
C GLU B 179 -18.59 61.31 -27.88
N GLU B 180 -19.31 60.38 -27.24
CA GLU B 180 -20.70 60.60 -26.84
C GLU B 180 -20.88 60.57 -25.32
N SER B 181 -20.89 61.76 -24.71
CA SER B 181 -21.14 61.92 -23.28
C SER B 181 -22.62 61.96 -22.91
N ARG B 182 -22.96 61.24 -21.84
CA ARG B 182 -24.32 61.09 -21.33
C ARG B 182 -24.36 61.33 -19.82
N PRO B 183 -25.56 61.59 -19.26
CA PRO B 183 -25.64 61.81 -17.81
C PRO B 183 -25.27 60.55 -17.02
N TYR B 184 -24.36 60.73 -16.07
CA TYR B 184 -23.97 59.67 -15.13
C TYR B 184 -24.32 60.04 -13.67
N TPO B 185 -24.38 59.04 -12.80
CA TPO B 185 -24.67 59.23 -11.37
CB TPO B 185 -24.77 57.87 -10.66
CG2 TPO B 185 -25.25 58.04 -9.23
OG1 TPO B 185 -25.78 57.20 -11.43
P TPO B 185 -25.51 55.63 -11.66
O1P TPO B 185 -24.31 55.49 -12.74
O2P TPO B 185 -25.11 54.86 -10.31
O3P TPO B 185 -26.76 55.03 -12.22
C TPO B 185 -23.61 60.08 -10.72
O TPO B 185 -22.43 59.74 -10.75
H TPO B 185 -24.25 58.22 -13.01
HA TPO B 185 -25.54 59.68 -11.27
HB TPO B 185 -23.81 57.34 -10.61
HG21 TPO B 185 -25.46 57.06 -8.80
HG22 TPO B 185 -26.15 58.64 -9.24
HG23 TPO B 185 -24.48 58.54 -8.65
N ASN B 186 -24.02 61.19 -10.11
CA ASN B 186 -23.05 62.11 -9.52
C ASN B 186 -22.22 61.57 -8.38
N LYS B 187 -22.86 60.95 -7.40
CA LYS B 187 -22.20 60.48 -6.18
C LYS B 187 -21.76 59.04 -6.38
N VAL B 188 -20.51 58.84 -6.78
CA VAL B 188 -20.02 57.50 -7.09
C VAL B 188 -18.89 56.99 -6.19
N ILE B 189 -18.08 57.85 -5.55
CA ILE B 189 -16.93 57.35 -4.78
C ILE B 189 -17.06 57.63 -3.28
N THR B 190 -16.41 56.80 -2.46
CA THR B 190 -16.40 57.06 -1.01
C THR B 190 -15.77 58.43 -0.81
N LEU B 191 -16.35 59.24 0.06
CA LEU B 191 -15.99 60.65 0.08
C LEU B 191 -14.48 60.82 0.16
N TRP B 192 -13.81 59.97 0.93
CA TRP B 192 -12.37 60.09 1.13
C TRP B 192 -11.60 60.02 -0.17
N TYR B 193 -12.08 59.22 -1.12
CA TYR B 193 -11.40 59.07 -2.40
C TYR B 193 -12.22 59.64 -3.56
N ARG B 194 -12.99 60.71 -3.29
CA ARG B 194 -13.82 61.28 -4.37
C ARG B 194 -13.10 62.47 -4.96
N PRO B 195 -13.03 62.57 -6.29
CA PRO B 195 -12.33 63.70 -6.93
C PRO B 195 -13.11 64.99 -6.77
N PRO B 196 -12.44 66.13 -6.97
CA PRO B 196 -13.17 67.40 -6.85
C PRO B 196 -14.30 67.56 -7.86
N GLU B 197 -14.16 67.01 -9.07
CA GLU B 197 -15.22 67.14 -10.06
C GLU B 197 -16.55 66.59 -9.53
N LEU B 198 -16.53 65.39 -8.94
CA LEU B 198 -17.74 64.77 -8.40
C LEU B 198 -18.19 65.45 -7.10
N LEU B 199 -17.27 66.09 -6.37
CA LEU B 199 -17.69 66.92 -5.24
C LEU B 199 -18.43 68.16 -5.72
N LEU B 200 -18.01 68.72 -6.84
CA LEU B 200 -18.70 69.85 -7.44
C LEU B 200 -19.82 69.39 -8.37
N GLY B 201 -20.03 68.09 -8.50
CA GLY B 201 -21.23 67.59 -9.12
C GLY B 201 -21.18 67.31 -10.60
N GLU B 202 -20.00 67.26 -11.21
CA GLU B 202 -19.94 67.01 -12.64
C GLU B 202 -20.52 65.63 -12.92
N GLU B 203 -21.55 65.58 -13.76
CA GLU B 203 -22.19 64.32 -14.07
C GLU B 203 -21.62 63.61 -15.28
N ARG B 204 -20.95 64.32 -16.17
CA ARG B 204 -20.31 63.69 -17.33
C ARG B 204 -18.84 63.59 -16.95
N TYR B 205 -18.47 62.50 -16.30
CA TYR B 205 -17.13 62.40 -15.74
C TYR B 205 -16.21 61.59 -16.65
N THR B 206 -14.93 61.93 -16.60
CA THR B 206 -13.90 61.27 -17.37
C THR B 206 -13.44 60.04 -16.61
N PRO B 207 -12.67 59.15 -17.26
CA PRO B 207 -12.04 58.05 -16.51
C PRO B 207 -11.10 58.51 -15.43
N ALA B 208 -10.72 59.79 -15.43
CA ALA B 208 -9.74 60.29 -14.47
C ALA B 208 -10.29 60.38 -13.04
N ILE B 209 -11.58 60.14 -12.84
CA ILE B 209 -12.11 60.09 -11.47
C ILE B 209 -11.43 58.99 -10.68
N ASP B 210 -11.18 57.85 -11.33
CA ASP B 210 -10.49 56.75 -10.68
C ASP B 210 -9.03 57.08 -10.39
N VAL B 211 -8.38 57.84 -11.27
CA VAL B 211 -6.98 58.21 -11.04
C VAL B 211 -6.84 59.00 -9.74
N TRP B 212 -7.72 59.98 -9.52
CA TRP B 212 -7.63 60.77 -8.30
C TRP B 212 -7.60 59.86 -7.08
N SER B 213 -8.50 58.88 -7.07
CA SER B 213 -8.57 57.92 -5.98
C SER B 213 -7.25 57.16 -5.83
N CYS B 214 -6.71 56.64 -6.94
CA CYS B 214 -5.48 55.86 -6.85
C CYS B 214 -4.34 56.71 -6.30
N GLY B 215 -4.38 58.02 -6.52
CA GLY B 215 -3.37 58.90 -6.00
C GLY B 215 -3.53 59.10 -4.51
N CYS B 216 -4.77 59.33 -4.09
CA CYS B 216 -5.07 59.37 -2.66
C CYS B 216 -4.46 58.17 -1.95
N ILE B 217 -4.46 57.02 -2.62
CA ILE B 217 -3.87 55.83 -2.04
C ILE B 217 -2.35 55.98 -2.00
N LEU B 218 -1.74 56.51 -3.06
CA LEU B 218 -0.29 56.65 -3.08
C LEU B 218 0.19 57.44 -1.87
N GLY B 219 -0.46 58.57 -1.59
CA GLY B 219 -0.13 59.29 -0.37
C GLY B 219 -0.39 58.48 0.88
N GLU B 220 -1.50 57.74 0.90
CA GLU B 220 -1.85 56.94 2.07
C GLU B 220 -0.80 55.88 2.37
N LEU B 221 -0.22 55.28 1.34
CA LEU B 221 0.80 54.26 1.55
C LEU B 221 2.06 54.86 2.15
N PHE B 222 2.33 56.15 1.86
CA PHE B 222 3.52 56.79 2.38
C PHE B 222 3.28 57.38 3.77
N THR B 223 2.03 57.74 4.09
CA THR B 223 1.71 58.26 5.41
C THR B 223 1.09 57.20 6.30
N LYS B 224 0.43 56.18 5.71
CA LYS B 224 -0.34 55.17 6.43
C LYS B 224 -1.63 55.74 6.99
N LYS B 225 -1.98 56.96 6.58
CA LYS B 225 -3.19 57.68 6.99
C LYS B 225 -3.86 58.25 5.74
N PRO B 226 -5.16 58.03 5.54
CA PRO B 226 -5.84 58.66 4.38
C PRO B 226 -5.60 60.16 4.36
N ILE B 227 -5.61 60.72 3.15
CA ILE B 227 -5.20 62.12 3.00
C ILE B 227 -6.35 63.07 3.27
N PHE B 228 -7.52 62.79 2.72
CA PHE B 228 -8.66 63.69 2.78
C PHE B 228 -9.75 62.97 3.56
N GLN B 229 -9.75 63.16 4.86
CA GLN B 229 -10.72 62.52 5.75
C GLN B 229 -11.73 63.59 6.17
N ALA B 230 -12.95 63.46 5.68
CA ALA B 230 -14.02 64.39 6.01
C ALA B 230 -15.31 63.62 6.10
N ASN B 231 -16.32 64.26 6.71
CA ASN B 231 -17.62 63.65 6.84
C ASN B 231 -18.63 64.21 5.86
N LEU B 232 -18.42 65.45 5.40
CA LEU B 232 -19.37 66.14 4.55
C LEU B 232 -18.67 66.65 3.30
N GLU B 233 -19.44 66.78 2.23
CA GLU B 233 -18.88 67.08 0.92
C GLU B 233 -18.15 68.42 0.91
N LEU B 234 -18.65 69.40 1.66
CA LEU B 234 -17.97 70.70 1.69
C LEU B 234 -16.64 70.59 2.44
N ALA B 235 -16.64 69.94 3.60
CA ALA B 235 -15.41 69.78 4.36
C ALA B 235 -14.32 69.08 3.54
N GLN B 236 -14.73 68.14 2.70
CA GLN B 236 -13.79 67.41 1.85
C GLN B 236 -13.17 68.35 0.82
N LEU B 237 -14.00 69.17 0.17
CA LEU B 237 -13.47 70.14 -0.78
C LEU B 237 -12.48 71.07 -0.09
N GLU B 238 -12.75 71.41 1.18
CA GLU B 238 -11.85 72.27 1.94
C GLU B 238 -10.50 71.60 2.16
N LEU B 239 -10.52 70.33 2.57
CA LEU B 239 -9.25 69.63 2.79
C LEU B 239 -8.47 69.50 1.50
N ILE B 240 -9.13 69.06 0.43
CA ILE B 240 -8.48 69.00 -0.87
C ILE B 240 -7.90 70.36 -1.22
N SER B 241 -8.68 71.42 -0.98
CA SER B 241 -8.23 72.77 -1.33
C SER B 241 -7.04 73.19 -0.48
N ARG B 242 -7.02 72.81 0.80
CA ARG B 242 -5.88 73.19 1.64
C ARG B 242 -4.58 72.63 1.08
N LEU B 243 -4.65 71.50 0.41
CA LEU B 243 -3.46 70.84 -0.13
C LEU B 243 -3.25 71.12 -1.61
N CYS B 244 -4.26 70.87 -2.44
CA CYS B 244 -4.13 70.98 -3.88
C CYS B 244 -4.34 72.39 -4.41
N GLY B 245 -4.97 73.26 -3.64
CA GLY B 245 -5.34 74.58 -4.10
C GLY B 245 -6.84 74.67 -4.36
N SER B 246 -7.35 75.87 -4.28
CA SER B 246 -8.78 76.04 -4.44
C SER B 246 -9.15 75.98 -5.92
N PRO B 247 -10.24 75.30 -6.28
CA PRO B 247 -10.70 75.35 -7.68
C PRO B 247 -10.95 76.78 -8.11
N CYS B 248 -10.35 77.16 -9.23
CA CYS B 248 -10.52 78.49 -9.79
C CYS B 248 -10.15 78.42 -11.26
N PRO B 249 -10.74 79.27 -12.11
CA PRO B 249 -10.44 79.20 -13.55
C PRO B 249 -8.97 79.30 -13.86
N ALA B 250 -8.14 79.82 -12.95
CA ALA B 250 -6.72 79.93 -13.20
C ALA B 250 -6.09 78.57 -13.49
N VAL B 251 -6.58 77.52 -12.81
CA VAL B 251 -6.10 76.17 -13.06
C VAL B 251 -7.15 75.25 -13.66
N TRP B 252 -8.44 75.49 -13.42
CA TRP B 252 -9.52 74.62 -13.87
C TRP B 252 -10.42 75.51 -14.69
N PRO B 253 -10.13 75.67 -15.98
CA PRO B 253 -10.88 76.67 -16.76
C PRO B 253 -12.36 76.37 -16.82
N ASP B 254 -12.74 75.09 -16.75
CA ASP B 254 -14.13 74.67 -16.85
C ASP B 254 -14.80 74.52 -15.50
N VAL B 255 -14.15 74.98 -14.41
CA VAL B 255 -14.75 74.89 -13.10
C VAL B 255 -16.06 75.67 -13.05
N ILE B 256 -16.13 76.78 -13.79
CA ILE B 256 -17.34 77.57 -13.86
C ILE B 256 -18.47 76.79 -14.52
N ARG B 257 -18.13 75.84 -15.41
CA ARG B 257 -19.19 75.04 -16.02
C ARG B 257 -19.76 74.01 -15.06
N LEU B 258 -19.03 73.66 -14.00
CA LEU B 258 -19.50 72.64 -13.07
C LEU B 258 -20.61 73.21 -12.19
N PRO B 259 -21.62 72.40 -11.84
CA PRO B 259 -22.83 72.96 -11.22
C PRO B 259 -22.61 73.77 -9.97
N TYR B 260 -21.79 73.32 -9.03
CA TYR B 260 -21.75 73.92 -7.70
C TYR B 260 -20.58 74.88 -7.51
N PHE B 261 -19.94 75.35 -8.58
CA PHE B 261 -18.78 76.21 -8.39
C PHE B 261 -19.15 77.51 -7.67
N ASN B 262 -20.24 78.17 -8.10
CA ASN B 262 -20.65 79.37 -7.40
C ASN B 262 -21.18 79.03 -6.00
N THR B 263 -21.78 77.83 -5.84
CA THR B 263 -22.35 77.45 -4.56
C THR B 263 -21.27 77.08 -3.54
N MET B 264 -20.35 76.17 -3.92
CA MET B 264 -19.38 75.57 -2.99
C MET B 264 -18.02 76.27 -3.02
N LYS B 265 -17.86 77.29 -2.16
CA LYS B 265 -16.53 77.91 -2.04
C LYS B 265 -15.77 77.48 -0.79
N PRO B 266 -14.47 77.22 -0.89
CA PRO B 266 -13.65 76.99 0.32
C PRO B 266 -13.38 78.28 1.08
N LYS B 267 -12.91 78.12 2.32
CA LYS B 267 -12.66 79.27 3.19
C LYS B 267 -11.82 80.33 2.51
N LYS B 268 -10.83 79.91 1.73
CA LYS B 268 -9.93 80.83 1.07
C LYS B 268 -9.67 80.32 -0.34
N GLN B 269 -8.99 81.14 -1.13
CA GLN B 269 -8.45 80.69 -2.40
C GLN B 269 -7.03 80.27 -2.06
N TYR B 270 -6.87 79.00 -1.69
CA TYR B 270 -5.62 78.48 -1.18
C TYR B 270 -4.63 78.31 -2.33
N ARG B 271 -3.34 78.35 -1.99
CA ARG B 271 -2.28 78.01 -2.92
C ARG B 271 -1.94 76.54 -2.74
N ARG B 272 -1.52 75.90 -3.83
CA ARG B 272 -1.14 74.49 -3.77
C ARG B 272 0.12 74.31 -2.95
N ARG B 273 0.05 73.39 -1.98
CA ARG B 273 1.18 73.06 -1.10
C ARG B 273 1.55 71.58 -1.18
N LEU B 274 1.03 70.85 -2.17
CA LEU B 274 1.20 69.39 -2.18
C LEU B 274 2.67 69.00 -2.05
N ARG B 275 3.56 69.67 -2.77
CA ARG B 275 4.98 69.34 -2.65
C ARG B 275 5.56 69.68 -1.29
N GLU B 276 5.03 70.71 -0.62
CA GLU B 276 5.57 71.06 0.69
C GLU B 276 5.14 70.07 1.76
N GLU B 277 3.84 69.76 1.84
CA GLU B 277 3.35 68.88 2.87
C GLU B 277 3.78 67.43 2.64
N PHE B 278 4.16 67.09 1.41
CA PHE B 278 4.72 65.77 1.11
C PHE B 278 6.20 65.81 0.77
N SER B 279 6.97 66.72 1.37
CA SER B 279 8.39 66.81 1.03
C SER B 279 9.18 65.62 1.54
N PHE B 280 8.59 64.75 2.36
CA PHE B 280 9.28 63.56 2.84
C PHE B 280 9.18 62.40 1.86
N ILE B 281 8.46 62.56 0.74
CA ILE B 281 8.23 61.51 -0.23
C ILE B 281 9.35 61.54 -1.29
N PRO B 282 9.74 60.41 -1.86
CA PRO B 282 10.77 60.42 -2.92
C PRO B 282 10.35 61.28 -4.10
N SER B 283 11.35 61.81 -4.80
CA SER B 283 11.06 62.76 -5.88
C SER B 283 10.19 62.12 -6.96
N ALA B 284 10.55 60.91 -7.41
CA ALA B 284 9.76 60.25 -8.43
C ALA B 284 8.32 60.03 -7.98
N ALA B 285 8.13 59.71 -6.70
CA ALA B 285 6.79 59.49 -6.21
C ALA B 285 6.03 60.81 -6.10
N LEU B 286 6.67 61.85 -5.58
CA LEU B 286 6.00 63.13 -5.42
C LEU B 286 5.49 63.66 -6.76
N ASP B 287 6.29 63.51 -7.82
CA ASP B 287 5.83 63.93 -9.14
C ASP B 287 4.60 63.12 -9.56
N LEU B 288 4.60 61.82 -9.27
CA LEU B 288 3.42 61.01 -9.57
C LEU B 288 2.21 61.49 -8.78
N LEU B 289 2.41 61.76 -7.48
CA LEU B 289 1.30 62.24 -6.65
C LEU B 289 0.79 63.61 -7.14
N ASP B 290 1.73 64.54 -7.41
CA ASP B 290 1.33 65.89 -7.81
C ASP B 290 0.48 65.86 -9.07
N HIS B 291 0.83 65.00 -10.03
CA HIS B 291 0.10 64.93 -11.29
C HIS B 291 -1.21 64.17 -11.13
N MET B 292 -1.21 63.10 -10.33
CA MET B 292 -2.44 62.35 -10.11
C MET B 292 -3.45 63.17 -9.30
N LEU B 293 -2.98 64.02 -8.40
CA LEU B 293 -3.86 64.85 -7.58
C LEU B 293 -4.03 66.25 -8.18
N THR B 294 -4.19 66.31 -9.49
CA THR B 294 -4.46 67.54 -10.22
C THR B 294 -5.96 67.85 -10.23
N LEU B 295 -6.29 69.12 -9.98
CA LEU B 295 -7.70 69.48 -9.81
C LEU B 295 -8.48 69.28 -11.10
N ASP B 296 -7.95 69.73 -12.22
CA ASP B 296 -8.67 69.67 -13.50
C ASP B 296 -8.57 68.27 -14.07
N PRO B 297 -9.68 67.54 -14.20
CA PRO B 297 -9.58 66.15 -14.71
C PRO B 297 -8.98 66.07 -16.10
N SER B 298 -9.11 67.13 -16.91
CA SER B 298 -8.51 67.15 -18.24
C SER B 298 -7.01 67.38 -18.18
N LYS B 299 -6.47 67.85 -17.06
CA LYS B 299 -5.04 68.00 -16.86
C LYS B 299 -4.45 66.90 -15.99
N ARG B 300 -5.30 66.09 -15.35
CA ARG B 300 -4.85 64.98 -14.54
C ARG B 300 -4.34 63.84 -15.41
N CYS B 301 -3.19 63.28 -15.06
CA CYS B 301 -2.58 62.21 -15.86
C CYS B 301 -3.48 60.98 -15.96
N THR B 302 -3.28 60.22 -17.04
CA THR B 302 -3.98 58.98 -17.28
C THR B 302 -3.15 57.80 -16.77
N ALA B 303 -3.74 56.60 -16.83
CA ALA B 303 -3.04 55.41 -16.37
C ALA B 303 -1.78 55.14 -17.21
N GLU B 304 -1.90 55.19 -18.54
CA GLU B 304 -0.74 54.90 -19.37
C GLU B 304 0.41 55.85 -19.06
N GLN B 305 0.08 57.11 -18.80
CA GLN B 305 1.11 58.09 -18.47
C GLN B 305 1.72 57.78 -17.10
N THR B 306 0.91 57.29 -16.15
CA THR B 306 1.43 56.95 -14.82
C THR B 306 2.42 55.80 -14.91
N LEU B 307 2.16 54.82 -15.79
CA LEU B 307 3.09 53.71 -15.96
C LEU B 307 4.38 54.13 -16.66
N GLN B 308 4.32 55.18 -17.46
CA GLN B 308 5.51 55.72 -18.14
C GLN B 308 6.08 56.89 -17.35
N SER B 309 6.21 56.64 -16.05
CA SER B 309 6.75 57.58 -15.07
C SER B 309 8.08 57.07 -14.53
N ASP B 310 8.92 58.01 -14.09
CA ASP B 310 10.18 57.62 -13.48
C ASP B 310 9.97 56.67 -12.30
N PHE B 311 8.79 56.74 -11.67
CA PHE B 311 8.57 55.96 -10.47
C PHE B 311 8.14 54.53 -10.80
N LEU B 312 7.20 54.36 -11.74
CA LEU B 312 6.62 53.06 -12.01
C LEU B 312 7.11 52.40 -13.29
N LYS B 313 7.84 53.12 -14.13
CA LYS B 313 8.25 52.56 -15.41
C LYS B 313 9.22 51.40 -15.24
N ASP B 314 10.31 51.62 -14.52
CA ASP B 314 11.41 50.67 -14.42
C ASP B 314 11.27 49.77 -13.22
N VAL B 315 10.06 49.35 -12.87
CA VAL B 315 9.84 48.35 -11.84
C VAL B 315 9.65 47.00 -12.50
N GLU B 316 10.37 45.99 -12.02
CA GLU B 316 10.27 44.67 -12.62
C GLU B 316 9.11 43.95 -11.94
N LEU B 317 8.10 43.58 -12.72
CA LEU B 317 6.93 42.97 -12.13
C LEU B 317 7.24 41.60 -11.54
N SER B 318 8.26 40.93 -12.09
CA SER B 318 8.69 39.63 -11.57
C SER B 318 9.21 39.72 -10.15
N LYS B 319 9.81 40.85 -9.76
CA LYS B 319 10.42 40.95 -8.44
C LYS B 319 9.39 40.70 -7.34
N MET B 320 8.20 41.27 -7.50
CA MET B 320 7.07 41.08 -6.59
C MET B 320 7.50 41.00 -5.13
N ALA B 321 8.23 42.01 -4.68
CA ALA B 321 8.65 42.01 -3.30
C ALA B 321 7.40 41.98 -2.43
N PRO B 322 7.21 40.97 -1.58
CA PRO B 322 6.03 40.94 -0.73
C PRO B 322 6.08 42.15 0.27
N PRO B 323 4.91 42.65 0.63
CA PRO B 323 4.91 43.66 1.71
C PRO B 323 5.30 42.98 3.02
N ASP B 324 5.65 43.79 4.00
CA ASP B 324 6.16 43.25 5.26
C ASP B 324 5.01 43.03 6.24
N LEU B 325 4.86 41.79 6.72
CA LEU B 325 3.87 41.49 7.75
C LEU B 325 4.59 40.78 8.89
N PRO B 326 4.41 41.25 10.13
CA PRO B 326 5.16 40.67 11.26
C PRO B 326 4.32 39.66 12.02
N HIS B 327 4.08 38.50 11.41
CA HIS B 327 3.07 37.61 11.98
C HIS B 327 3.48 37.09 13.35
N TRP B 328 4.76 36.75 13.55
CA TRP B 328 5.11 36.21 14.87
C TRP B 328 5.41 37.30 15.90
N GLN B 329 6.15 38.36 15.51
CA GLN B 329 6.47 39.41 16.48
C GLN B 329 5.20 40.01 17.08
N ASP B 330 4.13 40.08 16.30
CA ASP B 330 2.89 40.67 16.77
C ASP B 330 2.34 39.94 17.98
N CYS B 331 2.53 38.63 18.03
CA CYS B 331 1.94 37.84 19.11
C CYS B 331 2.35 38.39 20.47
N HIS B 332 3.65 38.62 20.65
CA HIS B 332 4.16 39.34 21.81
C HIS B 332 4.75 40.69 21.41
N THR C 24 -14.60 28.25 -20.72
CA THR C 24 -14.51 29.70 -20.57
C THR C 24 -15.85 30.37 -20.91
N LYS C 25 -16.13 30.58 -22.20
CA LYS C 25 -17.36 31.18 -22.71
C LYS C 25 -18.14 30.24 -23.63
N PRO C 26 -19.48 30.34 -23.62
CA PRO C 26 -20.31 29.35 -24.33
C PRO C 26 -20.40 29.61 -25.83
N CYS C 27 -20.85 28.59 -26.55
CA CYS C 27 -21.09 28.67 -28.00
C CYS C 27 -22.56 28.98 -28.21
N TRP C 28 -22.86 30.14 -28.82
CA TRP C 28 -24.25 30.55 -28.98
C TRP C 28 -24.74 30.46 -30.42
N TYR C 29 -24.13 29.65 -31.26
CA TYR C 29 -24.50 29.60 -32.67
C TYR C 29 -24.77 28.16 -33.09
N TRP C 30 -25.89 27.95 -33.76
CA TRP C 30 -26.32 26.65 -34.24
C TRP C 30 -26.37 26.69 -35.77
N ASP C 31 -26.52 25.51 -36.37
CA ASP C 31 -26.68 25.36 -37.82
C ASP C 31 -28.16 25.34 -38.20
N LYS C 32 -28.47 25.88 -39.38
CA LYS C 32 -29.85 25.93 -39.84
C LYS C 32 -30.54 24.57 -39.68
N LYS C 33 -29.83 23.50 -40.03
CA LYS C 33 -30.39 22.16 -39.92
C LYS C 33 -30.79 21.81 -38.50
N ASP C 34 -30.09 22.38 -37.52
CA ASP C 34 -30.37 22.05 -36.13
C ASP C 34 -31.66 22.68 -35.63
N LEU C 35 -32.20 23.65 -36.36
CA LEU C 35 -33.39 24.38 -35.93
C LEU C 35 -34.68 23.60 -36.11
N ALA C 36 -34.64 22.43 -36.76
CA ALA C 36 -35.77 21.52 -36.81
C ALA C 36 -35.83 20.63 -35.57
N HIS C 37 -34.87 20.78 -34.66
CA HIS C 37 -34.78 19.99 -33.44
C HIS C 37 -34.79 20.94 -32.24
N THR C 38 -35.45 22.09 -32.41
CA THR C 38 -35.76 22.93 -31.27
C THR C 38 -36.76 22.17 -30.41
N PRO C 39 -36.78 22.42 -29.10
CA PRO C 39 -37.76 21.72 -28.26
C PRO C 39 -39.18 21.86 -28.77
N SER C 40 -39.54 23.06 -29.20
CA SER C 40 -40.91 23.32 -29.65
C SER C 40 -41.26 22.42 -30.83
N GLN C 41 -40.36 22.32 -31.81
CA GLN C 41 -40.64 21.49 -32.97
C GLN C 41 -40.96 20.07 -32.55
N LEU C 42 -40.23 19.55 -31.57
CA LEU C 42 -40.44 18.16 -31.16
C LEU C 42 -41.72 18.01 -30.37
N GLU C 43 -42.20 19.08 -29.73
CA GLU C 43 -43.48 19.03 -29.04
C GLU C 43 -44.66 19.22 -29.97
N GLY C 44 -44.42 19.43 -31.26
CA GLY C 44 -45.47 19.45 -32.27
C GLY C 44 -45.67 20.78 -32.98
N LEU C 45 -44.92 21.83 -32.68
CA LEU C 45 -44.99 23.07 -33.40
C LEU C 45 -44.35 22.88 -34.76
N ASP C 46 -45.01 23.34 -35.84
CA ASP C 46 -44.45 23.15 -37.17
C ASP C 46 -43.47 24.27 -37.49
N PRO C 47 -42.54 24.05 -38.43
CA PRO C 47 -41.49 25.07 -38.64
C PRO C 47 -42.07 26.46 -38.89
N ALA C 48 -43.16 26.54 -39.65
CA ALA C 48 -43.76 27.84 -39.92
C ALA C 48 -44.24 28.50 -38.64
N THR C 49 -44.88 27.73 -37.76
CA THR C 49 -45.43 28.31 -36.55
C THR C 49 -44.34 28.76 -35.59
N GLU C 50 -43.27 27.98 -35.42
CA GLU C 50 -42.24 28.44 -34.49
C GLU C 50 -41.66 29.77 -34.99
N ALA C 51 -41.44 29.89 -36.30
CA ALA C 51 -40.94 31.15 -36.87
C ALA C 51 -41.94 32.27 -36.71
N ARG C 52 -43.22 31.99 -36.94
CA ARG C 52 -44.24 33.01 -36.68
C ARG C 52 -44.18 33.43 -35.22
N TYR C 53 -44.12 32.45 -34.32
CA TYR C 53 -43.97 32.79 -32.91
C TYR C 53 -42.71 33.61 -32.68
N ARG C 54 -41.64 33.27 -33.40
CA ARG C 54 -40.39 34.00 -33.22
C ARG C 54 -40.53 35.44 -33.66
N ARG C 55 -41.18 35.70 -34.79
CA ARG C 55 -41.37 37.09 -35.22
C ARG C 55 -42.21 37.86 -34.24
N GLU C 56 -43.35 37.29 -33.85
CA GLU C 56 -44.28 37.98 -32.97
C GLU C 56 -43.63 38.33 -31.65
N GLY C 57 -42.88 37.39 -31.07
CA GLY C 57 -42.20 37.69 -29.82
C GLY C 57 -41.15 38.77 -29.98
N ALA C 58 -40.33 38.67 -31.03
CA ALA C 58 -39.31 39.68 -31.26
C ALA C 58 -39.95 41.04 -31.53
N ARG C 59 -40.97 41.08 -32.40
CA ARG C 59 -41.63 42.35 -32.71
C ARG C 59 -42.33 42.92 -31.49
N PHE C 60 -42.88 42.04 -30.65
CA PHE C 60 -43.41 42.47 -29.36
C PHE C 60 -42.32 43.14 -28.53
N ILE C 61 -41.16 42.50 -28.40
CA ILE C 61 -40.06 43.12 -27.66
C ILE C 61 -39.70 44.46 -28.29
N PHE C 62 -39.59 44.50 -29.62
CA PHE C 62 -39.20 45.72 -30.31
C PHE C 62 -40.24 46.83 -30.10
N ASP C 63 -41.51 46.52 -30.37
CA ASP C 63 -42.54 47.55 -30.29
C ASP C 63 -42.68 48.07 -28.87
N VAL C 64 -42.66 47.17 -27.88
CA VAL C 64 -42.80 47.59 -26.50
C VAL C 64 -41.67 48.53 -26.12
N GLY C 65 -40.43 48.15 -26.43
CA GLY C 65 -39.31 48.96 -26.03
C GLY C 65 -39.28 50.29 -26.75
N THR C 66 -39.69 50.30 -28.02
CA THR C 66 -39.80 51.54 -28.76
C THR C 66 -40.86 52.46 -28.13
N ARG C 67 -42.00 51.87 -27.70
CA ARG C 67 -43.02 52.69 -27.03
C ARG C 67 -42.48 53.31 -25.75
N LEU C 68 -41.62 52.58 -25.03
CA LEU C 68 -40.84 53.15 -23.95
C LEU C 68 -39.66 53.86 -24.60
N GLY C 69 -38.75 54.41 -23.81
CA GLY C 69 -37.59 55.03 -24.40
C GLY C 69 -36.34 54.18 -24.28
N LEU C 70 -36.01 53.38 -25.30
CA LEU C 70 -34.92 52.43 -25.21
C LEU C 70 -33.97 52.53 -26.39
N HIS C 71 -32.67 52.40 -26.11
CA HIS C 71 -31.62 52.37 -27.10
C HIS C 71 -31.76 51.12 -27.97
N TYR C 72 -31.33 51.24 -29.23
CA TYR C 72 -31.52 50.13 -30.15
C TYR C 72 -30.81 48.88 -29.65
N ASP C 73 -29.68 49.04 -28.97
CA ASP C 73 -28.98 47.90 -28.41
C ASP C 73 -29.82 47.19 -27.35
N THR C 74 -30.54 47.95 -26.52
CA THR C 74 -31.38 47.31 -25.50
C THR C 74 -32.45 46.44 -26.14
N LEU C 75 -33.09 46.94 -27.20
CA LEU C 75 -34.09 46.14 -27.90
C LEU C 75 -33.47 44.87 -28.46
N ALA C 76 -32.31 45.00 -29.11
CA ALA C 76 -31.67 43.84 -29.71
C ALA C 76 -31.26 42.84 -28.65
N THR C 77 -30.68 43.31 -27.54
CA THR C 77 -30.24 42.41 -26.48
C THR C 77 -31.40 41.55 -25.98
N GLY C 78 -32.56 42.15 -25.74
CA GLY C 78 -33.71 41.36 -25.37
C GLY C 78 -34.04 40.31 -26.41
N ILE C 79 -33.95 40.69 -27.68
CA ILE C 79 -34.33 39.77 -28.75
C ILE C 79 -33.32 38.63 -28.89
N ILE C 80 -32.03 38.91 -28.72
CA ILE C 80 -31.06 37.83 -28.81
C ILE C 80 -31.30 36.86 -27.65
N TYR C 81 -31.59 37.40 -26.46
CA TYR C 81 -31.99 36.57 -25.33
C TYR C 81 -33.21 35.71 -25.65
N PHE C 82 -34.29 36.34 -26.08
CA PHE C 82 -35.52 35.62 -26.40
C PHE C 82 -35.24 34.52 -27.43
N HIS C 83 -34.54 34.85 -28.51
CA HIS C 83 -34.23 33.84 -29.51
C HIS C 83 -33.44 32.68 -28.92
N ARG C 84 -32.40 32.98 -28.13
CA ARG C 84 -31.61 31.91 -27.54
C ARG C 84 -32.45 31.06 -26.60
N PHE C 85 -33.31 31.70 -25.79
CA PHE C 85 -34.15 30.98 -24.83
C PHE C 85 -34.92 29.85 -25.48
N TYR C 86 -35.61 30.12 -26.59
CA TYR C 86 -36.47 29.12 -27.20
C TYR C 86 -35.70 28.15 -28.10
N MET C 87 -34.38 28.21 -28.07
CA MET C 87 -33.50 27.13 -28.49
C MET C 87 -33.21 26.14 -27.37
N PHE C 88 -33.55 26.49 -26.15
CA PHE C 88 -33.37 25.63 -24.98
C PHE C 88 -34.68 25.20 -24.31
N HIS C 89 -35.80 25.86 -24.63
CA HIS C 89 -37.10 25.53 -24.05
C HIS C 89 -38.12 25.56 -25.19
N SER C 90 -39.34 25.11 -24.90
CA SER C 90 -40.40 25.03 -25.90
C SER C 90 -41.45 26.12 -25.67
N PHE C 91 -41.99 26.64 -26.77
CA PHE C 91 -43.02 27.67 -26.70
C PHE C 91 -44.30 27.19 -26.03
N LYS C 92 -44.62 25.90 -26.12
CA LYS C 92 -45.91 25.44 -25.64
C LYS C 92 -46.00 25.47 -24.12
N GLN C 93 -44.86 25.53 -23.44
CA GLN C 93 -44.80 25.59 -21.99
C GLN C 93 -44.40 26.95 -21.44
N PHE C 94 -43.84 27.82 -22.28
CA PHE C 94 -43.45 29.17 -21.88
C PHE C 94 -44.09 30.19 -22.81
N PRO C 95 -45.17 30.83 -22.37
CA PRO C 95 -45.85 31.81 -23.23
C PRO C 95 -44.92 32.92 -23.71
N ARG C 96 -44.96 33.20 -25.02
CA ARG C 96 -43.88 33.96 -25.63
C ARG C 96 -43.87 35.40 -25.17
N TYR C 97 -45.05 36.02 -24.99
CA TYR C 97 -45.04 37.44 -24.64
C TYR C 97 -44.60 37.66 -23.21
N VAL C 98 -44.80 36.68 -22.32
CA VAL C 98 -44.21 36.78 -20.99
C VAL C 98 -42.69 36.71 -21.09
N THR C 99 -42.20 35.71 -21.82
CA THR C 99 -40.77 35.60 -22.07
C THR C 99 -40.21 36.88 -22.66
N GLY C 100 -40.84 37.38 -23.72
CA GLY C 100 -40.38 38.61 -24.32
C GLY C 100 -40.25 39.73 -23.30
N ALA C 101 -41.32 39.95 -22.54
CA ALA C 101 -41.29 41.01 -21.52
C ALA C 101 -40.15 40.80 -20.54
N CYS C 102 -39.92 39.55 -20.12
CA CYS C 102 -38.83 39.26 -19.20
C CYS C 102 -37.48 39.58 -19.82
N CYS C 103 -37.27 39.17 -21.08
CA CYS C 103 -36.01 39.47 -21.74
C CYS C 103 -35.75 40.97 -21.78
N LEU C 104 -36.76 41.74 -22.19
CA LEU C 104 -36.59 43.18 -22.25
C LEU C 104 -36.27 43.75 -20.87
N PHE C 105 -36.97 43.27 -19.84
CA PHE C 105 -36.70 43.74 -18.49
C PHE C 105 -35.25 43.50 -18.11
N LEU C 106 -34.74 42.29 -18.35
CA LEU C 106 -33.35 42.01 -18.04
C LEU C 106 -32.41 42.79 -18.94
N ALA C 107 -32.72 42.83 -20.24
CA ALA C 107 -31.87 43.57 -21.18
C ALA C 107 -31.68 45.00 -20.70
N GLY C 108 -32.75 45.62 -20.21
CA GLY C 108 -32.64 46.99 -19.71
C GLY C 108 -31.60 47.12 -18.62
N LYS C 109 -31.57 46.16 -17.69
CA LYS C 109 -30.57 46.21 -16.64
C LYS C 109 -29.17 45.92 -17.17
N VAL C 110 -29.07 45.00 -18.13
CA VAL C 110 -27.75 44.66 -18.68
C VAL C 110 -27.16 45.85 -19.43
N GLU C 111 -27.96 46.49 -20.28
CA GLU C 111 -27.47 47.57 -21.14
C GLU C 111 -27.55 48.95 -20.48
N GLU C 112 -27.87 49.02 -19.19
CA GLU C 112 -27.93 50.28 -18.43
C GLU C 112 -28.98 51.24 -19.00
N THR C 113 -30.11 50.69 -19.44
CA THR C 113 -31.29 51.47 -19.80
C THR C 113 -32.48 50.88 -19.03
N PRO C 114 -32.41 50.91 -17.69
CA PRO C 114 -33.35 50.11 -16.89
C PRO C 114 -34.77 50.65 -16.93
N LYS C 115 -35.72 49.72 -16.76
CA LYS C 115 -37.12 50.06 -16.65
C LYS C 115 -37.72 49.26 -15.50
N LYS C 116 -38.75 49.81 -14.87
CA LYS C 116 -39.47 49.09 -13.84
C LYS C 116 -40.36 48.06 -14.48
N CYS C 117 -40.43 46.87 -13.88
CA CYS C 117 -41.24 45.82 -14.46
C CYS C 117 -42.69 46.28 -14.66
N LYS C 118 -43.24 47.01 -13.69
CA LYS C 118 -44.62 47.48 -13.83
C LYS C 118 -44.81 48.35 -15.06
N ASP C 119 -43.82 49.18 -15.39
CA ASP C 119 -43.94 50.02 -16.57
C ASP C 119 -43.91 49.19 -17.84
N ILE C 120 -43.10 48.12 -17.86
CA ILE C 120 -43.05 47.25 -19.03
C ILE C 120 -44.40 46.55 -19.20
N ILE C 121 -44.98 46.06 -18.10
CA ILE C 121 -46.26 45.37 -18.18
C ILE C 121 -47.33 46.30 -18.73
N LYS C 122 -47.42 47.51 -18.18
CA LYS C 122 -48.43 48.46 -18.63
C LYS C 122 -48.33 48.69 -20.13
N THR C 123 -47.12 48.89 -20.64
CA THR C 123 -46.96 49.13 -22.06
C THR C 123 -47.46 47.94 -22.85
N ALA C 124 -47.24 46.73 -22.32
CA ALA C 124 -47.73 45.53 -22.99
C ALA C 124 -49.25 45.50 -23.09
N ARG C 125 -49.94 45.89 -22.01
CA ARG C 125 -51.40 45.85 -22.05
C ARG C 125 -51.93 46.78 -23.13
N SER C 126 -51.29 47.94 -23.29
CA SER C 126 -51.69 48.88 -24.34
C SER C 126 -51.57 48.25 -25.71
N LEU C 127 -50.52 47.45 -25.93
CA LEU C 127 -50.22 46.92 -27.25
C LEU C 127 -50.78 45.53 -27.49
N LEU C 128 -51.18 44.80 -26.45
CA LEU C 128 -51.65 43.43 -26.60
C LEU C 128 -53.17 43.28 -26.55
N ASN C 129 -53.66 42.27 -27.25
CA ASN C 129 -55.06 41.92 -27.17
C ASN C 129 -55.34 41.39 -25.77
N ASP C 130 -56.62 41.42 -25.37
CA ASP C 130 -56.95 40.93 -24.04
C ASP C 130 -56.62 39.44 -23.96
N VAL C 131 -56.85 38.72 -25.06
CA VAL C 131 -56.48 37.32 -25.13
C VAL C 131 -54.98 37.16 -24.92
N GLN C 132 -54.20 38.00 -25.61
CA GLN C 132 -52.75 37.92 -25.53
C GLN C 132 -52.27 38.21 -24.11
N PHE C 133 -52.82 39.25 -23.48
CA PHE C 133 -52.44 39.55 -22.12
C PHE C 133 -52.88 38.45 -21.16
N GLY C 134 -53.74 37.54 -21.62
CA GLY C 134 -54.09 36.39 -20.80
C GLY C 134 -52.90 35.51 -20.46
N GLN C 135 -51.89 35.47 -21.34
CA GLN C 135 -50.68 34.69 -21.06
C GLN C 135 -50.03 35.13 -19.75
N PHE C 136 -50.12 36.43 -19.43
CA PHE C 136 -49.53 36.95 -18.21
C PHE C 136 -50.28 36.48 -16.98
N GLY C 137 -51.40 35.78 -17.17
CA GLY C 137 -52.14 35.20 -16.08
C GLY C 137 -52.76 36.28 -15.21
N ASP C 138 -53.03 35.88 -13.98
CA ASP C 138 -53.76 36.75 -13.06
C ASP C 138 -52.86 37.85 -12.52
N ASP C 139 -51.55 37.61 -12.45
CA ASP C 139 -50.60 38.57 -11.91
C ASP C 139 -49.48 38.72 -12.94
N PRO C 140 -49.61 39.67 -13.86
CA PRO C 140 -48.58 39.81 -14.92
C PRO C 140 -47.17 40.05 -14.39
N LYS C 141 -47.00 41.01 -13.47
CA LYS C 141 -45.66 41.31 -12.98
C LYS C 141 -45.00 40.07 -12.39
N GLU C 142 -45.75 39.29 -11.61
CA GLU C 142 -45.18 38.10 -11.00
C GLU C 142 -44.72 37.09 -12.04
N GLU C 143 -45.58 36.80 -13.03
CA GLU C 143 -45.20 35.82 -14.04
C GLU C 143 -43.88 36.21 -14.71
N VAL C 144 -43.67 37.52 -14.90
CA VAL C 144 -42.45 38.00 -15.53
C VAL C 144 -41.27 37.91 -14.58
N MET C 145 -41.39 38.50 -13.38
CA MET C 145 -40.26 38.54 -12.46
C MET C 145 -39.79 37.13 -12.10
N VAL C 146 -40.73 36.19 -11.99
CA VAL C 146 -40.40 34.82 -11.63
C VAL C 146 -39.55 34.18 -12.72
N LEU C 147 -39.78 34.57 -13.98
CA LEU C 147 -39.07 33.96 -15.10
C LEU C 147 -37.62 34.38 -15.14
N GLU C 148 -37.27 35.51 -14.52
CA GLU C 148 -35.89 35.99 -14.57
C GLU C 148 -34.92 34.90 -14.14
N ARG C 149 -35.26 34.15 -13.10
CA ARG C 149 -34.38 33.07 -12.64
C ARG C 149 -34.07 32.11 -13.78
N ILE C 150 -35.12 31.68 -14.48
CA ILE C 150 -34.92 30.72 -15.56
C ILE C 150 -34.14 31.36 -16.68
N LEU C 151 -34.50 32.59 -17.05
CA LEU C 151 -33.81 33.29 -18.13
C LEU C 151 -32.31 33.35 -17.87
N LEU C 152 -31.91 33.78 -16.67
CA LEU C 152 -30.49 33.89 -16.37
C LEU C 152 -29.78 32.55 -16.48
N GLN C 153 -30.37 31.49 -15.92
CA GLN C 153 -29.73 30.18 -16.02
C GLN C 153 -29.68 29.70 -17.47
N THR C 154 -30.73 29.99 -18.24
CA THR C 154 -30.78 29.54 -19.62
C THR C 154 -29.67 30.20 -20.44
N ILE C 155 -29.50 31.51 -20.30
CA ILE C 155 -28.49 32.23 -21.08
C ILE C 155 -27.12 32.02 -20.46
N LYS C 156 -27.02 31.06 -19.53
CA LYS C 156 -25.73 30.67 -18.98
C LYS C 156 -24.97 31.86 -18.42
N PHE C 157 -25.73 32.87 -17.96
CA PHE C 157 -25.18 34.07 -17.36
C PHE C 157 -24.16 34.78 -18.26
N ASP C 158 -24.27 34.58 -19.56
CA ASP C 158 -23.48 35.33 -20.55
C ASP C 158 -24.31 36.53 -20.99
N LEU C 159 -24.15 37.65 -20.29
CA LEU C 159 -25.03 38.80 -20.51
C LEU C 159 -24.54 39.74 -21.61
N GLN C 160 -23.23 39.80 -21.85
CA GLN C 160 -22.69 40.72 -22.85
C GLN C 160 -23.01 40.21 -24.25
N VAL C 161 -23.57 41.07 -25.08
CA VAL C 161 -23.93 40.72 -26.44
C VAL C 161 -23.49 41.84 -27.37
N GLU C 162 -22.96 41.45 -28.52
CA GLU C 162 -22.56 42.36 -29.58
C GLU C 162 -23.59 42.26 -30.70
N HIS C 163 -23.87 43.38 -31.36
CA HIS C 163 -24.93 43.42 -32.34
C HIS C 163 -24.41 43.94 -33.68
N PRO C 164 -25.07 43.59 -34.78
CA PRO C 164 -24.59 44.05 -36.09
C PRO C 164 -24.42 45.57 -36.20
N TYR C 165 -25.15 46.33 -35.37
CA TYR C 165 -25.14 47.78 -35.53
C TYR C 165 -23.72 48.35 -35.41
N GLN C 166 -22.99 47.95 -34.36
CA GLN C 166 -21.69 48.55 -34.13
C GLN C 166 -20.74 48.28 -35.29
N PHE C 167 -20.85 47.10 -35.90
CA PHE C 167 -19.97 46.75 -37.02
C PHE C 167 -20.36 47.45 -38.31
N LEU C 168 -21.66 47.66 -38.52
CA LEU C 168 -22.11 48.43 -39.67
C LEU C 168 -21.48 49.81 -39.66
N LEU C 169 -21.44 50.46 -38.49
CA LEU C 169 -20.84 51.79 -38.38
C LEU C 169 -19.32 51.72 -38.40
N LYS C 170 -18.72 50.76 -37.68
CA LYS C 170 -17.27 50.66 -37.68
C LYS C 170 -16.74 50.44 -39.09
N TYR C 171 -17.42 49.60 -39.88
CA TYR C 171 -17.00 49.33 -41.26
C TYR C 171 -17.38 50.48 -42.18
N ALA C 172 -18.56 51.06 -41.99
CA ALA C 172 -18.96 52.19 -42.82
C ALA C 172 -18.01 53.35 -42.65
N LYS C 173 -17.48 53.55 -41.43
CA LYS C 173 -16.57 54.66 -41.20
C LYS C 173 -15.31 54.56 -42.06
N GLN C 174 -14.88 53.35 -42.39
CA GLN C 174 -13.66 53.14 -43.16
C GLN C 174 -13.87 53.24 -44.66
N LEU C 175 -15.05 53.64 -45.10
CA LEU C 175 -15.39 53.84 -46.49
C LEU C 175 -15.34 55.32 -46.85
N LYS C 176 -14.79 55.64 -48.02
CA LYS C 176 -14.66 57.02 -48.47
C LYS C 176 -15.34 57.14 -49.83
N GLY C 177 -16.18 58.15 -50.00
CA GLY C 177 -16.89 58.35 -51.27
C GLY C 177 -17.98 59.39 -51.12
N ASP C 178 -18.93 59.37 -52.06
CA ASP C 178 -20.07 60.29 -51.98
C ASP C 178 -20.78 60.09 -50.65
N LYS C 179 -20.85 61.15 -49.84
CA LYS C 179 -21.51 60.99 -48.55
C LYS C 179 -22.94 60.47 -48.73
N ASN C 180 -23.66 60.96 -49.74
CA ASN C 180 -25.05 60.57 -49.87
C ASN C 180 -25.19 59.10 -50.24
N LYS C 181 -24.33 58.60 -51.12
CA LYS C 181 -24.36 57.19 -51.48
C LYS C 181 -23.99 56.31 -50.28
N ILE C 182 -23.00 56.74 -49.50
CA ILE C 182 -22.61 55.97 -48.32
C ILE C 182 -23.73 55.96 -47.28
N GLN C 183 -24.37 57.11 -47.07
CA GLN C 183 -25.46 57.16 -46.10
C GLN C 183 -26.62 56.27 -46.52
N LYS C 184 -26.95 56.25 -47.82
CA LYS C 184 -28.02 55.38 -48.29
C LYS C 184 -27.75 53.93 -47.97
N LEU C 185 -26.49 53.50 -48.15
CA LEU C 185 -26.12 52.12 -47.83
C LEU C 185 -26.30 51.88 -46.34
N VAL C 186 -25.88 52.83 -45.51
CA VAL C 186 -25.97 52.67 -44.06
C VAL C 186 -27.43 52.55 -43.64
N GLN C 187 -28.30 53.43 -44.14
CA GLN C 187 -29.69 53.41 -43.71
C GLN C 187 -30.40 52.15 -44.17
N MET C 188 -30.21 51.77 -45.44
CA MET C 188 -30.83 50.54 -45.93
C MET C 188 -30.33 49.35 -45.14
N ALA C 189 -29.03 49.29 -44.90
CA ALA C 189 -28.46 48.20 -44.11
C ALA C 189 -29.00 48.22 -42.69
N TRP C 190 -29.06 49.40 -42.07
CA TRP C 190 -29.62 49.50 -40.72
C TRP C 190 -31.04 48.95 -40.69
N THR C 191 -31.81 49.19 -41.75
CA THR C 191 -33.15 48.61 -41.84
C THR C 191 -33.08 47.08 -41.92
N PHE C 192 -32.13 46.54 -42.67
CA PHE C 192 -32.01 45.10 -42.77
C PHE C 192 -31.62 44.48 -41.44
N VAL C 193 -30.76 45.15 -40.66
CA VAL C 193 -30.41 44.61 -39.34
C VAL C 193 -31.66 44.50 -38.47
N ASN C 194 -32.46 45.56 -38.41
CA ASN C 194 -33.67 45.50 -37.59
C ASN C 194 -34.55 44.33 -37.99
N ASP C 195 -34.64 44.03 -39.28
CA ASP C 195 -35.45 42.92 -39.74
C ASP C 195 -34.82 41.58 -39.38
N SER C 196 -33.47 41.53 -39.33
CA SER C 196 -32.79 40.29 -39.00
C SER C 196 -33.08 39.84 -37.57
N LEU C 197 -33.42 40.77 -36.69
CA LEU C 197 -33.73 40.39 -35.31
C LEU C 197 -34.93 39.44 -35.27
N CYS C 198 -35.88 39.62 -36.21
CA CYS C 198 -37.03 38.72 -36.29
C CYS C 198 -36.66 37.32 -36.78
N THR C 199 -35.55 37.17 -37.48
CA THR C 199 -35.18 35.88 -38.01
C THR C 199 -34.29 35.14 -37.02
N THR C 200 -34.05 33.86 -37.33
CA THR C 200 -33.20 33.02 -36.53
C THR C 200 -31.73 33.24 -36.81
N LEU C 201 -31.40 34.20 -37.69
CA LEU C 201 -30.01 34.42 -38.08
C LEU C 201 -29.13 34.78 -36.89
N SER C 202 -29.67 35.57 -35.96
CA SER C 202 -28.91 35.92 -34.76
C SER C 202 -28.40 34.69 -34.03
N LEU C 203 -29.02 33.55 -34.28
CA LEU C 203 -28.63 32.28 -33.70
C LEU C 203 -27.74 31.46 -34.63
N GLN C 204 -27.57 31.89 -35.89
CA GLN C 204 -26.79 31.14 -36.85
C GLN C 204 -25.44 31.75 -37.20
N TRP C 205 -25.34 33.08 -37.22
CA TRP C 205 -24.17 33.77 -37.72
C TRP C 205 -23.82 34.89 -36.75
N GLU C 206 -22.52 35.07 -36.53
CA GLU C 206 -22.04 36.11 -35.63
C GLU C 206 -22.44 37.49 -36.14
N PRO C 207 -22.53 38.48 -35.23
CA PRO C 207 -22.98 39.82 -35.68
C PRO C 207 -22.09 40.46 -36.74
N GLU C 208 -20.77 40.26 -36.65
CA GLU C 208 -19.89 40.85 -37.66
C GLU C 208 -20.29 40.41 -39.06
N ILE C 209 -20.57 39.11 -39.22
CA ILE C 209 -20.95 38.59 -40.53
C ILE C 209 -22.25 39.23 -41.00
N ILE C 210 -23.18 39.43 -40.09
CA ILE C 210 -24.46 40.05 -40.46
C ILE C 210 -24.23 41.48 -40.97
N ALA C 211 -23.41 42.25 -40.25
CA ALA C 211 -23.17 43.62 -40.68
C ALA C 211 -22.63 43.64 -42.10
N VAL C 212 -21.74 42.70 -42.42
CA VAL C 212 -21.22 42.61 -43.77
C VAL C 212 -22.30 42.13 -44.73
N ALA C 213 -23.14 41.20 -44.28
CA ALA C 213 -24.19 40.69 -45.17
C ALA C 213 -25.15 41.79 -45.54
N VAL C 214 -25.59 42.58 -44.57
CA VAL C 214 -26.55 43.64 -44.87
C VAL C 214 -25.91 44.71 -45.76
N MET C 215 -24.61 44.96 -45.58
CA MET C 215 -23.90 45.84 -46.50
C MET C 215 -23.86 45.25 -47.90
N TYR C 216 -23.57 43.96 -48.02
CA TYR C 216 -23.56 43.28 -49.30
C TYR C 216 -24.91 43.41 -50.00
N LEU C 217 -25.99 43.23 -49.26
CA LEU C 217 -27.33 43.32 -49.84
C LEU C 217 -27.61 44.74 -50.32
N ALA C 218 -27.33 45.74 -49.48
CA ALA C 218 -27.54 47.12 -49.88
C ALA C 218 -26.74 47.43 -51.14
N GLY C 219 -25.52 46.89 -51.23
CA GLY C 219 -24.71 47.11 -52.41
C GLY C 219 -25.32 46.53 -53.67
N ARG C 220 -25.87 45.32 -53.59
CA ARG C 220 -26.44 44.72 -54.79
C ARG C 220 -27.73 45.42 -55.20
N LEU C 221 -28.52 45.86 -54.22
CA LEU C 221 -29.80 46.51 -54.51
C LEU C 221 -29.61 47.94 -55.02
N CYS C 222 -28.67 48.68 -54.45
CA CYS C 222 -28.42 50.06 -54.89
C CYS C 222 -27.51 50.14 -56.10
N LYS C 223 -27.07 48.99 -56.63
CA LYS C 223 -26.16 48.89 -57.77
C LYS C 223 -24.84 49.61 -57.49
N PHE C 224 -24.49 49.80 -56.22
CA PHE C 224 -23.22 50.36 -55.82
C PHE C 224 -22.17 49.26 -55.79
N GLU C 225 -20.92 49.62 -56.08
CA GLU C 225 -19.77 48.72 -55.97
C GLU C 225 -18.89 49.17 -54.80
N ILE C 226 -19.01 48.48 -53.67
CA ILE C 226 -18.40 48.97 -52.44
C ILE C 226 -16.88 48.98 -52.49
N GLN C 227 -16.28 48.04 -53.23
CA GLN C 227 -14.82 47.93 -53.22
C GLN C 227 -14.16 49.28 -53.50
N GLU C 228 -14.77 50.09 -54.35
CA GLU C 228 -14.14 51.35 -54.73
C GLU C 228 -13.94 52.23 -53.51
N TRP C 229 -14.88 52.19 -52.56
CA TRP C 229 -14.77 53.03 -51.37
C TRP C 229 -13.80 52.44 -50.36
N THR C 230 -13.44 51.16 -50.49
CA THR C 230 -12.53 50.57 -49.53
C THR C 230 -11.13 51.09 -49.81
N SER C 231 -10.23 50.89 -48.85
CA SER C 231 -8.86 51.33 -49.06
C SER C 231 -8.15 50.52 -50.15
N LYS C 232 -8.66 49.35 -50.52
CA LYS C 232 -8.05 48.48 -51.53
C LYS C 232 -9.03 48.36 -52.69
N PRO C 233 -9.02 49.30 -53.63
CA PRO C 233 -10.09 49.35 -54.65
C PRO C 233 -10.09 48.17 -55.61
N MET C 234 -8.97 47.47 -55.75
CA MET C 234 -8.91 46.32 -56.64
C MET C 234 -9.30 45.02 -55.98
N TYR C 235 -9.65 45.08 -54.71
CA TYR C 235 -9.96 43.90 -53.93
C TYR C 235 -11.46 43.71 -54.04
N ARG C 236 -11.87 42.90 -55.01
CA ARG C 236 -13.29 42.80 -55.34
C ARG C 236 -14.09 42.20 -54.19
N ARG C 237 -13.48 41.32 -53.40
CA ARG C 237 -14.11 40.80 -52.18
C ARG C 237 -13.82 41.79 -51.07
N TRP C 238 -14.56 42.89 -51.10
CA TRP C 238 -14.26 44.02 -50.22
C TRP C 238 -14.38 43.64 -48.75
N TRP C 239 -15.31 42.76 -48.40
CA TRP C 239 -15.57 42.49 -46.99
C TRP C 239 -14.40 41.78 -46.32
N GLU C 240 -13.57 41.06 -47.07
CA GLU C 240 -12.52 40.27 -46.45
C GLU C 240 -11.53 41.14 -45.68
N GLN C 241 -11.55 42.45 -45.87
CA GLN C 241 -10.70 43.36 -45.09
C GLN C 241 -11.33 43.77 -43.77
N PHE C 242 -12.58 43.37 -43.53
CA PHE C 242 -13.28 43.56 -42.26
C PHE C 242 -13.50 42.26 -41.50
N VAL C 243 -13.91 41.23 -42.20
CA VAL C 243 -14.30 39.95 -41.61
C VAL C 243 -13.56 38.86 -42.36
N GLN C 244 -12.56 38.26 -41.71
CA GLN C 244 -11.79 37.21 -42.34
C GLN C 244 -12.57 35.92 -42.41
N ASP C 245 -12.36 35.18 -43.49
CA ASP C 245 -12.85 33.81 -43.65
C ASP C 245 -14.37 33.74 -43.88
N VAL C 246 -14.93 34.71 -44.59
CA VAL C 246 -16.36 34.62 -44.85
C VAL C 246 -16.56 34.36 -46.35
N PRO C 247 -17.09 33.20 -46.72
CA PRO C 247 -17.41 32.95 -48.12
C PRO C 247 -18.67 33.71 -48.52
N VAL C 248 -18.78 33.96 -49.82
CA VAL C 248 -20.00 34.54 -50.35
C VAL C 248 -21.16 33.63 -50.03
N ASP C 249 -20.92 32.31 -50.00
CA ASP C 249 -21.96 31.34 -49.69
C ASP C 249 -22.76 31.83 -48.49
N VAL C 250 -22.04 32.22 -47.44
CA VAL C 250 -22.67 32.67 -46.21
C VAL C 250 -23.44 33.96 -46.46
N LEU C 251 -22.79 34.94 -47.08
CA LEU C 251 -23.47 36.21 -47.34
C LEU C 251 -24.69 36.02 -48.22
N GLU C 252 -24.64 35.07 -49.16
CA GLU C 252 -25.81 34.83 -50.00
C GLU C 252 -26.94 34.16 -49.22
N ASP C 253 -26.61 33.22 -48.35
CA ASP C 253 -27.65 32.61 -47.52
C ASP C 253 -28.35 33.65 -46.67
N ILE C 254 -27.56 34.52 -46.02
CA ILE C 254 -28.13 35.54 -45.14
C ILE C 254 -29.04 36.47 -45.92
N CYS C 255 -28.56 36.95 -47.07
CA CYS C 255 -29.40 37.82 -47.89
C CYS C 255 -30.70 37.13 -48.28
N HIS C 256 -30.60 35.87 -48.72
CA HIS C 256 -31.80 35.11 -49.08
C HIS C 256 -32.78 35.10 -47.92
N GLN C 257 -32.28 34.84 -46.70
CA GLN C 257 -33.14 34.78 -45.52
C GLN C 257 -33.76 36.14 -45.20
N ILE C 258 -33.02 37.23 -45.39
CA ILE C 258 -33.59 38.55 -45.12
C ILE C 258 -34.70 38.90 -46.10
N LEU C 259 -34.43 38.74 -47.39
CA LEU C 259 -35.43 39.12 -48.40
C LEU C 259 -36.67 38.24 -48.35
N ASP C 260 -36.55 37.00 -47.84
CA ASP C 260 -37.72 36.14 -47.73
C ASP C 260 -38.80 36.79 -46.86
N LEU C 261 -38.39 37.44 -45.78
CA LEU C 261 -39.33 38.14 -44.91
C LEU C 261 -40.14 39.15 -45.71
N TYR C 262 -39.47 39.89 -46.61
CA TYR C 262 -40.18 40.88 -47.42
C TYR C 262 -41.13 40.22 -48.42
N SER C 263 -40.69 39.14 -49.09
CA SER C 263 -41.54 38.50 -50.10
C SER C 263 -42.74 37.82 -49.46
N GLN C 264 -42.54 37.21 -48.29
CA GLN C 264 -43.65 36.60 -47.55
C GLN C 264 -44.65 37.68 -47.13
N GLY C 265 -44.14 38.78 -46.56
CA GLY C 265 -45.00 39.87 -46.17
C GLY C 265 -45.39 40.72 -47.34
N LYS C 266 -46.32 41.64 -47.10
CA LYS C 266 -46.71 42.59 -48.13
C LYS C 266 -45.71 43.73 -48.29
N GLN C 267 -44.65 43.75 -47.49
CA GLN C 267 -43.65 44.82 -47.49
C GLN C 267 -42.61 44.54 -48.56
N GLN C 268 -41.99 45.61 -49.08
CA GLN C 268 -40.98 45.51 -50.12
C GLN C 268 -39.66 46.13 -49.66
N MET C 269 -38.58 45.84 -50.39
CA MET C 269 -37.27 46.36 -50.04
C MET C 269 -37.32 47.88 -49.86
N PRO C 270 -36.60 48.44 -48.88
CA PRO C 270 -36.78 49.88 -48.61
C PRO C 270 -36.40 50.81 -49.75
N HIS C 271 -35.24 50.59 -50.38
CA HIS C 271 -34.68 51.45 -51.42
C HIS C 271 -35.08 52.90 -51.28
N MET D 5 -45.49 -39.64 -20.55
CA MET D 5 -45.98 -38.57 -21.47
C MET D 5 -46.95 -37.64 -20.71
N SER D 6 -47.15 -36.45 -21.26
CA SER D 6 -48.00 -35.43 -20.66
C SER D 6 -49.13 -35.10 -21.62
N TYR D 7 -50.31 -34.83 -21.06
CA TYR D 7 -51.52 -34.63 -21.85
C TYR D 7 -52.13 -33.28 -21.50
N ASN D 8 -52.35 -32.46 -22.53
CA ASN D 8 -52.81 -31.10 -22.34
C ASN D 8 -53.79 -30.72 -23.44
N TYR D 9 -54.49 -29.61 -23.19
CA TYR D 9 -55.60 -29.09 -23.96
C TYR D 9 -55.34 -27.59 -24.14
N VAL D 10 -55.52 -27.08 -25.36
CA VAL D 10 -55.24 -25.67 -25.64
C VAL D 10 -56.43 -25.05 -26.37
N VAL D 11 -56.95 -23.94 -25.81
CA VAL D 11 -58.12 -23.26 -26.36
C VAL D 11 -57.84 -21.77 -26.47
N THR D 12 -58.58 -21.14 -27.39
CA THR D 12 -58.58 -19.69 -27.54
C THR D 12 -59.66 -19.08 -26.65
N ALA D 13 -59.26 -18.16 -25.77
CA ALA D 13 -60.22 -17.41 -24.96
C ALA D 13 -60.61 -16.10 -25.64
N GLN D 14 -59.65 -15.40 -26.23
CA GLN D 14 -59.91 -14.22 -27.04
C GLN D 14 -59.17 -14.40 -28.37
N LYS D 15 -59.90 -14.28 -29.48
CA LYS D 15 -59.30 -14.46 -30.79
C LYS D 15 -58.32 -13.34 -31.10
N PRO D 16 -57.44 -13.55 -32.07
CA PRO D 16 -56.50 -12.48 -32.45
C PRO D 16 -57.23 -11.20 -32.81
N THR D 17 -56.74 -10.07 -32.28
CA THR D 17 -57.36 -8.77 -32.50
C THR D 17 -56.54 -7.87 -33.41
N ALA D 18 -55.25 -8.15 -33.57
CA ALA D 18 -54.37 -7.28 -34.34
C ALA D 18 -54.61 -7.49 -35.84
N VAL D 19 -54.60 -6.38 -36.57
CA VAL D 19 -54.79 -6.41 -38.02
C VAL D 19 -53.44 -6.64 -38.68
N ASN D 20 -53.36 -7.66 -39.52
CA ASN D 20 -52.15 -8.04 -40.23
C ASN D 20 -52.20 -7.67 -41.70
N GLY D 21 -53.39 -7.38 -42.23
CA GLY D 21 -53.53 -6.86 -43.58
C GLY D 21 -55.00 -6.74 -43.91
N CYS D 22 -55.29 -5.91 -44.92
CA CYS D 22 -56.68 -5.70 -45.32
C CYS D 22 -56.76 -5.21 -46.76
N VAL D 23 -57.77 -5.68 -47.49
CA VAL D 23 -57.99 -5.34 -48.89
C VAL D 23 -59.45 -4.96 -49.11
N THR D 24 -59.69 -4.25 -50.23
CA THR D 24 -61.02 -3.89 -50.67
C THR D 24 -61.27 -4.49 -52.04
N GLY D 25 -62.49 -4.94 -52.29
CA GLY D 25 -62.83 -5.48 -53.59
C GLY D 25 -64.28 -5.90 -53.69
N HIS D 26 -64.56 -6.76 -54.67
CA HIS D 26 -65.92 -7.19 -54.98
C HIS D 26 -65.98 -8.72 -54.91
N PHE D 27 -65.92 -9.23 -53.68
CA PHE D 27 -65.75 -10.65 -53.41
C PHE D 27 -67.08 -11.38 -53.23
N THR D 28 -68.01 -10.79 -52.47
CA THR D 28 -69.28 -11.48 -52.21
C THR D 28 -70.25 -11.31 -53.37
N SER D 29 -70.25 -10.16 -54.02
CA SER D 29 -71.10 -9.90 -55.18
C SER D 29 -70.40 -8.87 -56.04
N ALA D 30 -70.63 -8.92 -57.35
CA ALA D 30 -70.05 -7.90 -58.21
C ALA D 30 -70.58 -6.51 -57.88
N GLU D 31 -71.65 -6.44 -57.08
CA GLU D 31 -72.27 -5.17 -56.72
C GLU D 31 -71.70 -4.64 -55.41
N ASP D 32 -71.50 -5.53 -54.45
CA ASP D 32 -71.07 -5.12 -53.13
C ASP D 32 -69.59 -4.74 -53.14
N LEU D 33 -69.26 -3.66 -52.44
CA LEU D 33 -67.88 -3.30 -52.17
C LEU D 33 -67.52 -3.88 -50.81
N ASN D 34 -66.55 -4.78 -50.78
CA ASN D 34 -66.22 -5.51 -49.56
C ASN D 34 -64.88 -5.03 -49.02
N LEU D 35 -64.73 -5.12 -47.70
CA LEU D 35 -63.46 -4.95 -47.03
C LEU D 35 -63.17 -6.24 -46.28
N LEU D 36 -62.12 -6.95 -46.68
CA LEU D 36 -61.69 -8.16 -45.99
C LEU D 36 -60.52 -7.78 -45.09
N ILE D 37 -60.63 -8.14 -43.81
CA ILE D 37 -59.63 -7.85 -42.80
C ILE D 37 -59.04 -9.18 -42.35
N ALA D 38 -57.72 -9.27 -42.32
CA ALA D 38 -57.03 -10.50 -41.94
C ALA D 38 -56.39 -10.36 -40.56
N LYS D 39 -56.78 -11.23 -39.64
CA LYS D 39 -56.09 -11.49 -38.39
C LYS D 39 -55.29 -12.77 -38.53
N ASN D 40 -54.39 -13.01 -37.57
CA ASN D 40 -53.37 -14.04 -37.77
C ASN D 40 -53.93 -15.31 -38.38
N THR D 41 -54.98 -15.86 -37.79
CA THR D 41 -55.64 -17.05 -38.30
C THR D 41 -57.09 -16.81 -38.72
N ARG D 42 -57.59 -15.59 -38.61
CA ARG D 42 -59.00 -15.29 -38.86
C ARG D 42 -59.14 -14.35 -40.05
N LEU D 43 -60.07 -14.68 -40.93
CA LEU D 43 -60.46 -13.83 -42.06
C LEU D 43 -61.86 -13.30 -41.81
N GLU D 44 -62.01 -11.98 -41.80
CA GLU D 44 -63.28 -11.30 -41.58
C GLU D 44 -63.73 -10.62 -42.86
N ILE D 45 -64.95 -10.90 -43.29
CA ILE D 45 -65.50 -10.35 -44.52
C ILE D 45 -66.59 -9.36 -44.14
N TYR D 46 -66.47 -8.12 -44.62
CA TYR D 46 -67.43 -7.06 -44.36
C TYR D 46 -67.93 -6.52 -45.70
N VAL D 47 -69.08 -5.85 -45.67
CA VAL D 47 -69.56 -5.12 -46.83
C VAL D 47 -69.70 -3.65 -46.42
N VAL D 48 -69.25 -2.76 -47.29
CA VAL D 48 -69.15 -1.35 -46.94
C VAL D 48 -70.56 -0.78 -47.14
N THR D 49 -71.29 -0.57 -46.04
CA THR D 49 -72.50 0.20 -46.19
C THR D 49 -72.07 1.66 -46.09
N ALA D 50 -73.00 2.58 -46.32
CA ALA D 50 -72.69 3.98 -46.11
C ALA D 50 -72.54 4.27 -44.63
N GLU D 51 -73.20 3.48 -43.79
CA GLU D 51 -73.20 3.70 -42.35
C GLU D 51 -71.88 3.25 -41.75
N GLY D 52 -71.35 2.13 -42.25
CA GLY D 52 -70.11 1.56 -41.73
C GLY D 52 -69.91 0.19 -42.33
N LEU D 53 -69.36 -0.72 -41.53
CA LEU D 53 -69.05 -2.05 -42.02
C LEU D 53 -70.15 -2.98 -41.57
N ARG D 54 -70.75 -3.70 -42.53
CA ARG D 54 -71.72 -4.74 -42.25
C ARG D 54 -71.03 -6.09 -42.27
N PRO D 55 -70.93 -6.78 -41.14
CA PRO D 55 -70.34 -8.12 -41.16
C PRO D 55 -71.23 -9.07 -41.95
N VAL D 56 -70.60 -10.03 -42.61
CA VAL D 56 -71.35 -11.01 -43.40
C VAL D 56 -70.91 -12.42 -43.00
N LYS D 57 -69.60 -12.66 -42.96
CA LYS D 57 -69.08 -14.00 -42.69
C LYS D 57 -67.70 -13.89 -42.07
N GLU D 58 -67.40 -14.80 -41.16
CA GLU D 58 -66.05 -14.94 -40.61
C GLU D 58 -65.66 -16.41 -40.61
N VAL D 59 -64.44 -16.70 -41.07
CA VAL D 59 -63.91 -18.05 -41.10
C VAL D 59 -62.54 -18.06 -40.45
N GLY D 60 -62.17 -19.21 -39.90
CA GLY D 60 -60.81 -19.49 -39.48
C GLY D 60 -60.12 -20.38 -40.49
N MET D 61 -58.79 -20.26 -40.54
CA MET D 61 -57.97 -21.10 -41.40
C MET D 61 -56.91 -21.81 -40.58
N TYR D 62 -56.53 -23.00 -41.06
CA TYR D 62 -55.48 -23.80 -40.41
C TYR D 62 -54.12 -23.31 -40.91
N GLY D 63 -53.82 -22.05 -40.56
CA GLY D 63 -52.62 -21.40 -41.05
C GLY D 63 -52.56 -19.92 -40.75
N LYS D 64 -51.35 -19.38 -40.72
CA LYS D 64 -51.12 -17.95 -40.62
C LYS D 64 -51.23 -17.31 -41.99
N ILE D 65 -52.06 -16.27 -42.12
CA ILE D 65 -52.30 -15.64 -43.41
C ILE D 65 -51.11 -14.74 -43.75
N ALA D 66 -50.35 -15.12 -44.77
CA ALA D 66 -49.21 -14.33 -45.20
C ALA D 66 -49.56 -13.39 -46.35
N VAL D 67 -50.22 -13.90 -47.38
CA VAL D 67 -50.63 -13.11 -48.53
C VAL D 67 -52.14 -13.16 -48.64
N MET D 68 -52.76 -12.01 -48.88
CA MET D 68 -54.19 -11.91 -49.10
C MET D 68 -54.44 -10.84 -50.15
N GLU D 69 -55.02 -11.22 -51.28
CA GLU D 69 -55.25 -10.30 -52.38
C GLU D 69 -56.52 -10.70 -53.12
N LEU D 70 -57.24 -9.71 -53.63
CA LEU D 70 -58.42 -9.94 -54.46
C LEU D 70 -58.07 -9.70 -55.92
N PHE D 71 -58.54 -10.59 -56.80
CA PHE D 71 -58.29 -10.48 -58.23
C PHE D 71 -59.51 -11.02 -58.94
N ARG D 72 -59.65 -10.67 -60.22
CA ARG D 72 -60.82 -11.07 -61.00
C ARG D 72 -60.38 -11.50 -62.39
N PRO D 73 -60.19 -12.79 -62.61
CA PRO D 73 -59.68 -13.26 -63.90
C PRO D 73 -60.71 -13.13 -65.01
N LYS D 74 -60.20 -12.98 -66.24
CA LYS D 74 -61.05 -12.87 -67.41
C LYS D 74 -62.08 -13.99 -67.39
N GLY D 75 -63.35 -13.62 -67.49
CA GLY D 75 -64.43 -14.59 -67.49
C GLY D 75 -65.21 -14.71 -66.20
N GLU D 76 -64.72 -14.16 -65.09
CA GLU D 76 -65.40 -14.28 -63.81
C GLU D 76 -66.44 -13.21 -63.56
N SER D 77 -67.47 -13.59 -62.79
CA SER D 77 -68.54 -12.69 -62.43
C SER D 77 -68.14 -11.68 -61.36
N LYS D 78 -67.25 -12.08 -60.46
CA LYS D 78 -66.89 -11.28 -59.30
C LYS D 78 -65.48 -11.68 -58.87
N ASP D 79 -64.93 -10.92 -57.94
CA ASP D 79 -63.55 -11.12 -57.53
C ASP D 79 -63.37 -12.45 -56.80
N LEU D 80 -62.21 -13.06 -56.99
CA LEU D 80 -61.75 -14.22 -56.23
C LEU D 80 -60.63 -13.80 -55.28
N LEU D 81 -60.40 -14.60 -54.24
CA LEU D 81 -59.47 -14.28 -53.18
C LEU D 81 -58.31 -15.26 -53.18
N PHE D 82 -57.07 -14.75 -53.06
CA PHE D 82 -55.88 -15.57 -52.92
C PHE D 82 -55.33 -15.45 -51.51
N ILE D 83 -55.00 -16.58 -50.88
CA ILE D 83 -54.38 -16.58 -49.56
C ILE D 83 -53.26 -17.59 -49.53
N LEU D 84 -52.09 -17.14 -49.07
CA LEU D 84 -50.91 -17.96 -48.84
C LEU D 84 -50.52 -17.88 -47.37
N THR D 85 -50.31 -19.04 -46.75
CA THR D 85 -49.98 -19.07 -45.34
C THR D 85 -48.47 -19.12 -45.10
N ALA D 86 -48.09 -18.89 -43.83
CA ALA D 86 -46.68 -18.91 -43.45
C ALA D 86 -46.08 -20.30 -43.56
N LYS D 87 -46.89 -21.35 -43.55
CA LYS D 87 -46.41 -22.69 -43.86
C LYS D 87 -46.49 -23.01 -45.33
N TYR D 88 -46.75 -21.99 -46.16
CA TYR D 88 -46.72 -22.10 -47.62
C TYR D 88 -47.93 -22.88 -48.15
N ASN D 89 -49.05 -22.82 -47.44
CA ASN D 89 -50.31 -23.37 -47.93
C ASN D 89 -51.00 -22.30 -48.78
N ALA D 90 -51.30 -22.64 -50.02
CA ALA D 90 -51.91 -21.73 -50.97
C ALA D 90 -53.33 -22.17 -51.32
N CYS D 91 -54.21 -21.19 -51.50
CA CYS D 91 -55.58 -21.45 -51.91
C CYS D 91 -56.15 -20.23 -52.60
N ILE D 92 -57.03 -20.49 -53.56
CA ILE D 92 -57.84 -19.48 -54.21
C ILE D 92 -59.28 -19.76 -53.80
N LEU D 93 -59.95 -18.74 -53.26
CA LEU D 93 -61.23 -18.95 -52.61
C LEU D 93 -62.33 -18.16 -53.30
N GLU D 94 -63.55 -18.67 -53.16
CA GLU D 94 -64.76 -18.07 -53.71
C GLU D 94 -65.83 -17.97 -52.64
N TYR D 95 -66.58 -16.87 -52.68
CA TYR D 95 -67.74 -16.69 -51.84
C TYR D 95 -68.97 -17.20 -52.60
N LYS D 96 -69.70 -18.11 -51.98
CA LYS D 96 -70.93 -18.65 -52.56
C LYS D 96 -72.04 -18.66 -51.52
N GLN D 97 -73.16 -18.04 -51.86
CA GLN D 97 -74.28 -17.89 -50.94
C GLN D 97 -75.59 -18.21 -51.63
N SER D 98 -76.29 -19.23 -51.14
CA SER D 98 -77.63 -19.60 -51.58
C SER D 98 -78.63 -19.37 -50.45
N GLY D 99 -79.33 -18.24 -50.45
CA GLY D 99 -80.18 -17.99 -49.30
C GLY D 99 -79.31 -17.66 -48.10
N GLU D 100 -79.68 -18.25 -46.96
CA GLU D 100 -78.89 -18.07 -45.74
C GLU D 100 -77.64 -18.94 -45.66
N SER D 101 -77.49 -19.97 -46.50
CA SER D 101 -76.33 -20.85 -46.39
C SER D 101 -75.12 -20.17 -47.00
N ILE D 102 -74.09 -19.94 -46.18
CA ILE D 102 -72.86 -19.30 -46.64
C ILE D 102 -71.72 -20.29 -46.53
N ASP D 103 -70.97 -20.43 -47.62
CA ASP D 103 -69.85 -21.34 -47.69
C ASP D 103 -68.74 -20.64 -48.44
N ILE D 104 -67.50 -20.98 -48.10
CA ILE D 104 -66.33 -20.48 -48.79
C ILE D 104 -65.74 -21.67 -49.53
N ILE D 105 -65.64 -21.55 -50.85
CA ILE D 105 -65.30 -22.69 -51.69
C ILE D 105 -63.82 -22.64 -52.02
N THR D 106 -63.17 -23.81 -51.99
CA THR D 106 -61.77 -23.93 -52.35
C THR D 106 -61.70 -24.23 -53.83
N ARG D 107 -61.33 -23.24 -54.63
CA ARG D 107 -61.18 -23.41 -56.07
C ARG D 107 -59.81 -23.98 -56.43
N ALA D 108 -58.78 -23.69 -55.63
CA ALA D 108 -57.44 -24.22 -55.87
C ALA D 108 -56.77 -24.41 -54.52
N HIS D 109 -55.93 -25.44 -54.41
CA HIS D 109 -55.25 -25.72 -53.16
C HIS D 109 -53.88 -26.29 -53.49
N GLY D 110 -52.89 -25.96 -52.67
CA GLY D 110 -51.56 -26.52 -52.85
C GLY D 110 -50.56 -25.94 -51.86
N ASN D 111 -49.42 -26.62 -51.78
CA ASN D 111 -48.28 -26.18 -50.97
C ASN D 111 -47.17 -25.74 -51.90
N VAL D 112 -46.71 -24.51 -51.72
CA VAL D 112 -45.77 -23.89 -52.65
C VAL D 112 -44.34 -23.88 -52.09
N GLN D 113 -44.07 -24.67 -51.07
CA GLN D 113 -42.75 -24.71 -50.46
C GLN D 113 -41.76 -25.39 -51.39
N ASP D 114 -40.58 -24.79 -51.53
CA ASP D 114 -39.49 -25.38 -52.30
C ASP D 114 -38.58 -26.14 -51.35
N ARG D 115 -38.06 -27.28 -51.80
CA ARG D 115 -37.22 -28.08 -50.91
C ARG D 115 -35.91 -27.37 -50.59
N ILE D 116 -35.39 -26.59 -51.53
CA ILE D 116 -34.16 -25.84 -51.32
C ILE D 116 -34.40 -24.37 -51.64
N GLY D 117 -34.13 -23.51 -50.67
CA GLY D 117 -34.28 -22.08 -50.81
C GLY D 117 -34.04 -21.37 -49.50
N ARG D 118 -33.57 -20.11 -49.53
CA ARG D 118 -33.34 -19.35 -48.32
C ARG D 118 -34.48 -18.39 -48.08
N PRO D 119 -35.21 -18.51 -46.96
CA PRO D 119 -36.26 -17.52 -46.68
C PRO D 119 -35.68 -16.12 -46.65
N SER D 120 -36.37 -15.19 -47.29
CA SER D 120 -35.85 -13.84 -47.43
C SER D 120 -36.04 -13.06 -46.14
N GLU D 121 -35.18 -12.06 -45.95
CA GLU D 121 -35.30 -11.21 -44.77
C GLU D 121 -36.59 -10.40 -44.82
N THR D 122 -36.89 -9.79 -45.98
CA THR D 122 -38.03 -8.89 -46.05
C THR D 122 -39.36 -9.64 -45.96
N GLY D 123 -39.34 -10.96 -46.13
CA GLY D 123 -40.50 -11.78 -45.88
C GLY D 123 -41.27 -12.15 -47.15
N ILE D 124 -42.27 -13.02 -46.95
CA ILE D 124 -43.09 -13.45 -48.07
C ILE D 124 -43.81 -12.23 -48.62
N ILE D 125 -43.68 -12.02 -49.92
CA ILE D 125 -44.44 -10.98 -50.63
C ILE D 125 -45.19 -11.66 -51.77
N GLY D 126 -46.45 -11.29 -51.95
CA GLY D 126 -47.27 -11.83 -53.00
C GLY D 126 -47.94 -10.77 -53.86
N ILE D 127 -47.90 -10.95 -55.19
CA ILE D 127 -48.44 -9.98 -56.14
C ILE D 127 -49.14 -10.71 -57.27
N ILE D 128 -50.07 -10.02 -57.91
CA ILE D 128 -50.83 -10.58 -59.02
C ILE D 128 -50.81 -9.62 -60.21
N ASP D 129 -50.72 -10.19 -61.41
CA ASP D 129 -50.70 -9.42 -62.65
C ASP D 129 -51.97 -8.59 -62.78
N PRO D 130 -51.88 -7.37 -63.32
CA PRO D 130 -53.10 -6.57 -63.48
C PRO D 130 -54.13 -7.25 -64.36
N GLU D 131 -53.66 -7.96 -65.39
CA GLU D 131 -54.50 -8.76 -66.26
C GLU D 131 -54.76 -10.15 -65.69
N CYS D 132 -54.45 -10.35 -64.41
CA CYS D 132 -54.70 -11.59 -63.70
C CYS D 132 -54.25 -12.80 -64.52
N ARG D 133 -53.05 -12.67 -65.08
CA ARG D 133 -52.44 -13.78 -65.82
C ARG D 133 -51.64 -14.71 -64.94
N MET D 134 -51.07 -14.21 -63.85
CA MET D 134 -50.19 -15.02 -63.03
C MET D 134 -50.20 -14.47 -61.62
N ILE D 135 -49.84 -15.34 -60.68
CA ILE D 135 -49.65 -15.00 -59.28
C ILE D 135 -48.15 -15.03 -59.03
N GLY D 136 -47.60 -13.92 -58.55
CA GLY D 136 -46.17 -13.81 -58.26
C GLY D 136 -45.88 -13.98 -56.77
N LEU D 137 -44.83 -14.74 -56.47
CA LEU D 137 -44.42 -15.01 -55.11
C LEU D 137 -42.92 -14.88 -54.93
N ARG D 138 -42.48 -14.23 -53.85
CA ARG D 138 -41.06 -14.18 -53.49
C ARG D 138 -40.91 -14.87 -52.13
N LEU D 139 -40.94 -16.20 -52.15
CA LEU D 139 -40.88 -16.96 -50.91
C LEU D 139 -39.45 -16.99 -50.41
N TYR D 140 -38.50 -17.17 -51.33
CA TYR D 140 -37.10 -17.40 -50.98
C TYR D 140 -36.20 -16.39 -51.70
N ASP D 141 -35.06 -16.09 -51.06
CA ASP D 141 -34.05 -15.26 -51.70
C ASP D 141 -33.54 -15.90 -52.98
N GLY D 142 -33.43 -15.10 -54.04
CA GLY D 142 -32.85 -15.58 -55.28
C GLY D 142 -33.79 -16.32 -56.19
N LEU D 143 -35.06 -16.44 -55.82
CA LEU D 143 -36.04 -17.20 -56.58
C LEU D 143 -37.40 -16.51 -56.54
N PHE D 144 -38.11 -16.58 -57.66
CA PHE D 144 -39.43 -16.02 -57.88
C PHE D 144 -40.30 -17.18 -58.32
N LYS D 145 -41.37 -17.48 -57.59
CA LYS D 145 -42.23 -18.61 -57.95
C LYS D 145 -43.47 -18.01 -58.61
N VAL D 146 -43.71 -18.38 -59.86
CA VAL D 146 -44.79 -17.80 -60.66
C VAL D 146 -45.85 -18.88 -60.87
N ILE D 147 -47.07 -18.57 -60.49
CA ILE D 147 -48.22 -19.46 -60.68
C ILE D 147 -49.05 -18.96 -61.86
N PRO D 148 -49.25 -19.77 -62.89
CA PRO D 148 -50.14 -19.32 -63.99
C PRO D 148 -51.58 -19.28 -63.52
N LEU D 149 -52.29 -18.22 -63.89
CA LEU D 149 -53.72 -18.11 -63.55
C LEU D 149 -54.54 -18.77 -64.64
N ASP D 150 -54.23 -20.05 -64.84
CA ASP D 150 -54.91 -20.89 -65.80
C ASP D 150 -56.20 -21.43 -65.22
N ARG D 151 -57.16 -21.71 -66.11
CA ARG D 151 -58.44 -22.21 -65.63
C ARG D 151 -58.26 -23.57 -64.94
N ASP D 152 -57.30 -24.37 -65.40
CA ASP D 152 -57.11 -25.73 -64.90
C ASP D 152 -55.91 -25.91 -63.98
N ASN D 153 -55.16 -24.86 -63.64
CA ASN D 153 -54.02 -25.01 -62.74
C ASN D 153 -54.54 -25.00 -61.30
N LYS D 154 -55.32 -26.03 -60.97
CA LYS D 154 -55.95 -26.12 -59.66
C LYS D 154 -55.01 -26.66 -58.58
N GLU D 155 -53.90 -27.26 -58.96
CA GLU D 155 -52.90 -27.71 -58.01
C GLU D 155 -51.98 -26.57 -57.64
N LEU D 156 -52.18 -25.40 -58.25
CA LEU D 156 -51.35 -24.23 -58.05
C LEU D 156 -49.87 -24.61 -58.22
N LYS D 157 -49.61 -25.37 -59.28
CA LYS D 157 -48.24 -25.66 -59.66
C LYS D 157 -47.56 -24.41 -60.19
N ALA D 158 -46.24 -24.34 -60.04
CA ALA D 158 -45.51 -23.13 -60.36
C ALA D 158 -44.11 -23.46 -60.85
N PHE D 159 -43.50 -22.48 -61.49
CA PHE D 159 -42.14 -22.60 -61.97
C PHE D 159 -41.33 -21.54 -61.23
N ASN D 160 -40.10 -21.91 -60.81
CA ASN D 160 -39.21 -21.01 -60.08
C ASN D 160 -38.28 -20.40 -61.12
N ILE D 161 -38.26 -19.08 -61.20
CA ILE D 161 -37.44 -18.34 -62.15
C ILE D 161 -36.33 -17.64 -61.39
N ARG D 162 -35.10 -17.81 -61.87
CA ARG D 162 -33.94 -17.38 -61.12
C ARG D 162 -33.76 -15.86 -61.19
N LEU D 163 -33.47 -15.27 -60.02
CA LEU D 163 -33.25 -13.84 -59.87
C LEU D 163 -31.83 -13.61 -59.37
N GLU D 164 -31.05 -12.81 -60.10
CA GLU D 164 -29.69 -12.53 -59.63
C GLU D 164 -29.67 -11.60 -58.42
N GLU D 165 -30.56 -10.61 -58.39
CA GLU D 165 -30.62 -9.69 -57.26
C GLU D 165 -31.12 -10.48 -56.06
N LEU D 166 -30.21 -10.84 -55.15
CA LEU D 166 -30.57 -11.80 -54.11
C LEU D 166 -31.44 -11.17 -53.04
N HIS D 167 -31.13 -9.94 -52.65
CA HIS D 167 -31.83 -9.22 -51.59
C HIS D 167 -32.81 -8.25 -52.22
N VAL D 168 -34.09 -8.60 -52.20
CA VAL D 168 -35.15 -7.77 -52.76
C VAL D 168 -35.91 -7.14 -51.61
N ILE D 169 -36.11 -5.82 -51.68
CA ILE D 169 -36.81 -5.11 -50.62
C ILE D 169 -38.32 -5.18 -50.85
N ASP D 170 -38.77 -4.87 -52.05
CA ASP D 170 -40.19 -4.90 -52.37
C ASP D 170 -40.35 -5.09 -53.88
N VAL D 171 -41.45 -5.72 -54.28
CA VAL D 171 -41.70 -6.01 -55.68
C VAL D 171 -43.20 -5.85 -55.93
N LYS D 172 -43.54 -5.28 -57.08
CA LYS D 172 -44.93 -5.17 -57.51
C LYS D 172 -44.98 -5.42 -59.01
N PHE D 173 -46.13 -5.92 -59.49
CA PHE D 173 -46.40 -5.97 -60.92
C PHE D 173 -46.83 -4.58 -61.37
N LEU D 174 -46.17 -4.03 -62.39
CA LEU D 174 -46.45 -2.66 -62.80
C LEU D 174 -47.68 -2.53 -63.69
N TYR D 175 -48.21 -1.30 -63.70
CA TYR D 175 -49.38 -0.96 -64.51
C TYR D 175 -48.91 -0.28 -65.80
N GLY D 176 -49.70 -0.44 -66.86
CA GLY D 176 -49.46 0.21 -68.13
C GLY D 176 -48.33 -0.35 -68.94
N CYS D 177 -47.93 -1.59 -68.68
CA CYS D 177 -46.94 -2.30 -69.49
C CYS D 177 -47.68 -3.34 -70.31
N GLN D 178 -47.30 -3.46 -71.59
CA GLN D 178 -48.02 -4.35 -72.48
C GLN D 178 -47.87 -5.82 -72.06
N ALA D 179 -46.70 -6.18 -71.54
CA ALA D 179 -46.36 -7.53 -71.15
C ALA D 179 -46.07 -7.54 -69.66
N PRO D 180 -46.19 -8.69 -69.01
CA PRO D 180 -45.98 -8.73 -67.55
C PRO D 180 -44.63 -8.14 -67.14
N THR D 181 -44.68 -7.20 -66.19
CA THR D 181 -43.48 -6.53 -65.73
C THR D 181 -43.50 -6.42 -64.21
N ILE D 182 -42.34 -6.69 -63.59
CA ILE D 182 -42.18 -6.57 -62.15
C ILE D 182 -41.22 -5.42 -61.92
N CYS D 183 -41.48 -4.61 -60.91
CA CYS D 183 -40.61 -3.51 -60.53
C CYS D 183 -40.25 -3.70 -59.06
N PHE D 184 -38.96 -3.82 -58.76
CA PHE D 184 -38.50 -4.09 -57.41
C PHE D 184 -37.34 -3.17 -57.03
N VAL D 185 -37.19 -2.99 -55.73
CA VAL D 185 -36.03 -2.36 -55.11
C VAL D 185 -35.18 -3.46 -54.48
N TYR D 186 -33.89 -3.45 -54.77
CA TYR D 186 -32.97 -4.46 -54.27
C TYR D 186 -31.83 -3.77 -53.55
N GLN D 187 -31.14 -4.54 -52.70
CA GLN D 187 -30.00 -4.02 -51.98
C GLN D 187 -28.80 -4.89 -52.34
N ASP D 188 -27.78 -4.27 -52.89
CA ASP D 188 -26.51 -4.93 -53.18
C ASP D 188 -25.48 -4.07 -52.46
N PRO D 189 -24.20 -4.41 -52.54
CA PRO D 189 -23.20 -3.60 -51.82
C PRO D 189 -23.14 -2.15 -52.29
N GLN D 190 -23.66 -1.84 -53.48
CA GLN D 190 -23.53 -0.51 -54.04
C GLN D 190 -24.66 0.43 -53.61
N GLY D 191 -25.51 0.00 -52.68
CA GLY D 191 -26.66 0.77 -52.25
C GLY D 191 -27.96 0.09 -52.60
N ARG D 192 -29.07 0.83 -52.57
CA ARG D 192 -30.36 0.30 -52.99
C ARG D 192 -30.69 0.90 -54.35
N HIS D 193 -31.27 0.07 -55.22
CA HIS D 193 -31.54 0.45 -56.60
C HIS D 193 -32.93 -0.09 -56.95
N VAL D 194 -33.51 0.47 -58.01
CA VAL D 194 -34.77 -0.03 -58.55
C VAL D 194 -34.53 -0.52 -59.97
N LYS D 195 -34.94 -1.75 -60.24
CA LYS D 195 -34.80 -2.35 -61.56
C LYS D 195 -36.07 -3.12 -61.87
N THR D 196 -36.39 -3.19 -63.16
CA THR D 196 -37.59 -3.88 -63.62
C THR D 196 -37.19 -5.00 -64.58
N TYR D 197 -37.95 -6.10 -64.50
CA TYR D 197 -37.82 -7.23 -65.40
C TYR D 197 -39.22 -7.56 -65.90
N GLU D 198 -39.31 -8.28 -67.01
CA GLU D 198 -40.58 -8.80 -67.50
C GLU D 198 -40.55 -10.32 -67.56
N VAL D 199 -41.73 -10.93 -67.36
CA VAL D 199 -41.88 -12.38 -67.23
C VAL D 199 -42.67 -12.94 -68.41
N SER D 200 -42.18 -14.04 -68.98
CA SER D 200 -42.86 -14.79 -70.03
C SER D 200 -43.24 -16.17 -69.50
N LEU D 201 -44.54 -16.45 -69.42
CA LEU D 201 -45.05 -17.73 -68.95
C LEU D 201 -44.67 -18.88 -69.89
N ARG D 202 -44.76 -18.65 -71.20
CA ARG D 202 -44.39 -19.68 -72.16
C ARG D 202 -42.88 -19.92 -72.11
N GLU D 203 -42.10 -18.84 -72.02
CA GLU D 203 -40.67 -19.00 -71.95
C GLU D 203 -40.22 -19.47 -70.57
N LYS D 204 -41.03 -19.27 -69.54
CA LYS D 204 -40.68 -19.71 -68.20
C LYS D 204 -39.33 -19.13 -67.77
N GLU D 205 -39.08 -17.87 -68.15
CA GLU D 205 -37.85 -17.19 -67.77
C GLU D 205 -38.07 -15.68 -67.83
N PHE D 206 -37.16 -14.94 -67.20
CA PHE D 206 -37.19 -13.50 -67.22
C PHE D 206 -36.69 -12.98 -68.57
N ASN D 207 -37.15 -11.80 -68.94
CA ASN D 207 -36.69 -11.09 -70.12
C ASN D 207 -36.31 -9.66 -69.76
N LYS D 208 -35.66 -9.02 -70.72
CA LYS D 208 -35.07 -7.69 -70.53
C LYS D 208 -36.11 -6.71 -70.02
N GLY D 209 -35.68 -5.83 -69.10
CA GLY D 209 -36.62 -4.99 -68.41
C GLY D 209 -37.07 -3.79 -69.23
N PRO D 210 -38.29 -3.32 -68.96
CA PRO D 210 -38.81 -2.19 -69.74
C PRO D 210 -38.04 -0.89 -69.57
N TRP D 211 -37.65 -0.52 -68.36
CA TRP D 211 -36.97 0.76 -68.18
C TRP D 211 -35.72 0.60 -67.34
N LYS D 212 -34.85 1.62 -67.43
CA LYS D 212 -33.52 1.49 -66.89
C LYS D 212 -33.54 1.45 -65.36
N GLN D 213 -32.56 0.75 -64.80
CA GLN D 213 -32.34 0.77 -63.36
C GLN D 213 -31.74 2.12 -62.96
N GLU D 214 -32.07 2.57 -61.77
CA GLU D 214 -31.51 3.80 -61.21
C GLU D 214 -31.01 3.55 -59.80
N ASN D 215 -30.25 4.51 -59.29
CA ASN D 215 -29.69 4.45 -57.95
C ASN D 215 -30.61 5.23 -57.03
N VAL D 216 -31.30 4.52 -56.13
CA VAL D 216 -32.34 5.14 -55.33
C VAL D 216 -31.89 5.35 -53.89
N GLU D 217 -32.78 5.96 -53.10
CA GLU D 217 -32.53 6.20 -51.70
C GLU D 217 -32.10 4.94 -50.96
N ALA D 218 -31.16 5.12 -50.01
CA ALA D 218 -30.64 4.01 -49.23
C ALA D 218 -31.71 3.32 -48.42
N GLU D 219 -32.73 4.07 -48.00
CA GLU D 219 -33.81 3.52 -47.18
C GLU D 219 -35.08 3.32 -47.98
N ALA D 220 -34.96 3.11 -49.29
CA ALA D 220 -36.13 2.79 -50.10
C ALA D 220 -36.86 1.60 -49.50
N SER D 221 -38.12 1.83 -49.11
CA SER D 221 -38.89 0.85 -48.35
C SER D 221 -39.99 0.20 -49.18
N MET D 222 -40.76 0.98 -49.94
CA MET D 222 -41.94 0.43 -50.60
C MET D 222 -42.06 0.83 -52.06
N VAL D 223 -42.63 -0.09 -52.84
CA VAL D 223 -42.88 0.12 -54.26
C VAL D 223 -44.39 0.23 -54.45
N ILE D 224 -44.81 1.34 -55.07
CA ILE D 224 -46.20 1.62 -55.36
C ILE D 224 -46.37 1.61 -56.87
N ALA D 225 -47.28 0.78 -57.36
CA ALA D 225 -47.60 0.73 -58.78
C ALA D 225 -48.64 1.81 -59.09
N VAL D 226 -48.32 2.71 -60.02
CA VAL D 226 -49.19 3.85 -60.32
C VAL D 226 -50.18 3.41 -61.40
N PRO D 227 -51.44 3.82 -61.30
CA PRO D 227 -52.46 3.31 -62.24
C PRO D 227 -52.20 3.71 -63.68
N GLU D 228 -53.00 3.11 -64.56
CA GLU D 228 -52.79 3.27 -66.00
C GLU D 228 -52.72 4.71 -66.49
N PRO D 229 -53.52 5.65 -66.02
CA PRO D 229 -53.40 7.02 -66.56
C PRO D 229 -51.99 7.57 -66.51
N PHE D 230 -51.26 7.29 -65.42
CA PHE D 230 -49.89 7.74 -65.25
C PHE D 230 -48.83 6.67 -65.57
N GLY D 231 -49.11 5.40 -65.32
CA GLY D 231 -48.12 4.36 -65.50
C GLY D 231 -46.92 4.55 -64.58
N GLY D 232 -46.03 3.58 -64.53
CA GLY D 232 -44.81 3.70 -63.75
C GLY D 232 -44.98 3.27 -62.29
N ALA D 233 -44.03 3.71 -61.47
CA ALA D 233 -43.99 3.33 -60.05
C ALA D 233 -43.53 4.50 -59.21
N ILE D 234 -43.93 4.47 -57.94
CA ILE D 234 -43.48 5.42 -56.92
C ILE D 234 -42.71 4.63 -55.87
N ILE D 235 -41.61 5.21 -55.39
CA ILE D 235 -40.75 4.56 -54.41
C ILE D 235 -40.80 5.40 -53.13
N ILE D 236 -41.18 4.77 -52.02
CA ILE D 236 -41.28 5.46 -50.73
C ILE D 236 -40.01 5.16 -49.94
N GLY D 237 -39.39 6.22 -49.42
CA GLY D 237 -38.21 6.05 -48.60
C GLY D 237 -38.35 6.61 -47.20
N GLN D 238 -37.21 6.97 -46.60
CA GLN D 238 -37.19 7.62 -45.29
C GLN D 238 -37.24 9.13 -45.42
N GLU D 239 -36.52 9.68 -46.41
CA GLU D 239 -36.45 11.12 -46.62
C GLU D 239 -37.15 11.60 -47.89
N SER D 240 -37.31 10.74 -48.90
CA SER D 240 -37.78 11.18 -50.22
C SER D 240 -38.76 10.19 -50.81
N ILE D 241 -39.60 10.71 -51.71
CA ILE D 241 -40.52 9.93 -52.51
C ILE D 241 -40.17 10.16 -53.96
N THR D 242 -40.04 9.09 -54.74
CA THR D 242 -39.63 9.21 -56.13
C THR D 242 -40.63 8.52 -57.05
N TYR D 243 -40.69 9.01 -58.29
CA TYR D 243 -41.51 8.41 -59.34
C TYR D 243 -40.57 7.98 -60.45
N HIS D 244 -40.59 6.70 -60.78
CA HIS D 244 -39.72 6.14 -61.80
C HIS D 244 -40.64 5.46 -62.82
N ASN D 245 -40.94 6.14 -63.93
CA ASN D 245 -41.63 5.51 -65.06
C ASN D 245 -40.76 5.80 -66.28
N GLY D 246 -40.05 4.78 -66.74
CA GLY D 246 -39.24 4.92 -67.92
C GLY D 246 -38.30 6.11 -67.89
N ASP D 247 -38.47 7.00 -68.85
CA ASP D 247 -37.62 8.17 -68.91
C ASP D 247 -37.99 9.23 -67.89
N LYS D 248 -39.22 9.22 -67.39
CA LYS D 248 -39.65 10.26 -66.46
C LYS D 248 -39.05 9.95 -65.10
N TYR D 249 -38.42 10.95 -64.49
CA TYR D 249 -37.86 10.85 -63.15
C TYR D 249 -38.26 12.07 -62.36
N LEU D 250 -38.95 11.86 -61.25
CA LEU D 250 -39.34 12.89 -60.29
C LEU D 250 -38.90 12.49 -58.89
N ALA D 251 -38.66 13.51 -58.07
CA ALA D 251 -38.27 13.29 -56.68
C ALA D 251 -38.71 14.46 -55.81
N ILE D 252 -39.51 14.18 -54.79
CA ILE D 252 -39.89 15.15 -53.78
C ILE D 252 -39.37 14.66 -52.43
N ALA D 253 -38.75 15.57 -51.68
CA ALA D 253 -38.14 15.25 -50.39
C ALA D 253 -38.59 16.27 -49.36
N PRO D 254 -39.86 16.26 -48.99
CA PRO D 254 -40.37 17.25 -48.04
C PRO D 254 -39.85 16.97 -46.64
N PRO D 255 -39.48 18.00 -45.89
CA PRO D 255 -38.85 17.76 -44.57
C PRO D 255 -39.75 17.01 -43.60
N ILE D 256 -41.05 16.93 -43.89
CA ILE D 256 -42.02 16.45 -42.91
C ILE D 256 -41.90 14.95 -42.71
N ILE D 257 -41.70 14.19 -43.78
CA ILE D 257 -41.73 12.75 -43.67
C ILE D 257 -40.48 12.19 -43.00
N LYS D 258 -39.37 12.91 -43.07
CA LYS D 258 -38.14 12.45 -42.44
C LYS D 258 -38.34 12.27 -40.94
N GLN D 259 -39.31 12.98 -40.35
CA GLN D 259 -39.49 12.92 -38.90
C GLN D 259 -39.89 11.54 -38.43
N SER D 260 -40.65 10.79 -39.23
CA SER D 260 -41.05 9.46 -38.81
C SER D 260 -41.19 8.57 -40.04
N THR D 261 -40.77 7.32 -39.89
CA THR D 261 -40.76 6.40 -41.01
C THR D 261 -42.17 6.10 -41.52
N ILE D 262 -42.34 6.22 -42.82
CA ILE D 262 -43.60 5.86 -43.49
C ILE D 262 -43.61 4.36 -43.73
N VAL D 263 -44.68 3.69 -43.30
CA VAL D 263 -44.72 2.24 -43.32
C VAL D 263 -45.82 1.66 -44.20
N CYS D 264 -46.87 2.38 -44.54
CA CYS D 264 -47.96 1.82 -45.33
C CYS D 264 -48.52 2.84 -46.33
N HIS D 265 -49.16 2.31 -47.39
CA HIS D 265 -49.77 3.10 -48.45
C HIS D 265 -51.08 2.49 -48.95
N ASN D 266 -51.93 3.35 -49.50
CA ASN D 266 -53.14 2.92 -50.23
C ASN D 266 -53.54 3.98 -51.25
N ARG D 267 -54.25 3.53 -52.29
CA ARG D 267 -54.68 4.37 -53.40
C ARG D 267 -56.07 4.93 -53.09
N VAL D 268 -56.19 6.26 -53.11
CA VAL D 268 -57.47 6.88 -52.81
C VAL D 268 -58.32 6.88 -54.08
N ASP D 269 -57.77 7.40 -55.18
CA ASP D 269 -58.43 7.54 -56.47
C ASP D 269 -57.92 6.52 -57.48
N PRO D 270 -58.80 5.81 -58.18
CA PRO D 270 -58.30 4.80 -59.14
C PRO D 270 -57.41 5.34 -60.25
N ASN D 271 -57.61 6.59 -60.69
CA ASN D 271 -56.71 7.12 -61.71
C ASN D 271 -55.29 7.26 -61.18
N GLY D 272 -55.12 7.32 -59.86
CA GLY D 272 -53.82 7.41 -59.25
C GLY D 272 -53.39 8.79 -58.81
N SER D 273 -54.26 9.79 -58.93
CA SER D 273 -53.89 11.14 -58.55
C SER D 273 -53.63 11.26 -57.06
N ARG D 274 -54.38 10.52 -56.24
CA ARG D 274 -54.31 10.66 -54.80
C ARG D 274 -53.99 9.31 -54.18
N TYR D 275 -53.01 9.31 -53.26
CA TYR D 275 -52.56 8.14 -52.52
C TYR D 275 -52.47 8.49 -51.04
N LEU D 276 -52.66 7.47 -50.19
CA LEU D 276 -52.60 7.61 -48.73
C LEU D 276 -51.33 7.01 -48.15
N LEU D 277 -50.74 7.70 -47.17
CA LEU D 277 -49.52 7.26 -46.52
C LEU D 277 -49.63 7.36 -45.00
N GLY D 278 -49.09 6.36 -44.30
CA GLY D 278 -49.01 6.41 -42.86
C GLY D 278 -47.60 6.12 -42.36
N ASP D 279 -47.28 6.68 -41.19
CA ASP D 279 -45.95 6.55 -40.61
C ASP D 279 -46.05 6.08 -39.17
N MET D 280 -44.88 5.78 -38.59
CA MET D 280 -44.82 5.14 -37.28
C MET D 280 -45.38 6.02 -36.17
N GLU D 281 -45.36 7.35 -36.33
CA GLU D 281 -45.97 8.22 -35.33
C GLU D 281 -47.47 8.36 -35.52
N GLY D 282 -48.06 7.59 -36.43
CA GLY D 282 -49.48 7.58 -36.61
C GLY D 282 -49.98 8.65 -37.56
N ARG D 283 -49.09 9.43 -38.12
CA ARG D 283 -49.51 10.53 -38.98
C ARG D 283 -50.05 9.99 -40.30
N LEU D 284 -51.07 10.66 -40.81
CA LEU D 284 -51.73 10.28 -42.04
C LEU D 284 -51.51 11.36 -43.08
N PHE D 285 -50.95 10.99 -44.22
CA PHE D 285 -50.65 11.93 -45.29
C PHE D 285 -51.47 11.63 -46.54
N MET D 286 -51.58 12.64 -47.40
CA MET D 286 -52.11 12.49 -48.74
C MET D 286 -51.00 12.76 -49.75
N LEU D 287 -50.74 11.79 -50.62
CA LEU D 287 -49.77 11.94 -51.71
C LEU D 287 -50.54 12.27 -52.99
N LEU D 288 -50.19 13.38 -53.62
CA LEU D 288 -50.91 13.92 -54.76
C LEU D 288 -50.05 13.83 -56.01
N LEU D 289 -50.60 13.27 -57.08
CA LEU D 289 -49.92 13.19 -58.38
C LEU D 289 -50.53 14.23 -59.31
N GLU D 290 -49.83 15.34 -59.50
CA GLU D 290 -50.31 16.42 -60.35
C GLU D 290 -50.10 16.11 -61.82
N LYS D 291 -51.21 16.06 -62.56
CA LYS D 291 -51.20 15.61 -63.95
C LYS D 291 -50.97 16.82 -64.87
N GLU D 292 -50.34 16.55 -66.01
CA GLU D 292 -50.21 17.52 -67.09
C GLU D 292 -50.68 16.87 -68.37
N GLU D 293 -51.66 17.46 -69.06
CA GLU D 293 -52.09 16.90 -70.33
C GLU D 293 -51.18 17.51 -71.38
N GLN D 294 -50.81 16.72 -72.38
CA GLN D 294 -49.92 17.17 -73.43
C GLN D 294 -50.77 17.57 -74.61
N MET D 295 -50.17 18.30 -75.53
CA MET D 295 -50.91 18.66 -76.74
C MET D 295 -51.37 17.40 -77.46
N ASP D 296 -50.66 16.28 -77.24
CA ASP D 296 -51.03 15.01 -77.84
C ASP D 296 -52.42 14.52 -77.40
N GLY D 297 -52.87 14.94 -76.23
CA GLY D 297 -54.02 14.35 -75.57
C GLY D 297 -53.60 13.38 -74.48
N THR D 298 -52.32 13.03 -74.44
CA THR D 298 -51.73 12.18 -73.41
C THR D 298 -51.48 12.98 -72.13
N VAL D 299 -51.59 12.31 -70.99
CA VAL D 299 -51.40 12.91 -69.67
C VAL D 299 -50.13 12.36 -69.04
N THR D 300 -49.22 13.27 -68.68
CA THR D 300 -47.96 12.96 -68.00
C THR D 300 -47.96 13.55 -66.59
N LEU D 301 -47.14 12.96 -65.72
CA LEU D 301 -47.00 13.40 -64.34
C LEU D 301 -46.11 14.64 -64.22
N LYS D 302 -46.71 15.77 -63.88
CA LYS D 302 -45.95 17.01 -63.73
C LYS D 302 -45.20 17.09 -62.39
N ASP D 303 -45.85 16.73 -61.29
CA ASP D 303 -45.24 16.93 -59.98
C ASP D 303 -45.92 16.09 -58.91
N LEU D 304 -45.24 15.98 -57.76
CA LEU D 304 -45.73 15.30 -56.58
C LEU D 304 -45.92 16.28 -55.44
N ARG D 305 -46.92 16.03 -54.61
CA ARG D 305 -47.19 16.86 -53.43
C ARG D 305 -47.64 15.95 -52.29
N VAL D 306 -47.27 16.35 -51.07
CA VAL D 306 -47.66 15.63 -49.86
C VAL D 306 -48.39 16.60 -48.96
N GLU D 307 -49.54 16.16 -48.42
CA GLU D 307 -50.33 16.98 -47.51
C GLU D 307 -50.61 16.17 -46.26
N LEU D 308 -50.39 16.78 -45.09
CA LEU D 308 -50.68 16.14 -43.81
C LEU D 308 -52.17 16.21 -43.55
N LEU D 309 -52.80 15.06 -43.33
CA LEU D 309 -54.23 15.04 -43.07
C LEU D 309 -54.55 15.07 -41.58
N GLY D 310 -53.79 14.31 -40.79
CA GLY D 310 -54.05 14.27 -39.35
C GLY D 310 -53.34 13.13 -38.65
N GLU D 311 -54.02 12.55 -37.68
CA GLU D 311 -53.46 11.49 -36.87
C GLU D 311 -54.47 10.34 -36.77
N THR D 312 -53.96 9.13 -36.93
CA THR D 312 -54.73 7.91 -36.76
C THR D 312 -53.97 7.02 -35.77
N SER D 313 -54.49 5.82 -35.56
CA SER D 313 -53.72 4.80 -34.86
C SER D 313 -52.58 4.33 -35.76
N ILE D 314 -51.46 3.95 -35.13
CA ILE D 314 -50.30 3.47 -35.89
C ILE D 314 -50.76 2.35 -36.81
N ALA D 315 -50.64 2.56 -38.12
CA ALA D 315 -51.29 1.70 -39.10
C ALA D 315 -50.31 0.65 -39.60
N GLU D 316 -50.73 -0.61 -39.57
CA GLU D 316 -50.05 -1.64 -40.32
C GLU D 316 -50.41 -1.52 -41.79
N CYS D 317 -51.69 -1.23 -42.08
CA CYS D 317 -52.19 -1.06 -43.44
C CYS D 317 -53.37 -0.09 -43.43
N LEU D 318 -53.49 0.70 -44.49
CA LEU D 318 -54.61 1.61 -44.73
C LEU D 318 -55.44 1.15 -45.92
N THR D 319 -56.74 1.43 -45.88
CA THR D 319 -57.62 1.14 -47.01
C THR D 319 -58.73 2.17 -47.12
N TYR D 320 -59.03 2.61 -48.35
CA TYR D 320 -60.08 3.59 -48.60
C TYR D 320 -61.41 2.88 -48.91
N LEU D 321 -62.49 3.34 -48.28
CA LEU D 321 -63.80 2.71 -48.42
C LEU D 321 -64.78 3.52 -49.28
N ASP D 322 -64.28 4.47 -50.06
CA ASP D 322 -65.00 5.18 -51.11
C ASP D 322 -66.15 6.08 -50.66
N ASN D 323 -66.16 6.55 -49.42
CA ASN D 323 -67.15 7.56 -49.08
C ASN D 323 -66.49 8.61 -48.20
N GLY D 324 -65.17 8.75 -48.30
CA GLY D 324 -64.39 9.57 -47.42
C GLY D 324 -63.97 8.85 -46.17
N VAL D 325 -64.10 7.52 -46.16
CA VAL D 325 -63.86 6.68 -45.00
C VAL D 325 -62.61 5.85 -45.25
N VAL D 326 -61.79 5.69 -44.22
CA VAL D 326 -60.56 4.91 -44.27
C VAL D 326 -60.53 3.98 -43.07
N PHE D 327 -60.19 2.71 -43.30
CA PHE D 327 -60.00 1.74 -42.22
C PHE D 327 -58.53 1.73 -41.84
N VAL D 328 -58.24 2.12 -40.59
CA VAL D 328 -56.86 2.16 -40.11
C VAL D 328 -56.66 0.84 -39.40
N GLY D 329 -56.02 -0.11 -40.11
CA GLY D 329 -55.74 -1.42 -39.53
C GLY D 329 -54.44 -1.40 -38.77
N SER D 330 -54.52 -1.58 -37.46
CA SER D 330 -53.39 -1.40 -36.57
C SER D 330 -53.01 -2.70 -35.87
N ARG D 331 -51.71 -2.95 -35.79
CA ARG D 331 -51.20 -4.09 -35.04
C ARG D 331 -50.71 -3.72 -33.64
N LEU D 332 -50.44 -2.44 -33.39
CA LEU D 332 -49.95 -1.98 -32.11
C LEU D 332 -51.01 -1.27 -31.27
N GLY D 333 -52.13 -0.87 -31.88
CA GLY D 333 -53.18 -0.18 -31.15
C GLY D 333 -54.55 -0.47 -31.70
N ASP D 334 -55.56 0.28 -31.24
CA ASP D 334 -56.92 0.06 -31.73
C ASP D 334 -57.00 0.37 -33.22
N SER D 335 -57.69 -0.48 -33.97
CA SER D 335 -58.00 -0.19 -35.36
C SER D 335 -59.12 0.85 -35.40
N GLN D 336 -59.22 1.54 -36.54
CA GLN D 336 -60.12 2.69 -36.59
C GLN D 336 -60.86 2.76 -37.92
N LEU D 337 -61.95 3.54 -37.89
CA LEU D 337 -62.64 4.05 -39.06
C LEU D 337 -62.59 5.57 -38.98
N VAL D 338 -62.02 6.21 -40.00
CA VAL D 338 -61.85 7.65 -39.96
C VAL D 338 -62.49 8.30 -41.17
N LYS D 339 -63.04 9.49 -40.94
CA LYS D 339 -63.64 10.32 -41.97
C LYS D 339 -62.64 11.39 -42.37
N LEU D 340 -62.41 11.49 -43.67
CA LEU D 340 -61.55 12.52 -44.25
C LEU D 340 -62.46 13.64 -44.73
N ASN D 341 -62.23 14.85 -44.23
CA ASN D 341 -63.03 16.01 -44.58
C ASN D 341 -62.27 16.92 -45.53
N VAL D 342 -63.03 17.65 -46.34
CA VAL D 342 -62.43 18.61 -47.25
C VAL D 342 -61.91 19.84 -46.51
N ASP D 343 -62.69 20.33 -45.54
CA ASP D 343 -62.28 21.44 -44.70
C ASP D 343 -61.71 20.90 -43.40
N SER D 344 -60.64 21.53 -42.93
CA SER D 344 -60.03 21.16 -41.66
C SER D 344 -60.88 21.65 -40.49
N ASN D 345 -60.71 21.02 -39.34
CA ASN D 345 -61.42 21.45 -38.14
C ASN D 345 -60.62 22.57 -37.46
N GLU D 346 -61.04 22.94 -36.25
CA GLU D 346 -60.40 24.07 -35.57
C GLU D 346 -58.96 23.78 -35.17
N GLN D 347 -58.56 22.52 -35.16
CA GLN D 347 -57.21 22.13 -34.78
C GLN D 347 -56.28 22.01 -35.97
N GLY D 348 -56.79 22.19 -37.18
CA GLY D 348 -56.03 22.00 -38.38
C GLY D 348 -56.12 20.61 -38.96
N SER D 349 -56.93 19.74 -38.36
CA SER D 349 -57.01 18.35 -38.79
C SER D 349 -58.15 18.15 -39.78
N TYR D 350 -57.90 17.28 -40.75
CA TYR D 350 -58.92 16.86 -41.71
C TYR D 350 -59.46 15.47 -41.39
N VAL D 351 -59.06 14.88 -40.27
CA VAL D 351 -59.38 13.51 -39.92
C VAL D 351 -60.24 13.49 -38.67
N VAL D 352 -61.35 12.77 -38.72
CA VAL D 352 -62.23 12.60 -37.58
C VAL D 352 -62.53 11.13 -37.42
N ALA D 353 -62.27 10.59 -36.23
CA ALA D 353 -62.53 9.18 -35.99
C ALA D 353 -64.03 8.93 -36.03
N MET D 354 -64.41 7.81 -36.64
CA MET D 354 -65.80 7.37 -36.62
C MET D 354 -65.99 6.26 -35.59
N GLU D 355 -65.27 5.16 -35.75
CA GLU D 355 -65.39 4.02 -34.85
C GLU D 355 -64.03 3.54 -34.41
N THR D 356 -63.99 2.86 -33.27
CA THR D 356 -62.78 2.27 -32.72
C THR D 356 -63.00 0.78 -32.48
N PHE D 357 -62.12 -0.04 -33.06
CA PHE D 357 -62.16 -1.49 -32.94
C PHE D 357 -61.14 -1.96 -31.93
N THR D 358 -61.60 -2.65 -30.90
CA THR D 358 -60.71 -3.06 -29.83
C THR D 358 -59.58 -3.92 -30.41
N ASN D 359 -58.35 -3.55 -30.08
CA ASN D 359 -57.17 -4.35 -30.41
C ASN D 359 -56.35 -4.48 -29.13
N LEU D 360 -56.26 -5.69 -28.60
CA LEU D 360 -55.41 -5.92 -27.44
C LEU D 360 -53.94 -5.76 -27.78
N GLY D 361 -53.60 -5.64 -29.07
CA GLY D 361 -52.26 -5.31 -29.47
C GLY D 361 -51.25 -6.27 -28.90
N PRO D 362 -49.98 -5.89 -28.98
CA PRO D 362 -48.95 -6.68 -28.28
C PRO D 362 -49.24 -6.75 -26.78
N ILE D 363 -49.29 -7.97 -26.26
CA ILE D 363 -49.50 -8.18 -24.83
C ILE D 363 -48.13 -8.46 -24.22
N VAL D 364 -47.48 -7.42 -23.67
CA VAL D 364 -46.11 -7.58 -23.22
C VAL D 364 -46.06 -8.44 -21.96
N ASP D 365 -46.94 -8.16 -20.99
CA ASP D 365 -47.04 -8.90 -19.73
C ASP D 365 -48.49 -8.75 -19.26
N MET D 366 -48.87 -9.54 -18.26
CA MET D 366 -50.25 -9.46 -17.79
C MET D 366 -50.36 -10.10 -16.41
N CYS D 367 -51.39 -9.71 -15.67
CA CYS D 367 -51.66 -10.23 -14.34
C CYS D 367 -53.15 -10.52 -14.18
N VAL D 368 -53.45 -11.53 -13.37
CA VAL D 368 -54.83 -11.92 -13.06
C VAL D 368 -55.11 -11.50 -11.62
N VAL D 369 -56.22 -10.79 -11.40
CA VAL D 369 -56.57 -10.28 -10.09
C VAL D 369 -58.08 -10.30 -9.95
N ASP D 370 -58.56 -10.78 -8.80
CA ASP D 370 -59.99 -10.79 -8.50
C ASP D 370 -60.30 -9.47 -7.81
N LEU D 371 -60.41 -8.41 -8.61
CA LEU D 371 -60.61 -7.08 -8.04
C LEU D 371 -61.92 -7.03 -7.27
N GLU D 372 -62.91 -7.81 -7.69
CA GLU D 372 -64.20 -7.81 -7.04
C GLU D 372 -64.19 -8.75 -5.84
N ARG D 373 -63.06 -9.44 -5.62
CA ARG D 373 -62.79 -10.40 -4.56
C ARG D 373 -63.71 -11.62 -4.61
N GLN D 374 -64.55 -11.77 -5.62
CA GLN D 374 -65.31 -12.98 -5.85
C GLN D 374 -64.41 -13.99 -6.57
N GLY D 375 -64.95 -15.19 -6.83
CA GLY D 375 -64.10 -16.18 -7.47
C GLY D 375 -63.78 -15.84 -8.91
N GLN D 376 -64.52 -14.91 -9.51
CA GLN D 376 -64.28 -14.50 -10.88
C GLN D 376 -63.09 -13.55 -10.91
N GLY D 377 -62.16 -13.82 -11.80
CA GLY D 377 -60.91 -13.09 -11.91
C GLY D 377 -60.88 -12.25 -13.17
N GLN D 378 -60.14 -11.14 -13.11
CA GLN D 378 -60.01 -10.26 -14.24
C GLN D 378 -58.55 -10.16 -14.66
N LEU D 379 -58.34 -10.02 -15.96
CA LEU D 379 -57.00 -9.96 -16.56
C LEU D 379 -56.69 -8.51 -16.92
N VAL D 380 -55.59 -7.99 -16.39
CA VAL D 380 -55.08 -6.67 -16.72
C VAL D 380 -53.81 -6.87 -17.53
N THR D 381 -53.82 -6.41 -18.78
CA THR D 381 -52.71 -6.61 -19.69
C THR D 381 -51.98 -5.28 -19.94
N CYS D 382 -50.67 -5.38 -20.16
CA CYS D 382 -49.88 -4.30 -20.72
C CYS D 382 -49.92 -4.42 -22.23
N SER D 383 -50.66 -3.55 -22.89
CA SER D 383 -50.97 -3.74 -24.30
C SER D 383 -50.59 -2.54 -25.15
N GLY D 384 -50.15 -2.84 -26.38
CA GLY D 384 -49.81 -1.82 -27.33
C GLY D 384 -48.38 -1.35 -27.21
N ALA D 385 -48.08 -0.32 -27.99
CA ALA D 385 -46.75 0.29 -28.00
C ALA D 385 -46.89 1.76 -28.35
N PHE D 386 -45.90 2.54 -27.93
CA PHE D 386 -45.76 3.96 -28.23
C PHE D 386 -47.04 4.68 -27.82
N LYS D 387 -47.62 5.54 -28.67
CA LYS D 387 -48.80 6.30 -28.27
C LYS D 387 -50.02 5.41 -28.07
N GLU D 388 -49.97 4.17 -28.51
CA GLU D 388 -51.08 3.25 -28.36
C GLU D 388 -50.97 2.44 -27.06
N GLY D 389 -49.96 2.72 -26.25
CA GLY D 389 -49.77 1.96 -25.03
C GLY D 389 -50.95 2.13 -24.09
N SER D 390 -51.33 1.03 -23.43
CA SER D 390 -52.51 1.04 -22.58
C SER D 390 -52.46 -0.14 -21.63
N LEU D 391 -53.27 -0.05 -20.59
CA LEU D 391 -53.65 -1.22 -19.81
C LEU D 391 -55.04 -1.64 -20.29
N ARG D 392 -55.30 -2.94 -20.29
CA ARG D 392 -56.61 -3.46 -20.69
C ARG D 392 -57.10 -4.37 -19.58
N ILE D 393 -58.25 -4.04 -19.01
CA ILE D 393 -58.90 -4.85 -17.99
C ILE D 393 -59.96 -5.69 -18.68
N ILE D 394 -59.79 -7.01 -18.61
CA ILE D 394 -60.61 -7.94 -19.35
C ILE D 394 -61.28 -8.82 -18.31
N ARG D 395 -62.60 -8.91 -18.39
CA ARG D 395 -63.35 -9.68 -17.43
C ARG D 395 -64.31 -10.55 -18.22
N ASN D 396 -64.51 -11.79 -17.78
CA ASN D 396 -65.51 -12.62 -18.41
C ASN D 396 -66.86 -12.10 -17.93
N GLY D 397 -67.75 -11.80 -18.88
CA GLY D 397 -69.02 -11.19 -18.55
C GLY D 397 -70.09 -12.21 -18.24
N ILE D 398 -71.24 -11.67 -17.83
CA ILE D 398 -72.38 -12.52 -17.51
C ILE D 398 -73.65 -11.90 -18.08
N GLN D 408 -72.61 -13.89 -25.26
CA GLN D 408 -71.38 -14.17 -24.53
C GLN D 408 -70.21 -13.41 -25.16
N LYS D 409 -69.54 -12.59 -24.34
CA LYS D 409 -68.43 -11.77 -24.79
C LYS D 409 -67.55 -11.45 -23.58
N LEU D 410 -66.34 -10.95 -23.86
CA LEU D 410 -65.47 -10.42 -22.82
C LEU D 410 -65.69 -8.91 -22.74
N HIS D 411 -65.84 -8.39 -21.52
CA HIS D 411 -65.98 -6.95 -21.33
C HIS D 411 -64.58 -6.39 -21.08
N ILE D 412 -64.19 -5.41 -21.88
CA ILE D 412 -62.83 -4.93 -21.92
C ILE D 412 -62.86 -3.44 -21.62
N ARG D 413 -62.23 -3.07 -20.51
CA ARG D 413 -62.00 -1.67 -20.16
C ARG D 413 -60.61 -1.30 -20.63
N THR D 414 -60.47 -0.11 -21.21
CA THR D 414 -59.20 0.35 -21.78
C THR D 414 -58.69 1.56 -21.00
N VAL D 415 -57.42 1.52 -20.64
CA VAL D 415 -56.76 2.57 -19.87
C VAL D 415 -55.58 3.08 -20.68
N PRO D 416 -55.74 4.17 -21.41
CA PRO D 416 -54.63 4.68 -22.22
C PRO D 416 -53.48 5.25 -21.39
N LEU D 417 -52.26 4.95 -21.82
CA LEU D 417 -51.04 5.47 -21.21
C LEU D 417 -50.26 6.39 -22.14
N TYR D 418 -50.43 6.26 -23.45
CA TYR D 418 -49.76 7.06 -24.47
C TYR D 418 -48.24 6.87 -24.45
N GLU D 419 -47.75 5.87 -23.75
CA GLU D 419 -46.34 5.49 -23.75
C GLU D 419 -46.29 3.97 -23.67
N SER D 420 -45.13 3.39 -23.93
CA SER D 420 -45.06 1.95 -24.14
C SER D 420 -45.15 1.22 -22.79
N PRO D 421 -46.15 0.36 -22.59
CA PRO D 421 -46.18 -0.47 -21.38
C PRO D 421 -45.31 -1.71 -21.58
N ARG D 422 -44.55 -2.08 -20.54
CA ARG D 422 -43.61 -3.19 -20.69
C ARG D 422 -43.80 -4.31 -19.68
N LYS D 423 -44.12 -4.01 -18.41
CA LYS D 423 -44.34 -5.05 -17.41
C LYS D 423 -45.43 -4.57 -16.45
N ILE D 424 -46.08 -5.50 -15.74
CA ILE D 424 -47.07 -5.11 -14.74
C ILE D 424 -47.01 -6.05 -13.54
N CYS D 425 -47.23 -5.50 -12.35
CA CYS D 425 -47.31 -6.28 -11.13
C CYS D 425 -48.37 -5.67 -10.23
N TYR D 426 -49.12 -6.52 -9.54
CA TYR D 426 -50.19 -6.10 -8.66
C TYR D 426 -49.71 -6.16 -7.22
N GLN D 427 -50.01 -5.11 -6.46
CA GLN D 427 -49.63 -5.00 -5.05
C GLN D 427 -50.94 -4.80 -4.28
N GLU D 428 -51.47 -5.87 -3.68
CA GLU D 428 -52.75 -5.75 -2.99
C GLU D 428 -52.67 -4.76 -1.83
N VAL D 429 -51.59 -4.82 -1.06
CA VAL D 429 -51.52 -4.02 0.17
C VAL D 429 -51.83 -2.55 -0.11
N SER D 430 -51.41 -2.06 -1.26
CA SER D 430 -51.61 -0.66 -1.63
C SER D 430 -52.80 -0.46 -2.58
N GLN D 431 -53.55 -1.52 -2.89
CA GLN D 431 -54.68 -1.44 -3.80
C GLN D 431 -54.29 -0.81 -5.13
N CYS D 432 -53.08 -1.09 -5.58
CA CYS D 432 -52.55 -0.49 -6.79
C CYS D 432 -51.68 -1.48 -7.55
N PHE D 433 -51.57 -1.23 -8.86
CA PHE D 433 -50.65 -1.94 -9.74
C PHE D 433 -49.35 -1.15 -9.87
N GLY D 434 -48.27 -1.86 -10.16
CA GLY D 434 -47.01 -1.26 -10.59
C GLY D 434 -46.76 -1.65 -12.03
N VAL D 435 -46.52 -0.64 -12.87
CA VAL D 435 -46.37 -0.82 -14.31
C VAL D 435 -45.07 -0.17 -14.71
N LEU D 436 -44.20 -0.93 -15.39
CA LEU D 436 -42.98 -0.41 -15.99
C LEU D 436 -43.27 0.03 -17.42
N SER D 437 -42.82 1.23 -17.76
CA SER D 437 -43.17 1.85 -19.02
C SER D 437 -41.96 2.57 -19.60
N SER D 438 -41.99 2.80 -20.92
CA SER D 438 -40.97 3.62 -21.56
C SER D 438 -41.59 4.49 -22.63
N ARG D 439 -41.05 5.70 -22.74
CA ARG D 439 -41.48 6.69 -23.71
C ARG D 439 -40.27 7.13 -24.51
N ILE D 440 -40.55 7.63 -25.71
CA ILE D 440 -39.49 8.08 -26.62
C ILE D 440 -39.32 9.58 -26.48
N GLU D 441 -38.13 10.01 -26.10
CA GLU D 441 -37.75 11.41 -26.25
C GLU D 441 -36.67 11.50 -27.33
N VAL D 442 -36.51 12.71 -27.86
CA VAL D 442 -35.63 12.97 -28.98
C VAL D 442 -34.64 14.04 -28.56
N GLN D 443 -33.38 13.83 -28.91
CA GLN D 443 -32.33 14.80 -28.59
C GLN D 443 -32.61 16.12 -29.28
N ASP D 444 -32.60 17.19 -28.50
CA ASP D 444 -32.96 18.53 -28.91
C ASP D 444 -31.75 19.47 -28.83
N THR D 445 -32.02 20.74 -29.11
CA THR D 445 -30.98 21.75 -29.09
C THR D 445 -30.47 22.06 -27.68
N SER D 446 -31.23 21.68 -26.64
CA SER D 446 -30.77 21.95 -25.29
C SER D 446 -29.62 21.04 -24.89
N GLY D 447 -29.40 19.97 -25.64
CA GLY D 447 -28.54 18.91 -25.21
C GLY D 447 -29.28 17.81 -24.47
N GLY D 448 -30.44 18.13 -23.92
CA GLY D 448 -31.31 17.17 -23.31
C GLY D 448 -32.20 16.52 -24.33
N THR D 449 -33.35 16.05 -23.86
CA THR D 449 -34.30 15.35 -24.72
C THR D 449 -35.67 15.96 -24.50
N THR D 450 -36.52 15.80 -25.50
CA THR D 450 -37.86 16.35 -25.48
C THR D 450 -38.84 15.24 -25.84
N ALA D 451 -39.93 15.18 -25.08
CA ALA D 451 -40.95 14.17 -25.31
C ALA D 451 -41.80 14.57 -26.49
N LEU D 452 -42.07 13.60 -27.38
CA LEU D 452 -42.85 13.93 -28.56
C LEU D 452 -44.28 14.30 -28.20
N ARG D 453 -44.78 13.80 -27.09
CA ARG D 453 -46.14 14.06 -26.66
C ARG D 453 -46.24 13.82 -25.17
N PRO D 454 -47.21 14.43 -24.50
CA PRO D 454 -47.43 14.11 -23.08
C PRO D 454 -47.94 12.69 -22.93
N SER D 455 -47.60 12.07 -21.81
CA SER D 455 -48.00 10.69 -21.57
C SER D 455 -47.99 10.40 -20.08
N ALA D 456 -48.39 9.17 -19.73
CA ALA D 456 -48.67 8.82 -18.34
C ALA D 456 -47.56 9.23 -17.40
N SER D 457 -46.31 8.99 -17.78
CA SER D 457 -45.19 9.28 -16.88
C SER D 457 -44.92 10.77 -16.75
N THR D 458 -45.38 11.57 -17.72
CA THR D 458 -45.16 13.02 -17.70
C THR D 458 -46.33 13.79 -17.13
N GLN D 459 -47.49 13.16 -17.02
CA GLN D 459 -48.70 13.81 -16.54
C GLN D 459 -49.06 13.25 -15.16
N ALA D 460 -48.09 12.61 -14.52
CA ALA D 460 -48.30 12.02 -13.21
C ALA D 460 -48.48 13.11 -12.16
N LEU D 461 -49.30 12.78 -11.16
CA LEU D 461 -49.58 13.69 -10.07
C LEU D 461 -48.32 13.97 -9.25
N SER D 462 -47.63 12.91 -8.84
CA SER D 462 -46.38 13.00 -8.12
C SER D 462 -45.30 12.39 -9.00
N SER D 463 -44.10 12.96 -8.94
CA SER D 463 -43.03 12.53 -9.83
C SER D 463 -41.71 12.55 -9.06
N SER D 464 -40.81 11.65 -9.46
CA SER D 464 -39.49 11.56 -8.85
C SER D 464 -38.53 10.99 -9.87
N VAL D 465 -37.24 11.23 -9.65
CA VAL D 465 -36.18 10.77 -10.54
C VAL D 465 -35.06 10.17 -9.70
N SER D 466 -34.55 9.01 -10.13
CA SER D 466 -33.47 8.39 -9.39
C SER D 466 -32.27 9.31 -9.32
N SER D 467 -31.69 9.39 -8.12
CA SER D 467 -30.46 10.15 -7.89
C SER D 467 -29.27 9.22 -7.68
N SER D 468 -29.40 7.97 -8.09
CA SER D 468 -28.39 6.97 -7.84
C SER D 468 -27.05 7.42 -8.42
N LYS D 469 -25.99 7.24 -7.63
CA LYS D 469 -24.65 7.60 -8.06
C LYS D 469 -23.81 6.36 -8.37
N LEU D 470 -24.42 5.18 -8.40
CA LEU D 470 -23.67 3.93 -8.49
C LEU D 470 -22.77 3.92 -9.73
N PHE D 471 -23.35 4.19 -10.90
CA PHE D 471 -22.53 4.22 -12.10
C PHE D 471 -21.84 5.57 -12.26
N SER D 472 -22.31 6.58 -11.53
CA SER D 472 -21.64 7.88 -11.46
C SER D 472 -21.14 8.35 -12.81
N SER D 473 -19.96 8.98 -12.82
CA SER D 473 -19.30 9.38 -14.04
C SER D 473 -18.24 8.38 -14.48
N SER D 474 -18.22 7.20 -13.87
CA SER D 474 -17.28 6.15 -14.24
C SER D 474 -17.41 5.80 -15.71
N THR D 475 -18.64 5.58 -16.20
CA THR D 475 -18.84 5.26 -17.61
C THR D 475 -18.64 6.52 -18.45
N ALA D 476 -17.84 6.42 -19.51
CA ALA D 476 -17.60 7.55 -20.40
C ALA D 476 -18.86 7.93 -21.17
N PRO D 477 -19.14 9.23 -21.32
CA PRO D 477 -20.37 9.65 -22.00
C PRO D 477 -20.24 9.44 -23.50
N HIS D 478 -21.33 9.04 -24.12
CA HIS D 478 -21.35 8.71 -25.54
C HIS D 478 -21.89 9.87 -26.35
N GLU D 479 -21.46 9.94 -27.60
CA GLU D 479 -21.76 11.09 -28.41
C GLU D 479 -23.26 11.09 -28.72
N THR D 480 -23.87 12.27 -28.62
CA THR D 480 -25.29 12.44 -28.87
C THR D 480 -25.47 13.41 -30.03
N SER D 481 -26.27 13.00 -31.01
CA SER D 481 -26.56 13.81 -32.19
C SER D 481 -28.02 14.24 -32.14
N PHE D 482 -28.27 15.49 -32.55
CA PHE D 482 -29.63 16.02 -32.53
C PHE D 482 -30.54 15.15 -33.41
N GLY D 483 -31.72 14.85 -32.89
CA GLY D 483 -32.72 14.08 -33.60
C GLY D 483 -32.77 12.61 -33.26
N GLU D 484 -31.76 12.09 -32.58
CA GLU D 484 -31.74 10.67 -32.25
C GLU D 484 -32.75 10.36 -31.16
N GLU D 485 -33.40 9.20 -31.29
CA GLU D 485 -34.35 8.76 -30.30
C GLU D 485 -33.65 8.08 -29.13
N VAL D 486 -34.24 8.21 -27.95
CA VAL D 486 -33.79 7.49 -26.76
C VAL D 486 -35.01 7.07 -25.96
N GLU D 487 -34.89 5.94 -25.27
CA GLU D 487 -35.95 5.47 -24.39
C GLU D 487 -35.74 5.99 -22.98
N VAL D 488 -36.82 6.44 -22.36
CA VAL D 488 -36.84 6.87 -20.97
C VAL D 488 -37.79 5.93 -20.24
N HIS D 489 -37.30 5.26 -19.20
CA HIS D 489 -38.06 4.24 -18.50
C HIS D 489 -38.53 4.79 -17.17
N ASN D 490 -39.75 4.42 -16.79
CA ASN D 490 -40.36 4.90 -15.57
C ASN D 490 -41.04 3.74 -14.86
N LEU D 491 -41.24 3.90 -13.57
CA LEU D 491 -42.12 3.02 -12.80
C LEU D 491 -43.40 3.81 -12.54
N LEU D 492 -44.52 3.30 -13.03
CA LEU D 492 -45.81 3.94 -12.82
C LEU D 492 -46.57 3.20 -11.72
N ILE D 493 -47.08 3.94 -10.75
CA ILE D 493 -47.93 3.37 -9.71
C ILE D 493 -49.36 3.80 -10.03
N ILE D 494 -50.25 2.84 -10.27
CA ILE D 494 -51.59 3.08 -10.82
C ILE D 494 -52.64 2.46 -9.89
N ASP D 495 -53.73 3.19 -9.68
CA ASP D 495 -54.79 2.75 -8.75
C ASP D 495 -55.62 1.62 -9.33
N GLN D 496 -56.02 0.67 -8.45
CA GLN D 496 -56.64 -0.56 -8.93
C GLN D 496 -58.10 -0.40 -9.33
N HIS D 497 -58.75 0.69 -8.92
CA HIS D 497 -60.13 0.95 -9.30
C HIS D 497 -60.26 2.11 -10.29
N THR D 498 -59.59 3.22 -10.03
CA THR D 498 -59.64 4.37 -10.91
C THR D 498 -58.63 4.30 -12.03
N PHE D 499 -57.49 3.64 -11.79
CA PHE D 499 -56.41 3.56 -12.77
C PHE D 499 -55.86 4.94 -13.08
N GLU D 500 -55.97 5.86 -12.13
CA GLU D 500 -55.24 7.12 -12.18
C GLU D 500 -53.76 6.85 -11.92
N VAL D 501 -52.90 7.56 -12.64
CA VAL D 501 -51.46 7.43 -12.40
C VAL D 501 -51.15 8.19 -11.11
N LEU D 502 -50.89 7.45 -10.04
CA LEU D 502 -50.68 8.13 -8.76
C LEU D 502 -49.30 8.74 -8.67
N HIS D 503 -48.30 8.03 -9.18
CA HIS D 503 -46.91 8.44 -9.05
C HIS D 503 -46.13 7.91 -10.25
N ALA D 504 -45.01 8.57 -10.54
CA ALA D 504 -44.11 8.15 -11.60
C ALA D 504 -42.68 8.37 -11.16
N HIS D 505 -41.86 7.34 -11.31
CA HIS D 505 -40.45 7.37 -10.99
C HIS D 505 -39.67 7.21 -12.29
N GLN D 506 -38.88 8.22 -12.64
CA GLN D 506 -38.01 8.14 -13.81
C GLN D 506 -36.64 7.60 -13.45
N PHE D 507 -36.21 6.56 -14.16
CA PHE D 507 -34.94 5.90 -13.88
C PHE D 507 -33.80 6.69 -14.51
N LEU D 508 -32.58 6.20 -14.29
CA LEU D 508 -31.40 6.91 -14.73
C LEU D 508 -31.37 7.02 -16.25
N GLN D 509 -30.62 8.01 -16.72
CA GLN D 509 -30.42 8.16 -18.15
C GLN D 509 -29.79 6.91 -18.74
N ASN D 510 -30.41 6.40 -19.80
CA ASN D 510 -29.97 5.18 -20.48
C ASN D 510 -30.16 3.94 -19.62
N GLU D 511 -31.08 3.98 -18.66
CA GLU D 511 -31.39 2.83 -17.83
C GLU D 511 -32.70 2.26 -18.35
N TYR D 512 -32.68 0.97 -18.71
CA TYR D 512 -33.87 0.27 -19.18
C TYR D 512 -34.33 -0.65 -18.06
N ALA D 513 -35.61 -0.58 -17.72
CA ALA D 513 -36.20 -1.42 -16.68
C ALA D 513 -36.80 -2.66 -17.33
N LEU D 514 -36.36 -3.84 -16.88
CA LEU D 514 -36.73 -5.10 -17.49
C LEU D 514 -37.55 -6.02 -16.60
N SER D 515 -37.51 -5.82 -15.28
CA SER D 515 -38.15 -6.74 -14.37
C SER D 515 -38.82 -5.99 -13.23
N LEU D 516 -39.94 -6.56 -12.77
CA LEU D 516 -40.73 -5.96 -11.69
C LEU D 516 -41.40 -7.05 -10.87
N VAL D 517 -41.30 -6.93 -9.55
CA VAL D 517 -42.02 -7.81 -8.63
C VAL D 517 -42.65 -6.97 -7.51
N SER D 518 -43.67 -7.56 -6.88
CA SER D 518 -44.26 -7.02 -5.65
C SER D 518 -44.26 -8.14 -4.62
N CYS D 519 -43.60 -7.93 -3.49
CA CYS D 519 -43.50 -9.00 -2.50
C CYS D 519 -43.01 -8.48 -1.16
N LYS D 520 -43.16 -9.34 -0.14
CA LYS D 520 -42.52 -9.19 1.16
C LYS D 520 -41.27 -10.07 1.17
N LEU D 521 -40.21 -9.61 1.83
CA LEU D 521 -38.99 -10.38 1.92
C LEU D 521 -38.52 -10.57 3.35
N GLY D 522 -37.87 -11.71 3.60
CA GLY D 522 -37.24 -11.96 4.88
C GLY D 522 -38.20 -11.82 6.05
N LYS D 523 -37.73 -11.12 7.08
CA LYS D 523 -38.54 -10.80 8.25
C LYS D 523 -39.10 -9.39 8.19
N ASP D 524 -39.05 -8.75 7.02
CA ASP D 524 -39.61 -7.42 6.83
C ASP D 524 -41.08 -7.52 6.47
N PRO D 525 -41.99 -7.00 7.30
CA PRO D 525 -43.42 -7.10 6.95
C PRO D 525 -43.81 -6.14 5.84
N ASN D 526 -42.97 -5.16 5.50
CA ASN D 526 -43.31 -4.19 4.49
C ASN D 526 -43.33 -4.84 3.11
N THR D 527 -44.32 -4.45 2.30
CA THR D 527 -44.46 -4.94 0.94
C THR D 527 -43.88 -3.91 -0.04
N TYR D 528 -42.95 -4.37 -0.88
CA TYR D 528 -42.18 -3.50 -1.75
C TYR D 528 -42.47 -3.78 -3.22
N PHE D 529 -42.23 -2.76 -4.05
CA PHE D 529 -42.07 -2.92 -5.49
C PHE D 529 -40.58 -2.97 -5.76
N ILE D 530 -40.12 -4.03 -6.42
CA ILE D 530 -38.70 -4.19 -6.75
C ILE D 530 -38.56 -4.24 -8.26
N VAL D 531 -37.70 -3.38 -8.79
CA VAL D 531 -37.51 -3.21 -10.21
C VAL D 531 -36.09 -3.63 -10.54
N GLY D 532 -35.92 -4.36 -11.64
CA GLY D 532 -34.61 -4.76 -12.14
C GLY D 532 -34.31 -3.98 -13.41
N THR D 533 -33.16 -3.33 -13.41
CA THR D 533 -32.78 -2.37 -14.44
C THR D 533 -31.54 -2.87 -15.17
N ALA D 534 -31.27 -2.30 -16.34
CA ALA D 534 -30.05 -2.58 -17.08
C ALA D 534 -29.54 -1.31 -17.76
N MET D 535 -28.24 -1.06 -17.70
CA MET D 535 -27.67 0.09 -18.39
C MET D 535 -27.43 -0.26 -19.86
N VAL D 536 -28.12 0.43 -20.75
CA VAL D 536 -28.09 0.16 -22.18
C VAL D 536 -27.29 1.29 -22.79
N TYR D 537 -26.13 0.94 -23.37
CA TYR D 537 -25.34 1.87 -24.14
C TYR D 537 -25.21 1.29 -25.55
N PRO D 538 -25.46 2.10 -26.58
CA PRO D 538 -25.55 1.54 -27.95
C PRO D 538 -24.37 0.69 -28.38
N GLU D 539 -23.17 0.99 -27.87
CA GLU D 539 -21.96 0.28 -28.31
C GLU D 539 -21.90 -1.15 -27.78
N GLU D 540 -22.48 -1.39 -26.61
CA GLU D 540 -22.28 -2.66 -25.92
C GLU D 540 -23.19 -3.74 -26.49
N ALA D 541 -22.59 -4.89 -26.82
CA ALA D 541 -23.39 -6.02 -27.30
C ALA D 541 -24.35 -6.53 -26.24
N GLU D 542 -23.90 -6.63 -25.00
CA GLU D 542 -24.68 -7.10 -23.86
C GLU D 542 -24.39 -6.12 -22.72
N PRO D 543 -25.41 -5.66 -22.00
CA PRO D 543 -25.15 -4.73 -20.90
C PRO D 543 -24.17 -5.31 -19.89
N LYS D 544 -23.30 -4.46 -19.38
CA LYS D 544 -22.32 -4.86 -18.38
C LYS D 544 -22.63 -4.22 -17.02
N GLN D 545 -23.68 -3.42 -16.93
CA GLN D 545 -24.10 -2.76 -15.70
C GLN D 545 -25.60 -2.85 -15.49
N GLY D 546 -26.02 -2.80 -14.21
CA GLY D 546 -27.42 -2.91 -13.87
C GLY D 546 -27.65 -2.67 -12.40
N ARG D 547 -28.93 -2.43 -12.07
CA ARG D 547 -29.35 -2.14 -10.71
C ARG D 547 -30.59 -2.95 -10.35
N ILE D 548 -30.69 -3.35 -9.09
CA ILE D 548 -31.91 -3.86 -8.49
C ILE D 548 -32.36 -2.82 -7.48
N VAL D 549 -33.57 -2.30 -7.64
CA VAL D 549 -34.07 -1.19 -6.84
C VAL D 549 -35.31 -1.62 -6.08
N VAL D 550 -35.31 -1.33 -4.77
CA VAL D 550 -36.45 -1.59 -3.90
C VAL D 550 -37.16 -0.28 -3.61
N PHE D 551 -38.46 -0.24 -3.86
CA PHE D 551 -39.30 0.93 -3.64
C PHE D 551 -40.36 0.55 -2.61
N GLN D 552 -40.86 1.55 -1.88
CA GLN D 552 -42.06 1.36 -1.06
C GLN D 552 -43.03 2.50 -1.30
N TYR D 553 -44.28 2.15 -1.64
CA TYR D 553 -45.36 3.13 -1.78
C TYR D 553 -46.23 3.10 -0.52
N SER D 554 -46.15 4.16 0.29
CA SER D 554 -46.99 4.30 1.47
C SER D 554 -47.42 5.75 1.60
N ASP D 555 -48.70 5.99 1.85
CA ASP D 555 -49.21 7.35 2.04
C ASP D 555 -48.86 8.22 0.83
N GLY D 556 -49.03 7.65 -0.36
CA GLY D 556 -48.91 8.40 -1.60
C GLY D 556 -47.51 8.77 -2.04
N LYS D 557 -46.47 8.21 -1.45
CA LYS D 557 -45.11 8.54 -1.84
C LYS D 557 -44.24 7.31 -2.00
N LEU D 558 -43.38 7.34 -3.03
CA LEU D 558 -42.43 6.27 -3.29
C LEU D 558 -41.08 6.61 -2.69
N GLN D 559 -40.62 5.76 -1.78
CA GLN D 559 -39.33 5.93 -1.12
C GLN D 559 -38.37 4.87 -1.65
N THR D 560 -37.20 5.30 -2.10
CA THR D 560 -36.19 4.37 -2.57
C THR D 560 -35.61 3.69 -1.33
N VAL D 561 -35.95 2.42 -1.13
CA VAL D 561 -35.55 1.77 0.11
C VAL D 561 -34.12 1.26 0.00
N ALA D 562 -33.76 0.68 -1.14
CA ALA D 562 -32.43 0.12 -1.28
C ALA D 562 -32.11 -0.08 -2.74
N GLU D 563 -30.82 -0.06 -3.06
CA GLU D 563 -30.34 -0.31 -4.41
C GLU D 563 -29.14 -1.25 -4.32
N LYS D 564 -29.11 -2.22 -5.23
CA LYS D 564 -28.07 -3.23 -5.30
C LYS D 564 -27.48 -3.18 -6.70
N GLU D 565 -26.17 -2.97 -6.79
CA GLU D 565 -25.51 -2.90 -8.09
C GLU D 565 -25.20 -4.31 -8.58
N VAL D 566 -25.43 -4.55 -9.87
CA VAL D 566 -25.08 -5.81 -10.52
C VAL D 566 -24.32 -5.50 -11.81
N LYS D 567 -23.62 -6.51 -12.31
CA LYS D 567 -22.79 -6.38 -13.50
C LYS D 567 -23.49 -6.93 -14.74
N GLY D 568 -24.72 -6.48 -15.02
CA GLY D 568 -25.46 -6.98 -16.15
C GLY D 568 -26.92 -6.57 -16.07
N ALA D 569 -27.74 -7.18 -16.92
CA ALA D 569 -29.14 -6.81 -17.03
C ALA D 569 -29.97 -7.77 -16.18
N VAL D 570 -30.84 -7.20 -15.36
CA VAL D 570 -31.73 -7.99 -14.51
C VAL D 570 -32.95 -8.39 -15.34
N TYR D 571 -32.80 -9.42 -16.17
CA TYR D 571 -33.86 -9.75 -17.12
C TYR D 571 -35.14 -10.22 -16.43
N SER D 572 -35.03 -11.03 -15.37
CA SER D 572 -36.22 -11.55 -14.71
C SER D 572 -35.97 -11.77 -13.22
N MET D 573 -37.02 -11.50 -12.43
CA MET D 573 -36.97 -11.66 -10.99
C MET D 573 -38.26 -12.30 -10.51
N VAL D 574 -38.19 -13.10 -9.45
CA VAL D 574 -39.39 -13.67 -8.83
C VAL D 574 -39.13 -13.93 -7.36
N GLU D 575 -40.17 -13.75 -6.54
CA GLU D 575 -40.06 -14.04 -5.12
C GLU D 575 -39.95 -15.55 -4.92
N PHE D 576 -39.11 -15.95 -3.97
CA PHE D 576 -38.71 -17.35 -3.78
C PHE D 576 -38.55 -17.57 -2.27
N ASN D 577 -39.64 -17.98 -1.64
CA ASN D 577 -39.62 -18.38 -0.23
C ASN D 577 -38.98 -17.30 0.63
N GLY D 578 -39.47 -16.08 0.48
CA GLY D 578 -38.97 -14.96 1.26
C GLY D 578 -37.65 -14.39 0.78
N LYS D 579 -37.05 -14.95 -0.26
CA LYS D 579 -35.83 -14.45 -0.86
C LYS D 579 -36.14 -13.97 -2.28
N LEU D 580 -35.20 -13.23 -2.86
CA LEU D 580 -35.36 -12.68 -4.19
C LEU D 580 -34.47 -13.44 -5.16
N LEU D 581 -35.09 -14.06 -6.17
CA LEU D 581 -34.40 -14.81 -7.20
C LEU D 581 -34.36 -13.94 -8.45
N ALA D 582 -33.16 -13.69 -8.96
CA ALA D 582 -32.97 -12.76 -10.07
C ALA D 582 -31.96 -13.33 -11.05
N SER D 583 -32.11 -12.93 -12.31
CA SER D 583 -31.21 -13.31 -13.39
C SER D 583 -30.45 -12.08 -13.87
N ILE D 584 -29.13 -12.15 -13.80
CA ILE D 584 -28.25 -11.10 -14.30
C ILE D 584 -27.44 -11.71 -15.44
N ASN D 585 -27.87 -11.46 -16.68
CA ASN D 585 -27.25 -12.08 -17.86
C ASN D 585 -27.21 -13.60 -17.71
N SER D 586 -26.03 -14.20 -17.72
CA SER D 586 -25.92 -15.65 -17.55
C SER D 586 -26.25 -16.09 -16.13
N THR D 587 -25.77 -15.36 -15.14
CA THR D 587 -25.85 -15.75 -13.75
C THR D 587 -27.30 -15.74 -13.25
N VAL D 588 -27.64 -16.72 -12.42
CA VAL D 588 -28.90 -16.75 -11.67
C VAL D 588 -28.58 -16.74 -10.18
N ARG D 589 -29.09 -15.72 -9.47
CA ARG D 589 -28.70 -15.47 -8.09
C ARG D 589 -29.91 -15.45 -7.17
N LEU D 590 -29.67 -15.90 -5.93
CA LEU D 590 -30.65 -15.83 -4.85
C LEU D 590 -30.14 -14.82 -3.84
N TYR D 591 -30.95 -13.79 -3.55
CA TYR D 591 -30.60 -12.75 -2.60
C TYR D 591 -31.40 -12.95 -1.32
N GLU D 592 -30.78 -12.63 -0.18
CA GLU D 592 -31.47 -12.56 1.10
C GLU D 592 -31.64 -11.09 1.48
N TRP D 593 -32.69 -10.82 2.26
CA TRP D 593 -33.04 -9.48 2.72
C TRP D 593 -32.63 -9.36 4.19
N THR D 594 -31.59 -8.57 4.45
CA THR D 594 -31.01 -8.51 5.78
C THR D 594 -31.91 -7.69 6.71
N THR D 595 -31.59 -7.72 8.00
CA THR D 595 -32.25 -6.84 8.95
C THR D 595 -31.86 -5.38 8.79
N GLU D 596 -30.80 -5.09 8.03
CA GLU D 596 -30.44 -3.71 7.68
C GLU D 596 -31.07 -3.25 6.37
N LYS D 597 -32.06 -3.98 5.85
CA LYS D 597 -32.82 -3.62 4.66
C LYS D 597 -31.89 -3.42 3.44
N GLU D 598 -31.04 -4.41 3.18
CA GLU D 598 -30.24 -4.44 1.95
C GLU D 598 -30.12 -5.88 1.47
N LEU D 599 -29.92 -6.04 0.15
CA LEU D 599 -29.85 -7.37 -0.45
C LEU D 599 -28.45 -7.96 -0.33
N ARG D 600 -28.39 -9.24 0.02
CA ARG D 600 -27.15 -9.99 0.19
C ARG D 600 -27.22 -11.28 -0.61
N THR D 601 -26.18 -11.54 -1.40
CA THR D 601 -26.17 -12.73 -2.25
C THR D 601 -25.95 -13.99 -1.42
N GLU D 602 -26.82 -14.99 -1.62
CA GLU D 602 -26.63 -16.28 -0.95
C GLU D 602 -25.90 -17.27 -1.84
N CYS D 603 -26.35 -17.47 -3.07
CA CYS D 603 -25.76 -18.50 -3.93
C CYS D 603 -26.08 -18.16 -5.38
N ASN D 604 -25.28 -18.72 -6.29
CA ASN D 604 -25.38 -18.40 -7.70
C ASN D 604 -25.30 -19.66 -8.56
N HIS D 605 -25.87 -19.56 -9.77
CA HIS D 605 -25.77 -20.56 -10.82
C HIS D 605 -25.36 -19.87 -12.11
N TYR D 606 -24.34 -20.40 -12.78
CA TYR D 606 -23.73 -19.70 -13.90
C TYR D 606 -23.90 -20.37 -15.25
N ASN D 607 -24.44 -21.59 -15.32
CA ASN D 607 -24.52 -22.29 -16.60
C ASN D 607 -25.77 -21.89 -17.37
N ASN D 608 -25.76 -20.66 -17.86
CA ASN D 608 -26.80 -20.15 -18.74
C ASN D 608 -26.18 -19.19 -19.75
N ILE D 609 -26.64 -19.29 -20.99
CA ILE D 609 -26.21 -18.33 -22.00
C ILE D 609 -26.86 -16.98 -21.73
N MET D 610 -28.19 -16.97 -21.55
CA MET D 610 -28.91 -15.76 -21.16
C MET D 610 -30.20 -16.15 -20.46
N ALA D 611 -30.31 -15.81 -19.18
CA ALA D 611 -31.44 -16.27 -18.37
C ALA D 611 -32.61 -15.28 -18.50
N LEU D 612 -33.30 -15.36 -19.63
CA LEU D 612 -34.34 -14.36 -19.94
C LEU D 612 -35.59 -14.55 -19.10
N TYR D 613 -35.97 -15.79 -18.76
CA TYR D 613 -37.22 -16.02 -18.05
C TYR D 613 -37.04 -16.95 -16.87
N LEU D 614 -37.72 -16.62 -15.76
CA LEU D 614 -37.64 -17.36 -14.50
C LEU D 614 -39.03 -17.61 -13.92
N LYS D 615 -39.22 -18.80 -13.34
CA LYS D 615 -40.46 -19.17 -12.66
C LYS D 615 -40.14 -20.18 -11.57
N THR D 616 -41.00 -20.25 -10.54
CA THR D 616 -40.72 -21.09 -9.38
C THR D 616 -41.94 -21.88 -8.90
N LYS D 617 -41.66 -22.92 -8.10
CA LYS D 617 -42.68 -23.70 -7.39
C LYS D 617 -41.96 -24.40 -6.24
N GLY D 618 -42.27 -24.01 -5.01
CA GLY D 618 -41.54 -24.59 -3.89
C GLY D 618 -40.08 -24.18 -3.94
N ASP D 619 -39.18 -25.16 -3.82
CA ASP D 619 -37.75 -24.90 -3.91
C ASP D 619 -37.17 -25.20 -5.29
N PHE D 620 -38.02 -25.42 -6.29
CA PHE D 620 -37.60 -25.67 -7.66
C PHE D 620 -37.69 -24.37 -8.47
N ILE D 621 -36.74 -24.17 -9.39
CA ILE D 621 -36.71 -22.98 -10.23
C ILE D 621 -36.60 -23.43 -11.67
N LEU D 622 -37.41 -22.83 -12.54
CA LEU D 622 -37.33 -23.10 -13.97
C LEU D 622 -36.73 -21.89 -14.66
N VAL D 623 -35.61 -22.09 -15.35
CA VAL D 623 -34.88 -21.02 -15.98
C VAL D 623 -35.06 -21.21 -17.47
N GLY D 624 -35.57 -20.19 -18.15
CA GLY D 624 -35.66 -20.21 -19.60
C GLY D 624 -34.49 -19.41 -20.16
N ASP D 625 -33.81 -19.99 -21.13
CA ASP D 625 -32.62 -19.40 -21.68
C ASP D 625 -32.91 -18.99 -23.12
N LEU D 626 -32.05 -18.14 -23.65
CA LEU D 626 -32.23 -17.67 -25.01
C LEU D 626 -32.14 -18.82 -26.01
N MET D 627 -31.21 -19.76 -25.79
CA MET D 627 -31.01 -20.84 -26.74
C MET D 627 -30.97 -22.23 -26.13
N ARG D 628 -30.88 -22.36 -24.80
CA ARG D 628 -30.73 -23.67 -24.19
C ARG D 628 -32.05 -24.12 -23.55
N SER D 629 -33.17 -23.60 -24.05
CA SER D 629 -34.53 -24.05 -23.69
C SER D 629 -34.66 -23.87 -22.18
N VAL D 630 -35.20 -24.85 -21.46
CA VAL D 630 -35.52 -24.75 -20.06
C VAL D 630 -34.62 -25.64 -19.22
N LEU D 631 -34.39 -25.19 -17.99
CA LEU D 631 -33.56 -25.89 -17.02
C LEU D 631 -34.30 -25.90 -15.69
N LEU D 632 -34.37 -27.07 -15.03
CA LEU D 632 -34.94 -27.19 -13.70
C LEU D 632 -33.77 -27.13 -12.73
N LEU D 633 -33.68 -26.04 -11.98
CA LEU D 633 -32.69 -25.88 -10.92
C LEU D 633 -33.42 -25.94 -9.59
N ALA D 634 -32.77 -26.51 -8.59
CA ALA D 634 -33.37 -26.61 -7.27
C ALA D 634 -32.40 -26.07 -6.22
N TYR D 635 -32.97 -25.41 -5.22
CA TYR D 635 -32.24 -24.89 -4.08
C TYR D 635 -32.16 -25.96 -3.00
N LYS D 636 -30.93 -26.35 -2.66
CA LYS D 636 -30.76 -27.30 -1.57
C LYS D 636 -30.57 -26.51 -0.29
N PRO D 637 -31.62 -26.30 0.49
CA PRO D 637 -31.49 -25.43 1.67
C PRO D 637 -30.44 -25.93 2.65
N MET D 638 -30.22 -27.24 2.75
CA MET D 638 -29.21 -27.72 3.70
C MET D 638 -27.82 -27.19 3.37
N GLU D 639 -27.53 -26.98 2.09
CA GLU D 639 -26.21 -26.50 1.69
C GLU D 639 -26.17 -25.01 1.36
N GLY D 640 -27.31 -24.39 1.07
CA GLY D 640 -27.29 -22.99 0.71
C GLY D 640 -26.69 -22.76 -0.66
N ASN D 641 -27.04 -23.59 -1.64
CA ASN D 641 -26.53 -23.46 -2.99
C ASN D 641 -27.60 -23.93 -3.96
N PHE D 642 -27.32 -23.80 -5.24
CA PHE D 642 -28.18 -24.32 -6.30
C PHE D 642 -27.64 -25.67 -6.78
N GLU D 643 -28.57 -26.53 -7.18
CA GLU D 643 -28.28 -27.83 -7.80
C GLU D 643 -28.94 -27.82 -9.18
N GLU D 644 -28.54 -28.76 -10.01
CA GLU D 644 -29.06 -28.88 -11.38
C GLU D 644 -29.88 -30.14 -11.53
N ILE D 645 -31.20 -30.03 -11.53
CA ILE D 645 -32.02 -31.22 -11.59
C ILE D 645 -32.07 -31.78 -13.01
N ALA D 646 -32.35 -30.93 -14.00
CA ALA D 646 -32.51 -31.46 -15.34
C ALA D 646 -32.64 -30.36 -16.37
N ARG D 647 -32.14 -30.63 -17.57
CA ARG D 647 -32.16 -29.70 -18.67
C ARG D 647 -32.76 -30.35 -19.91
N ASP D 648 -33.41 -29.53 -20.72
CA ASP D 648 -33.87 -29.92 -22.05
C ASP D 648 -32.71 -29.62 -22.98
N PHE D 649 -31.94 -30.63 -23.35
CA PHE D 649 -30.75 -30.35 -24.16
C PHE D 649 -31.12 -29.90 -25.57
N ASN D 650 -32.30 -30.25 -26.07
CA ASN D 650 -32.74 -29.76 -27.37
C ASN D 650 -32.78 -28.24 -27.34
N PRO D 651 -32.15 -27.54 -28.30
CA PRO D 651 -32.11 -26.07 -28.23
C PRO D 651 -33.33 -25.39 -28.84
N ASN D 652 -33.90 -24.44 -28.11
CA ASN D 652 -35.05 -23.69 -28.56
C ASN D 652 -34.83 -22.22 -28.20
N TRP D 653 -35.28 -21.33 -29.09
CA TRP D 653 -35.35 -19.92 -28.74
C TRP D 653 -36.64 -19.71 -27.95
N MET D 654 -36.52 -19.30 -26.69
CA MET D 654 -37.65 -19.32 -25.80
C MET D 654 -38.23 -17.91 -25.75
N SER D 655 -39.56 -17.84 -25.69
CA SER D 655 -40.27 -16.58 -25.52
C SER D 655 -40.86 -16.43 -24.14
N ALA D 656 -41.34 -17.51 -23.54
CA ALA D 656 -41.80 -17.49 -22.15
C ALA D 656 -41.98 -18.93 -21.71
N VAL D 657 -41.88 -19.16 -20.39
CA VAL D 657 -41.97 -20.50 -19.83
C VAL D 657 -42.85 -20.46 -18.59
N GLU D 658 -43.51 -21.58 -18.31
CA GLU D 658 -44.28 -21.71 -17.09
C GLU D 658 -44.19 -23.13 -16.55
N ILE D 659 -44.32 -23.25 -15.23
CA ILE D 659 -44.36 -24.54 -14.54
C ILE D 659 -45.82 -24.99 -14.46
N LEU D 660 -46.09 -26.20 -14.93
CA LEU D 660 -47.45 -26.74 -14.86
C LEU D 660 -47.70 -27.48 -13.55
N ASP D 661 -46.79 -28.39 -13.19
CA ASP D 661 -46.83 -29.12 -11.93
C ASP D 661 -45.41 -29.56 -11.62
N ASP D 662 -45.27 -30.34 -10.55
CA ASP D 662 -43.93 -30.70 -10.08
C ASP D 662 -43.12 -31.45 -11.14
N ASP D 663 -43.78 -32.00 -12.15
CA ASP D 663 -43.10 -32.81 -13.16
C ASP D 663 -43.21 -32.25 -14.58
N ASN D 664 -44.19 -31.41 -14.88
CA ASN D 664 -44.38 -30.89 -16.23
C ASN D 664 -43.98 -29.42 -16.30
N PHE D 665 -43.34 -29.05 -17.41
CA PHE D 665 -42.87 -27.70 -17.65
C PHE D 665 -43.29 -27.30 -19.06
N LEU D 666 -43.81 -26.08 -19.18
CA LEU D 666 -44.36 -25.57 -20.42
C LEU D 666 -43.46 -24.50 -21.00
N GLY D 667 -43.36 -24.47 -22.33
CA GLY D 667 -42.49 -23.52 -22.98
C GLY D 667 -43.09 -23.03 -24.29
N ALA D 668 -42.65 -21.84 -24.69
CA ALA D 668 -43.08 -21.22 -25.93
C ALA D 668 -41.85 -20.79 -26.70
N GLU D 669 -41.86 -21.04 -28.01
CA GLU D 669 -40.72 -20.83 -28.87
C GLU D 669 -40.99 -19.66 -29.80
N ASN D 670 -39.91 -19.07 -30.32
CA ASN D 670 -40.06 -18.01 -31.31
C ASN D 670 -40.54 -18.55 -32.65
N ALA D 671 -40.70 -19.86 -32.75
CA ALA D 671 -41.26 -20.50 -33.94
C ALA D 671 -42.76 -20.62 -33.84
N PHE D 672 -43.39 -19.92 -32.90
CA PHE D 672 -44.82 -20.04 -32.68
C PHE D 672 -45.18 -21.46 -32.28
N ASN D 673 -44.33 -22.09 -31.47
CA ASN D 673 -44.60 -23.45 -31.02
C ASN D 673 -44.64 -23.48 -29.50
N LEU D 674 -45.32 -24.48 -28.97
CA LEU D 674 -45.40 -24.74 -27.54
C LEU D 674 -44.83 -26.13 -27.32
N PHE D 675 -44.04 -26.31 -26.27
CA PHE D 675 -43.52 -27.64 -25.97
C PHE D 675 -43.62 -27.86 -24.46
N VAL D 676 -43.73 -29.12 -24.07
CA VAL D 676 -43.84 -29.52 -22.67
C VAL D 676 -42.78 -30.57 -22.41
N CYS D 677 -41.88 -30.30 -21.47
CA CYS D 677 -40.86 -31.25 -21.06
C CYS D 677 -41.17 -31.72 -19.64
N GLN D 678 -40.89 -32.99 -19.38
CA GLN D 678 -41.10 -33.60 -18.08
C GLN D 678 -39.83 -34.30 -17.65
N LYS D 679 -39.64 -34.44 -16.34
CA LYS D 679 -38.57 -35.31 -15.85
C LYS D 679 -38.82 -36.70 -16.40
N ASP D 680 -37.75 -37.37 -16.85
CA ASP D 680 -37.95 -38.69 -17.42
C ASP D 680 -38.46 -39.65 -16.35
N SER D 681 -37.83 -39.65 -15.18
CA SER D 681 -38.34 -40.33 -14.00
C SER D 681 -38.81 -41.76 -14.29
N ALA D 682 -38.21 -42.38 -15.28
CA ALA D 682 -38.47 -43.79 -15.56
C ALA D 682 -37.19 -44.63 -15.66
N ALA D 683 -36.04 -44.03 -15.93
CA ALA D 683 -34.79 -44.74 -16.14
C ALA D 683 -33.88 -44.63 -14.91
N THR D 684 -33.21 -45.74 -14.59
CA THR D 684 -32.34 -45.78 -13.43
C THR D 684 -31.09 -44.92 -13.62
N THR D 685 -30.65 -44.75 -14.86
CA THR D 685 -29.40 -44.03 -15.12
C THR D 685 -29.50 -42.60 -14.58
N ASP D 686 -28.43 -42.16 -13.91
CA ASP D 686 -28.41 -40.76 -13.47
C ASP D 686 -28.45 -39.84 -14.67
N GLU D 687 -27.83 -40.26 -15.77
CA GLU D 687 -27.78 -39.44 -16.98
C GLU D 687 -29.17 -39.21 -17.55
N GLU D 688 -30.02 -40.24 -17.52
CA GLU D 688 -31.39 -40.09 -17.99
C GLU D 688 -32.19 -39.11 -17.13
N ARG D 689 -31.96 -39.10 -15.82
CA ARG D 689 -32.65 -38.15 -14.96
C ARG D 689 -32.37 -36.72 -15.41
N GLN D 690 -31.12 -36.46 -15.78
CA GLN D 690 -30.68 -35.13 -16.14
C GLN D 690 -31.21 -34.69 -17.49
N HIS D 691 -32.01 -35.50 -18.15
CA HIS D 691 -32.51 -35.20 -19.48
C HIS D 691 -34.01 -34.94 -19.33
N LEU D 692 -34.40 -33.67 -19.38
CA LEU D 692 -35.81 -33.35 -19.49
C LEU D 692 -36.22 -33.71 -20.91
N GLN D 693 -37.29 -34.47 -21.05
CA GLN D 693 -37.70 -34.99 -22.34
C GLN D 693 -38.93 -34.23 -22.80
N GLU D 694 -38.85 -33.68 -24.01
CA GLU D 694 -39.97 -33.04 -24.68
C GLU D 694 -41.04 -34.09 -24.96
N VAL D 695 -42.14 -34.05 -24.23
CA VAL D 695 -43.23 -35.00 -24.42
C VAL D 695 -44.41 -34.39 -25.17
N GLY D 696 -44.51 -33.07 -25.23
CA GLY D 696 -45.58 -32.39 -25.96
C GLY D 696 -45.05 -31.38 -26.95
N LEU D 697 -45.59 -31.40 -28.16
CA LEU D 697 -45.22 -30.46 -29.21
C LEU D 697 -46.48 -29.98 -29.91
N PHE D 698 -46.61 -28.67 -30.10
CA PHE D 698 -47.83 -28.10 -30.66
C PHE D 698 -47.49 -26.77 -31.32
N HIS D 699 -47.95 -26.60 -32.56
CA HIS D 699 -47.78 -25.34 -33.29
C HIS D 699 -48.96 -24.44 -32.93
N LEU D 700 -48.69 -23.44 -32.08
CA LEU D 700 -49.76 -22.56 -31.65
C LEU D 700 -50.20 -21.62 -32.76
N GLY D 701 -49.23 -21.06 -33.48
CA GLY D 701 -49.52 -20.06 -34.48
C GLY D 701 -49.51 -18.65 -33.95
N GLU D 702 -49.20 -18.47 -32.67
CA GLU D 702 -49.17 -17.16 -32.03
C GLU D 702 -47.84 -17.06 -31.31
N PHE D 703 -47.42 -15.83 -31.05
CA PHE D 703 -46.18 -15.57 -30.31
C PHE D 703 -46.54 -15.27 -28.86
N VAL D 704 -46.17 -16.18 -27.96
CA VAL D 704 -46.47 -16.06 -26.54
C VAL D 704 -45.41 -15.22 -25.85
N ASN D 705 -45.84 -14.13 -25.23
CA ASN D 705 -44.96 -13.30 -24.42
C ASN D 705 -45.02 -13.62 -22.94
N VAL D 706 -46.16 -14.06 -22.42
CA VAL D 706 -46.35 -14.20 -20.98
C VAL D 706 -47.22 -15.41 -20.69
N PHE D 707 -46.79 -16.24 -19.72
CA PHE D 707 -47.62 -17.28 -19.14
C PHE D 707 -48.06 -16.85 -17.75
N CYS D 708 -49.34 -17.04 -17.45
CA CYS D 708 -49.93 -16.62 -16.18
C CYS D 708 -50.93 -17.65 -15.69
N HIS D 709 -50.74 -18.10 -14.45
CA HIS D 709 -51.67 -19.03 -13.82
C HIS D 709 -52.93 -18.29 -13.42
N GLY D 710 -54.09 -18.79 -13.81
CA GLY D 710 -55.34 -18.20 -13.39
C GLY D 710 -56.47 -18.58 -14.31
N SER D 711 -57.66 -18.05 -14.00
CA SER D 711 -58.82 -18.28 -14.85
C SER D 711 -59.76 -17.10 -14.71
N LEU D 712 -60.40 -16.74 -15.82
CA LEU D 712 -61.35 -15.64 -15.87
C LEU D 712 -62.77 -16.10 -15.61
N VAL D 713 -62.99 -17.39 -15.50
CA VAL D 713 -64.30 -17.94 -15.23
C VAL D 713 -64.46 -17.97 -13.72
N MET D 714 -65.71 -17.98 -13.27
CA MET D 714 -65.99 -18.03 -11.84
C MET D 714 -65.53 -19.36 -11.25
N GLN D 715 -64.81 -19.28 -10.13
CA GLN D 715 -64.40 -20.46 -9.36
C GLN D 715 -65.26 -20.55 -8.12
N ASN D 716 -66.04 -21.61 -8.01
CA ASN D 716 -66.90 -21.86 -6.86
C ASN D 716 -66.17 -22.73 -5.85
N LEU D 717 -65.97 -22.22 -4.64
CA LEU D 717 -65.27 -23.00 -3.61
C LEU D 717 -65.82 -24.42 -3.52
N GLY D 718 -67.07 -24.63 -3.91
CA GLY D 718 -67.62 -25.97 -3.92
C GLY D 718 -66.86 -26.83 -4.90
N GLU D 719 -66.55 -28.05 -4.51
CA GLU D 719 -65.77 -28.92 -5.37
C GLU D 719 -66.62 -29.35 -6.56
N THR D 720 -66.04 -29.30 -7.75
CA THR D 720 -66.64 -29.70 -9.00
C THR D 720 -65.61 -30.57 -9.71
N SER D 721 -66.05 -31.69 -10.28
CA SER D 721 -65.11 -32.64 -10.87
C SER D 721 -64.94 -32.29 -12.36
N THR D 722 -64.15 -31.24 -12.59
CA THR D 722 -63.88 -30.78 -13.94
C THR D 722 -63.00 -31.81 -14.64
N PRO D 723 -63.24 -32.05 -15.93
CA PRO D 723 -62.29 -32.90 -16.69
C PRO D 723 -60.91 -32.30 -16.78
N THR D 724 -60.85 -30.98 -16.91
CA THR D 724 -59.60 -30.27 -17.00
C THR D 724 -59.01 -30.06 -15.62
N GLN D 725 -57.69 -30.12 -15.55
CA GLN D 725 -56.92 -29.87 -14.34
C GLN D 725 -55.91 -28.79 -14.62
N GLY D 726 -55.92 -27.72 -13.82
CA GLY D 726 -54.98 -26.65 -14.01
C GLY D 726 -55.48 -25.59 -14.98
N SER D 727 -54.96 -24.38 -14.83
CA SER D 727 -55.32 -23.27 -15.73
C SER D 727 -54.18 -22.29 -15.90
N VAL D 728 -53.70 -22.15 -17.14
CA VAL D 728 -52.66 -21.17 -17.50
C VAL D 728 -53.14 -20.31 -18.66
N LEU D 729 -53.24 -19.00 -18.42
CA LEU D 729 -53.52 -18.04 -19.48
C LEU D 729 -52.22 -17.55 -20.12
N PHE D 730 -52.27 -17.24 -21.41
CA PHE D 730 -51.12 -16.66 -22.08
C PHE D 730 -51.55 -15.52 -23.00
N GLY D 731 -50.68 -14.52 -23.10
CA GLY D 731 -50.93 -13.34 -23.93
C GLY D 731 -49.94 -13.32 -25.08
N THR D 732 -50.41 -12.84 -26.24
CA THR D 732 -49.63 -12.94 -27.47
C THR D 732 -49.51 -11.59 -28.17
N VAL D 733 -48.69 -11.60 -29.22
CA VAL D 733 -48.36 -10.38 -29.95
C VAL D 733 -49.58 -9.86 -30.69
N ASN D 734 -50.42 -10.76 -31.21
CA ASN D 734 -51.59 -10.36 -31.99
C ASN D 734 -52.84 -10.16 -31.14
N GLY D 735 -52.67 -10.04 -29.82
CA GLY D 735 -53.80 -9.83 -28.93
C GLY D 735 -54.55 -11.08 -28.54
N MET D 736 -54.27 -12.20 -29.18
CA MET D 736 -54.91 -13.46 -28.83
C MET D 736 -54.59 -13.81 -27.38
N ILE D 737 -55.62 -14.22 -26.64
CA ILE D 737 -55.48 -14.74 -25.28
C ILE D 737 -55.94 -16.19 -25.32
N GLY D 738 -55.11 -17.08 -24.77
CA GLY D 738 -55.40 -18.50 -24.78
C GLY D 738 -55.27 -19.10 -23.39
N LEU D 739 -55.52 -20.41 -23.32
CA LEU D 739 -55.50 -21.12 -22.06
C LEU D 739 -54.98 -22.53 -22.26
N VAL D 740 -54.13 -22.97 -21.33
CA VAL D 740 -53.53 -24.29 -21.34
C VAL D 740 -53.98 -25.01 -20.06
N THR D 741 -54.40 -26.26 -20.21
CA THR D 741 -54.81 -27.05 -19.05
C THR D 741 -54.36 -28.50 -19.27
N SER D 742 -54.22 -29.22 -18.17
CA SER D 742 -53.81 -30.62 -18.22
C SER D 742 -55.04 -31.51 -18.40
N LEU D 743 -54.84 -32.67 -19.01
CA LEU D 743 -55.92 -33.63 -19.21
C LEU D 743 -55.54 -35.00 -18.70
N SER D 744 -56.57 -35.76 -18.31
CA SER D 744 -56.37 -37.12 -17.86
C SER D 744 -56.05 -38.02 -19.03
N GLU D 745 -55.30 -39.09 -18.75
CA GLU D 745 -54.95 -40.00 -19.82
C GLU D 745 -56.19 -40.51 -20.55
N SER D 746 -57.20 -40.91 -19.79
CA SER D 746 -58.41 -41.43 -20.42
C SER D 746 -59.08 -40.33 -21.25
N TRP D 747 -59.13 -39.10 -20.73
CA TRP D 747 -59.79 -38.00 -21.44
C TRP D 747 -59.02 -37.63 -22.70
N TYR D 748 -57.70 -37.62 -22.63
CA TYR D 748 -56.88 -37.26 -23.78
C TYR D 748 -57.14 -38.19 -24.95
N ASN D 749 -57.10 -39.50 -24.71
CA ASN D 749 -57.29 -40.46 -25.80
C ASN D 749 -58.65 -40.28 -26.47
N LEU D 750 -59.69 -40.05 -25.66
CA LEU D 750 -61.01 -39.80 -26.23
C LEU D 750 -61.02 -38.56 -27.10
N LEU D 751 -60.53 -37.43 -26.57
CA LEU D 751 -60.58 -36.20 -27.32
C LEU D 751 -59.75 -36.30 -28.59
N LEU D 752 -58.61 -37.01 -28.52
CA LEU D 752 -57.79 -37.20 -29.70
C LEU D 752 -58.57 -37.96 -30.77
N ASP D 753 -59.23 -39.05 -30.38
CA ASP D 753 -60.03 -39.80 -31.33
C ASP D 753 -61.09 -38.92 -31.97
N MET D 754 -61.69 -38.01 -31.19
CA MET D 754 -62.67 -37.10 -31.76
C MET D 754 -62.05 -36.16 -32.79
N GLN D 755 -60.80 -35.75 -32.55
CA GLN D 755 -60.15 -34.87 -33.51
C GLN D 755 -59.97 -35.57 -34.85
N ASN D 756 -59.37 -36.76 -34.83
CA ASN D 756 -59.20 -37.54 -36.06
C ASN D 756 -60.53 -37.78 -36.74
N ARG D 757 -61.61 -37.89 -35.96
CA ARG D 757 -62.95 -38.02 -36.54
C ARG D 757 -63.46 -36.70 -37.08
N LEU D 758 -63.28 -35.62 -36.33
CA LEU D 758 -63.75 -34.32 -36.74
C LEU D 758 -63.05 -33.88 -38.03
N ASN D 759 -61.77 -34.24 -38.16
CA ASN D 759 -60.99 -33.82 -39.32
C ASN D 759 -61.51 -34.43 -40.61
N LYS D 760 -62.08 -35.64 -40.55
CA LYS D 760 -62.68 -36.23 -41.75
C LYS D 760 -63.98 -35.52 -42.13
N VAL D 761 -64.65 -34.92 -41.16
CA VAL D 761 -66.00 -34.37 -41.35
C VAL D 761 -65.97 -32.91 -41.77
N ILE D 762 -65.11 -32.11 -41.16
CA ILE D 762 -65.12 -30.66 -41.31
C ILE D 762 -64.33 -30.29 -42.56
N LYS D 763 -64.90 -29.40 -43.37
CA LYS D 763 -64.22 -28.90 -44.56
C LYS D 763 -63.46 -27.65 -44.15
N SER D 764 -62.15 -27.63 -44.39
CA SER D 764 -61.34 -26.46 -44.02
C SER D 764 -61.23 -25.51 -45.20
N VAL D 765 -61.11 -24.22 -44.88
CA VAL D 765 -60.91 -23.23 -45.92
C VAL D 765 -59.56 -23.50 -46.59
N GLY D 766 -59.57 -23.56 -47.91
CA GLY D 766 -58.38 -23.91 -48.66
C GLY D 766 -58.02 -25.37 -48.62
N LYS D 767 -58.80 -26.18 -47.92
CA LYS D 767 -58.54 -27.62 -47.79
C LYS D 767 -57.14 -27.89 -47.23
N ILE D 768 -56.82 -27.21 -46.13
CA ILE D 768 -55.56 -27.42 -45.43
C ILE D 768 -55.74 -28.52 -44.37
N GLU D 769 -54.92 -29.56 -44.45
CA GLU D 769 -54.94 -30.64 -43.48
C GLU D 769 -54.62 -30.12 -42.08
N HIS D 770 -55.51 -30.42 -41.12
CA HIS D 770 -55.31 -29.95 -39.75
C HIS D 770 -54.02 -30.51 -39.14
N SER D 771 -53.75 -31.79 -39.35
CA SER D 771 -52.58 -32.40 -38.74
C SER D 771 -51.31 -31.64 -39.12
N PHE D 772 -51.23 -31.16 -40.36
CA PHE D 772 -50.10 -30.36 -40.81
C PHE D 772 -50.03 -29.03 -40.07
N TRP D 773 -51.16 -28.32 -40.02
CA TRP D 773 -51.19 -27.00 -39.40
C TRP D 773 -50.65 -27.00 -37.99
N ARG D 774 -51.14 -27.92 -37.16
CA ARG D 774 -50.68 -27.96 -35.77
C ARG D 774 -49.37 -28.71 -35.59
N SER D 775 -48.77 -29.24 -36.67
CA SER D 775 -47.47 -29.90 -36.54
C SER D 775 -46.38 -28.91 -36.15
N PHE D 776 -45.55 -29.31 -35.18
CA PHE D 776 -44.38 -28.52 -34.78
C PHE D 776 -43.57 -28.11 -35.98
N HIS D 777 -43.15 -26.85 -36.02
CA HIS D 777 -42.46 -26.34 -37.20
C HIS D 777 -41.48 -25.23 -36.87
N THR D 778 -40.22 -25.46 -37.24
CA THR D 778 -39.19 -24.44 -37.37
C THR D 778 -38.67 -24.48 -38.79
N GLU D 779 -37.83 -23.50 -39.16
CA GLU D 779 -37.25 -23.55 -40.50
C GLU D 779 -36.51 -24.86 -40.72
N ARG D 780 -36.07 -25.52 -39.65
CA ARG D 780 -35.22 -26.70 -39.73
C ARG D 780 -35.92 -28.00 -39.42
N LYS D 781 -37.00 -27.97 -38.64
CA LYS D 781 -37.71 -29.20 -38.32
C LYS D 781 -39.20 -29.04 -38.51
N THR D 782 -39.83 -30.17 -38.82
CA THR D 782 -41.28 -30.30 -38.79
C THR D 782 -41.53 -31.65 -38.17
N GLU D 783 -42.26 -31.67 -37.06
CA GLU D 783 -42.60 -32.87 -36.32
C GLU D 783 -44.11 -32.88 -36.15
N PRO D 784 -44.71 -34.07 -36.10
CA PRO D 784 -46.14 -34.13 -35.79
C PRO D 784 -46.39 -33.68 -34.36
N ALA D 785 -47.51 -33.01 -34.14
CA ALA D 785 -47.88 -32.58 -32.81
C ALA D 785 -48.10 -33.80 -31.92
N THR D 786 -47.86 -33.63 -30.62
CA THR D 786 -48.04 -34.73 -29.68
C THR D 786 -48.34 -34.14 -28.32
N GLY D 787 -49.22 -34.81 -27.58
CA GLY D 787 -49.56 -34.43 -26.23
C GLY D 787 -50.46 -33.22 -26.08
N PHE D 788 -51.04 -32.73 -27.17
CA PHE D 788 -51.86 -31.52 -27.13
C PHE D 788 -53.17 -31.77 -27.85
N ILE D 789 -54.27 -31.29 -27.27
CA ILE D 789 -55.59 -31.36 -27.88
C ILE D 789 -55.94 -29.96 -28.34
N ASP D 790 -56.24 -29.83 -29.63
CA ASP D 790 -56.63 -28.53 -30.15
C ASP D 790 -58.04 -28.22 -29.67
N GLY D 791 -58.14 -27.49 -28.55
CA GLY D 791 -59.43 -27.22 -27.96
C GLY D 791 -60.37 -26.49 -28.90
N ASP D 792 -59.84 -25.63 -29.76
CA ASP D 792 -60.70 -24.92 -30.70
C ASP D 792 -61.32 -25.87 -31.71
N LEU D 793 -60.69 -27.01 -31.98
CA LEU D 793 -61.29 -28.02 -32.84
C LEU D 793 -62.38 -28.81 -32.10
N ILE D 794 -62.07 -29.25 -30.88
CA ILE D 794 -63.07 -29.96 -30.09
C ILE D 794 -64.33 -29.11 -29.94
N GLU D 795 -64.17 -27.81 -29.72
CA GLU D 795 -65.30 -26.92 -29.50
C GLU D 795 -66.05 -26.57 -30.77
N SER D 796 -65.62 -27.03 -31.94
CA SER D 796 -66.40 -26.86 -33.16
C SER D 796 -67.39 -27.99 -33.35
N PHE D 797 -67.23 -29.11 -32.61
CA PHE D 797 -68.20 -30.20 -32.67
C PHE D 797 -69.61 -29.68 -32.40
N LEU D 798 -69.74 -28.72 -31.49
CA LEU D 798 -71.05 -28.18 -31.17
C LEU D 798 -71.67 -27.40 -32.33
N ASP D 799 -70.85 -26.92 -33.28
CA ASP D 799 -71.33 -26.08 -34.36
C ASP D 799 -71.61 -26.80 -35.67
N ILE D 800 -71.28 -28.10 -35.79
CA ILE D 800 -71.57 -28.86 -37.01
C ILE D 800 -73.00 -29.41 -36.94
N SER D 801 -73.60 -29.60 -38.10
CA SER D 801 -75.00 -30.00 -38.17
C SER D 801 -75.20 -31.37 -37.53
N ARG D 802 -76.44 -31.61 -37.09
CA ARG D 802 -76.74 -32.88 -36.43
C ARG D 802 -76.29 -34.06 -37.29
N PRO D 803 -76.53 -34.08 -38.60
CA PRO D 803 -76.04 -35.22 -39.40
C PRO D 803 -74.55 -35.48 -39.24
N LYS D 804 -73.72 -34.43 -39.22
CA LYS D 804 -72.27 -34.65 -39.11
C LYS D 804 -71.89 -35.12 -37.72
N MET D 805 -72.58 -34.64 -36.68
CA MET D 805 -72.33 -35.13 -35.33
C MET D 805 -72.51 -36.64 -35.27
N GLN D 806 -73.60 -37.14 -35.83
CA GLN D 806 -73.85 -38.58 -35.85
C GLN D 806 -72.79 -39.31 -36.62
N GLU D 807 -72.25 -38.70 -37.67
CA GLU D 807 -71.12 -39.29 -38.39
C GLU D 807 -69.90 -39.39 -37.49
N VAL D 808 -69.65 -38.36 -36.68
CA VAL D 808 -68.44 -38.33 -35.86
C VAL D 808 -68.42 -39.46 -34.86
N VAL D 809 -69.58 -39.79 -34.27
CA VAL D 809 -69.65 -40.78 -33.21
C VAL D 809 -69.79 -42.21 -33.72
N ALA D 810 -69.80 -42.42 -35.03
CA ALA D 810 -69.99 -43.78 -35.52
C ALA D 810 -68.83 -44.64 -35.02
N ASN D 811 -69.16 -45.83 -34.53
CA ASN D 811 -68.19 -46.77 -33.98
C ASN D 811 -67.33 -46.15 -32.87
N LEU D 812 -67.93 -45.28 -32.06
CA LEU D 812 -67.25 -44.63 -30.96
C LEU D 812 -67.88 -45.11 -29.66
N GLN D 813 -67.06 -45.60 -28.74
CA GLN D 813 -67.52 -46.13 -27.46
C GLN D 813 -67.18 -45.09 -26.40
N TYR D 814 -68.21 -44.46 -25.83
CA TYR D 814 -67.98 -43.47 -24.80
C TYR D 814 -67.74 -44.25 -23.52
N ASP D 815 -66.76 -43.82 -22.75
CA ASP D 815 -66.40 -44.50 -21.51
C ASP D 815 -66.94 -43.56 -20.45
N ASP D 816 -68.16 -43.85 -20.00
CA ASP D 816 -68.82 -43.01 -19.02
C ASP D 816 -68.00 -42.85 -17.75
N GLY D 817 -67.09 -43.78 -17.47
CA GLY D 817 -66.47 -43.84 -16.19
C GLY D 817 -67.36 -44.49 -15.16
N SER D 818 -68.59 -44.79 -15.53
CA SER D 818 -69.55 -45.54 -14.73
C SER D 818 -69.25 -47.03 -14.77
N GLY D 819 -68.10 -47.39 -15.34
CA GLY D 819 -67.69 -48.76 -15.48
C GLY D 819 -68.29 -49.49 -16.66
N MET D 820 -69.06 -48.81 -17.51
CA MET D 820 -69.66 -49.42 -18.67
C MET D 820 -69.20 -48.69 -19.92
N LYS D 821 -68.56 -49.41 -20.84
CA LYS D 821 -68.13 -48.87 -22.12
C LYS D 821 -69.25 -49.11 -23.14
N ARG D 822 -69.93 -48.04 -23.54
CA ARG D 822 -71.10 -48.09 -24.41
C ARG D 822 -70.89 -47.24 -25.66
N GLU D 823 -71.58 -47.62 -26.73
CA GLU D 823 -71.46 -46.88 -27.97
C GLU D 823 -71.90 -45.44 -27.71
N ALA D 824 -71.20 -44.49 -28.31
CA ALA D 824 -71.41 -43.08 -28.02
C ALA D 824 -72.51 -42.48 -28.88
N THR D 825 -73.36 -41.69 -28.24
CA THR D 825 -74.36 -40.89 -28.94
C THR D 825 -73.85 -39.46 -29.12
N ALA D 826 -74.52 -38.73 -30.01
CA ALA D 826 -74.18 -37.32 -30.18
C ALA D 826 -74.42 -36.54 -28.91
N ASP D 827 -75.44 -36.94 -28.13
CA ASP D 827 -75.77 -36.24 -26.90
C ASP D 827 -74.74 -36.49 -25.80
N ASP D 828 -74.03 -37.62 -25.84
CA ASP D 828 -72.97 -37.86 -24.87
C ASP D 828 -71.78 -36.93 -25.08
N LEU D 829 -71.36 -36.76 -26.33
CA LEU D 829 -70.23 -35.88 -26.63
C LEU D 829 -70.62 -34.43 -26.45
N ILE D 830 -71.87 -34.07 -26.81
CA ILE D 830 -72.33 -32.70 -26.63
C ILE D 830 -72.26 -32.29 -25.16
N LYS D 831 -72.52 -33.24 -24.26
CA LYS D 831 -72.33 -32.95 -22.84
C LYS D 831 -70.86 -32.70 -22.55
N VAL D 832 -70.00 -33.59 -23.03
CA VAL D 832 -68.56 -33.47 -22.77
C VAL D 832 -68.00 -32.16 -23.29
N VAL D 833 -68.30 -31.80 -24.53
CA VAL D 833 -67.69 -30.60 -25.10
C VAL D 833 -68.24 -29.35 -24.42
N GLU D 834 -69.54 -29.33 -24.14
CA GLU D 834 -70.12 -28.18 -23.42
C GLU D 834 -69.42 -27.98 -22.09
N GLU D 835 -69.05 -29.07 -21.41
CA GLU D 835 -68.27 -28.96 -20.18
C GLU D 835 -66.92 -28.31 -20.44
N LEU D 836 -66.31 -28.59 -21.59
CA LEU D 836 -65.02 -28.01 -21.91
C LEU D 836 -65.14 -26.53 -22.28
N THR D 837 -66.32 -26.08 -22.74
CA THR D 837 -66.47 -24.66 -23.04
C THR D 837 -66.63 -23.80 -21.78
N ARG D 838 -66.71 -24.40 -20.61
CA ARG D 838 -66.89 -23.67 -19.37
C ARG D 838 -65.59 -23.29 -18.71
N ILE D 839 -64.46 -23.86 -19.17
CA ILE D 839 -63.18 -23.55 -18.55
C ILE D 839 -62.73 -22.12 -18.85
N HIS D 840 -63.28 -21.50 -19.89
CA HIS D 840 -62.86 -20.16 -20.31
C HIS D 840 -64.00 -19.20 -20.67
N THR E 7 4.99 -32.04 -13.59
CA THR E 7 5.15 -31.30 -14.84
C THR E 7 3.83 -31.29 -15.61
N GLU E 8 3.81 -30.53 -16.71
CA GLU E 8 2.62 -30.41 -17.55
C GLU E 8 2.23 -31.71 -18.22
N SER E 9 3.10 -32.71 -18.24
CA SER E 9 2.88 -33.92 -19.03
C SER E 9 2.30 -35.07 -18.22
N ASP E 10 2.29 -34.98 -16.88
CA ASP E 10 1.89 -36.09 -16.01
C ASP E 10 0.37 -36.09 -15.84
N TRP E 11 -0.31 -36.67 -16.82
CA TRP E 11 -1.77 -36.70 -16.83
C TRP E 11 -2.30 -37.86 -15.96
N GLY E 12 -3.55 -37.72 -15.53
CA GLY E 12 -4.22 -38.77 -14.81
C GLY E 12 -3.97 -38.80 -13.31
N LYS E 13 -3.09 -37.94 -12.81
CA LYS E 13 -2.69 -37.88 -11.42
C LYS E 13 -3.45 -36.81 -10.64
N ARG E 14 -3.62 -35.63 -11.22
CA ARG E 14 -4.31 -34.51 -10.59
C ARG E 14 -5.80 -34.81 -10.44
N CYS E 15 -6.38 -34.32 -9.34
CA CYS E 15 -7.77 -34.59 -9.02
C CYS E 15 -8.69 -33.63 -9.76
N VAL E 16 -9.94 -34.07 -9.99
CA VAL E 16 -10.92 -33.17 -10.59
C VAL E 16 -11.37 -32.13 -9.58
N ASP E 17 -10.93 -32.27 -8.31
CA ASP E 17 -11.21 -31.28 -7.29
C ASP E 17 -10.73 -29.90 -7.71
N LYS E 18 -9.65 -29.84 -8.49
CA LYS E 18 -9.07 -28.56 -8.87
C LYS E 18 -9.98 -27.76 -9.78
N PHE E 19 -10.99 -28.39 -10.37
CA PHE E 19 -11.92 -27.72 -11.27
C PHE E 19 -13.27 -27.71 -10.56
N ASP E 20 -13.83 -26.53 -10.35
CA ASP E 20 -15.18 -26.39 -9.82
C ASP E 20 -16.16 -26.43 -10.99
N ILE E 21 -17.09 -27.37 -10.93
CA ILE E 21 -18.01 -27.66 -12.02
C ILE E 21 -19.10 -26.60 -12.07
N ILE E 22 -19.23 -25.92 -13.22
CA ILE E 22 -20.26 -24.91 -13.38
C ILE E 22 -21.60 -25.56 -13.70
N GLY E 23 -21.61 -26.55 -14.57
CA GLY E 23 -22.87 -27.19 -14.95
C GLY E 23 -22.63 -28.32 -15.93
N ILE E 24 -23.73 -28.81 -16.50
CA ILE E 24 -23.72 -29.91 -17.45
C ILE E 24 -24.20 -29.40 -18.81
N ILE E 25 -23.34 -29.50 -19.81
CA ILE E 25 -23.63 -28.96 -21.13
C ILE E 25 -24.20 -30.02 -22.08
N GLY E 26 -23.69 -31.25 -22.00
CA GLY E 26 -24.17 -32.29 -22.90
C GLY E 26 -23.88 -33.67 -22.37
N GLU E 27 -24.69 -34.61 -22.82
CA GLU E 27 -24.48 -36.03 -22.57
C GLU E 27 -23.63 -36.58 -23.70
N GLY E 28 -22.57 -37.31 -23.34
CA GLY E 28 -21.62 -37.80 -24.31
C GLY E 28 -21.83 -39.28 -24.58
N THR E 29 -20.91 -39.85 -25.37
CA THR E 29 -21.07 -41.24 -25.75
C THR E 29 -20.76 -42.16 -24.57
N TYR E 30 -19.70 -41.85 -23.84
CA TYR E 30 -19.25 -42.65 -22.72
C TYR E 30 -19.34 -41.92 -21.39
N GLY E 31 -19.62 -40.63 -21.41
CA GLY E 31 -19.75 -39.89 -20.19
C GLY E 31 -20.33 -38.52 -20.50
N GLN E 32 -20.89 -37.92 -19.47
CA GLN E 32 -21.52 -36.62 -19.63
C GLN E 32 -20.44 -35.57 -19.74
N VAL E 33 -20.74 -34.51 -20.49
CA VAL E 33 -19.80 -33.42 -20.69
C VAL E 33 -20.25 -32.26 -19.80
N TYR E 34 -19.33 -31.78 -18.96
CA TYR E 34 -19.56 -30.72 -18.01
C TYR E 34 -18.70 -29.53 -18.38
N LYS E 35 -19.14 -28.33 -17.97
CA LYS E 35 -18.36 -27.11 -18.06
C LYS E 35 -17.78 -26.74 -16.69
N ALA E 36 -16.53 -26.27 -16.67
CA ALA E 36 -15.89 -25.98 -15.38
C ALA E 36 -14.81 -24.91 -15.51
N LYS E 37 -14.31 -24.48 -14.35
CA LYS E 37 -13.25 -23.48 -14.21
C LYS E 37 -12.08 -24.05 -13.40
N ASP E 38 -10.86 -23.84 -13.89
CA ASP E 38 -9.69 -24.18 -13.09
C ASP E 38 -9.63 -23.22 -11.90
N LYS E 39 -9.56 -23.76 -10.69
CA LYS E 39 -9.48 -22.88 -9.54
C LYS E 39 -8.18 -22.07 -9.59
N ASP E 40 -7.12 -22.66 -10.13
CA ASP E 40 -5.81 -22.03 -10.07
C ASP E 40 -5.66 -20.93 -11.12
N THR E 41 -6.18 -21.14 -12.33
CA THR E 41 -5.96 -20.18 -13.42
C THR E 41 -7.16 -19.29 -13.72
N GLY E 42 -8.38 -19.76 -13.45
CA GLY E 42 -9.57 -19.08 -13.89
C GLY E 42 -10.04 -19.47 -15.27
N GLU E 43 -9.32 -20.36 -15.94
CA GLU E 43 -9.68 -20.78 -17.28
C GLU E 43 -10.99 -21.55 -17.29
N LEU E 44 -11.80 -21.31 -18.31
CA LEU E 44 -12.98 -22.14 -18.57
C LEU E 44 -12.61 -23.33 -19.43
N VAL E 45 -13.04 -24.52 -18.98
CA VAL E 45 -12.77 -25.78 -19.64
C VAL E 45 -14.05 -26.59 -19.74
N ALA E 46 -13.95 -27.71 -20.45
CA ALA E 46 -15.04 -28.67 -20.53
C ALA E 46 -14.50 -30.02 -20.09
N LEU E 47 -15.17 -30.63 -19.12
CA LEU E 47 -14.74 -31.89 -18.56
C LEU E 47 -15.64 -32.94 -19.20
N LYS E 48 -15.04 -33.85 -19.94
CA LYS E 48 -15.75 -34.99 -20.50
C LYS E 48 -15.52 -36.14 -19.53
N LYS E 49 -16.62 -36.72 -19.03
CA LYS E 49 -16.53 -37.75 -18.02
C LYS E 49 -16.28 -39.08 -18.71
N VAL E 50 -15.35 -39.86 -18.19
CA VAL E 50 -15.10 -41.21 -18.68
C VAL E 50 -15.36 -42.15 -17.53
N ARG E 51 -16.35 -43.01 -17.71
CA ARG E 51 -16.79 -43.95 -16.69
C ARG E 51 -16.33 -45.34 -17.08
N LEU E 52 -15.46 -45.92 -16.25
CA LEU E 52 -15.13 -47.33 -16.36
C LEU E 52 -15.76 -48.15 -15.24
N ASP E 53 -16.67 -47.57 -14.46
CA ASP E 53 -17.31 -48.34 -13.40
C ASP E 53 -18.09 -49.52 -13.95
N ASN E 54 -18.62 -49.42 -15.17
CA ASN E 54 -19.29 -50.56 -15.77
C ASN E 54 -18.33 -51.73 -15.98
N GLU E 55 -17.10 -51.46 -16.43
CA GLU E 55 -16.07 -52.49 -16.51
C GLU E 55 -16.48 -53.67 -17.38
N LYS E 56 -17.45 -53.47 -18.28
CA LYS E 56 -17.75 -54.52 -19.25
C LYS E 56 -16.49 -54.87 -20.04
N GLU E 57 -15.84 -53.85 -20.59
CA GLU E 57 -14.54 -53.98 -21.24
C GLU E 57 -13.54 -52.94 -20.75
N GLY E 58 -13.74 -52.40 -19.55
CA GLY E 58 -12.87 -51.39 -18.97
C GLY E 58 -12.99 -50.04 -19.67
N PHE E 59 -11.86 -49.33 -19.75
CA PHE E 59 -11.86 -47.98 -20.30
C PHE E 59 -12.44 -48.00 -21.71
N PRO E 60 -13.42 -47.14 -22.04
CA PRO E 60 -14.03 -47.23 -23.37
C PRO E 60 -13.01 -46.93 -24.45
N ILE E 61 -13.10 -47.69 -25.54
CA ILE E 61 -12.21 -47.44 -26.66
C ILE E 61 -12.48 -46.06 -27.25
N THR E 62 -13.75 -45.65 -27.28
CA THR E 62 -14.12 -44.33 -27.76
C THR E 62 -13.24 -43.27 -27.12
N ALA E 63 -13.04 -43.37 -25.81
CA ALA E 63 -12.19 -42.43 -25.10
C ALA E 63 -10.72 -42.67 -25.45
N ILE E 64 -10.32 -43.94 -25.63
CA ILE E 64 -8.94 -44.23 -25.98
C ILE E 64 -8.59 -43.56 -27.29
N ARG E 65 -9.47 -43.66 -28.28
CA ARG E 65 -9.20 -43.04 -29.57
C ARG E 65 -9.07 -41.53 -29.42
N GLU E 66 -10.01 -40.91 -28.71
CA GLU E 66 -9.99 -39.46 -28.62
C GLU E 66 -8.74 -39.00 -27.86
N ILE E 67 -8.24 -39.81 -26.91
CA ILE E 67 -7.00 -39.46 -26.22
C ILE E 67 -5.81 -39.66 -27.15
N LYS E 68 -5.71 -40.87 -27.72
CA LYS E 68 -4.60 -41.21 -28.61
C LYS E 68 -4.53 -40.23 -29.76
N ILE E 69 -5.68 -39.88 -30.35
CA ILE E 69 -5.66 -39.08 -31.56
C ILE E 69 -5.48 -37.60 -31.24
N LEU E 70 -6.28 -37.07 -30.31
CA LEU E 70 -6.25 -35.63 -30.08
C LEU E 70 -4.99 -35.18 -29.32
N ARG E 71 -4.26 -36.10 -28.66
CA ARG E 71 -2.95 -35.71 -28.14
C ARG E 71 -1.91 -35.63 -29.25
N GLN E 72 -2.15 -36.30 -30.38
CA GLN E 72 -1.25 -36.23 -31.52
C GLN E 72 -1.54 -35.06 -32.43
N LEU E 73 -2.81 -34.67 -32.56
CA LEU E 73 -3.20 -33.66 -33.52
C LEU E 73 -3.25 -32.31 -32.81
N ILE E 74 -2.46 -31.36 -33.30
CA ILE E 74 -2.40 -30.01 -32.77
C ILE E 74 -2.65 -29.07 -33.94
N HIS E 75 -3.82 -28.44 -33.98
CA HIS E 75 -4.14 -27.49 -35.03
C HIS E 75 -5.12 -26.47 -34.46
N ARG E 76 -5.11 -25.27 -35.05
CA ARG E 76 -6.00 -24.21 -34.58
C ARG E 76 -7.46 -24.59 -34.69
N SER E 77 -7.76 -25.52 -35.58
CA SER E 77 -9.12 -25.98 -35.83
C SER E 77 -9.36 -27.36 -35.25
N VAL E 78 -8.53 -27.81 -34.32
CA VAL E 78 -8.72 -29.07 -33.61
C VAL E 78 -8.85 -28.78 -32.12
N VAL E 79 -9.87 -29.36 -31.50
CA VAL E 79 -10.11 -29.12 -30.09
C VAL E 79 -8.98 -29.76 -29.29
N ASN E 80 -8.42 -29.01 -28.34
CA ASN E 80 -7.20 -29.42 -27.66
C ASN E 80 -7.53 -30.01 -26.30
N MET E 81 -7.07 -31.24 -26.06
CA MET E 81 -7.20 -31.89 -24.76
C MET E 81 -6.06 -31.40 -23.87
N LYS E 82 -6.38 -30.66 -22.82
CA LYS E 82 -5.33 -30.03 -22.03
C LYS E 82 -4.79 -30.99 -20.97
N GLU E 83 -5.66 -31.78 -20.35
CA GLU E 83 -5.21 -32.79 -19.40
C GLU E 83 -6.35 -33.74 -19.08
N ILE E 84 -6.02 -34.78 -18.32
CA ILE E 84 -6.95 -35.80 -17.87
C ILE E 84 -6.86 -35.87 -16.35
N VAL E 85 -8.00 -35.76 -15.68
CA VAL E 85 -8.06 -35.76 -14.23
C VAL E 85 -8.99 -36.85 -13.72
N THR E 86 -8.85 -37.17 -12.44
CA THR E 86 -9.51 -38.32 -11.82
C THR E 86 -10.26 -37.88 -10.57
N ASP E 87 -11.28 -38.67 -10.21
CA ASP E 87 -11.97 -38.48 -8.94
C ASP E 87 -10.99 -38.82 -7.82
N LYS E 88 -11.21 -38.19 -6.66
CA LYS E 88 -10.24 -38.41 -5.59
C LYS E 88 -10.18 -39.91 -5.29
N GLN E 89 -8.99 -40.49 -5.39
CA GLN E 89 -8.79 -41.91 -5.15
C GLN E 89 -8.62 -41.99 -3.64
N ASP E 90 -9.76 -42.00 -2.94
CA ASP E 90 -9.73 -42.00 -1.48
C ASP E 90 -9.23 -43.33 -0.92
N ALA E 91 -9.65 -44.45 -1.51
CA ALA E 91 -9.23 -45.74 -0.99
C ALA E 91 -7.73 -45.91 -1.13
N LEU E 92 -7.13 -46.59 -0.14
CA LEU E 92 -5.71 -46.86 -0.21
C LEU E 92 -5.41 -47.97 -1.20
N ASP E 93 -6.28 -48.97 -1.27
CA ASP E 93 -6.12 -50.06 -2.22
C ASP E 93 -6.64 -49.63 -3.59
N PHE E 94 -5.78 -49.78 -4.61
CA PHE E 94 -6.20 -49.46 -5.96
C PHE E 94 -7.31 -50.37 -6.43
N LYS E 95 -7.35 -51.59 -5.91
CA LYS E 95 -8.40 -52.53 -6.28
C LYS E 95 -9.78 -51.95 -5.96
N LYS E 96 -9.91 -51.30 -4.80
CA LYS E 96 -11.20 -50.74 -4.40
C LYS E 96 -11.63 -49.59 -5.31
N ASP E 97 -10.69 -48.83 -5.88
CA ASP E 97 -11.04 -47.61 -6.62
C ASP E 97 -11.98 -47.91 -7.78
N LYS E 98 -13.16 -47.28 -7.75
CA LYS E 98 -14.11 -47.30 -8.86
C LYS E 98 -14.37 -45.89 -9.42
N GLY E 99 -13.53 -44.92 -9.07
CA GLY E 99 -13.71 -43.57 -9.57
C GLY E 99 -13.45 -43.49 -11.06
N ALA E 100 -13.76 -42.35 -11.63
CA ALA E 100 -13.63 -42.20 -13.07
C ALA E 100 -12.78 -40.99 -13.41
N PHE E 101 -12.15 -41.07 -14.57
CA PHE E 101 -11.28 -40.03 -15.08
C PHE E 101 -12.13 -39.06 -15.88
N TYR E 102 -11.71 -37.81 -15.94
CA TYR E 102 -12.39 -36.77 -16.69
C TYR E 102 -11.39 -36.19 -17.67
N LEU E 103 -11.81 -36.07 -18.93
CA LEU E 103 -10.97 -35.53 -19.99
C LEU E 103 -11.21 -34.04 -20.14
N VAL E 104 -10.19 -33.26 -19.82
CA VAL E 104 -10.27 -31.81 -19.90
C VAL E 104 -10.06 -31.36 -21.35
N PHE E 105 -10.96 -30.50 -21.82
CA PHE E 105 -10.88 -29.91 -23.15
C PHE E 105 -10.96 -28.39 -23.00
N GLU E 106 -10.52 -27.67 -24.01
CA GLU E 106 -10.82 -26.24 -24.09
C GLU E 106 -12.33 -26.06 -24.23
N TYR E 107 -12.83 -24.94 -23.70
CA TYR E 107 -14.27 -24.66 -23.73
C TYR E 107 -14.59 -23.72 -24.90
N MET E 108 -15.41 -24.20 -25.82
CA MET E 108 -15.90 -23.41 -26.95
C MET E 108 -17.28 -22.85 -26.65
N ASP E 109 -17.49 -21.58 -26.99
CA ASP E 109 -18.68 -20.88 -26.54
C ASP E 109 -19.96 -21.50 -27.09
N HIS E 110 -19.97 -21.89 -28.36
CA HIS E 110 -21.19 -22.43 -28.95
C HIS E 110 -20.88 -23.58 -29.89
N ASP E 111 -21.90 -24.37 -30.17
CA ASP E 111 -21.85 -25.40 -31.21
C ASP E 111 -22.78 -24.93 -32.33
N LEU E 112 -22.39 -25.22 -33.57
CA LEU E 112 -23.13 -24.70 -34.70
C LEU E 112 -24.58 -25.15 -34.65
N MET E 113 -24.84 -26.35 -34.13
CA MET E 113 -26.20 -26.85 -34.07
C MET E 113 -27.10 -25.85 -33.35
N GLY E 114 -26.69 -25.43 -32.16
CA GLY E 114 -27.47 -24.48 -31.40
C GLY E 114 -27.72 -23.20 -32.16
N LEU E 115 -26.66 -22.62 -32.74
CA LEU E 115 -26.80 -21.29 -33.33
C LEU E 115 -27.81 -21.31 -34.47
N LEU E 116 -27.79 -22.35 -35.31
CA LEU E 116 -28.76 -22.44 -36.40
C LEU E 116 -30.14 -22.81 -35.87
N GLU E 117 -30.21 -23.73 -34.91
CA GLU E 117 -31.50 -24.23 -34.46
C GLU E 117 -32.30 -23.18 -33.70
N SER E 118 -31.64 -22.31 -32.98
CA SER E 118 -32.31 -21.21 -32.32
C SER E 118 -32.67 -20.11 -33.30
N GLY E 119 -32.34 -20.26 -34.58
CA GLY E 119 -32.59 -19.21 -35.55
C GLY E 119 -31.91 -17.92 -35.20
N LEU E 120 -30.81 -18.00 -34.46
CA LEU E 120 -30.12 -16.85 -33.87
C LEU E 120 -28.83 -16.46 -34.58
N VAL E 121 -28.61 -16.92 -35.81
CA VAL E 121 -27.39 -16.57 -36.53
C VAL E 121 -27.75 -16.21 -37.97
N HIS E 122 -27.01 -15.26 -38.55
CA HIS E 122 -27.09 -15.00 -39.98
C HIS E 122 -25.66 -14.96 -40.51
N PHE E 123 -25.31 -15.91 -41.38
CA PHE E 123 -23.95 -16.02 -41.90
C PHE E 123 -23.96 -15.37 -43.28
N SER E 124 -23.13 -14.34 -43.47
CA SER E 124 -22.95 -13.68 -44.75
C SER E 124 -21.84 -14.39 -45.51
N GLU E 125 -21.76 -14.12 -46.82
CA GLU E 125 -20.77 -14.80 -47.64
C GLU E 125 -19.39 -14.78 -46.98
N ASP E 126 -18.95 -13.60 -46.54
CA ASP E 126 -17.63 -13.48 -45.94
C ASP E 126 -17.49 -14.33 -44.69
N HIS E 127 -18.56 -14.43 -43.90
CA HIS E 127 -18.50 -15.25 -42.69
C HIS E 127 -18.36 -16.71 -43.04
N ILE E 128 -19.10 -17.18 -44.04
CA ILE E 128 -19.03 -18.59 -44.41
C ILE E 128 -17.60 -18.93 -44.82
N LYS E 129 -16.93 -18.00 -45.49
CA LYS E 129 -15.57 -18.22 -45.96
C LYS E 129 -14.62 -18.51 -44.81
N SER E 130 -14.63 -17.67 -43.77
CA SER E 130 -13.75 -17.93 -42.64
C SER E 130 -14.13 -19.23 -41.92
N PHE E 131 -15.42 -19.53 -41.85
CA PHE E 131 -15.86 -20.76 -41.19
C PHE E 131 -15.38 -21.96 -41.97
N MET E 132 -15.71 -22.02 -43.26
CA MET E 132 -15.35 -23.19 -44.04
C MET E 132 -13.85 -23.33 -44.20
N LYS E 133 -13.11 -22.22 -44.36
CA LYS E 133 -11.67 -22.36 -44.52
C LYS E 133 -11.04 -22.97 -43.29
N GLN E 134 -11.45 -22.55 -42.10
CA GLN E 134 -10.92 -23.14 -40.89
C GLN E 134 -11.27 -24.63 -40.84
N LEU E 135 -12.53 -24.97 -41.11
CA LEU E 135 -12.96 -26.36 -41.04
C LEU E 135 -12.18 -27.23 -42.03
N MET E 136 -12.12 -26.80 -43.28
CA MET E 136 -11.44 -27.61 -44.29
C MET E 136 -9.94 -27.57 -44.13
N GLU E 137 -9.41 -26.51 -43.54
CA GLU E 137 -7.99 -26.47 -43.22
C GLU E 137 -7.65 -27.42 -42.08
N GLY E 138 -8.51 -27.50 -41.07
CA GLY E 138 -8.34 -28.50 -40.04
C GLY E 138 -8.54 -29.89 -40.60
N LEU E 139 -9.59 -30.07 -41.42
CA LEU E 139 -9.85 -31.36 -42.03
C LEU E 139 -8.67 -31.83 -42.87
N GLU E 140 -8.04 -30.93 -43.62
CA GLU E 140 -6.86 -31.36 -44.37
C GLU E 140 -5.75 -31.81 -43.41
N TYR E 141 -5.55 -31.07 -42.31
CA TYR E 141 -4.55 -31.48 -41.33
C TYR E 141 -4.78 -32.92 -40.90
N CYS E 142 -6.03 -33.25 -40.55
CA CYS E 142 -6.33 -34.62 -40.12
C CYS E 142 -6.08 -35.62 -41.25
N HIS E 143 -6.46 -35.27 -42.47
CA HIS E 143 -6.27 -36.19 -43.59
C HIS E 143 -4.80 -36.35 -43.99
N LYS E 144 -3.97 -35.30 -43.84
CA LYS E 144 -2.56 -35.48 -44.12
C LYS E 144 -1.89 -36.36 -43.06
N LYS E 145 -2.41 -36.32 -41.82
CA LYS E 145 -1.99 -37.23 -40.76
C LYS E 145 -2.64 -38.61 -40.88
N ASN E 146 -3.44 -38.84 -41.92
CA ASN E 146 -4.02 -40.14 -42.23
C ASN E 146 -5.05 -40.58 -41.19
N PHE E 147 -5.66 -39.62 -40.50
CA PHE E 147 -6.76 -39.88 -39.58
C PHE E 147 -8.07 -39.46 -40.23
N LEU E 148 -9.13 -40.23 -39.96
CA LEU E 148 -10.44 -39.95 -40.50
C LEU E 148 -11.44 -39.67 -39.39
N HIS E 149 -11.96 -38.45 -39.37
CA HIS E 149 -13.06 -38.11 -38.47
C HIS E 149 -14.34 -38.68 -39.07
N ARG E 150 -14.94 -39.67 -38.43
CA ARG E 150 -16.07 -40.28 -39.11
C ARG E 150 -17.44 -39.69 -38.81
N ASP E 151 -17.63 -39.00 -37.72
CA ASP E 151 -18.96 -38.43 -37.46
C ASP E 151 -18.83 -36.91 -37.51
N ILE E 152 -19.05 -36.34 -38.71
CA ILE E 152 -19.04 -34.90 -38.90
C ILE E 152 -20.48 -34.41 -38.96
N LYS E 153 -20.83 -33.51 -38.05
CA LYS E 153 -22.15 -32.94 -37.93
C LYS E 153 -22.03 -31.56 -37.29
N CYS E 154 -23.12 -30.80 -37.37
CA CYS E 154 -23.12 -29.47 -36.76
C CYS E 154 -22.86 -29.53 -35.26
N SER E 155 -23.26 -30.63 -34.61
CA SER E 155 -22.97 -30.75 -33.18
C SER E 155 -21.47 -30.83 -32.93
N ASN E 156 -20.73 -31.49 -33.82
CA ASN E 156 -19.30 -31.68 -33.64
C ASN E 156 -18.46 -30.53 -34.20
N ILE E 157 -19.06 -29.57 -34.90
CA ILE E 157 -18.37 -28.34 -35.29
C ILE E 157 -18.72 -27.27 -34.26
N LEU E 158 -17.72 -26.80 -33.53
CA LEU E 158 -17.88 -25.83 -32.47
C LEU E 158 -17.28 -24.50 -32.89
N LEU E 159 -17.91 -23.40 -32.47
CA LEU E 159 -17.38 -22.07 -32.76
C LEU E 159 -17.36 -21.25 -31.48
N ASN E 160 -16.25 -20.58 -31.19
CA ASN E 160 -16.24 -19.61 -30.11
C ASN E 160 -16.66 -18.25 -30.67
N ASN E 161 -16.97 -17.31 -29.77
CA ASN E 161 -17.51 -16.03 -30.22
C ASN E 161 -16.52 -15.24 -31.08
N SER E 162 -15.22 -15.47 -30.90
CA SER E 162 -14.20 -14.74 -31.65
C SER E 162 -14.15 -15.08 -33.13
N GLY E 163 -14.81 -16.15 -33.57
CA GLY E 163 -14.77 -16.52 -34.97
C GLY E 163 -13.87 -17.69 -35.28
N GLN E 164 -13.28 -18.32 -34.28
CA GLN E 164 -12.53 -19.55 -34.47
C GLN E 164 -13.51 -20.70 -34.57
N ILE E 165 -13.22 -21.66 -35.45
CA ILE E 165 -14.01 -22.87 -35.58
C ILE E 165 -13.12 -24.02 -35.19
N LYS E 166 -13.68 -25.03 -34.53
CA LYS E 166 -12.89 -26.16 -34.07
C LYS E 166 -13.72 -27.44 -34.18
N LEU E 167 -13.05 -28.50 -34.65
CA LEU E 167 -13.62 -29.82 -34.82
C LEU E 167 -13.44 -30.62 -33.55
N ALA E 168 -14.45 -31.44 -33.23
CA ALA E 168 -14.45 -32.14 -31.94
C ALA E 168 -15.04 -33.54 -32.12
N ASP E 169 -15.25 -34.22 -30.99
CA ASP E 169 -15.76 -35.58 -30.93
C ASP E 169 -15.06 -36.46 -31.96
N PHE E 170 -13.82 -36.79 -31.65
CA PHE E 170 -13.03 -37.71 -32.45
C PHE E 170 -13.19 -39.13 -31.98
N GLY E 171 -14.29 -39.41 -31.28
CA GLY E 171 -14.48 -40.73 -30.72
C GLY E 171 -14.55 -41.85 -31.74
N LEU E 172 -14.99 -41.55 -32.95
CA LEU E 172 -15.12 -42.58 -33.97
C LEU E 172 -14.07 -42.43 -35.07
N ALA E 173 -12.87 -41.96 -34.74
CA ALA E 173 -11.83 -41.68 -35.72
C ALA E 173 -10.79 -42.79 -35.75
N ARG E 174 -10.25 -43.05 -36.95
CA ARG E 174 -9.32 -44.16 -37.16
C ARG E 174 -8.29 -43.78 -38.23
N LEU E 175 -7.15 -44.47 -38.20
CA LEU E 175 -6.10 -44.26 -39.19
C LEU E 175 -6.52 -44.92 -40.51
N TYR E 176 -6.16 -44.29 -41.63
CA TYR E 176 -6.51 -44.81 -42.95
C TYR E 176 -5.25 -45.18 -43.70
N ASN E 177 -5.15 -46.43 -44.12
CA ASN E 177 -4.07 -46.91 -44.97
C ASN E 177 -4.66 -47.28 -46.32
N SER E 178 -4.27 -46.56 -47.37
CA SER E 178 -4.76 -46.89 -48.70
C SER E 178 -4.36 -48.31 -49.07
N GLU E 179 -3.09 -48.65 -48.89
CA GLU E 179 -2.61 -50.00 -49.09
C GLU E 179 -3.17 -50.91 -47.99
N GLU E 180 -3.17 -52.21 -48.24
CA GLU E 180 -3.68 -53.21 -47.30
C GLU E 180 -5.03 -52.77 -46.74
N SER E 181 -5.95 -52.44 -47.64
CA SER E 181 -7.27 -51.98 -47.22
C SER E 181 -8.02 -53.14 -46.58
N ARG E 182 -8.53 -52.91 -45.38
CA ARG E 182 -9.21 -53.86 -44.52
C ARG E 182 -10.53 -53.27 -44.07
N PRO E 183 -11.48 -54.11 -43.63
CA PRO E 183 -12.79 -53.59 -43.25
C PRO E 183 -12.71 -52.65 -42.06
N TYR E 184 -13.37 -51.50 -42.19
CA TYR E 184 -13.48 -50.49 -41.13
C TYR E 184 -14.95 -50.57 -40.67
N TPO E 185 -15.24 -50.01 -39.50
CA TPO E 185 -16.61 -50.03 -38.95
CB TPO E 185 -16.58 -49.53 -37.50
CG2 TPO E 185 -17.59 -50.22 -36.61
OG1 TPO E 185 -15.25 -49.92 -37.12
P TPO E 185 -14.85 -49.50 -35.63
O1P TPO E 185 -13.51 -48.86 -35.64
O2P TPO E 185 -14.90 -50.82 -34.71
O3P TPO E 185 -15.89 -48.40 -35.07
C TPO E 185 -17.57 -49.22 -39.83
O TPO E 185 -17.59 -47.99 -39.77
H TPO E 185 -14.68 -49.60 -39.00
HA TPO E 185 -16.96 -50.95 -38.94
HB TPO E 185 -16.83 -48.48 -37.41
HG21 TPO E 185 -17.62 -49.72 -35.64
HG22 TPO E 185 -17.30 -51.27 -36.48
HG23 TPO E 185 -18.58 -50.18 -37.07
N ASN E 186 -18.34 -49.92 -40.66
CA ASN E 186 -19.14 -49.27 -41.70
C ASN E 186 -20.41 -48.62 -41.18
N LYS E 187 -21.07 -47.86 -42.07
CA LYS E 187 -22.26 -47.06 -41.73
C LYS E 187 -22.04 -46.23 -40.46
N VAL E 188 -20.97 -45.44 -40.47
CA VAL E 188 -20.56 -44.75 -39.25
C VAL E 188 -21.05 -43.31 -39.11
N ILE E 189 -21.34 -42.59 -40.18
CA ILE E 189 -21.65 -41.17 -40.06
C ILE E 189 -23.16 -41.01 -39.87
N THR E 190 -23.58 -39.91 -39.22
CA THR E 190 -24.99 -39.66 -38.96
C THR E 190 -25.78 -39.54 -40.26
N LEU E 191 -26.97 -40.13 -40.26
CA LEU E 191 -27.69 -40.28 -41.51
C LEU E 191 -27.89 -38.94 -42.22
N TRP E 192 -28.25 -37.89 -41.47
CA TRP E 192 -28.53 -36.64 -42.16
C TRP E 192 -27.36 -36.17 -43.00
N TYR E 193 -26.13 -36.44 -42.58
CA TYR E 193 -24.94 -36.06 -43.34
C TYR E 193 -24.09 -37.26 -43.77
N ARG E 194 -24.66 -38.25 -44.47
CA ARG E 194 -23.84 -39.42 -44.76
C ARG E 194 -23.47 -39.55 -46.24
N PRO E 195 -22.25 -40.01 -46.56
CA PRO E 195 -21.89 -40.15 -47.96
C PRO E 195 -22.79 -41.19 -48.63
N PRO E 196 -23.03 -41.05 -49.93
CA PRO E 196 -23.85 -42.07 -50.59
C PRO E 196 -23.19 -43.44 -50.61
N GLU E 197 -21.87 -43.49 -50.74
CA GLU E 197 -21.16 -44.77 -50.75
C GLU E 197 -21.40 -45.52 -49.45
N LEU E 198 -21.38 -44.83 -48.31
CA LEU E 198 -21.57 -45.52 -47.03
C LEU E 198 -22.99 -46.02 -46.87
N LEU E 199 -23.95 -45.35 -47.51
CA LEU E 199 -25.31 -45.86 -47.52
C LEU E 199 -25.40 -47.13 -48.33
N LEU E 200 -24.62 -47.21 -49.41
CA LEU E 200 -24.56 -48.36 -50.29
C LEU E 200 -23.56 -49.42 -49.82
N GLY E 201 -22.92 -49.22 -48.67
CA GLY E 201 -22.20 -50.28 -48.00
C GLY E 201 -20.70 -50.38 -48.21
N GLU E 202 -20.03 -49.35 -48.71
CA GLU E 202 -18.58 -49.46 -48.88
C GLU E 202 -17.94 -49.62 -47.49
N GLU E 203 -17.26 -50.74 -47.28
CA GLU E 203 -16.60 -50.99 -45.99
C GLU E 203 -15.19 -50.44 -45.98
N ARG E 204 -14.60 -50.27 -47.16
CA ARG E 204 -13.29 -49.64 -47.31
C ARG E 204 -13.57 -48.24 -47.85
N TYR E 205 -13.83 -47.31 -46.92
CA TYR E 205 -14.26 -45.98 -47.30
C TYR E 205 -13.04 -45.07 -47.31
N THR E 206 -13.07 -44.08 -48.19
CA THR E 206 -12.00 -43.12 -48.36
C THR E 206 -12.16 -41.98 -47.37
N PRO E 207 -11.14 -41.12 -47.24
CA PRO E 207 -11.33 -39.89 -46.43
C PRO E 207 -12.42 -38.99 -46.99
N ALA E 208 -12.85 -39.23 -48.23
CA ALA E 208 -13.85 -38.39 -48.85
C ALA E 208 -15.20 -38.50 -48.18
N ILE E 209 -15.35 -39.41 -47.23
CA ILE E 209 -16.58 -39.46 -46.43
C ILE E 209 -16.73 -38.17 -45.63
N ASP E 210 -15.64 -37.67 -45.05
CA ASP E 210 -15.73 -36.46 -44.26
C ASP E 210 -16.01 -35.25 -45.14
N VAL E 211 -15.40 -35.22 -46.33
CA VAL E 211 -15.62 -34.09 -47.22
C VAL E 211 -17.08 -33.99 -47.57
N TRP E 212 -17.73 -35.12 -47.87
CA TRP E 212 -19.14 -35.10 -48.21
C TRP E 212 -19.94 -34.40 -47.13
N SER E 213 -19.75 -34.81 -45.87
CA SER E 213 -20.46 -34.17 -44.77
C SER E 213 -20.15 -32.67 -44.75
N CYS E 214 -18.87 -32.32 -44.83
CA CYS E 214 -18.50 -30.92 -44.79
C CYS E 214 -19.17 -30.12 -45.90
N GLY E 215 -19.52 -30.78 -47.01
CA GLY E 215 -20.24 -30.13 -48.07
C GLY E 215 -21.69 -29.91 -47.67
N CYS E 216 -22.30 -30.97 -47.11
CA CYS E 216 -23.64 -30.83 -46.56
C CYS E 216 -23.73 -29.62 -45.64
N ILE E 217 -22.67 -29.35 -44.89
CA ILE E 217 -22.67 -28.19 -44.00
C ILE E 217 -22.64 -26.91 -44.82
N LEU E 218 -21.87 -26.87 -45.91
CA LEU E 218 -21.80 -25.66 -46.71
C LEU E 218 -23.20 -25.25 -47.18
N GLY E 219 -23.97 -26.20 -47.71
CA GLY E 219 -25.32 -25.88 -48.13
C GLY E 219 -26.18 -25.37 -47.00
N GLU E 220 -26.05 -25.99 -45.82
CA GLU E 220 -26.85 -25.57 -44.68
C GLU E 220 -26.55 -24.13 -44.30
N LEU E 221 -25.29 -23.73 -44.41
CA LEU E 221 -24.92 -22.36 -44.06
C LEU E 221 -25.53 -21.35 -45.03
N PHE E 222 -25.81 -21.78 -46.26
CA PHE E 222 -26.47 -20.90 -47.23
C PHE E 222 -28.00 -20.94 -47.16
N THR E 223 -28.61 -22.03 -46.71
CA THR E 223 -30.07 -22.09 -46.59
C THR E 223 -30.57 -21.96 -45.16
N LYS E 224 -29.74 -22.32 -44.18
CA LYS E 224 -30.07 -22.41 -42.76
C LYS E 224 -30.86 -23.66 -42.46
N LYS E 225 -31.03 -24.58 -43.43
CA LYS E 225 -31.76 -25.81 -43.22
C LYS E 225 -30.93 -26.95 -43.82
N PRO E 226 -30.72 -28.04 -43.09
CA PRO E 226 -29.96 -29.17 -43.65
C PRO E 226 -30.49 -29.58 -45.01
N ILE E 227 -29.60 -30.16 -45.82
CA ILE E 227 -29.95 -30.45 -47.20
C ILE E 227 -30.70 -31.77 -47.29
N PHE E 228 -30.23 -32.80 -46.59
CA PHE E 228 -30.78 -34.15 -46.68
C PHE E 228 -31.31 -34.57 -45.31
N GLN E 229 -32.60 -34.38 -45.10
CA GLN E 229 -33.28 -34.73 -43.86
C GLN E 229 -34.12 -35.97 -44.13
N ALA E 230 -33.69 -37.11 -43.56
CA ALA E 230 -34.38 -38.37 -43.75
C ALA E 230 -34.32 -39.20 -42.47
N ASN E 231 -35.11 -40.28 -42.45
CA ASN E 231 -35.18 -41.15 -41.29
C ASN E 231 -34.56 -42.53 -41.51
N LEU E 232 -34.58 -43.05 -42.73
CA LEU E 232 -34.04 -44.37 -43.04
C LEU E 232 -33.09 -44.25 -44.22
N GLU E 233 -32.18 -45.21 -44.33
CA GLU E 233 -31.12 -45.09 -45.33
C GLU E 233 -31.69 -44.97 -46.75
N LEU E 234 -32.80 -45.66 -47.03
CA LEU E 234 -33.35 -45.56 -48.38
C LEU E 234 -33.90 -44.16 -48.66
N ALA E 235 -34.63 -43.58 -47.71
CA ALA E 235 -35.14 -42.23 -47.90
C ALA E 235 -34.01 -41.23 -48.10
N GLN E 236 -32.88 -41.44 -47.42
CA GLN E 236 -31.74 -40.53 -47.55
C GLN E 236 -31.12 -40.63 -48.95
N LEU E 237 -30.91 -41.86 -49.44
CA LEU E 237 -30.38 -42.05 -50.78
C LEU E 237 -31.28 -41.42 -51.84
N GLU E 238 -32.60 -41.46 -51.63
CA GLU E 238 -33.53 -40.85 -52.59
C GLU E 238 -33.36 -39.33 -52.65
N LEU E 239 -33.24 -38.68 -51.49
CA LEU E 239 -33.06 -37.22 -51.47
C LEU E 239 -31.76 -36.84 -52.17
N ILE E 240 -30.66 -37.53 -51.84
CA ILE E 240 -29.39 -37.28 -52.52
C ILE E 240 -29.56 -37.41 -54.03
N SER E 241 -30.27 -38.44 -54.48
CA SER E 241 -30.41 -38.69 -55.91
C SER E 241 -31.17 -37.56 -56.60
N ARG E 242 -32.20 -37.02 -55.95
CA ARG E 242 -33.00 -35.97 -56.57
C ARG E 242 -32.15 -34.75 -56.91
N LEU E 243 -31.12 -34.50 -56.11
CA LEU E 243 -30.27 -33.33 -56.24
C LEU E 243 -28.99 -33.63 -56.99
N CYS E 244 -28.25 -34.63 -56.56
CA CYS E 244 -26.95 -34.95 -57.14
C CYS E 244 -27.02 -35.84 -58.36
N GLY E 245 -28.13 -36.52 -58.57
CA GLY E 245 -28.26 -37.51 -59.63
C GLY E 245 -28.23 -38.92 -59.05
N SER E 246 -28.85 -39.84 -59.76
CA SER E 246 -28.89 -41.17 -59.17
C SER E 246 -27.54 -41.85 -59.33
N PRO E 247 -27.05 -42.54 -58.29
CA PRO E 247 -25.83 -43.33 -58.46
C PRO E 247 -26.02 -44.29 -59.61
N CYS E 248 -25.08 -44.24 -60.53
CA CYS E 248 -25.12 -45.10 -61.69
C CYS E 248 -23.71 -45.17 -62.26
N PRO E 249 -23.34 -46.28 -62.90
CA PRO E 249 -21.98 -46.39 -63.44
C PRO E 249 -21.63 -45.23 -64.36
N ALA E 250 -22.62 -44.53 -64.92
CA ALA E 250 -22.35 -43.46 -65.85
C ALA E 250 -21.50 -42.37 -65.22
N VAL E 251 -21.72 -42.10 -63.93
CA VAL E 251 -20.97 -41.08 -63.21
C VAL E 251 -20.12 -41.67 -62.10
N TRP E 252 -20.37 -42.93 -61.75
CA TRP E 252 -19.67 -43.64 -60.68
C TRP E 252 -19.33 -45.05 -61.13
N PRO E 253 -18.20 -45.23 -61.82
CA PRO E 253 -17.96 -46.55 -62.46
C PRO E 253 -17.92 -47.72 -61.51
N ASP E 254 -17.47 -47.54 -60.28
CA ASP E 254 -17.34 -48.63 -59.32
C ASP E 254 -18.56 -48.80 -58.44
N VAL E 255 -19.65 -48.08 -58.72
CA VAL E 255 -20.84 -48.18 -57.87
C VAL E 255 -21.37 -49.60 -57.90
N ILE E 256 -21.21 -50.29 -59.02
CA ILE E 256 -21.70 -51.66 -59.18
C ILE E 256 -21.05 -52.63 -58.21
N ARG E 257 -19.87 -52.29 -57.68
CA ARG E 257 -19.19 -53.15 -56.71
C ARG E 257 -19.84 -53.12 -55.34
N LEU E 258 -20.64 -52.15 -55.06
CA LEU E 258 -21.15 -51.91 -53.72
C LEU E 258 -22.26 -52.91 -53.39
N PRO E 259 -22.30 -53.41 -52.15
CA PRO E 259 -23.31 -54.43 -51.81
C PRO E 259 -24.74 -54.02 -52.10
N TYR E 260 -25.14 -52.79 -51.75
CA TYR E 260 -26.53 -52.38 -51.83
C TYR E 260 -26.87 -51.59 -53.08
N PHE E 261 -26.01 -51.64 -54.12
CA PHE E 261 -26.31 -50.86 -55.31
C PHE E 261 -27.63 -51.27 -55.92
N ASN E 262 -27.84 -52.57 -56.11
CA ASN E 262 -29.10 -53.07 -56.63
C ASN E 262 -30.21 -53.02 -55.59
N THR E 263 -29.87 -53.25 -54.33
CA THR E 263 -30.89 -53.31 -53.28
C THR E 263 -31.54 -51.94 -53.12
N MET E 264 -30.72 -50.92 -52.93
CA MET E 264 -31.21 -49.58 -52.69
C MET E 264 -31.21 -48.84 -54.02
N LYS E 265 -32.21 -49.21 -54.85
CA LYS E 265 -32.27 -48.43 -56.07
C LYS E 265 -33.17 -47.24 -55.83
N PRO E 266 -32.81 -46.05 -56.30
CA PRO E 266 -33.71 -44.90 -56.14
C PRO E 266 -34.95 -45.04 -57.00
N LYS E 267 -35.97 -44.27 -56.63
CA LYS E 267 -37.25 -44.33 -57.33
C LYS E 267 -37.08 -44.12 -58.83
N LYS E 268 -36.16 -43.23 -59.21
CA LYS E 268 -35.90 -42.94 -60.60
C LYS E 268 -34.40 -42.84 -60.80
N GLN E 269 -33.98 -42.79 -62.07
CA GLN E 269 -32.59 -42.47 -62.41
C GLN E 269 -32.59 -40.96 -62.65
N TYR E 270 -32.39 -40.21 -61.57
CA TYR E 270 -32.49 -38.76 -61.63
C TYR E 270 -31.25 -38.17 -62.27
N ARG E 271 -31.41 -36.98 -62.85
CA ARG E 271 -30.28 -36.22 -63.34
C ARG E 271 -29.87 -35.24 -62.23
N ARG E 272 -28.60 -34.87 -62.24
CA ARG E 272 -28.11 -33.93 -61.25
C ARG E 272 -28.78 -32.57 -61.46
N ARG E 273 -29.33 -32.01 -60.38
CA ARG E 273 -29.98 -30.70 -60.46
C ARG E 273 -29.35 -29.71 -59.50
N LEU E 274 -28.21 -30.06 -58.90
CA LEU E 274 -27.66 -29.28 -57.80
C LEU E 274 -27.50 -27.81 -58.15
N ARG E 275 -26.94 -27.50 -59.33
CA ARG E 275 -26.75 -26.09 -59.67
C ARG E 275 -28.06 -25.36 -59.85
N GLU E 276 -29.09 -26.05 -60.30
CA GLU E 276 -30.38 -25.40 -60.47
C GLU E 276 -31.01 -25.13 -59.11
N GLU E 277 -30.97 -26.13 -58.23
CA GLU E 277 -31.62 -26.00 -56.93
C GLU E 277 -30.89 -25.02 -56.02
N PHE E 278 -29.60 -24.78 -56.25
CA PHE E 278 -28.82 -23.82 -55.49
C PHE E 278 -28.41 -22.61 -56.33
N SER E 279 -29.28 -22.16 -57.23
CA SER E 279 -28.88 -21.08 -58.14
C SER E 279 -28.67 -19.74 -57.45
N PHE E 280 -29.08 -19.58 -56.19
CA PHE E 280 -28.89 -18.34 -55.45
C PHE E 280 -27.55 -18.26 -54.74
N ILE E 281 -26.72 -19.29 -54.83
CA ILE E 281 -25.46 -19.30 -54.10
C ILE E 281 -24.44 -18.59 -54.98
N PRO E 282 -23.50 -17.84 -54.40
CA PRO E 282 -22.43 -17.26 -55.22
C PRO E 282 -21.69 -18.36 -55.98
N SER E 283 -21.27 -18.04 -57.20
CA SER E 283 -20.72 -19.06 -58.08
C SER E 283 -19.46 -19.67 -57.49
N ALA E 284 -18.58 -18.85 -56.93
CA ALA E 284 -17.35 -19.39 -56.35
C ALA E 284 -17.69 -20.44 -55.30
N ALA E 285 -18.76 -20.20 -54.52
CA ALA E 285 -19.20 -21.16 -53.52
C ALA E 285 -19.95 -22.32 -54.18
N LEU E 286 -20.84 -22.03 -55.13
CA LEU E 286 -21.60 -23.08 -55.79
C LEU E 286 -20.68 -24.12 -56.42
N ASP E 287 -19.59 -23.66 -57.04
CA ASP E 287 -18.62 -24.57 -57.63
C ASP E 287 -18.02 -25.47 -56.57
N LEU E 288 -17.70 -24.92 -55.39
CA LEU E 288 -17.20 -25.73 -54.27
C LEU E 288 -18.22 -26.77 -53.85
N LEU E 289 -19.48 -26.36 -53.72
CA LEU E 289 -20.51 -27.30 -53.30
C LEU E 289 -20.64 -28.43 -54.30
N ASP E 290 -20.63 -28.12 -55.60
CA ASP E 290 -20.82 -29.14 -56.61
C ASP E 290 -19.75 -30.22 -56.49
N HIS E 291 -18.50 -29.82 -56.18
CA HIS E 291 -17.40 -30.77 -56.13
C HIS E 291 -17.42 -31.59 -54.84
N MET E 292 -17.75 -30.95 -53.72
CA MET E 292 -17.80 -31.68 -52.45
C MET E 292 -18.94 -32.71 -52.46
N LEU E 293 -20.04 -32.40 -53.14
CA LEU E 293 -21.20 -33.29 -53.24
C LEU E 293 -21.20 -34.06 -54.55
N THR E 294 -20.01 -34.48 -54.99
CA THR E 294 -19.87 -35.37 -56.14
C THR E 294 -20.08 -36.81 -55.69
N LEU E 295 -20.88 -37.56 -56.44
CA LEU E 295 -21.32 -38.86 -55.93
C LEU E 295 -20.15 -39.83 -55.75
N ASP E 296 -19.29 -39.92 -56.74
CA ASP E 296 -18.23 -40.91 -56.71
C ASP E 296 -17.10 -40.44 -55.80
N PRO E 297 -16.80 -41.15 -54.70
CA PRO E 297 -15.74 -40.67 -53.79
C PRO E 297 -14.40 -40.49 -54.48
N SER E 298 -14.15 -41.22 -55.57
CA SER E 298 -12.90 -41.07 -56.33
C SER E 298 -12.92 -39.83 -57.24
N LYS E 299 -14.09 -39.26 -57.51
CA LYS E 299 -14.19 -37.99 -58.24
C LYS E 299 -14.45 -36.79 -57.33
N ARG E 300 -14.80 -37.04 -56.07
CA ARG E 300 -15.05 -35.96 -55.12
C ARG E 300 -13.74 -35.30 -54.69
N CYS E 301 -13.76 -33.98 -54.65
CA CYS E 301 -12.58 -33.21 -54.26
C CYS E 301 -12.14 -33.56 -52.84
N THR E 302 -10.86 -33.31 -52.58
CA THR E 302 -10.25 -33.53 -51.28
C THR E 302 -10.33 -32.26 -50.43
N ALA E 303 -9.87 -32.35 -49.19
CA ALA E 303 -9.79 -31.15 -48.35
C ALA E 303 -8.81 -30.15 -48.98
N GLU E 304 -7.65 -30.63 -49.40
CA GLU E 304 -6.65 -29.75 -49.97
C GLU E 304 -7.19 -29.00 -51.19
N GLN E 305 -7.95 -29.68 -52.04
CA GLN E 305 -8.47 -29.04 -53.24
C GLN E 305 -9.45 -27.91 -52.91
N THR E 306 -10.27 -28.08 -51.86
CA THR E 306 -11.21 -27.02 -51.50
C THR E 306 -10.46 -25.75 -51.09
N LEU E 307 -9.34 -25.90 -50.39
CA LEU E 307 -8.52 -24.73 -50.06
C LEU E 307 -7.92 -24.09 -51.29
N GLN E 308 -7.85 -24.82 -52.39
CA GLN E 308 -7.42 -24.26 -53.68
C GLN E 308 -8.61 -23.99 -54.60
N SER E 309 -9.67 -23.41 -54.04
CA SER E 309 -10.86 -23.06 -54.78
C SER E 309 -10.96 -21.55 -54.84
N ASP E 310 -11.62 -21.02 -55.88
CA ASP E 310 -11.81 -19.58 -55.93
C ASP E 310 -12.50 -19.04 -54.69
N PHE E 311 -13.23 -19.89 -53.96
CA PHE E 311 -14.02 -19.43 -52.82
C PHE E 311 -13.16 -19.26 -51.56
N LEU E 312 -12.34 -20.26 -51.23
CA LEU E 312 -11.60 -20.25 -49.99
C LEU E 312 -10.12 -19.94 -50.14
N LYS E 313 -9.61 -19.88 -51.38
CA LYS E 313 -8.18 -19.74 -51.59
C LYS E 313 -7.67 -18.40 -51.04
N ASP E 314 -8.30 -17.30 -51.43
CA ASP E 314 -7.79 -15.99 -51.05
C ASP E 314 -8.39 -15.47 -49.76
N VAL E 315 -9.02 -16.32 -48.97
CA VAL E 315 -9.56 -15.90 -47.69
C VAL E 315 -8.42 -15.90 -46.70
N GLU E 316 -8.20 -14.78 -46.05
CA GLU E 316 -7.17 -14.62 -45.04
C GLU E 316 -7.85 -14.64 -43.67
N LEU E 317 -7.51 -15.65 -42.87
CA LEU E 317 -8.11 -15.72 -41.54
C LEU E 317 -7.61 -14.62 -40.62
N SER E 318 -6.56 -13.89 -41.03
CA SER E 318 -6.15 -12.74 -40.24
C SER E 318 -7.38 -11.88 -39.96
N LYS E 319 -8.30 -11.81 -40.92
CA LYS E 319 -9.57 -11.11 -40.70
C LYS E 319 -10.47 -11.89 -39.73
N MET E 320 -10.55 -13.20 -39.86
CA MET E 320 -11.32 -14.05 -38.96
C MET E 320 -12.69 -13.44 -38.64
N ALA E 321 -13.47 -13.23 -39.68
CA ALA E 321 -14.74 -12.54 -39.56
C ALA E 321 -15.65 -13.19 -38.53
N PRO E 322 -16.07 -12.45 -37.49
CA PRO E 322 -16.98 -13.04 -36.49
C PRO E 322 -18.34 -13.31 -37.10
N PRO E 323 -19.04 -14.37 -36.67
CA PRO E 323 -20.43 -14.53 -37.09
C PRO E 323 -21.29 -13.48 -36.38
N ASP E 324 -22.46 -13.22 -36.96
CA ASP E 324 -23.36 -12.21 -36.41
C ASP E 324 -24.31 -12.85 -35.41
N LEU E 325 -24.40 -12.28 -34.22
CA LEU E 325 -25.26 -12.81 -33.19
C LEU E 325 -26.24 -11.72 -32.77
N PRO E 326 -27.55 -12.02 -32.68
CA PRO E 326 -28.54 -10.96 -32.42
C PRO E 326 -28.91 -10.82 -30.95
N HIS E 327 -27.93 -10.82 -30.05
CA HIS E 327 -28.25 -11.09 -28.65
C HIS E 327 -29.10 -10.00 -28.01
N TRP E 328 -28.83 -8.72 -28.31
CA TRP E 328 -29.52 -7.69 -27.53
C TRP E 328 -30.98 -7.44 -27.91
N GLN E 329 -31.34 -7.40 -29.20
CA GLN E 329 -32.73 -7.12 -29.55
C GLN E 329 -33.68 -8.17 -28.97
N ASP E 330 -33.22 -9.42 -28.83
CA ASP E 330 -34.08 -10.50 -28.38
C ASP E 330 -34.67 -10.21 -27.00
N CYS E 331 -33.91 -9.54 -26.14
CA CYS E 331 -34.34 -9.34 -24.76
C CYS E 331 -35.69 -8.64 -24.71
N HIS E 332 -35.82 -7.51 -25.43
CA HIS E 332 -37.13 -6.88 -25.60
C HIS E 332 -37.61 -6.84 -27.05
N THR F 24 5.21 -30.44 -23.09
CA THR F 24 4.03 -30.95 -23.79
C THR F 24 3.88 -32.45 -23.53
N LYS F 25 4.76 -33.24 -24.17
CA LYS F 25 4.69 -34.69 -24.06
C LYS F 25 5.77 -35.17 -23.10
N PRO F 26 5.57 -36.21 -22.31
CA PRO F 26 6.58 -36.58 -21.31
C PRO F 26 7.78 -37.27 -21.95
N CYS F 27 8.86 -37.30 -21.17
CA CYS F 27 10.12 -37.91 -21.59
C CYS F 27 10.14 -39.35 -21.09
N TRP F 28 10.25 -40.31 -22.01
CA TRP F 28 10.20 -41.73 -21.69
C TRP F 28 11.57 -42.40 -21.84
N TYR F 29 12.66 -41.66 -21.68
CA TYR F 29 14.00 -42.21 -21.85
C TYR F 29 14.89 -41.86 -20.67
N TRP F 30 15.61 -42.87 -20.18
CA TRP F 30 16.55 -42.80 -19.05
C TRP F 30 17.95 -43.17 -19.53
N ASP F 31 18.95 -42.94 -18.67
CA ASP F 31 20.32 -43.38 -18.91
C ASP F 31 20.54 -44.74 -18.25
N LYS F 32 21.35 -45.60 -18.89
CA LYS F 32 21.55 -46.93 -18.30
C LYS F 32 21.95 -46.83 -16.83
N LYS F 33 22.81 -45.88 -16.49
CA LYS F 33 23.24 -45.71 -15.10
C LYS F 33 22.05 -45.49 -14.18
N ASP F 34 20.94 -44.96 -14.71
CA ASP F 34 19.75 -44.75 -13.89
C ASP F 34 19.00 -46.05 -13.59
N LEU F 35 19.25 -47.12 -14.33
CA LEU F 35 18.53 -48.36 -14.09
C LEU F 35 19.03 -49.09 -12.84
N ALA F 36 20.09 -48.60 -12.23
CA ALA F 36 20.54 -49.11 -10.94
C ALA F 36 19.70 -48.54 -9.80
N HIS F 37 18.75 -47.66 -10.12
CA HIS F 37 17.92 -46.98 -9.14
C HIS F 37 16.44 -47.12 -9.45
N THR F 38 16.02 -48.20 -10.09
CA THR F 38 14.60 -48.46 -10.26
C THR F 38 13.98 -48.83 -8.91
N PRO F 39 12.68 -48.61 -8.76
CA PRO F 39 12.01 -49.10 -7.53
C PRO F 39 12.38 -50.54 -7.21
N SER F 40 12.47 -51.38 -8.25
CA SER F 40 12.83 -52.78 -8.03
C SER F 40 14.20 -52.90 -7.38
N GLN F 41 15.19 -52.19 -7.91
CA GLN F 41 16.54 -52.26 -7.35
C GLN F 41 16.55 -51.78 -5.90
N LEU F 42 15.85 -50.68 -5.62
CA LEU F 42 15.90 -50.10 -4.28
C LEU F 42 15.15 -50.93 -3.25
N GLU F 43 14.25 -51.80 -3.69
CA GLU F 43 13.62 -52.74 -2.75
C GLU F 43 14.47 -53.98 -2.53
N GLY F 44 15.63 -54.09 -3.16
CA GLY F 44 16.55 -55.16 -2.87
C GLY F 44 16.73 -56.15 -4.01
N LEU F 45 16.02 -55.97 -5.11
CA LEU F 45 16.18 -56.83 -6.27
C LEU F 45 17.51 -56.51 -6.95
N ASP F 46 18.26 -57.55 -7.31
CA ASP F 46 19.58 -57.31 -7.89
C ASP F 46 19.50 -57.10 -9.40
N PRO F 47 20.54 -56.52 -10.00
CA PRO F 47 20.46 -56.19 -11.43
C PRO F 47 20.11 -57.37 -12.31
N ALA F 48 20.68 -58.54 -12.05
CA ALA F 48 20.38 -59.70 -12.88
C ALA F 48 18.90 -60.09 -12.78
N THR F 49 18.36 -60.06 -11.56
CA THR F 49 16.98 -60.52 -11.38
C THR F 49 16.01 -59.59 -12.09
N GLU F 50 16.20 -58.27 -11.98
CA GLU F 50 15.30 -57.38 -12.70
C GLU F 50 15.42 -57.59 -14.20
N ALA F 51 16.63 -57.81 -14.70
CA ALA F 51 16.78 -58.06 -16.13
C ALA F 51 16.02 -59.32 -16.54
N ARG F 52 16.11 -60.37 -15.71
CA ARG F 52 15.35 -61.59 -15.96
C ARG F 52 13.85 -61.34 -15.93
N TYR F 53 13.37 -60.63 -14.90
CA TYR F 53 11.94 -60.36 -14.81
C TYR F 53 11.44 -59.63 -16.05
N ARG F 54 12.26 -58.72 -16.60
CA ARG F 54 11.86 -58.00 -17.80
C ARG F 54 11.78 -58.93 -19.00
N ARG F 55 12.80 -59.78 -19.17
CA ARG F 55 12.79 -60.70 -20.32
C ARG F 55 11.60 -61.64 -20.22
N GLU F 56 11.39 -62.23 -19.04
CA GLU F 56 10.27 -63.16 -18.87
C GLU F 56 8.96 -62.46 -19.15
N GLY F 57 8.78 -61.27 -18.57
CA GLY F 57 7.56 -60.52 -18.80
C GLY F 57 7.38 -60.14 -20.24
N ALA F 58 8.45 -59.67 -20.88
CA ALA F 58 8.37 -59.30 -22.29
C ALA F 58 7.98 -60.50 -23.15
N ARG F 59 8.64 -61.65 -22.93
CA ARG F 59 8.33 -62.84 -23.71
C ARG F 59 6.92 -63.34 -23.45
N PHE F 60 6.45 -63.23 -22.20
CA PHE F 60 5.07 -63.55 -21.87
C PHE F 60 4.10 -62.76 -22.74
N ILE F 61 4.29 -61.44 -22.80
CA ILE F 61 3.43 -60.61 -23.64
C ILE F 61 3.53 -61.06 -25.10
N PHE F 62 4.76 -61.35 -25.55
CA PHE F 62 4.97 -61.76 -26.93
C PHE F 62 4.25 -63.07 -27.21
N ASP F 63 4.48 -64.09 -26.38
CA ASP F 63 3.87 -65.39 -26.60
C ASP F 63 2.36 -65.34 -26.45
N VAL F 64 1.85 -64.67 -25.41
CA VAL F 64 0.41 -64.59 -25.22
C VAL F 64 -0.25 -63.98 -26.45
N GLY F 65 0.30 -62.86 -26.92
CA GLY F 65 -0.25 -62.18 -28.08
C GLY F 65 -0.02 -62.94 -29.38
N THR F 66 1.15 -63.55 -29.52
CA THR F 66 1.38 -64.36 -30.72
C THR F 66 0.37 -65.49 -30.80
N ARG F 67 0.08 -66.14 -29.68
CA ARG F 67 -0.94 -67.19 -29.64
C ARG F 67 -2.33 -66.64 -29.95
N LEU F 68 -2.62 -65.40 -29.54
CA LEU F 68 -3.90 -64.77 -29.86
C LEU F 68 -3.98 -64.19 -31.26
N GLY F 69 -2.91 -64.29 -32.03
CA GLY F 69 -2.84 -63.81 -33.39
C GLY F 69 -2.85 -62.29 -33.48
N LEU F 70 -1.89 -61.66 -32.80
CA LEU F 70 -1.88 -60.22 -32.69
C LEU F 70 -0.80 -59.62 -33.56
N HIS F 71 -1.10 -58.46 -34.14
CA HIS F 71 -0.18 -57.72 -34.99
C HIS F 71 1.09 -57.38 -34.22
N TYR F 72 2.20 -57.28 -34.95
CA TYR F 72 3.49 -57.11 -34.29
C TYR F 72 3.54 -55.79 -33.50
N ASP F 73 2.90 -54.73 -34.01
CA ASP F 73 2.89 -53.47 -33.27
C ASP F 73 2.18 -53.61 -31.93
N THR F 74 1.09 -54.38 -31.92
CA THR F 74 0.35 -54.58 -30.68
C THR F 74 1.21 -55.24 -29.61
N LEU F 75 1.95 -56.27 -30.00
CA LEU F 75 2.82 -56.95 -29.04
C LEU F 75 3.80 -55.97 -28.41
N ALA F 76 4.44 -55.16 -29.25
CA ALA F 76 5.43 -54.22 -28.77
C ALA F 76 4.81 -53.14 -27.88
N THR F 77 3.66 -52.60 -28.29
CA THR F 77 3.06 -51.52 -27.50
C THR F 77 2.89 -51.97 -26.05
N GLY F 78 2.40 -53.20 -25.83
CA GLY F 78 2.36 -53.74 -24.49
C GLY F 78 3.72 -53.89 -23.85
N ILE F 79 4.72 -54.32 -24.62
CA ILE F 79 6.03 -54.53 -24.02
C ILE F 79 6.62 -53.21 -23.57
N ILE F 80 6.39 -52.15 -24.35
CA ILE F 80 6.87 -50.83 -23.94
C ILE F 80 6.07 -50.31 -22.76
N TYR F 81 4.74 -50.51 -22.77
CA TYR F 81 3.97 -50.19 -21.57
C TYR F 81 4.56 -50.92 -20.37
N PHE F 82 4.79 -52.23 -20.53
CA PHE F 82 5.32 -53.04 -19.44
C PHE F 82 6.64 -52.48 -18.91
N HIS F 83 7.61 -52.23 -19.79
CA HIS F 83 8.91 -51.75 -19.31
C HIS F 83 8.74 -50.44 -18.55
N ARG F 84 7.98 -49.51 -19.13
CA ARG F 84 7.80 -48.20 -18.52
C ARG F 84 7.18 -48.35 -17.14
N PHE F 85 6.21 -49.25 -17.02
CA PHE F 85 5.54 -49.46 -15.74
C PHE F 85 6.54 -49.69 -14.61
N TYR F 86 7.52 -50.56 -14.84
CA TYR F 86 8.47 -50.95 -13.80
C TYR F 86 9.61 -49.95 -13.62
N MET F 87 9.51 -48.78 -14.26
CA MET F 87 10.30 -47.63 -13.89
C MET F 87 9.65 -46.82 -12.78
N PHE F 88 8.39 -47.10 -12.48
CA PHE F 88 7.66 -46.39 -11.46
C PHE F 88 7.22 -47.31 -10.33
N HIS F 89 7.35 -48.63 -10.50
CA HIS F 89 6.90 -49.58 -9.51
C HIS F 89 7.93 -50.69 -9.38
N SER F 90 7.73 -51.52 -8.36
CA SER F 90 8.65 -52.60 -8.05
C SER F 90 8.06 -53.92 -8.50
N PHE F 91 8.92 -54.80 -9.01
CA PHE F 91 8.47 -56.14 -9.39
C PHE F 91 7.91 -56.88 -8.19
N LYS F 92 8.37 -56.54 -6.98
CA LYS F 92 7.88 -57.22 -5.79
C LYS F 92 6.47 -56.82 -5.42
N GLN F 93 5.97 -55.69 -5.93
CA GLN F 93 4.63 -55.24 -5.59
C GLN F 93 3.61 -55.51 -6.67
N PHE F 94 4.04 -55.65 -7.91
CA PHE F 94 3.13 -55.88 -9.04
C PHE F 94 3.66 -57.12 -9.73
N PRO F 95 3.11 -58.30 -9.42
CA PRO F 95 3.60 -59.52 -10.07
C PRO F 95 3.56 -59.35 -11.58
N ARG F 96 4.67 -59.71 -12.22
CA ARG F 96 4.93 -59.23 -13.58
C ARG F 96 3.94 -59.79 -14.59
N TYR F 97 3.55 -61.05 -14.47
CA TYR F 97 2.69 -61.61 -15.51
C TYR F 97 1.29 -61.01 -15.47
N VAL F 98 0.84 -60.57 -14.29
CA VAL F 98 -0.42 -59.84 -14.23
C VAL F 98 -0.28 -58.51 -14.96
N THR F 99 0.78 -57.77 -14.65
CA THR F 99 1.07 -56.54 -15.36
C THR F 99 1.13 -56.78 -16.86
N GLY F 100 1.86 -57.82 -17.27
CA GLY F 100 1.96 -58.12 -18.69
C GLY F 100 0.60 -58.26 -19.36
N ALA F 101 -0.26 -59.11 -18.80
CA ALA F 101 -1.57 -59.32 -19.40
C ALA F 101 -2.33 -58.01 -19.55
N CYS F 102 -2.24 -57.15 -18.54
CA CYS F 102 -2.89 -55.85 -18.58
C CYS F 102 -2.30 -54.98 -19.69
N CYS F 103 -0.98 -54.96 -19.83
CA CYS F 103 -0.36 -54.18 -20.89
C CYS F 103 -0.86 -54.63 -22.25
N LEU F 104 -0.85 -55.95 -22.48
CA LEU F 104 -1.34 -56.46 -23.76
C LEU F 104 -2.81 -56.10 -23.95
N PHE F 105 -3.61 -56.24 -22.89
CA PHE F 105 -5.03 -55.92 -22.98
C PHE F 105 -5.22 -54.47 -23.42
N LEU F 106 -4.52 -53.54 -22.78
CA LEU F 106 -4.64 -52.13 -23.16
C LEU F 106 -4.04 -51.89 -24.53
N ALA F 107 -2.86 -52.47 -24.80
CA ALA F 107 -2.25 -52.29 -26.11
C ALA F 107 -3.23 -52.65 -27.21
N GLY F 108 -3.98 -53.74 -27.03
CA GLY F 108 -4.95 -54.13 -28.02
C GLY F 108 -5.98 -53.04 -28.29
N LYS F 109 -6.46 -52.38 -27.23
CA LYS F 109 -7.40 -51.29 -27.44
C LYS F 109 -6.74 -50.09 -28.11
N VAL F 110 -5.50 -49.81 -27.73
CA VAL F 110 -4.81 -48.64 -28.29
C VAL F 110 -4.56 -48.86 -29.78
N GLU F 111 -4.07 -50.03 -30.15
CA GLU F 111 -3.65 -50.31 -31.51
C GLU F 111 -4.79 -50.83 -32.39
N GLU F 112 -6.02 -50.84 -31.87
CA GLU F 112 -7.19 -51.29 -32.63
C GLU F 112 -7.07 -52.75 -33.04
N THR F 113 -6.49 -53.57 -32.17
CA THR F 113 -6.50 -55.03 -32.33
C THR F 113 -7.02 -55.65 -31.04
N PRO F 114 -8.25 -55.30 -30.65
CA PRO F 114 -8.72 -55.64 -29.31
C PRO F 114 -9.05 -57.11 -29.13
N LYS F 115 -8.84 -57.58 -27.89
CA LYS F 115 -9.20 -58.93 -27.47
C LYS F 115 -9.89 -58.84 -26.12
N LYS F 116 -10.75 -59.81 -25.84
CA LYS F 116 -11.45 -59.84 -24.56
C LYS F 116 -10.53 -60.29 -23.44
N CYS F 117 -10.68 -59.66 -22.28
CA CYS F 117 -9.80 -59.99 -21.17
C CYS F 117 -9.83 -61.48 -20.86
N LYS F 118 -10.99 -62.12 -20.98
CA LYS F 118 -11.06 -63.55 -20.68
C LYS F 118 -10.15 -64.35 -21.60
N ASP F 119 -10.03 -63.96 -22.87
CA ASP F 119 -9.20 -64.71 -23.80
C ASP F 119 -7.72 -64.59 -23.44
N ILE F 120 -7.30 -63.41 -22.99
CA ILE F 120 -5.91 -63.24 -22.56
C ILE F 120 -5.62 -64.14 -21.36
N ILE F 121 -6.55 -64.20 -20.40
CA ILE F 121 -6.33 -65.05 -19.23
C ILE F 121 -6.22 -66.52 -19.66
N LYS F 122 -7.13 -66.97 -20.54
CA LYS F 122 -7.11 -68.36 -20.98
C LYS F 122 -5.76 -68.69 -21.60
N THR F 123 -5.25 -67.81 -22.46
CA THR F 123 -3.96 -68.03 -23.09
C THR F 123 -2.83 -68.02 -22.06
N ALA F 124 -2.90 -67.11 -21.08
CA ALA F 124 -1.86 -67.07 -20.06
C ALA F 124 -1.83 -68.37 -19.26
N ARG F 125 -3.00 -68.93 -18.96
CA ARG F 125 -3.04 -70.20 -18.25
C ARG F 125 -2.36 -71.29 -19.05
N SER F 126 -2.52 -71.25 -20.37
CA SER F 126 -1.85 -72.20 -21.24
C SER F 126 -0.33 -72.10 -21.11
N LEU F 127 0.20 -70.90 -20.98
CA LEU F 127 1.64 -70.67 -21.05
C LEU F 127 2.33 -70.65 -19.69
N LEU F 128 1.59 -70.45 -18.59
CA LEU F 128 2.21 -70.35 -17.27
C LEU F 128 1.99 -71.64 -16.49
N ASN F 129 3.00 -72.02 -15.70
CA ASN F 129 2.85 -73.15 -14.78
C ASN F 129 1.98 -72.73 -13.59
N ASP F 130 1.72 -73.67 -12.69
CA ASP F 130 0.84 -73.38 -11.56
C ASP F 130 1.44 -72.33 -10.63
N VAL F 131 2.75 -72.38 -10.38
CA VAL F 131 3.38 -71.38 -9.53
C VAL F 131 3.19 -69.99 -10.13
N GLN F 132 3.47 -69.87 -11.43
CA GLN F 132 3.40 -68.58 -12.10
C GLN F 132 1.97 -68.05 -12.12
N PHE F 133 1.01 -68.89 -12.47
CA PHE F 133 -0.37 -68.43 -12.53
C PHE F 133 -0.94 -68.07 -11.17
N GLY F 134 -0.28 -68.48 -10.09
CA GLY F 134 -0.73 -68.07 -8.77
C GLY F 134 -0.76 -66.56 -8.62
N GLN F 135 0.10 -65.86 -9.37
CA GLN F 135 0.11 -64.41 -9.32
C GLN F 135 -1.28 -63.83 -9.57
N PHE F 136 -2.07 -64.48 -10.43
CA PHE F 136 -3.39 -63.98 -10.78
C PHE F 136 -4.44 -64.21 -9.70
N GLY F 137 -4.13 -64.97 -8.66
CA GLY F 137 -5.06 -65.12 -7.57
C GLY F 137 -6.36 -65.82 -7.95
N ASP F 138 -7.38 -65.56 -7.12
CA ASP F 138 -8.65 -66.28 -7.21
C ASP F 138 -9.53 -65.79 -8.36
N ASP F 139 -9.38 -64.54 -8.78
CA ASP F 139 -10.16 -63.98 -9.89
C ASP F 139 -9.16 -63.31 -10.83
N PRO F 140 -8.58 -64.07 -11.76
CA PRO F 140 -7.57 -63.47 -12.66
C PRO F 140 -8.09 -62.27 -13.45
N LYS F 141 -9.26 -62.38 -14.08
CA LYS F 141 -9.76 -61.25 -14.85
C LYS F 141 -9.82 -59.99 -14.01
N GLU F 142 -10.29 -60.12 -12.76
CA GLU F 142 -10.38 -58.96 -11.88
C GLU F 142 -9.00 -58.36 -11.63
N GLU F 143 -8.01 -59.20 -11.30
CA GLU F 143 -6.67 -58.68 -11.03
C GLU F 143 -6.13 -57.88 -12.21
N VAL F 144 -6.46 -58.30 -13.43
CA VAL F 144 -6.00 -57.57 -14.61
C VAL F 144 -6.80 -56.29 -14.79
N MET F 145 -8.13 -56.41 -14.80
CA MET F 145 -8.97 -55.24 -15.04
C MET F 145 -8.70 -54.15 -14.01
N VAL F 146 -8.41 -54.55 -12.77
CA VAL F 146 -8.14 -53.58 -11.71
C VAL F 146 -6.86 -52.80 -12.00
N LEU F 147 -5.87 -53.45 -12.61
CA LEU F 147 -4.57 -52.83 -12.82
C LEU F 147 -4.63 -51.80 -13.95
N GLU F 148 -5.61 -51.94 -14.87
CA GLU F 148 -5.71 -51.01 -15.98
C GLU F 148 -5.73 -49.56 -15.51
N ARG F 149 -6.43 -49.26 -14.42
CA ARG F 149 -6.47 -47.89 -13.93
C ARG F 149 -5.07 -47.38 -13.65
N ILE F 150 -4.27 -48.17 -12.93
CA ILE F 150 -2.90 -47.74 -12.61
C ILE F 150 -2.07 -47.65 -13.88
N LEU F 151 -2.16 -48.65 -14.75
CA LEU F 151 -1.38 -48.64 -15.99
C LEU F 151 -1.55 -47.31 -16.71
N LEU F 152 -2.81 -46.89 -16.90
CA LEU F 152 -3.06 -45.63 -17.59
C LEU F 152 -2.43 -44.45 -16.87
N GLN F 153 -2.55 -44.40 -15.54
CA GLN F 153 -1.95 -43.29 -14.81
C GLN F 153 -0.43 -43.32 -14.90
N THR F 154 0.15 -44.52 -14.80
CA THR F 154 1.61 -44.62 -14.86
C THR F 154 2.14 -44.22 -16.23
N ILE F 155 1.49 -44.67 -17.31
CA ILE F 155 2.00 -44.30 -18.63
C ILE F 155 1.52 -42.91 -19.00
N LYS F 156 0.95 -42.20 -18.03
CA LYS F 156 0.60 -40.78 -18.21
C LYS F 156 -0.32 -40.57 -19.41
N PHE F 157 -1.14 -41.57 -19.71
CA PHE F 157 -2.11 -41.51 -20.80
C PHE F 157 -1.47 -41.12 -22.12
N ASP F 158 -0.16 -41.32 -22.23
CA ASP F 158 0.55 -41.15 -23.51
C ASP F 158 0.49 -42.51 -24.17
N LEU F 159 -0.59 -42.74 -24.91
CA LEU F 159 -0.89 -44.05 -25.47
C LEU F 159 -0.23 -44.28 -26.81
N GLN F 160 0.09 -43.21 -27.54
CA GLN F 160 0.70 -43.39 -28.83
C GLN F 160 2.15 -43.83 -28.61
N VAL F 161 2.52 -44.94 -29.22
CA VAL F 161 3.88 -45.44 -29.13
C VAL F 161 4.27 -45.87 -30.54
N GLU F 162 5.47 -45.51 -30.97
CA GLU F 162 6.05 -45.96 -32.22
C GLU F 162 7.17 -46.95 -31.93
N HIS F 163 7.38 -47.87 -32.85
CA HIS F 163 8.31 -48.96 -32.66
C HIS F 163 9.35 -48.98 -33.78
N PRO F 164 10.52 -49.55 -33.52
CA PRO F 164 11.56 -49.58 -34.55
C PRO F 164 11.12 -50.15 -35.88
N TYR F 165 10.10 -51.02 -35.85
CA TYR F 165 9.72 -51.75 -37.06
C TYR F 165 9.44 -50.79 -38.22
N GLN F 166 8.62 -49.78 -37.97
CA GLN F 166 8.18 -48.91 -39.06
C GLN F 166 9.36 -48.24 -39.73
N PHE F 167 10.38 -47.90 -38.95
CA PHE F 167 11.53 -47.17 -39.47
C PHE F 167 12.51 -48.07 -40.20
N LEU F 168 12.67 -49.32 -39.74
CA LEU F 168 13.48 -50.26 -40.51
C LEU F 168 12.98 -50.41 -41.93
N LEU F 169 11.67 -50.52 -42.10
CA LEU F 169 11.08 -50.70 -43.43
C LEU F 169 11.16 -49.42 -44.24
N LYS F 170 10.81 -48.29 -43.63
CA LYS F 170 10.89 -47.01 -44.31
C LYS F 170 12.30 -46.72 -44.80
N TYR F 171 13.30 -47.02 -43.97
CA TYR F 171 14.67 -46.77 -44.38
C TYR F 171 15.10 -47.74 -45.48
N ALA F 172 14.61 -48.99 -45.41
CA ALA F 172 14.98 -49.97 -46.42
C ALA F 172 14.50 -49.60 -47.81
N LYS F 173 13.32 -48.98 -47.93
CA LYS F 173 12.81 -48.65 -49.25
C LYS F 173 13.76 -47.75 -50.01
N GLN F 174 14.50 -46.92 -49.30
CA GLN F 174 15.40 -45.95 -49.91
C GLN F 174 16.75 -46.55 -50.26
N LEU F 175 16.92 -47.86 -50.07
CA LEU F 175 18.12 -48.57 -50.45
C LEU F 175 17.86 -49.24 -51.79
N LYS F 176 18.82 -49.12 -52.70
CA LYS F 176 18.71 -49.70 -54.03
C LYS F 176 19.90 -50.58 -54.29
N GLY F 177 19.65 -51.80 -54.73
CA GLY F 177 20.73 -52.74 -54.94
C GLY F 177 20.21 -54.15 -55.07
N ASP F 178 21.10 -55.10 -54.80
CA ASP F 178 20.74 -56.51 -54.82
C ASP F 178 19.54 -56.72 -53.91
N LYS F 179 18.39 -57.07 -54.50
CA LYS F 179 17.16 -57.23 -53.72
C LYS F 179 17.33 -58.30 -52.65
N ASN F 180 18.00 -59.40 -52.99
CA ASN F 180 18.14 -60.48 -52.01
C ASN F 180 19.06 -60.10 -50.85
N LYS F 181 20.17 -59.41 -51.13
CA LYS F 181 21.02 -58.97 -50.02
C LYS F 181 20.28 -57.98 -49.13
N ILE F 182 19.53 -57.06 -49.72
CA ILE F 182 18.78 -56.10 -48.92
C ILE F 182 17.70 -56.82 -48.11
N GLN F 183 17.04 -57.82 -48.71
CA GLN F 183 16.05 -58.57 -47.95
C GLN F 183 16.70 -59.30 -46.79
N LYS F 184 17.89 -59.87 -47.00
CA LYS F 184 18.58 -60.56 -45.91
C LYS F 184 18.84 -59.61 -44.76
N LEU F 185 19.23 -58.37 -45.08
CA LEU F 185 19.46 -57.37 -44.05
C LEU F 185 18.17 -57.06 -43.29
N VAL F 186 17.06 -56.90 -44.01
CA VAL F 186 15.82 -56.50 -43.36
C VAL F 186 15.39 -57.57 -42.37
N GLN F 187 15.38 -58.85 -42.79
CA GLN F 187 14.91 -59.88 -41.87
C GLN F 187 15.86 -60.03 -40.69
N MET F 188 17.17 -60.06 -40.93
CA MET F 188 18.09 -60.14 -39.80
C MET F 188 17.88 -58.95 -38.87
N ALA F 189 17.76 -57.75 -39.43
CA ALA F 189 17.50 -56.58 -38.60
C ALA F 189 16.16 -56.71 -37.89
N TRP F 190 15.13 -57.19 -38.62
CA TRP F 190 13.83 -57.38 -37.99
C TRP F 190 13.91 -58.37 -36.83
N THR F 191 14.65 -59.47 -37.02
CA THR F 191 14.82 -60.41 -35.92
C THR F 191 15.53 -59.73 -34.76
N PHE F 192 16.49 -58.84 -35.05
CA PHE F 192 17.16 -58.12 -33.96
C PHE F 192 16.19 -57.24 -33.20
N VAL F 193 15.24 -56.59 -33.90
CA VAL F 193 14.28 -55.76 -33.18
C VAL F 193 13.47 -56.60 -32.19
N ASN F 194 12.95 -57.74 -32.66
CA ASN F 194 12.13 -58.58 -31.80
C ASN F 194 12.88 -58.98 -30.53
N ASP F 195 14.15 -59.35 -30.68
CA ASP F 195 14.95 -59.71 -29.52
C ASP F 195 15.28 -58.49 -28.69
N SER F 196 15.30 -57.30 -29.30
CA SER F 196 15.58 -56.09 -28.55
C SER F 196 14.51 -55.78 -27.51
N LEU F 197 13.28 -56.22 -27.76
CA LEU F 197 12.19 -55.90 -26.85
C LEU F 197 12.40 -56.47 -25.47
N CYS F 198 13.06 -57.64 -25.38
CA CYS F 198 13.38 -58.21 -24.08
C CYS F 198 14.36 -57.34 -23.32
N THR F 199 15.05 -56.44 -24.02
CA THR F 199 16.03 -55.59 -23.39
C THR F 199 15.36 -54.30 -22.91
N THR F 200 16.12 -53.52 -22.16
CA THR F 200 15.67 -52.23 -21.70
C THR F 200 15.90 -51.13 -22.73
N LEU F 201 16.41 -51.48 -23.92
CA LEU F 201 16.77 -50.47 -24.91
C LEU F 201 15.60 -49.58 -25.29
N SER F 202 14.39 -50.15 -25.37
CA SER F 202 13.22 -49.35 -25.69
C SER F 202 13.06 -48.17 -24.75
N LEU F 203 13.74 -48.19 -23.61
CA LEU F 203 13.74 -47.09 -22.66
C LEU F 203 14.96 -46.17 -22.79
N GLN F 204 15.97 -46.55 -23.58
CA GLN F 204 17.19 -45.77 -23.68
C GLN F 204 17.31 -44.97 -24.96
N TRP F 205 16.72 -45.46 -26.04
CA TRP F 205 16.93 -44.86 -27.36
C TRP F 205 15.62 -44.78 -28.11
N GLU F 206 15.45 -43.69 -28.83
CA GLU F 206 14.29 -43.50 -29.66
C GLU F 206 14.20 -44.65 -30.66
N PRO F 207 12.99 -44.94 -31.14
CA PRO F 207 12.85 -46.12 -32.03
C PRO F 207 13.72 -46.08 -33.27
N GLU F 208 13.83 -44.90 -33.87
CA GLU F 208 14.63 -44.75 -35.07
C GLU F 208 16.07 -45.16 -34.85
N ILE F 209 16.65 -44.74 -33.72
CA ILE F 209 18.04 -45.06 -33.42
C ILE F 209 18.23 -46.56 -33.32
N ILE F 210 17.26 -47.25 -32.72
CA ILE F 210 17.34 -48.70 -32.61
C ILE F 210 17.36 -49.32 -34.01
N ALA F 211 16.48 -48.83 -34.90
CA ALA F 211 16.40 -49.36 -36.26
C ALA F 211 17.72 -49.16 -37.01
N VAL F 212 18.30 -47.96 -36.91
CA VAL F 212 19.58 -47.71 -37.56
C VAL F 212 20.64 -48.61 -36.96
N ALA F 213 20.48 -48.97 -35.69
CA ALA F 213 21.43 -49.90 -35.06
C ALA F 213 21.27 -51.33 -35.59
N VAL F 214 20.04 -51.84 -35.67
CA VAL F 214 19.89 -53.25 -36.05
C VAL F 214 20.37 -53.43 -37.48
N MET F 215 20.18 -52.40 -38.31
CA MET F 215 20.76 -52.44 -39.64
C MET F 215 22.28 -52.46 -39.57
N TYR F 216 22.84 -51.62 -38.70
CA TYR F 216 24.30 -51.58 -38.52
C TYR F 216 24.83 -52.95 -38.14
N LEU F 217 24.19 -53.59 -37.17
CA LEU F 217 24.59 -54.93 -36.77
C LEU F 217 24.45 -55.89 -37.94
N ALA F 218 23.31 -55.82 -38.64
CA ALA F 218 23.09 -56.70 -39.77
C ALA F 218 24.17 -56.52 -40.83
N GLY F 219 24.55 -55.28 -41.13
CA GLY F 219 25.58 -55.04 -42.12
C GLY F 219 26.91 -55.65 -41.74
N ARG F 220 27.29 -55.52 -40.47
CA ARG F 220 28.54 -56.09 -39.99
C ARG F 220 28.51 -57.61 -40.02
N LEU F 221 27.39 -58.21 -39.65
CA LEU F 221 27.34 -59.67 -39.64
C LEU F 221 27.27 -60.23 -41.06
N CYS F 222 26.49 -59.61 -41.93
CA CYS F 222 26.35 -60.09 -43.30
C CYS F 222 27.47 -59.59 -44.21
N LYS F 223 28.44 -58.87 -43.68
CA LYS F 223 29.55 -58.34 -44.46
C LYS F 223 29.07 -57.41 -45.57
N PHE F 224 27.84 -56.88 -45.45
CA PHE F 224 27.31 -55.94 -46.41
C PHE F 224 27.78 -54.54 -46.09
N GLU F 225 27.94 -53.73 -47.14
CA GLU F 225 28.24 -52.31 -46.97
C GLU F 225 27.00 -51.53 -47.36
N ILE F 226 26.23 -51.11 -46.36
CA ILE F 226 24.93 -50.51 -46.64
C ILE F 226 25.12 -49.19 -47.38
N GLN F 227 26.28 -48.56 -47.18
CA GLN F 227 26.51 -47.26 -47.80
C GLN F 227 26.30 -47.30 -49.30
N GLU F 228 26.72 -48.39 -49.96
CA GLU F 228 26.65 -48.43 -51.42
C GLU F 228 25.21 -48.32 -51.93
N TRP F 229 24.25 -48.89 -51.21
CA TRP F 229 22.85 -48.86 -51.63
C TRP F 229 22.16 -47.51 -51.37
N THR F 230 22.77 -46.62 -50.61
CA THR F 230 22.13 -45.36 -50.29
C THR F 230 22.20 -44.39 -51.47
N SER F 231 21.45 -43.30 -51.34
CA SER F 231 21.54 -42.22 -52.33
C SER F 231 22.91 -41.55 -52.31
N LYS F 232 23.70 -41.75 -51.25
CA LYS F 232 25.05 -41.20 -51.11
C LYS F 232 26.05 -42.34 -50.96
N PRO F 233 26.50 -42.93 -52.06
CA PRO F 233 27.32 -44.16 -51.96
C PRO F 233 28.68 -43.97 -51.34
N MET F 234 29.24 -42.77 -51.39
CA MET F 234 30.58 -42.51 -50.88
C MET F 234 30.58 -41.99 -49.46
N TYR F 235 29.40 -41.85 -48.87
CA TYR F 235 29.22 -41.28 -47.53
C TYR F 235 29.32 -42.43 -46.54
N ARG F 236 30.49 -42.59 -45.92
CA ARG F 236 30.69 -43.76 -45.09
C ARG F 236 29.70 -43.81 -43.94
N ARG F 237 29.26 -42.64 -43.50
CA ARG F 237 28.29 -42.51 -42.43
C ARG F 237 26.86 -42.60 -43.01
N TRP F 238 26.47 -43.80 -43.40
CA TRP F 238 25.21 -43.91 -44.14
C TRP F 238 24.01 -43.49 -43.28
N TRP F 239 24.07 -43.74 -41.96
CA TRP F 239 22.88 -43.49 -41.14
C TRP F 239 22.50 -42.02 -41.09
N GLU F 240 23.45 -41.11 -41.28
CA GLU F 240 23.12 -39.69 -41.11
C GLU F 240 22.10 -39.19 -42.13
N GLN F 241 21.80 -39.94 -43.19
CA GLN F 241 20.71 -39.52 -44.05
C GLN F 241 19.35 -40.00 -43.55
N PHE F 242 19.33 -40.86 -42.52
CA PHE F 242 18.10 -41.29 -41.87
C PHE F 242 17.93 -40.72 -40.47
N VAL F 243 18.98 -40.75 -39.67
CA VAL F 243 18.93 -40.28 -38.29
C VAL F 243 20.14 -39.38 -38.07
N GLN F 244 19.89 -38.09 -37.98
CA GLN F 244 20.95 -37.12 -37.77
C GLN F 244 21.43 -37.20 -36.33
N ASP F 245 22.71 -36.93 -36.12
CA ASP F 245 23.26 -36.75 -34.79
C ASP F 245 23.40 -38.06 -34.03
N VAL F 246 23.71 -39.16 -34.70
CA VAL F 246 23.94 -40.40 -34.00
C VAL F 246 25.41 -40.77 -34.17
N PRO F 247 26.20 -40.74 -33.11
CA PRO F 247 27.59 -41.21 -33.21
C PRO F 247 27.65 -42.73 -33.22
N VAL F 248 28.78 -43.23 -33.73
CA VAL F 248 28.98 -44.67 -33.74
C VAL F 248 28.93 -45.22 -32.33
N ASP F 249 29.39 -44.45 -31.34
CA ASP F 249 29.36 -44.91 -29.96
C ASP F 249 28.01 -45.54 -29.63
N VAL F 250 26.93 -44.84 -29.97
CA VAL F 250 25.59 -45.31 -29.64
C VAL F 250 25.27 -46.59 -30.38
N LEU F 251 25.53 -46.63 -31.69
CA LEU F 251 25.22 -47.83 -32.44
C LEU F 251 25.98 -49.03 -31.90
N GLU F 252 27.21 -48.82 -31.42
CA GLU F 252 27.97 -49.93 -30.85
C GLU F 252 27.40 -50.33 -29.50
N ASP F 253 27.00 -49.36 -28.68
CA ASP F 253 26.38 -49.68 -27.41
C ASP F 253 25.14 -50.52 -27.63
N ILE F 254 24.28 -50.11 -28.55
CA ILE F 254 23.05 -50.85 -28.83
C ILE F 254 23.38 -52.23 -29.38
N CYS F 255 24.29 -52.30 -30.35
CA CYS F 255 24.66 -53.59 -30.90
C CYS F 255 25.18 -54.51 -29.80
N HIS F 256 26.03 -53.99 -28.91
CA HIS F 256 26.57 -54.80 -27.83
C HIS F 256 25.45 -55.39 -26.98
N GLN F 257 24.47 -54.56 -26.60
CA GLN F 257 23.38 -55.05 -25.76
C GLN F 257 22.55 -56.10 -26.48
N ILE F 258 22.38 -55.96 -27.79
CA ILE F 258 21.61 -56.97 -28.53
C ILE F 258 22.38 -58.29 -28.57
N LEU F 259 23.67 -58.25 -28.91
CA LEU F 259 24.45 -59.48 -29.02
C LEU F 259 24.62 -60.20 -27.68
N ASP F 260 24.51 -59.49 -26.56
CA ASP F 260 24.65 -60.11 -25.25
C ASP F 260 23.58 -61.18 -25.02
N LEU F 261 22.35 -60.92 -25.46
CA LEU F 261 21.26 -61.89 -25.31
C LEU F 261 21.61 -63.22 -25.97
N TYR F 262 22.22 -63.16 -27.15
CA TYR F 262 22.57 -64.36 -27.89
C TYR F 262 23.63 -65.17 -27.15
N SER F 263 24.64 -64.48 -26.59
CA SER F 263 25.70 -65.19 -25.88
C SER F 263 25.23 -65.80 -24.56
N GLN F 264 24.40 -65.07 -23.81
CA GLN F 264 23.84 -65.59 -22.57
C GLN F 264 22.88 -66.74 -22.84
N GLY F 265 21.98 -66.57 -23.81
CA GLY F 265 21.01 -67.57 -24.13
C GLY F 265 21.57 -68.71 -24.96
N LYS F 266 20.71 -69.69 -25.20
CA LYS F 266 21.12 -70.81 -26.05
C LYS F 266 21.19 -70.36 -27.51
N GLN F 267 20.29 -69.47 -27.92
CA GLN F 267 20.22 -69.04 -29.31
C GLN F 267 21.48 -68.27 -29.70
N GLN F 268 21.96 -68.51 -30.92
CA GLN F 268 23.14 -67.88 -31.51
C GLN F 268 22.69 -66.92 -32.62
N MET F 269 23.63 -66.09 -33.09
CA MET F 269 23.29 -65.04 -34.05
C MET F 269 22.50 -65.61 -35.22
N PRO F 270 21.48 -64.89 -35.72
CA PRO F 270 20.61 -65.50 -36.76
C PRO F 270 21.32 -65.91 -38.02
N HIS F 271 22.21 -65.08 -38.56
CA HIS F 271 22.87 -65.35 -39.83
C HIS F 271 22.06 -66.16 -40.81
N MET G 5 33.54 -28.14 46.52
CA MET G 5 32.31 -27.34 46.82
C MET G 5 31.03 -28.11 46.52
N SER G 6 31.06 -29.00 45.54
CA SER G 6 29.94 -29.89 45.25
C SER G 6 30.48 -31.31 45.20
N TYR G 7 29.69 -32.27 45.70
CA TYR G 7 30.15 -33.64 45.86
C TYR G 7 29.12 -34.57 45.22
N ASN G 8 29.56 -35.43 44.30
CA ASN G 8 28.66 -36.30 43.55
C ASN G 8 29.30 -37.67 43.32
N TYR G 9 28.44 -38.65 42.97
CA TYR G 9 28.78 -40.07 42.87
C TYR G 9 28.25 -40.61 41.56
N VAL G 10 29.10 -41.32 40.80
CA VAL G 10 28.72 -41.86 39.49
C VAL G 10 29.08 -43.34 39.44
N VAL G 11 28.09 -44.18 39.13
CA VAL G 11 28.26 -45.62 39.12
C VAL G 11 27.80 -46.17 37.78
N THR G 12 28.43 -47.25 37.37
CA THR G 12 28.05 -47.97 36.16
C THR G 12 27.00 -49.00 36.55
N ALA G 13 25.79 -48.85 36.01
CA ALA G 13 24.73 -49.82 36.25
C ALA G 13 24.69 -50.91 35.18
N GLN G 14 24.82 -50.52 33.91
CA GLN G 14 24.90 -51.47 32.81
C GLN G 14 26.17 -51.13 32.04
N LYS G 15 27.04 -52.11 31.88
CA LYS G 15 28.28 -51.89 31.19
C LYS G 15 28.01 -51.59 29.72
N PRO G 16 28.95 -50.95 29.04
CA PRO G 16 28.77 -50.70 27.59
C PRO G 16 28.55 -52.00 26.83
N THR G 17 27.61 -51.94 25.90
CA THR G 17 27.18 -53.11 25.16
C THR G 17 27.71 -53.19 23.72
N ALA G 18 28.11 -52.07 23.14
CA ALA G 18 28.54 -52.04 21.75
C ALA G 18 29.97 -52.54 21.60
N VAL G 19 30.22 -53.24 20.50
CA VAL G 19 31.53 -53.78 20.18
C VAL G 19 32.33 -52.73 19.42
N ASN G 20 33.54 -52.45 19.92
CA ASN G 20 34.42 -51.50 19.27
C ASN G 20 35.56 -52.16 18.50
N GLY G 21 35.81 -53.44 18.71
CA GLY G 21 36.77 -54.18 17.92
C GLY G 21 36.91 -55.60 18.46
N CYS G 22 37.44 -56.49 17.61
CA CYS G 22 37.59 -57.87 18.05
C CYS G 22 38.69 -58.57 17.27
N VAL G 23 39.45 -59.44 17.96
CA VAL G 23 40.57 -60.16 17.40
C VAL G 23 40.46 -61.63 17.76
N THR G 24 41.18 -62.46 17.00
CA THR G 24 41.28 -63.89 17.26
C THR G 24 42.75 -64.27 17.40
N GLY G 25 43.02 -65.24 18.26
CA GLY G 25 44.37 -65.72 18.40
C GLY G 25 44.48 -66.83 19.41
N HIS G 26 45.69 -66.99 19.94
CA HIS G 26 46.02 -68.04 20.89
C HIS G 26 46.64 -67.38 22.13
N PHE G 27 45.80 -66.67 22.88
CA PHE G 27 46.21 -65.79 23.98
C PHE G 27 46.24 -66.50 25.33
N THR G 28 45.21 -67.29 25.63
CA THR G 28 45.17 -67.97 26.93
C THR G 28 46.06 -69.21 26.95
N SER G 29 46.17 -69.91 25.83
CA SER G 29 47.06 -71.07 25.71
C SER G 29 47.42 -71.23 24.24
N ALA G 30 48.59 -71.83 23.98
CA ALA G 30 48.99 -72.04 22.60
C ALA G 30 48.05 -72.98 21.84
N GLU G 31 47.19 -73.71 22.54
CA GLU G 31 46.28 -74.66 21.90
C GLU G 31 44.88 -74.10 21.70
N ASP G 32 44.36 -73.34 22.66
CA ASP G 32 43.00 -72.82 22.54
C ASP G 32 42.95 -71.74 21.48
N LEU G 33 41.81 -71.67 20.79
CA LEU G 33 41.48 -70.57 19.90
C LEU G 33 40.61 -69.58 20.66
N ASN G 34 41.09 -68.34 20.77
CA ASN G 34 40.46 -67.30 21.56
C ASN G 34 39.75 -66.27 20.70
N LEU G 35 38.71 -65.67 21.28
CA LEU G 35 38.08 -64.48 20.72
C LEU G 35 38.13 -63.40 21.80
N LEU G 36 38.90 -62.35 21.54
CA LEU G 36 38.95 -61.17 22.40
C LEU G 36 38.06 -60.09 21.82
N ILE G 37 37.12 -59.61 22.64
CA ILE G 37 36.20 -58.56 22.25
C ILE G 37 36.45 -57.34 23.12
N ALA G 38 36.59 -56.19 22.49
CA ALA G 38 36.76 -54.93 23.19
C ALA G 38 35.44 -54.17 23.07
N LYS G 39 34.78 -53.95 24.20
CA LYS G 39 33.73 -52.95 24.32
C LYS G 39 34.40 -51.79 25.05
N ASN G 40 33.84 -50.59 24.93
CA ASN G 40 34.56 -49.43 25.44
C ASN G 40 34.98 -49.67 26.89
N THR G 41 36.29 -49.82 27.11
CA THR G 41 36.98 -50.01 28.38
C THR G 41 36.89 -51.43 28.92
N ARG G 42 36.18 -52.35 28.27
CA ARG G 42 36.00 -53.70 28.79
C ARG G 42 36.69 -54.66 27.82
N LEU G 43 37.51 -55.56 28.35
CA LEU G 43 38.13 -56.59 27.53
C LEU G 43 37.49 -57.92 27.93
N GLU G 44 36.89 -58.60 26.96
CA GLU G 44 36.22 -59.87 27.18
C GLU G 44 37.01 -60.95 26.46
N ILE G 45 37.38 -61.99 27.20
CA ILE G 45 38.17 -63.12 26.69
C ILE G 45 37.27 -64.35 26.62
N TYR G 46 37.23 -64.97 25.45
CA TYR G 46 36.44 -66.18 25.23
C TYR G 46 37.35 -67.26 24.67
N VAL G 47 36.89 -68.50 24.75
CA VAL G 47 37.51 -69.63 24.06
C VAL G 47 36.52 -70.20 23.05
N VAL G 48 37.01 -70.45 21.84
CA VAL G 48 36.17 -70.87 20.72
C VAL G 48 35.98 -72.38 20.79
N THR G 49 34.75 -72.80 21.10
CA THR G 49 34.34 -74.20 21.08
C THR G 49 33.57 -74.57 19.81
N ALA G 50 33.13 -75.83 19.76
CA ALA G 50 32.28 -76.26 18.65
C ALA G 50 30.90 -75.63 18.73
N GLU G 51 30.36 -75.47 19.93
CA GLU G 51 29.01 -74.94 20.06
C GLU G 51 29.01 -73.43 19.93
N GLY G 52 30.06 -72.77 20.42
CA GLY G 52 30.09 -71.34 20.46
C GLY G 52 31.28 -70.83 21.24
N LEU G 53 31.01 -69.85 22.10
CA LEU G 53 32.03 -69.16 22.88
C LEU G 53 32.06 -69.66 24.31
N ARG G 54 33.26 -69.94 24.82
CA ARG G 54 33.45 -70.29 26.23
C ARG G 54 33.87 -69.04 26.99
N PRO G 55 33.06 -68.53 27.92
CA PRO G 55 33.50 -67.36 28.71
C PRO G 55 34.73 -67.71 29.53
N VAL G 56 35.64 -66.73 29.69
CA VAL G 56 36.84 -66.99 30.47
C VAL G 56 37.11 -65.96 31.55
N LYS G 57 37.41 -64.73 31.14
CA LYS G 57 37.81 -63.67 32.05
C LYS G 57 37.38 -62.36 31.43
N GLU G 58 36.95 -61.44 32.27
CA GLU G 58 36.67 -60.09 31.84
C GLU G 58 37.39 -59.15 32.80
N VAL G 59 38.09 -58.20 32.24
CA VAL G 59 38.80 -57.18 33.00
C VAL G 59 38.33 -55.83 32.49
N GLY G 60 38.39 -54.86 33.37
CA GLY G 60 38.22 -53.47 32.99
C GLY G 60 39.59 -52.83 32.89
N MET G 61 39.67 -51.78 32.07
CA MET G 61 40.87 -51.00 31.93
C MET G 61 40.55 -49.53 32.20
N TYR G 62 41.54 -48.83 32.75
CA TYR G 62 41.42 -47.41 33.04
C TYR G 62 41.78 -46.59 31.80
N GLY G 63 40.94 -46.72 30.77
CA GLY G 63 41.16 -46.09 29.48
C GLY G 63 40.22 -46.61 28.41
N LYS G 64 39.93 -45.82 27.37
CA LYS G 64 39.14 -46.32 26.25
C LYS G 64 40.05 -47.13 25.33
N ILE G 65 39.65 -48.35 24.98
CA ILE G 65 40.49 -49.24 24.19
C ILE G 65 40.47 -48.76 22.73
N ALA G 66 41.59 -48.24 22.25
CA ALA G 66 41.72 -47.76 20.89
C ALA G 66 42.34 -48.79 19.95
N VAL G 67 43.43 -49.42 20.36
CA VAL G 67 44.09 -50.46 19.58
C VAL G 67 44.04 -51.75 20.38
N MET G 68 43.71 -52.84 19.71
CA MET G 68 43.74 -54.16 20.32
C MET G 68 44.25 -55.12 19.27
N GLU G 69 45.41 -55.73 19.54
CA GLU G 69 46.07 -56.58 18.57
C GLU G 69 46.81 -57.69 19.31
N LEU G 70 46.79 -58.88 18.71
CA LEU G 70 47.50 -60.03 19.23
C LEU G 70 48.74 -60.30 18.40
N PHE G 71 49.83 -60.67 19.08
CA PHE G 71 51.09 -60.96 18.41
C PHE G 71 51.85 -62.00 19.23
N ARG G 72 52.82 -62.64 18.57
CA ARG G 72 53.61 -63.72 19.16
C ARG G 72 55.08 -63.57 18.81
N PRO G 73 55.88 -62.95 19.67
CA PRO G 73 57.31 -62.79 19.36
C PRO G 73 58.06 -64.10 19.53
N LYS G 74 59.13 -64.25 18.75
CA LYS G 74 59.94 -65.46 18.79
C LYS G 74 60.36 -65.78 20.22
N GLY G 75 60.09 -67.01 20.64
CA GLY G 75 60.42 -67.46 21.98
C GLY G 75 59.24 -67.56 22.92
N GLU G 76 58.10 -66.96 22.58
CA GLU G 76 56.94 -67.04 23.45
C GLU G 76 56.15 -68.31 23.14
N SER G 77 55.59 -68.92 24.18
CA SER G 77 54.79 -70.13 24.00
C SER G 77 53.43 -69.82 23.43
N LYS G 78 52.92 -68.62 23.66
CA LYS G 78 51.57 -68.26 23.26
C LYS G 78 51.50 -66.76 22.99
N ASP G 79 50.37 -66.33 22.45
CA ASP G 79 50.21 -64.94 22.01
C ASP G 79 50.20 -63.98 23.20
N LEU G 80 50.73 -62.78 22.95
CA LEU G 80 50.65 -61.64 23.84
C LEU G 80 49.67 -60.63 23.25
N LEU G 81 49.17 -59.75 24.12
CA LEU G 81 48.17 -58.76 23.74
C LEU G 81 48.74 -57.36 23.84
N PHE G 82 48.54 -56.57 22.79
CA PHE G 82 48.89 -55.16 22.77
C PHE G 82 47.63 -54.31 22.79
N ILE G 83 47.60 -53.31 23.67
CA ILE G 83 46.49 -52.39 23.81
C ILE G 83 47.01 -50.97 23.98
N LEU G 84 46.44 -50.03 23.23
CA LEU G 84 46.71 -48.60 23.37
C LEU G 84 45.39 -47.90 23.66
N THR G 85 45.36 -47.09 24.71
CA THR G 85 44.11 -46.42 25.07
C THR G 85 44.00 -45.07 24.34
N ALA G 86 42.80 -44.49 24.40
CA ALA G 86 42.55 -43.22 23.73
C ALA G 86 43.36 -42.08 24.33
N LYS G 87 43.83 -42.23 25.56
CA LYS G 87 44.75 -41.29 26.18
C LYS G 87 46.22 -41.67 25.97
N TYR G 88 46.49 -42.63 25.07
CA TYR G 88 47.84 -43.02 24.68
C TYR G 88 48.56 -43.83 25.74
N ASN G 89 47.81 -44.59 26.54
CA ASN G 89 48.40 -45.56 27.45
C ASN G 89 48.66 -46.85 26.69
N ALA G 90 49.90 -47.30 26.66
CA ALA G 90 50.29 -48.49 25.91
C ALA G 90 50.71 -49.59 26.89
N CYS G 91 50.35 -50.83 26.58
CA CYS G 91 50.76 -51.95 27.42
C CYS G 91 50.76 -53.23 26.60
N ILE G 92 51.62 -54.18 27.01
CA ILE G 92 51.64 -55.54 26.48
C ILE G 92 51.25 -56.49 27.61
N LEU G 93 50.25 -57.32 27.35
CA LEU G 93 49.61 -58.12 28.39
C LEU G 93 49.77 -59.61 28.12
N GLU G 94 49.72 -60.38 29.21
CA GLU G 94 49.87 -61.82 29.18
C GLU G 94 48.76 -62.43 30.04
N TYR G 95 48.32 -63.63 29.66
CA TYR G 95 47.37 -64.37 30.49
C TYR G 95 48.15 -65.31 31.41
N LYS G 96 47.81 -65.28 32.71
CA LYS G 96 48.48 -66.14 33.69
C LYS G 96 47.39 -66.88 34.44
N GLN G 97 47.47 -68.22 34.42
CA GLN G 97 46.46 -69.09 35.06
C GLN G 97 47.22 -70.19 35.79
N SER G 98 47.78 -69.86 36.94
CA SER G 98 48.49 -70.80 37.79
C SER G 98 47.55 -71.05 38.97
N GLY G 99 46.96 -72.23 39.02
CA GLY G 99 45.86 -72.50 39.93
C GLY G 99 44.55 -71.98 39.35
N GLU G 100 43.51 -71.99 40.20
CA GLU G 100 42.20 -71.62 39.71
C GLU G 100 42.08 -70.12 39.49
N SER G 101 42.97 -69.35 40.10
CA SER G 101 42.94 -67.89 40.04
C SER G 101 43.49 -67.42 38.70
N ILE G 102 42.73 -66.57 38.01
CA ILE G 102 43.09 -66.06 36.69
C ILE G 102 43.35 -64.56 36.79
N ASP G 103 44.49 -64.14 36.26
CA ASP G 103 44.92 -62.75 36.27
C ASP G 103 45.57 -62.39 34.96
N ILE G 104 45.56 -61.10 34.63
CA ILE G 104 46.14 -60.57 33.40
C ILE G 104 47.37 -59.76 33.77
N ILE G 105 48.52 -60.12 33.18
CA ILE G 105 49.82 -59.58 33.56
C ILE G 105 50.26 -58.50 32.58
N THR G 106 50.85 -57.44 33.12
CA THR G 106 51.43 -56.35 32.33
C THR G 106 52.93 -56.58 32.18
N ARG G 107 53.39 -56.96 30.99
CA ARG G 107 54.82 -57.17 30.76
C ARG G 107 55.56 -55.90 30.38
N ALA G 108 54.88 -54.95 29.73
CA ALA G 108 55.47 -53.67 29.35
C ALA G 108 54.37 -52.63 29.37
N HIS G 109 54.73 -51.40 29.77
CA HIS G 109 53.73 -50.34 29.81
C HIS G 109 54.42 -49.00 29.61
N GLY G 110 53.67 -48.05 29.06
CA GLY G 110 54.16 -46.69 28.88
C GLY G 110 53.11 -45.86 28.19
N ASN G 111 53.34 -44.55 28.21
CA ASN G 111 52.48 -43.58 27.55
C ASN G 111 53.22 -43.02 26.33
N VAL G 112 52.61 -43.10 25.15
CA VAL G 112 53.29 -42.77 23.90
C VAL G 112 52.88 -41.39 23.38
N GLN G 113 52.31 -40.53 24.22
CA GLN G 113 51.88 -39.22 23.76
C GLN G 113 53.12 -38.38 23.45
N ASP G 114 53.12 -37.74 22.28
CA ASP G 114 54.16 -36.79 21.91
C ASP G 114 53.63 -35.41 22.30
N ARG G 115 54.51 -34.57 22.84
CA ARG G 115 54.03 -33.31 23.36
C ARG G 115 53.51 -32.41 22.24
N ILE G 116 54.10 -32.53 21.06
CA ILE G 116 53.72 -31.72 19.90
C ILE G 116 53.37 -32.66 18.77
N GLY G 117 52.17 -32.49 18.23
CA GLY G 117 51.66 -33.28 17.12
C GLY G 117 50.21 -32.97 16.83
N ARG G 118 49.79 -33.14 15.59
CA ARG G 118 48.39 -32.90 15.22
C ARG G 118 47.67 -34.24 15.16
N PRO G 119 46.66 -34.47 15.99
CA PRO G 119 45.91 -35.73 15.89
C PRO G 119 45.36 -35.92 14.48
N SER G 120 45.49 -37.15 13.97
CA SER G 120 45.11 -37.45 12.59
C SER G 120 43.61 -37.58 12.42
N GLU G 121 43.14 -37.34 11.19
CA GLU G 121 41.72 -37.39 10.91
C GLU G 121 41.18 -38.82 10.99
N THR G 122 41.85 -39.79 10.36
CA THR G 122 41.32 -41.15 10.32
C THR G 122 41.45 -41.89 11.66
N GLY G 123 42.22 -41.35 12.60
CA GLY G 123 42.28 -41.86 13.96
C GLY G 123 43.50 -42.74 14.23
N ILE G 124 43.63 -43.10 15.52
CA ILE G 124 44.75 -43.92 15.96
C ILE G 124 44.74 -45.22 15.16
N ILE G 125 45.89 -45.55 14.58
CA ILE G 125 46.07 -46.82 13.88
C ILE G 125 47.23 -47.55 14.54
N GLY G 126 47.03 -48.82 14.82
CA GLY G 126 48.10 -49.64 15.35
C GLY G 126 48.24 -50.92 14.55
N ILE G 127 49.48 -51.22 14.16
CA ILE G 127 49.80 -52.37 13.34
C ILE G 127 51.08 -52.97 13.90
N ILE G 128 51.27 -54.27 13.68
CA ILE G 128 52.44 -54.98 14.19
C ILE G 128 53.10 -55.74 13.05
N ASP G 129 54.42 -55.73 13.05
CA ASP G 129 55.21 -56.42 12.05
C ASP G 129 54.86 -57.91 12.05
N PRO G 130 54.84 -58.57 10.89
CA PRO G 130 54.64 -60.04 10.93
C PRO G 130 55.72 -60.76 11.71
N GLU G 131 56.95 -60.26 11.64
CA GLU G 131 58.07 -60.80 12.37
C GLU G 131 58.15 -60.27 13.79
N CYS G 132 57.10 -59.62 14.28
CA CYS G 132 57.02 -59.11 15.64
C CYS G 132 58.32 -58.42 15.98
N ARG G 133 58.83 -57.64 15.03
CA ARG G 133 60.01 -56.82 15.22
C ARG G 133 59.69 -55.47 15.82
N MET G 134 58.50 -54.96 15.53
CA MET G 134 58.12 -53.62 15.98
C MET G 134 56.61 -53.46 15.97
N ILE G 135 56.14 -52.48 16.74
CA ILE G 135 54.77 -51.99 16.72
C ILE G 135 54.78 -50.63 16.02
N GLY G 136 53.94 -50.49 14.99
CA GLY G 136 53.77 -49.22 14.31
C GLY G 136 52.50 -48.52 14.78
N LEU G 137 52.61 -47.22 15.00
CA LEU G 137 51.49 -46.41 15.44
C LEU G 137 51.39 -45.18 14.54
N ARG G 138 50.17 -44.85 14.12
CA ARG G 138 49.92 -43.63 13.36
C ARG G 138 49.07 -42.75 14.26
N LEU G 139 49.74 -42.02 15.15
CA LEU G 139 49.02 -41.13 16.05
C LEU G 139 48.79 -39.73 15.48
N TYR G 140 49.79 -39.14 14.84
CA TYR G 140 49.71 -37.75 14.42
C TYR G 140 49.99 -37.65 12.93
N ASP G 141 49.37 -36.64 12.30
CA ASP G 141 49.64 -36.37 10.89
C ASP G 141 51.12 -36.05 10.74
N GLY G 142 51.75 -36.63 9.72
CA GLY G 142 53.13 -36.35 9.41
C GLY G 142 54.16 -37.12 10.21
N LEU G 143 53.74 -38.05 11.07
CA LEU G 143 54.67 -38.79 11.90
C LEU G 143 54.20 -40.22 12.07
N PHE G 144 55.18 -41.12 12.12
CA PHE G 144 55.02 -42.56 12.34
C PHE G 144 55.87 -42.94 13.54
N LYS G 145 55.24 -43.49 14.58
CA LYS G 145 55.90 -43.86 15.82
C LYS G 145 56.19 -45.36 15.84
N VAL G 146 57.45 -45.72 16.07
CA VAL G 146 57.88 -47.12 16.12
C VAL G 146 58.27 -47.46 17.55
N ILE G 147 57.63 -48.50 18.10
CA ILE G 147 58.05 -49.13 19.35
C ILE G 147 58.79 -50.41 18.96
N PRO G 148 60.10 -50.50 19.14
CA PRO G 148 60.81 -51.74 18.80
C PRO G 148 60.53 -52.83 19.82
N LEU G 149 60.28 -54.04 19.32
CA LEU G 149 59.88 -55.16 20.18
C LEU G 149 61.11 -55.92 20.70
N ASP G 150 61.91 -55.20 21.48
CA ASP G 150 63.02 -55.80 22.20
C ASP G 150 62.50 -56.41 23.50
N ARG G 151 63.15 -57.48 23.95
CA ARG G 151 62.70 -58.13 25.18
C ARG G 151 62.84 -57.22 26.39
N ASP G 152 63.76 -56.26 26.34
CA ASP G 152 64.04 -55.39 27.47
C ASP G 152 63.30 -54.07 27.40
N ASN G 153 62.49 -53.83 26.37
CA ASN G 153 61.78 -52.57 26.20
C ASN G 153 60.46 -52.62 27.00
N LYS G 154 60.63 -52.71 28.33
CA LYS G 154 59.46 -52.81 29.21
C LYS G 154 58.82 -51.45 29.47
N GLU G 155 59.48 -50.34 29.15
CA GLU G 155 58.87 -49.02 29.20
C GLU G 155 58.27 -48.58 27.86
N LEU G 156 58.33 -49.42 26.82
CA LEU G 156 57.76 -49.09 25.51
C LEU G 156 58.28 -47.75 25.01
N LYS G 157 59.59 -47.56 25.10
CA LYS G 157 60.21 -46.35 24.58
C LYS G 157 60.09 -46.39 23.05
N ALA G 158 59.96 -45.21 22.44
CA ALA G 158 59.70 -45.20 21.01
C ALA G 158 60.26 -43.93 20.38
N PHE G 159 60.51 -44.03 19.08
CA PHE G 159 61.04 -42.95 18.26
C PHE G 159 60.08 -42.70 17.11
N ASN G 160 59.97 -41.44 16.70
CA ASN G 160 59.09 -41.07 15.60
C ASN G 160 59.87 -40.87 14.31
N ILE G 161 59.38 -41.50 13.23
CA ILE G 161 59.95 -41.35 11.90
C ILE G 161 59.05 -40.39 11.12
N ARG G 162 59.66 -39.48 10.38
CA ARG G 162 58.90 -38.46 9.67
C ARG G 162 58.20 -39.03 8.46
N LEU G 163 56.93 -38.68 8.29
CA LEU G 163 56.12 -39.16 7.18
C LEU G 163 55.82 -37.93 6.33
N GLU G 164 56.29 -37.95 5.09
CA GLU G 164 56.09 -36.79 4.24
C GLU G 164 54.62 -36.65 3.87
N GLU G 165 53.97 -37.78 3.60
CA GLU G 165 52.54 -37.78 3.25
C GLU G 165 51.74 -37.49 4.51
N LEU G 166 51.16 -36.28 4.58
CA LEU G 166 50.58 -35.82 5.83
C LEU G 166 49.25 -36.49 6.12
N HIS G 167 48.39 -36.65 5.10
CA HIS G 167 47.06 -37.20 5.31
C HIS G 167 47.09 -38.67 4.89
N VAL G 168 47.18 -39.54 5.88
CA VAL G 168 47.23 -40.99 5.68
C VAL G 168 45.88 -41.56 6.06
N ILE G 169 45.32 -42.38 5.18
CA ILE G 169 44.00 -42.93 5.40
C ILE G 169 44.05 -44.24 6.19
N ASP G 170 44.90 -45.18 5.76
CA ASP G 170 45.06 -46.45 6.46
C ASP G 170 46.43 -47.01 6.12
N VAL G 171 47.00 -47.74 7.08
CA VAL G 171 48.35 -48.31 6.92
C VAL G 171 48.40 -49.63 7.68
N LYS G 172 49.09 -50.59 7.06
CA LYS G 172 49.31 -51.92 7.60
C LYS G 172 50.75 -52.32 7.33
N PHE G 173 51.27 -53.24 8.12
CA PHE G 173 52.56 -53.85 7.81
C PHE G 173 52.37 -54.91 6.73
N LEU G 174 53.15 -54.80 5.66
CA LEU G 174 52.95 -55.72 4.55
C LEU G 174 53.57 -57.06 4.92
N TYR G 175 53.04 -58.12 4.32
CA TYR G 175 53.50 -59.47 4.57
C TYR G 175 54.52 -59.89 3.53
N GLY G 176 55.48 -60.70 3.99
CA GLY G 176 56.40 -61.35 3.09
C GLY G 176 57.42 -60.45 2.41
N CYS G 177 57.65 -59.26 2.95
CA CYS G 177 58.68 -58.38 2.43
C CYS G 177 59.95 -58.70 3.20
N GLN G 178 61.08 -58.63 2.50
CA GLN G 178 62.34 -59.07 3.10
C GLN G 178 62.64 -58.32 4.38
N ALA G 179 62.29 -57.04 4.41
CA ALA G 179 62.52 -56.12 5.51
C ALA G 179 61.16 -55.58 5.91
N PRO G 180 61.02 -55.07 7.13
CA PRO G 180 59.73 -54.50 7.53
C PRO G 180 59.25 -53.47 6.52
N THR G 181 58.00 -53.60 6.07
CA THR G 181 57.43 -52.72 5.06
C THR G 181 56.01 -52.33 5.39
N ILE G 182 55.67 -51.05 5.18
CA ILE G 182 54.34 -50.50 5.42
C ILE G 182 53.73 -50.08 4.09
N CYS G 183 52.43 -50.30 3.93
CA CYS G 183 51.68 -49.87 2.76
C CYS G 183 50.52 -48.99 3.21
N PHE G 184 50.46 -47.75 2.69
CA PHE G 184 49.43 -46.83 3.12
C PHE G 184 48.72 -46.20 1.92
N VAL G 185 47.48 -45.78 2.18
CA VAL G 185 46.71 -44.95 1.25
C VAL G 185 46.76 -43.54 1.82
N TYR G 186 47.18 -42.59 1.00
CA TYR G 186 47.34 -41.21 1.44
C TYR G 186 46.51 -40.32 0.52
N GLN G 187 46.12 -39.17 1.03
CA GLN G 187 45.37 -38.20 0.24
C GLN G 187 46.13 -36.88 0.24
N ASP G 188 46.43 -36.40 -0.94
CA ASP G 188 47.01 -35.09 -1.18
C ASP G 188 46.12 -34.42 -2.22
N PRO G 189 46.46 -33.21 -2.67
CA PRO G 189 45.57 -32.52 -3.62
C PRO G 189 45.40 -33.24 -4.95
N GLN G 190 46.31 -34.15 -5.31
CA GLN G 190 46.30 -34.81 -6.60
C GLN G 190 45.46 -36.09 -6.61
N GLY G 191 44.70 -36.34 -5.55
CA GLY G 191 43.91 -37.54 -5.40
C GLY G 191 44.39 -38.38 -4.23
N ARG G 192 43.99 -39.64 -4.18
CA ARG G 192 44.49 -40.57 -3.19
C ARG G 192 45.42 -41.55 -3.91
N HIS G 193 46.48 -41.96 -3.23
CA HIS G 193 47.45 -42.86 -3.82
C HIS G 193 47.87 -43.88 -2.76
N VAL G 194 48.56 -44.93 -3.22
CA VAL G 194 49.17 -45.93 -2.36
C VAL G 194 50.69 -45.92 -2.57
N LYS G 195 51.44 -45.93 -1.48
CA LYS G 195 52.88 -45.90 -1.49
C LYS G 195 53.41 -46.91 -0.49
N THR G 196 54.63 -47.40 -0.69
CA THR G 196 55.25 -48.28 0.29
C THR G 196 56.60 -47.71 0.73
N TYR G 197 56.91 -47.91 2.01
CA TYR G 197 58.18 -47.55 2.61
C TYR G 197 58.69 -48.75 3.39
N GLU G 198 60.00 -48.75 3.67
CA GLU G 198 60.61 -49.77 4.51
C GLU G 198 61.09 -49.10 5.79
N VAL G 199 61.02 -49.84 6.89
CA VAL G 199 61.34 -49.30 8.21
C VAL G 199 62.66 -49.93 8.65
N SER G 200 63.62 -49.09 9.04
CA SER G 200 64.92 -49.54 9.52
C SER G 200 64.98 -49.18 11.00
N LEU G 201 64.93 -50.20 11.85
CA LEU G 201 65.08 -49.95 13.29
C LEU G 201 66.47 -49.43 13.60
N ARG G 202 67.48 -49.87 12.85
CA ARG G 202 68.85 -49.44 13.08
C ARG G 202 69.05 -47.97 12.75
N GLU G 203 68.62 -47.56 11.56
CA GLU G 203 68.77 -46.19 11.11
C GLU G 203 67.71 -45.26 11.67
N LYS G 204 66.58 -45.80 12.13
CA LYS G 204 65.47 -44.99 12.63
C LYS G 204 64.95 -44.05 11.54
N GLU G 205 64.88 -44.53 10.31
CA GLU G 205 64.38 -43.72 9.20
C GLU G 205 63.78 -44.62 8.14
N PHE G 206 62.81 -44.08 7.41
CA PHE G 206 62.17 -44.82 6.34
C PHE G 206 63.12 -44.85 5.15
N ASN G 207 63.01 -45.89 4.31
CA ASN G 207 63.75 -45.93 3.06
C ASN G 207 62.79 -46.32 1.95
N LYS G 208 63.20 -46.07 0.69
CA LYS G 208 62.26 -46.26 -0.41
C LYS G 208 61.76 -47.71 -0.41
N GLY G 209 60.45 -47.85 -0.55
CA GLY G 209 59.76 -49.13 -0.43
C GLY G 209 59.85 -49.92 -1.70
N PRO G 210 59.47 -51.20 -1.61
CA PRO G 210 59.63 -52.09 -2.78
C PRO G 210 58.90 -51.60 -4.03
N TRP G 211 57.68 -51.07 -3.93
CA TRP G 211 56.95 -50.78 -5.16
C TRP G 211 56.41 -49.36 -5.25
N LYS G 212 56.12 -48.99 -6.49
CA LYS G 212 55.72 -47.65 -6.89
C LYS G 212 54.33 -47.32 -6.39
N GLN G 213 54.06 -46.02 -6.31
CA GLN G 213 52.72 -45.54 -6.01
C GLN G 213 51.83 -45.69 -7.24
N GLU G 214 50.53 -45.85 -6.99
CA GLU G 214 49.52 -45.83 -8.04
C GLU G 214 48.44 -44.84 -7.61
N ASN G 215 47.60 -44.43 -8.56
CA ASN G 215 46.53 -43.48 -8.26
C ASN G 215 45.28 -44.29 -7.97
N VAL G 216 44.83 -44.29 -6.71
CA VAL G 216 43.80 -45.23 -6.28
C VAL G 216 42.45 -44.50 -6.29
N GLU G 217 41.38 -45.23 -6.00
CA GLU G 217 40.05 -44.64 -5.97
C GLU G 217 40.01 -43.43 -5.05
N ALA G 218 39.22 -42.42 -5.44
CA ALA G 218 39.15 -41.20 -4.67
C ALA G 218 38.68 -41.46 -3.25
N GLU G 219 37.88 -42.51 -3.04
CA GLU G 219 37.40 -42.88 -1.72
C GLU G 219 38.02 -44.19 -1.23
N ALA G 220 39.25 -44.51 -1.66
CA ALA G 220 39.95 -45.66 -1.13
C ALA G 220 40.03 -45.58 0.40
N SER G 221 39.44 -46.55 1.08
CA SER G 221 39.27 -46.45 2.54
C SER G 221 40.12 -47.40 3.36
N MET G 222 40.21 -48.69 3.00
CA MET G 222 40.86 -49.67 3.86
C MET G 222 41.95 -50.42 3.11
N VAL G 223 43.02 -50.74 3.83
CA VAL G 223 44.19 -51.43 3.28
C VAL G 223 44.26 -52.82 3.89
N ILE G 224 44.34 -53.84 3.04
CA ILE G 224 44.37 -55.22 3.50
C ILE G 224 45.72 -55.82 3.14
N ALA G 225 46.39 -56.39 4.14
CA ALA G 225 47.66 -57.08 3.92
C ALA G 225 47.37 -58.53 3.54
N VAL G 226 47.86 -58.97 2.39
CA VAL G 226 47.58 -60.32 1.91
C VAL G 226 48.70 -61.22 2.41
N PRO G 227 48.39 -62.43 2.90
CA PRO G 227 49.44 -63.29 3.47
C PRO G 227 50.45 -63.72 2.42
N GLU G 228 51.56 -64.28 2.91
CA GLU G 228 52.69 -64.53 2.03
C GLU G 228 52.38 -65.42 0.82
N PRO G 229 51.48 -66.41 0.87
CA PRO G 229 51.23 -67.18 -0.37
C PRO G 229 50.93 -66.30 -1.58
N PHE G 230 50.14 -65.23 -1.39
CA PHE G 230 49.90 -64.26 -2.45
C PHE G 230 50.74 -63.01 -2.28
N GLY G 231 50.95 -62.60 -1.03
CA GLY G 231 51.66 -61.38 -0.75
C GLY G 231 50.95 -60.17 -1.29
N GLY G 232 51.45 -58.99 -0.98
CA GLY G 232 50.90 -57.77 -1.51
C GLY G 232 49.73 -57.30 -0.69
N ALA G 233 48.94 -56.41 -1.27
CA ALA G 233 47.84 -55.80 -0.54
C ALA G 233 46.65 -55.56 -1.44
N ILE G 234 45.46 -55.52 -0.81
CA ILE G 234 44.20 -55.19 -1.46
C ILE G 234 43.69 -53.88 -0.88
N ILE G 235 43.18 -53.01 -1.75
CA ILE G 235 42.68 -51.69 -1.34
C ILE G 235 41.20 -51.59 -1.69
N ILE G 236 40.40 -51.37 -0.66
CA ILE G 236 38.94 -51.34 -0.75
C ILE G 236 38.47 -49.90 -0.83
N GLY G 237 37.60 -49.61 -1.80
CA GLY G 237 37.02 -48.29 -1.93
C GLY G 237 35.50 -48.31 -1.86
N GLN G 238 34.86 -47.33 -2.47
CA GLN G 238 33.41 -47.29 -2.60
C GLN G 238 32.93 -48.00 -3.85
N GLU G 239 33.67 -47.87 -4.96
CA GLU G 239 33.27 -48.48 -6.22
C GLU G 239 34.15 -49.63 -6.66
N SER G 240 35.41 -49.69 -6.21
CA SER G 240 36.35 -50.66 -6.75
C SER G 240 37.20 -51.30 -5.67
N ILE G 241 37.67 -52.52 -5.96
CA ILE G 241 38.63 -53.24 -5.13
C ILE G 241 39.85 -53.54 -6.00
N THR G 242 41.03 -53.21 -5.48
CA THR G 242 42.27 -53.38 -6.22
C THR G 242 43.31 -54.13 -5.41
N TYR G 243 44.18 -54.84 -6.12
CA TYR G 243 45.29 -55.59 -5.56
C TYR G 243 46.59 -55.04 -6.13
N HIS G 244 47.52 -54.66 -5.25
CA HIS G 244 48.79 -54.04 -5.67
C HIS G 244 49.95 -54.82 -5.06
N ASN G 245 50.64 -55.63 -5.86
CA ASN G 245 51.92 -56.21 -5.45
C ASN G 245 52.90 -56.18 -6.61
N GLY G 246 54.12 -55.72 -6.33
CA GLY G 246 55.13 -55.64 -7.37
C GLY G 246 54.59 -54.85 -8.54
N ASP G 247 54.66 -55.42 -9.73
CA ASP G 247 54.10 -54.84 -10.94
C ASP G 247 52.62 -55.15 -11.11
N LYS G 248 52.09 -56.08 -10.31
CA LYS G 248 50.73 -56.56 -10.48
C LYS G 248 49.72 -55.48 -10.06
N TYR G 249 48.75 -55.25 -10.93
CA TYR G 249 47.63 -54.36 -10.65
C TYR G 249 46.38 -55.12 -11.08
N LEU G 250 45.52 -55.40 -10.13
CA LEU G 250 44.24 -56.03 -10.41
C LEU G 250 43.17 -55.05 -9.92
N ALA G 251 42.04 -55.04 -10.61
CA ALA G 251 40.95 -54.16 -10.22
C ALA G 251 39.64 -54.78 -10.66
N ILE G 252 38.76 -55.03 -9.70
CA ILE G 252 37.39 -55.45 -9.97
C ILE G 252 36.49 -54.36 -9.37
N ALA G 253 35.47 -53.96 -10.13
CA ALA G 253 34.58 -52.88 -9.73
C ALA G 253 33.14 -53.33 -9.90
N PRO G 254 32.68 -54.26 -9.07
CA PRO G 254 31.31 -54.79 -9.19
C PRO G 254 30.29 -53.75 -8.77
N PRO G 255 29.19 -53.61 -9.52
CA PRO G 255 28.23 -52.54 -9.21
C PRO G 255 27.57 -52.69 -7.85
N ILE G 256 27.63 -53.89 -7.27
CA ILE G 256 26.83 -54.16 -6.07
C ILE G 256 27.44 -53.47 -4.87
N ILE G 257 28.77 -53.38 -4.79
CA ILE G 257 29.38 -52.78 -3.61
C ILE G 257 29.15 -51.27 -3.61
N LYS G 258 28.94 -50.67 -4.79
CA LYS G 258 28.68 -49.24 -4.88
C LYS G 258 27.44 -48.83 -4.09
N GLN G 259 26.51 -49.77 -3.85
CA GLN G 259 25.24 -49.42 -3.22
C GLN G 259 25.42 -48.97 -1.77
N SER G 260 26.39 -49.54 -1.05
CA SER G 260 26.63 -49.22 0.34
C SER G 260 28.12 -49.31 0.66
N THR G 261 28.58 -48.40 1.50
CA THR G 261 30.00 -48.31 1.83
C THR G 261 30.46 -49.56 2.58
N ILE G 262 31.59 -50.13 2.16
CA ILE G 262 32.18 -51.26 2.88
C ILE G 262 32.92 -50.70 4.08
N VAL G 263 32.62 -51.19 5.27
CA VAL G 263 33.18 -50.60 6.48
C VAL G 263 34.10 -51.55 7.25
N CYS G 264 33.98 -52.86 7.07
CA CYS G 264 34.77 -53.81 7.82
C CYS G 264 35.29 -54.89 6.89
N HIS G 265 36.48 -55.42 7.23
CA HIS G 265 37.07 -56.50 6.48
C HIS G 265 37.71 -57.46 7.48
N ASN G 266 37.70 -58.74 7.13
CA ASN G 266 38.35 -59.77 7.94
C ASN G 266 38.76 -60.91 7.02
N ARG G 267 39.79 -61.64 7.42
CA ARG G 267 40.38 -62.72 6.63
C ARG G 267 39.83 -64.07 7.07
N VAL G 268 39.38 -64.88 6.10
CA VAL G 268 38.87 -66.22 6.42
C VAL G 268 39.97 -67.28 6.37
N ASP G 269 40.69 -67.39 5.23
CA ASP G 269 41.68 -68.45 5.06
C ASP G 269 43.08 -67.92 5.28
N PRO G 270 43.92 -68.57 6.09
CA PRO G 270 45.28 -68.04 6.28
C PRO G 270 46.05 -67.90 4.98
N ASN G 271 45.75 -68.74 3.97
CA ASN G 271 46.44 -68.62 2.70
C ASN G 271 46.13 -67.29 2.02
N GLY G 272 45.01 -66.67 2.36
CA GLY G 272 44.63 -65.41 1.77
C GLY G 272 43.64 -65.54 0.64
N SER G 273 43.17 -66.74 0.37
CA SER G 273 42.26 -66.97 -0.76
C SER G 273 40.92 -66.28 -0.54
N ARG G 274 40.42 -66.25 0.69
CA ARG G 274 39.08 -65.78 0.98
C ARG G 274 39.08 -64.73 2.09
N TYR G 275 38.35 -63.63 1.87
CA TYR G 275 38.20 -62.56 2.85
C TYR G 275 36.72 -62.19 2.97
N LEU G 276 36.31 -61.70 4.14
CA LEU G 276 34.94 -61.29 4.39
C LEU G 276 34.83 -59.76 4.42
N LEU G 277 33.78 -59.22 3.80
CA LEU G 277 33.58 -57.77 3.71
C LEU G 277 32.15 -57.42 4.10
N GLY G 278 31.99 -56.31 4.83
CA GLY G 278 30.68 -55.83 5.23
C GLY G 278 30.45 -54.37 4.88
N ASP G 279 29.17 -54.01 4.75
CA ASP G 279 28.76 -52.64 4.40
C ASP G 279 27.70 -52.12 5.36
N MET G 280 27.40 -50.82 5.25
CA MET G 280 26.53 -50.15 6.21
C MET G 280 25.10 -50.66 6.16
N GLU G 281 24.64 -51.17 5.03
CA GLU G 281 23.28 -51.69 4.94
C GLU G 281 23.17 -53.11 5.47
N GLY G 282 24.25 -53.62 6.05
CA GLY G 282 24.29 -54.92 6.68
C GLY G 282 24.64 -56.09 5.80
N ARG G 283 24.96 -55.86 4.52
CA ARG G 283 25.27 -56.96 3.62
C ARG G 283 26.67 -57.50 3.90
N LEU G 284 26.81 -58.82 3.84
CA LEU G 284 28.08 -59.51 4.09
C LEU G 284 28.51 -60.18 2.79
N PHE G 285 29.73 -59.85 2.35
CA PHE G 285 30.29 -60.36 1.11
C PHE G 285 31.48 -61.26 1.41
N MET G 286 31.80 -62.10 0.42
CA MET G 286 33.02 -62.88 0.40
C MET G 286 33.89 -62.35 -0.74
N LEU G 287 35.12 -61.97 -0.41
CA LEU G 287 36.10 -61.56 -1.41
C LEU G 287 36.99 -62.76 -1.72
N LEU G 288 37.04 -63.16 -2.98
CA LEU G 288 37.76 -64.36 -3.38
C LEU G 288 38.97 -63.98 -4.23
N LEU G 289 40.12 -64.53 -3.87
CA LEU G 289 41.38 -64.33 -4.59
C LEU G 289 41.67 -65.57 -5.43
N GLU G 290 41.56 -65.44 -6.74
CA GLU G 290 41.81 -66.57 -7.64
C GLU G 290 43.31 -66.76 -7.84
N LYS G 291 43.86 -67.86 -7.32
CA LYS G 291 45.29 -68.11 -7.35
C LYS G 291 45.65 -68.90 -8.61
N GLU G 292 46.86 -68.69 -9.12
CA GLU G 292 47.43 -69.50 -10.20
C GLU G 292 48.78 -70.00 -9.68
N GLU G 293 48.93 -71.31 -9.55
CA GLU G 293 50.12 -71.92 -8.99
C GLU G 293 50.97 -72.68 -9.99
N GLN G 294 52.28 -72.67 -9.73
CA GLN G 294 53.30 -73.33 -10.51
C GLN G 294 54.05 -74.36 -9.66
N MET G 295 54.88 -75.17 -10.32
CA MET G 295 55.75 -76.06 -9.55
C MET G 295 56.73 -75.27 -8.71
N ASP G 296 57.14 -74.09 -9.19
CA ASP G 296 57.93 -73.23 -8.32
C ASP G 296 57.10 -72.86 -7.10
N GLY G 297 55.78 -72.81 -7.26
CA GLY G 297 54.91 -72.28 -6.25
C GLY G 297 54.56 -70.83 -6.43
N THR G 298 55.16 -70.15 -7.41
CA THR G 298 54.93 -68.73 -7.59
C THR G 298 53.44 -68.52 -7.87
N VAL G 299 52.85 -67.54 -7.18
CA VAL G 299 51.41 -67.30 -7.29
C VAL G 299 51.18 -65.96 -7.97
N THR G 300 50.50 -66.01 -9.09
CA THR G 300 50.04 -64.85 -9.84
C THR G 300 48.53 -64.84 -9.66
N LEU G 301 48.01 -63.76 -9.08
CA LEU G 301 46.60 -63.71 -8.77
C LEU G 301 45.85 -63.50 -10.08
N LYS G 302 45.13 -64.52 -10.52
CA LYS G 302 44.47 -64.45 -11.83
C LYS G 302 43.36 -63.41 -11.80
N ASP G 303 42.53 -63.42 -10.78
CA ASP G 303 41.42 -62.47 -10.73
C ASP G 303 40.86 -62.44 -9.31
N LEU G 304 40.02 -61.43 -9.07
CA LEU G 304 39.32 -61.22 -7.82
C LEU G 304 37.82 -61.38 -8.03
N ARG G 305 37.13 -61.81 -6.98
CA ARG G 305 35.70 -61.97 -7.05
C ARG G 305 35.05 -61.53 -5.76
N VAL G 306 33.85 -60.98 -5.87
CA VAL G 306 33.04 -60.57 -4.73
C VAL G 306 31.70 -61.29 -4.83
N GLU G 307 31.27 -61.89 -3.73
CA GLU G 307 30.02 -62.64 -3.68
C GLU G 307 29.22 -62.22 -2.45
N LEU G 308 27.95 -61.92 -2.67
CA LEU G 308 27.07 -61.57 -1.56
C LEU G 308 26.62 -62.82 -0.84
N LEU G 309 26.82 -62.85 0.48
CA LEU G 309 26.40 -63.98 1.27
C LEU G 309 25.02 -63.78 1.88
N GLY G 310 24.73 -62.58 2.35
CA GLY G 310 23.48 -62.28 3.01
C GLY G 310 23.52 -60.95 3.74
N GLU G 311 22.92 -60.89 4.93
CA GLU G 311 22.86 -59.70 5.76
C GLU G 311 23.19 -60.08 7.19
N THR G 312 23.91 -59.20 7.89
CA THR G 312 24.16 -59.33 9.32
C THR G 312 23.61 -58.07 9.99
N SER G 313 23.79 -57.95 11.31
CA SER G 313 23.59 -56.64 11.91
C SER G 313 24.72 -55.75 11.44
N ILE G 314 24.42 -54.45 11.27
CA ILE G 314 25.41 -53.53 10.74
C ILE G 314 26.69 -53.70 11.57
N ALA G 315 27.77 -54.14 10.91
CA ALA G 315 28.94 -54.64 11.61
C ALA G 315 30.02 -53.56 11.70
N GLU G 316 30.52 -53.35 12.93
CA GLU G 316 31.74 -52.57 13.11
C GLU G 316 32.99 -53.38 12.76
N CYS G 317 33.00 -54.65 13.15
CA CYS G 317 34.11 -55.55 12.90
C CYS G 317 33.56 -56.96 12.73
N LEU G 318 34.14 -57.69 11.79
CA LEU G 318 33.82 -59.08 11.55
C LEU G 318 35.06 -59.90 11.91
N THR G 319 34.84 -61.10 12.45
CA THR G 319 35.96 -62.01 12.65
C THR G 319 35.45 -63.43 12.47
N TYR G 320 36.19 -64.19 11.68
CA TYR G 320 35.85 -65.58 11.37
C TYR G 320 36.45 -66.51 12.41
N LEU G 321 35.64 -67.45 12.89
CA LEU G 321 36.01 -68.47 13.85
C LEU G 321 36.10 -69.79 13.09
N ASP G 322 36.55 -70.85 13.77
CA ASP G 322 36.59 -72.16 13.13
C ASP G 322 35.19 -72.69 12.82
N ASN G 323 35.13 -73.51 11.76
CA ASN G 323 33.92 -74.25 11.37
C ASN G 323 32.79 -73.36 10.82
N GLY G 324 33.10 -72.24 10.22
CA GLY G 324 32.07 -71.44 9.59
C GLY G 324 31.28 -70.50 10.45
N VAL G 325 31.79 -70.14 11.62
CA VAL G 325 31.09 -69.28 12.59
C VAL G 325 31.78 -67.92 12.54
N VAL G 326 30.98 -66.84 12.54
CA VAL G 326 31.53 -65.50 12.42
C VAL G 326 30.91 -64.61 13.50
N PHE G 327 31.76 -63.85 14.19
CA PHE G 327 31.29 -62.90 15.19
C PHE G 327 31.07 -61.56 14.52
N VAL G 328 29.82 -61.09 14.53
CA VAL G 328 29.47 -59.80 13.97
C VAL G 328 29.40 -58.82 15.12
N GLY G 329 30.43 -58.00 15.25
CA GLY G 329 30.46 -56.96 16.26
C GLY G 329 29.84 -55.68 15.74
N SER G 330 28.74 -55.26 16.34
CA SER G 330 27.97 -54.11 15.87
C SER G 330 28.02 -53.01 16.92
N ARG G 331 28.34 -51.78 16.49
CA ARG G 331 28.33 -50.64 17.38
C ARG G 331 26.98 -49.93 17.34
N LEU G 332 26.21 -50.18 16.27
CA LEU G 332 24.92 -49.56 16.07
C LEU G 332 23.76 -50.50 16.37
N GLY G 333 24.00 -51.80 16.47
CA GLY G 333 22.94 -52.75 16.73
C GLY G 333 23.38 -53.97 17.52
N ASP G 334 22.50 -54.96 17.64
CA ASP G 334 22.85 -56.17 18.39
C ASP G 334 23.99 -56.90 17.69
N SER G 335 24.99 -57.29 18.47
CA SER G 335 26.06 -58.13 17.96
C SER G 335 25.57 -59.58 17.90
N GLN G 336 26.14 -60.35 16.98
CA GLN G 336 25.63 -61.70 16.76
C GLN G 336 26.76 -62.62 16.35
N LEU G 337 26.47 -63.91 16.44
CA LEU G 337 27.30 -64.99 15.91
C LEU G 337 26.52 -65.66 14.79
N VAL G 338 27.12 -65.72 13.59
CA VAL G 338 26.39 -66.19 12.42
C VAL G 338 27.06 -67.41 11.81
N LYS G 339 26.23 -68.28 11.22
CA LYS G 339 26.68 -69.48 10.56
C LYS G 339 26.74 -69.20 9.07
N LEU G 340 27.90 -69.43 8.47
CA LEU G 340 28.07 -69.31 7.03
C LEU G 340 27.91 -70.70 6.43
N ASN G 341 26.94 -70.85 5.55
CA ASN G 341 26.64 -72.14 4.95
C ASN G 341 27.09 -72.20 3.50
N VAL G 342 27.42 -73.42 3.07
CA VAL G 342 27.65 -73.67 1.66
C VAL G 342 26.33 -73.61 0.92
N ASP G 343 25.24 -74.00 1.59
CA ASP G 343 23.91 -74.02 1.02
C ASP G 343 23.16 -72.72 1.27
N SER G 344 22.48 -72.25 0.22
CA SER G 344 21.57 -71.11 0.34
C SER G 344 20.25 -71.56 0.95
N ASN G 345 19.59 -70.65 1.66
CA ASN G 345 18.29 -70.95 2.25
C ASN G 345 17.16 -70.61 1.29
N GLU G 346 15.93 -70.61 1.81
CA GLU G 346 14.74 -70.43 0.98
C GLU G 346 14.67 -69.03 0.38
N GLN G 347 15.40 -68.07 0.94
CA GLN G 347 15.44 -66.71 0.43
C GLN G 347 16.67 -66.42 -0.43
N GLY G 348 17.60 -67.36 -0.56
CA GLY G 348 18.84 -67.16 -1.28
C GLY G 348 20.05 -66.78 -0.46
N SER G 349 19.94 -66.75 0.87
CA SER G 349 21.02 -66.31 1.74
C SER G 349 21.84 -67.51 2.25
N TYR G 350 23.14 -67.27 2.42
CA TYR G 350 24.06 -68.25 2.98
C TYR G 350 24.36 -67.99 4.46
N VAL G 351 23.67 -67.04 5.08
CA VAL G 351 23.96 -66.59 6.44
C VAL G 351 22.77 -66.95 7.33
N VAL G 352 23.04 -67.63 8.44
CA VAL G 352 22.04 -68.08 9.40
C VAL G 352 22.47 -67.72 10.80
N ALA G 353 21.57 -67.10 11.55
CA ALA G 353 21.88 -66.68 12.90
C ALA G 353 22.09 -67.88 13.82
N MET G 354 23.10 -67.79 14.68
CA MET G 354 23.30 -68.76 15.75
C MET G 354 22.85 -68.19 17.08
N GLU G 355 23.46 -67.08 17.51
CA GLU G 355 23.16 -66.43 18.77
C GLU G 355 23.07 -64.93 18.53
N THR G 356 22.29 -64.26 19.38
CA THR G 356 22.16 -62.80 19.32
C THR G 356 22.54 -62.27 20.69
N PHE G 357 23.53 -61.37 20.72
CA PHE G 357 24.03 -60.78 21.95
C PHE G 357 23.46 -59.36 22.03
N THR G 358 22.72 -59.07 23.09
CA THR G 358 22.05 -57.79 23.18
C THR G 358 23.06 -56.65 23.14
N ASN G 359 22.78 -55.64 22.33
CA ASN G 359 23.54 -54.40 22.32
C ASN G 359 22.53 -53.26 22.47
N LEU G 360 22.59 -52.55 23.59
CA LEU G 360 21.70 -51.40 23.76
C LEU G 360 21.98 -50.30 22.74
N GLY G 361 22.98 -50.51 21.89
CA GLY G 361 23.25 -49.66 20.76
C GLY G 361 23.44 -48.22 21.15
N PRO G 362 23.54 -47.33 20.16
CA PRO G 362 23.52 -45.89 20.48
C PRO G 362 22.21 -45.57 21.16
N ILE G 363 22.30 -44.97 22.35
CA ILE G 363 21.12 -44.61 23.11
C ILE G 363 20.82 -43.16 22.80
N VAL G 364 19.92 -42.95 21.84
CA VAL G 364 19.62 -41.61 21.40
C VAL G 364 18.86 -40.84 22.49
N ASP G 365 17.86 -41.50 23.09
CA ASP G 365 17.07 -40.89 24.15
C ASP G 365 16.53 -42.01 25.05
N MET G 366 15.90 -41.61 26.16
CA MET G 366 15.27 -42.58 27.05
C MET G 366 14.32 -41.88 28.01
N CYS G 367 13.35 -42.63 28.51
CA CYS G 367 12.38 -42.15 29.49
C CYS G 367 12.17 -43.22 30.55
N VAL G 368 11.89 -42.79 31.77
CA VAL G 368 11.65 -43.69 32.90
C VAL G 368 10.16 -43.69 33.19
N VAL G 369 9.57 -44.87 33.25
CA VAL G 369 8.13 -45.00 33.48
C VAL G 369 7.87 -46.25 34.31
N ASP G 370 7.02 -46.08 35.32
CA ASP G 370 6.57 -47.18 36.18
C ASP G 370 5.26 -47.74 35.64
N LEU G 371 5.37 -48.54 34.58
CA LEU G 371 4.17 -49.08 33.93
C LEU G 371 3.43 -50.08 34.80
N GLU G 372 4.17 -50.86 35.57
CA GLU G 372 3.55 -51.92 36.36
C GLU G 372 2.92 -51.38 37.63
N ARG G 373 3.04 -50.07 37.86
CA ARG G 373 2.51 -49.43 39.05
C ARG G 373 3.11 -50.01 40.31
N GLN G 374 4.20 -50.78 40.19
CA GLN G 374 4.88 -51.28 41.38
C GLN G 374 5.62 -50.17 42.09
N GLY G 375 6.00 -49.12 41.36
CA GLY G 375 6.87 -48.11 41.92
C GLY G 375 8.33 -48.36 41.67
N GLN G 376 8.66 -49.50 41.06
CA GLN G 376 10.05 -49.85 40.82
C GLN G 376 10.63 -48.99 39.70
N GLY G 377 9.87 -48.79 38.63
CA GLY G 377 10.33 -48.02 37.49
C GLY G 377 11.10 -48.81 36.46
N GLN G 378 10.84 -48.52 35.18
CA GLN G 378 11.43 -49.21 34.03
C GLN G 378 12.00 -48.18 33.06
N LEU G 379 13.08 -48.55 32.37
CA LEU G 379 13.73 -47.65 31.43
C LEU G 379 13.39 -48.03 29.99
N VAL G 380 12.80 -47.09 29.24
CA VAL G 380 12.47 -47.27 27.83
C VAL G 380 13.40 -46.40 26.99
N THR G 381 14.22 -47.04 26.15
CA THR G 381 15.26 -46.35 25.39
C THR G 381 14.98 -46.33 23.89
N CYS G 382 15.48 -45.28 23.23
CA CYS G 382 15.62 -45.25 21.78
C CYS G 382 17.02 -45.75 21.43
N SER G 383 17.12 -46.97 20.88
CA SER G 383 18.41 -47.62 20.70
C SER G 383 18.63 -48.03 19.26
N GLY G 384 19.88 -47.92 18.81
CA GLY G 384 20.25 -48.34 17.48
C GLY G 384 19.98 -47.28 16.44
N ALA G 385 20.25 -47.65 15.19
CA ALA G 385 20.03 -46.78 14.05
C ALA G 385 19.80 -47.64 12.82
N PHE G 386 19.17 -47.05 11.80
CA PHE G 386 18.93 -47.70 10.51
C PHE G 386 18.18 -49.01 10.75
N LYS G 387 18.62 -50.13 10.17
CA LYS G 387 17.89 -51.39 10.27
C LYS G 387 17.92 -51.99 11.67
N GLU G 388 18.83 -51.55 12.51
CA GLU G 388 18.96 -52.03 13.87
C GLU G 388 18.16 -51.21 14.86
N GLY G 389 17.35 -50.27 14.38
CA GLY G 389 16.57 -49.45 15.28
C GLY G 389 15.69 -50.33 16.16
N SER G 390 15.61 -49.96 17.42
CA SER G 390 14.90 -50.74 18.43
C SER G 390 14.58 -49.83 19.60
N LEU G 391 13.50 -50.18 20.32
CA LEU G 391 13.23 -49.67 21.65
C LEU G 391 13.60 -50.79 22.62
N ARG G 392 14.14 -50.43 23.78
CA ARG G 392 14.57 -51.43 24.75
C ARG G 392 13.95 -51.12 26.11
N ILE G 393 13.23 -52.09 26.66
CA ILE G 393 12.56 -51.96 27.95
C ILE G 393 13.44 -52.65 28.99
N ILE G 394 13.88 -51.90 30.02
CA ILE G 394 14.90 -52.35 30.96
C ILE G 394 14.39 -52.23 32.40
N ARG G 395 14.45 -53.35 33.14
CA ARG G 395 14.01 -53.42 34.54
C ARG G 395 14.93 -54.28 35.38
N ASN G 396 15.00 -53.93 36.66
CA ASN G 396 15.76 -54.73 37.62
C ASN G 396 15.02 -56.01 37.98
N GLY G 397 15.76 -57.12 38.02
CA GLY G 397 15.17 -58.41 38.36
C GLY G 397 15.19 -58.56 39.86
N ILE G 398 14.03 -58.91 40.43
CA ILE G 398 13.84 -58.88 41.87
C ILE G 398 13.28 -60.22 42.35
N LYS G 409 20.91 -59.01 37.86
CA LYS G 409 20.97 -58.62 36.46
C LYS G 409 19.70 -57.91 35.99
N LEU G 410 19.79 -57.33 34.80
CA LEU G 410 18.69 -56.61 34.17
C LEU G 410 17.92 -57.46 33.17
N HIS G 411 16.60 -57.30 33.17
CA HIS G 411 15.74 -57.92 32.18
C HIS G 411 15.48 -56.91 31.06
N ILE G 412 15.75 -57.30 29.82
CA ILE G 412 15.72 -56.39 28.69
C ILE G 412 14.80 -56.96 27.62
N ARG G 413 13.70 -56.28 27.35
CA ARG G 413 12.80 -56.61 26.24
C ARG G 413 13.16 -55.74 25.05
N THR G 414 13.14 -56.33 23.85
CA THR G 414 13.53 -55.64 22.63
C THR G 414 12.33 -55.49 21.71
N VAL G 415 12.14 -54.28 21.19
CA VAL G 415 11.03 -53.96 20.30
C VAL G 415 11.62 -53.43 18.99
N PRO G 416 11.83 -54.27 17.98
CA PRO G 416 12.48 -53.78 16.75
C PRO G 416 11.63 -52.78 15.99
N LEU G 417 12.29 -51.78 15.43
CA LEU G 417 11.65 -50.77 14.60
C LEU G 417 12.10 -50.83 13.15
N TYR G 418 13.28 -51.37 12.86
CA TYR G 418 13.81 -51.46 11.51
C TYR G 418 13.99 -50.08 10.88
N GLU G 419 13.80 -49.02 11.66
CA GLU G 419 14.15 -47.66 11.30
C GLU G 419 14.70 -47.00 12.56
N SER G 420 15.38 -45.88 12.37
CA SER G 420 16.13 -45.27 13.46
C SER G 420 15.22 -44.51 14.41
N PRO G 421 15.23 -44.84 15.70
CA PRO G 421 14.51 -44.02 16.69
C PRO G 421 15.32 -42.79 17.07
N ARG G 422 14.62 -41.70 17.36
CA ARG G 422 15.32 -40.45 17.66
C ARG G 422 14.98 -39.88 19.05
N LYS G 423 13.71 -39.91 19.43
CA LYS G 423 13.22 -39.40 20.71
C LYS G 423 12.10 -40.28 21.22
N ILE G 424 11.81 -40.18 22.52
CA ILE G 424 10.68 -40.92 23.10
C ILE G 424 10.05 -40.07 24.20
N CYS G 425 8.72 -40.18 24.31
CA CYS G 425 7.96 -39.54 25.36
C CYS G 425 6.78 -40.42 25.71
N TYR G 426 6.48 -40.53 27.00
CA TYR G 426 5.38 -41.36 27.50
C TYR G 426 4.18 -40.51 27.86
N GLN G 427 3.00 -40.98 27.45
CA GLN G 427 1.73 -40.29 27.69
C GLN G 427 0.80 -41.28 28.39
N GLU G 428 0.64 -41.12 29.72
CA GLU G 428 -0.19 -42.04 30.47
C GLU G 428 -1.64 -41.96 30.02
N VAL G 429 -2.12 -40.74 29.74
CA VAL G 429 -3.53 -40.56 29.37
C VAL G 429 -3.94 -41.51 28.26
N SER G 430 -3.05 -41.73 27.30
CA SER G 430 -3.33 -42.58 26.15
C SER G 430 -2.71 -43.96 26.26
N GLN G 431 -2.03 -44.27 27.37
CA GLN G 431 -1.38 -45.55 27.56
C GLN G 431 -0.49 -45.89 26.37
N CYS G 432 0.08 -44.87 25.74
CA CYS G 432 0.91 -45.07 24.56
C CYS G 432 2.14 -44.20 24.72
N PHE G 433 3.27 -44.72 24.23
CA PHE G 433 4.52 -43.99 24.16
C PHE G 433 4.53 -43.28 22.80
N GLY G 434 5.28 -42.17 22.71
CA GLY G 434 5.54 -41.50 21.43
C GLY G 434 7.02 -41.55 21.10
N VAL G 435 7.31 -41.99 19.87
CA VAL G 435 8.69 -42.10 19.39
C VAL G 435 8.82 -41.40 18.05
N LEU G 436 9.83 -40.53 17.91
CA LEU G 436 10.17 -39.89 16.65
C LEU G 436 11.19 -40.76 15.92
N SER G 437 10.97 -40.96 14.62
CA SER G 437 11.79 -41.89 13.86
C SER G 437 12.09 -41.34 12.47
N SER G 438 13.15 -41.87 11.87
CA SER G 438 13.51 -41.54 10.49
C SER G 438 13.91 -42.81 9.76
N ARG G 439 13.54 -42.89 8.48
CA ARG G 439 13.93 -44.01 7.63
C ARG G 439 14.58 -43.43 6.39
N ILE G 440 15.53 -44.17 5.83
CA ILE G 440 16.27 -43.71 4.67
C ILE G 440 15.64 -44.35 3.44
N GLU G 441 15.09 -43.50 2.58
CA GLU G 441 14.60 -43.84 1.24
C GLU G 441 15.58 -43.26 0.23
N VAL G 442 15.51 -43.75 -1.00
CA VAL G 442 16.44 -43.35 -2.04
C VAL G 442 15.69 -42.81 -3.24
N GLN G 443 16.23 -41.75 -3.83
CA GLN G 443 15.64 -41.12 -5.00
C GLN G 443 15.62 -42.13 -6.14
N ASP G 444 14.45 -42.38 -6.70
CA ASP G 444 14.33 -43.42 -7.70
C ASP G 444 13.92 -42.82 -9.04
N THR G 445 13.77 -43.72 -10.02
CA THR G 445 13.54 -43.32 -11.41
C THR G 445 12.17 -42.71 -11.65
N SER G 446 11.23 -42.87 -10.71
CA SER G 446 9.92 -42.23 -10.86
C SER G 446 9.95 -40.74 -10.57
N GLY G 447 11.01 -40.22 -9.98
CA GLY G 447 11.03 -38.89 -9.42
C GLY G 447 10.71 -38.83 -7.94
N GLY G 448 10.03 -39.84 -7.43
CA GLY G 448 9.78 -40.00 -6.02
C GLY G 448 10.93 -40.72 -5.35
N THR G 449 10.63 -41.36 -4.23
CA THR G 449 11.64 -42.08 -3.47
C THR G 449 11.12 -43.46 -3.11
N THR G 450 12.06 -44.36 -2.84
CA THR G 450 11.74 -45.75 -2.52
C THR G 450 12.47 -46.20 -1.26
N ALA G 451 11.71 -46.88 -0.40
CA ALA G 451 12.27 -47.42 0.83
C ALA G 451 13.00 -48.71 0.55
N LEU G 452 14.18 -48.86 1.16
CA LEU G 452 14.97 -50.07 0.95
C LEU G 452 14.33 -51.27 1.62
N ARG G 453 13.60 -51.04 2.70
CA ARG G 453 13.00 -52.07 3.52
C ARG G 453 11.80 -51.47 4.22
N PRO G 454 10.82 -52.29 4.58
CA PRO G 454 9.69 -51.80 5.38
C PRO G 454 10.11 -51.57 6.82
N SER G 455 9.43 -50.64 7.48
CA SER G 455 9.76 -50.33 8.87
C SER G 455 8.53 -49.75 9.54
N ALA G 456 8.68 -49.47 10.85
CA ALA G 456 7.53 -49.13 11.67
C ALA G 456 6.66 -48.07 11.02
N SER G 457 7.28 -47.09 10.34
CA SER G 457 6.50 -46.01 9.75
C SER G 457 5.67 -46.49 8.56
N THR G 458 6.05 -47.62 7.96
CA THR G 458 5.29 -48.20 6.86
C THR G 458 4.34 -49.29 7.34
N GLN G 459 4.49 -49.75 8.59
CA GLN G 459 3.70 -50.87 9.12
C GLN G 459 2.81 -50.50 10.30
N ALA G 460 2.46 -49.23 10.47
CA ALA G 460 1.52 -48.85 11.51
C ALA G 460 0.13 -49.37 11.18
N LEU G 461 -0.68 -49.59 12.22
CA LEU G 461 -2.06 -50.00 11.97
C LEU G 461 -2.78 -48.95 11.13
N SER G 462 -2.75 -47.70 11.58
CA SER G 462 -3.25 -46.55 10.82
C SER G 462 -2.11 -45.54 10.66
N SER G 463 -2.16 -44.75 9.59
CA SER G 463 -1.08 -43.80 9.29
C SER G 463 -1.63 -42.53 8.68
N SER G 464 -0.83 -41.45 8.78
CA SER G 464 -1.20 -40.16 8.23
C SER G 464 0.04 -39.42 7.74
N VAL G 465 -0.18 -38.42 6.88
CA VAL G 465 0.87 -37.61 6.27
C VAL G 465 0.48 -36.15 6.39
N SER G 466 1.43 -35.31 6.80
CA SER G 466 1.14 -33.89 6.96
C SER G 466 0.76 -33.26 5.62
N SER G 467 -0.31 -32.47 5.64
CA SER G 467 -0.75 -31.73 4.47
C SER G 467 -0.47 -30.24 4.61
N SER G 468 0.36 -29.86 5.56
CA SER G 468 0.59 -28.46 5.85
C SER G 468 1.12 -27.74 4.61
N LYS G 469 0.54 -26.56 4.36
CA LYS G 469 0.99 -25.66 3.32
C LYS G 469 1.77 -24.49 3.90
N LEU G 470 2.11 -24.58 5.19
CA LEU G 470 2.73 -23.46 5.89
C LEU G 470 3.99 -22.99 5.17
N PHE G 471 4.88 -23.92 4.79
CA PHE G 471 6.03 -23.50 3.99
C PHE G 471 5.65 -23.32 2.54
N SER G 472 4.41 -23.67 2.19
CA SER G 472 3.79 -23.35 0.93
C SER G 472 4.70 -23.40 -0.28
N SER G 473 4.67 -22.34 -1.09
CA SER G 473 5.46 -22.38 -2.30
C SER G 473 6.94 -22.34 -1.99
N SER G 474 7.32 -21.63 -0.92
CA SER G 474 8.71 -21.53 -0.52
C SER G 474 9.54 -20.86 -1.61
N THR G 475 9.22 -21.17 -2.88
CA THR G 475 9.96 -20.66 -4.05
C THR G 475 11.45 -20.91 -3.89
N ALA G 476 11.79 -22.13 -3.48
CA ALA G 476 13.18 -22.58 -3.33
C ALA G 476 13.25 -23.98 -3.90
N PRO G 477 13.33 -24.10 -5.22
CA PRO G 477 13.35 -25.44 -5.83
C PRO G 477 14.70 -26.09 -5.59
N HIS G 478 14.68 -27.35 -5.16
CA HIS G 478 15.89 -28.11 -4.90
C HIS G 478 16.00 -29.30 -5.84
N GLU G 479 17.17 -29.41 -6.46
CA GLU G 479 17.42 -30.46 -7.44
C GLU G 479 17.54 -31.81 -6.74
N THR G 480 16.96 -32.83 -7.35
CA THR G 480 16.99 -34.19 -6.82
C THR G 480 17.66 -35.07 -7.87
N SER G 481 18.69 -35.82 -7.45
CA SER G 481 19.43 -36.72 -8.34
C SER G 481 19.24 -38.17 -7.94
N PHE G 482 19.14 -39.04 -8.94
CA PHE G 482 18.91 -40.46 -8.70
C PHE G 482 20.03 -41.08 -7.89
N GLY G 483 19.66 -41.87 -6.88
CA GLY G 483 20.61 -42.53 -6.02
C GLY G 483 20.86 -41.82 -4.72
N GLU G 484 20.45 -40.56 -4.61
CA GLU G 484 20.66 -39.81 -3.38
C GLU G 484 19.69 -40.30 -2.30
N GLU G 485 20.19 -40.33 -1.06
CA GLU G 485 19.38 -40.70 0.09
C GLU G 485 18.61 -39.48 0.58
N VAL G 486 17.44 -39.73 1.17
CA VAL G 486 16.67 -38.71 1.87
C VAL G 486 16.15 -39.36 3.14
N GLU G 487 16.06 -38.60 4.23
CA GLU G 487 15.48 -39.09 5.46
C GLU G 487 14.01 -38.67 5.51
N VAL G 488 13.14 -39.60 5.88
CA VAL G 488 11.72 -39.35 6.06
C VAL G 488 11.39 -39.55 7.54
N HIS G 489 10.86 -38.52 8.18
CA HIS G 489 10.66 -38.50 9.62
C HIS G 489 9.19 -38.66 9.95
N ASN G 490 8.89 -39.43 10.99
CA ASN G 490 7.52 -39.72 11.38
C ASN G 490 7.45 -39.68 12.89
N LEU G 491 6.24 -39.49 13.41
CA LEU G 491 5.95 -39.69 14.82
C LEU G 491 5.19 -41.02 14.95
N LEU G 492 5.78 -41.95 15.68
CA LEU G 492 5.21 -43.28 15.89
C LEU G 492 4.53 -43.32 17.25
N ILE G 493 3.30 -43.83 17.28
CA ILE G 493 2.56 -44.06 18.51
C ILE G 493 2.60 -45.54 18.85
N ILE G 494 3.07 -45.86 20.05
CA ILE G 494 3.40 -47.22 20.44
C ILE G 494 2.62 -47.54 21.72
N ASP G 495 2.00 -48.73 21.76
CA ASP G 495 1.21 -49.14 22.92
C ASP G 495 2.10 -49.64 24.06
N GLN G 496 1.70 -49.36 25.30
CA GLN G 496 2.55 -49.64 26.45
C GLN G 496 2.58 -51.12 26.80
N HIS G 497 1.67 -51.95 26.28
CA HIS G 497 1.69 -53.39 26.53
C HIS G 497 2.05 -54.18 25.28
N THR G 498 1.39 -53.91 24.15
CA THR G 498 1.67 -54.67 22.95
C THR G 498 2.90 -54.12 22.23
N PHE G 499 3.15 -52.83 22.37
CA PHE G 499 4.20 -52.13 21.64
C PHE G 499 4.00 -52.23 20.14
N GLU G 500 2.75 -52.42 19.74
CA GLU G 500 2.37 -52.36 18.35
C GLU G 500 2.43 -50.91 17.87
N VAL G 501 2.84 -50.71 16.63
CA VAL G 501 2.85 -49.38 16.05
C VAL G 501 1.40 -49.03 15.74
N LEU G 502 0.82 -48.13 16.52
CA LEU G 502 -0.59 -47.82 16.34
C LEU G 502 -0.82 -46.77 15.25
N HIS G 503 0.05 -45.76 15.18
CA HIS G 503 -0.14 -44.67 14.23
C HIS G 503 1.24 -44.16 13.83
N ALA G 504 1.30 -43.53 12.66
CA ALA G 504 2.52 -42.92 12.16
C ALA G 504 2.17 -41.64 11.41
N HIS G 505 2.90 -40.56 11.68
CA HIS G 505 2.67 -39.32 10.94
C HIS G 505 3.96 -39.04 10.15
N GLN G 506 3.88 -39.11 8.82
CA GLN G 506 5.03 -38.76 7.99
C GLN G 506 5.01 -37.24 7.89
N PHE G 507 6.11 -36.59 8.27
CA PHE G 507 6.19 -35.14 8.28
C PHE G 507 6.49 -34.62 6.87
N LEU G 508 6.52 -33.29 6.71
CA LEU G 508 6.67 -32.73 5.38
C LEU G 508 8.02 -33.13 4.77
N GLN G 509 8.06 -33.10 3.44
CA GLN G 509 9.26 -33.50 2.71
C GLN G 509 10.43 -32.60 3.13
N ASN G 510 11.56 -33.25 3.46
CA ASN G 510 12.77 -32.57 3.92
C ASN G 510 12.57 -31.88 5.26
N GLU G 511 11.64 -32.39 6.07
CA GLU G 511 11.42 -31.96 7.44
C GLU G 511 11.96 -33.01 8.41
N TYR G 512 12.78 -32.58 9.36
CA TYR G 512 13.33 -33.44 10.40
C TYR G 512 12.65 -33.18 11.75
N ALA G 513 12.35 -34.27 12.47
CA ALA G 513 11.78 -34.18 13.81
C ALA G 513 12.90 -34.14 14.83
N LEU G 514 12.94 -33.07 15.64
CA LEU G 514 14.04 -32.88 16.56
C LEU G 514 13.65 -32.89 18.03
N SER G 515 12.39 -32.62 18.37
CA SER G 515 11.99 -32.49 19.76
C SER G 515 10.58 -33.02 19.95
N LEU G 516 10.34 -33.61 21.12
CA LEU G 516 9.05 -34.21 21.42
C LEU G 516 8.72 -34.06 22.90
N VAL G 517 7.50 -33.62 23.19
CA VAL G 517 6.99 -33.59 24.56
C VAL G 517 5.55 -34.09 24.59
N SER G 518 5.14 -34.54 25.77
CA SER G 518 3.76 -34.88 26.10
C SER G 518 3.36 -34.07 27.32
N CYS G 519 2.32 -33.26 27.20
CA CYS G 519 1.94 -32.42 28.32
C CYS G 519 0.56 -31.78 28.08
N LYS G 520 0.01 -31.24 29.16
CA LYS G 520 -1.14 -30.34 29.12
C LYS G 520 -0.64 -28.91 29.17
N LEU G 521 -1.30 -28.02 28.44
CA LEU G 521 -0.91 -26.62 28.38
C LEU G 521 -2.09 -25.73 28.77
N GLY G 522 -1.77 -24.57 29.35
CA GLY G 522 -2.79 -23.59 29.71
C GLY G 522 -3.83 -24.24 30.60
N LYS G 523 -5.09 -23.92 30.34
CA LYS G 523 -6.21 -24.56 31.02
C LYS G 523 -6.87 -25.64 30.15
N ASP G 524 -6.19 -26.07 29.10
CA ASP G 524 -6.76 -27.08 28.19
C ASP G 524 -6.56 -28.45 28.80
N PRO G 525 -7.64 -29.17 29.11
CA PRO G 525 -7.49 -30.46 29.82
C PRO G 525 -6.93 -31.57 28.96
N ASN G 526 -6.93 -31.41 27.64
CA ASN G 526 -6.45 -32.45 26.75
C ASN G 526 -4.94 -32.58 26.87
N THR G 527 -4.45 -33.81 26.81
CA THR G 527 -3.01 -34.07 26.82
C THR G 527 -2.55 -34.22 25.37
N TYR G 528 -1.58 -33.42 24.97
CA TYR G 528 -1.13 -33.33 23.59
C TYR G 528 0.30 -33.85 23.45
N PHE G 529 0.62 -34.30 22.24
CA PHE G 529 1.99 -34.52 21.77
C PHE G 529 2.41 -33.31 20.95
N ILE G 530 3.52 -32.66 21.32
CA ILE G 530 3.99 -31.48 20.60
C ILE G 530 5.37 -31.79 20.02
N VAL G 531 5.53 -31.54 18.73
CA VAL G 531 6.73 -31.92 18.00
C VAL G 531 7.44 -30.67 17.48
N GLY G 532 8.77 -30.70 17.52
CA GLY G 532 9.61 -29.63 16.97
C GLY G 532 10.35 -30.12 15.74
N THR G 533 10.17 -29.39 14.64
CA THR G 533 10.70 -29.76 13.34
C THR G 533 11.63 -28.67 12.82
N ALA G 534 12.46 -29.03 11.83
CA ALA G 534 13.30 -28.08 11.14
C ALA G 534 13.36 -28.44 9.66
N MET G 535 13.25 -27.44 8.79
CA MET G 535 13.34 -27.67 7.35
C MET G 535 14.81 -27.75 6.95
N VAL G 536 15.21 -28.93 6.46
CA VAL G 536 16.60 -29.27 6.22
C VAL G 536 16.88 -29.40 4.73
N TYR G 537 17.75 -28.54 4.23
CA TYR G 537 18.26 -28.60 2.87
C TYR G 537 19.78 -28.58 2.92
N PRO G 538 20.46 -29.44 2.15
CA PRO G 538 21.93 -29.40 2.18
C PRO G 538 22.47 -27.99 1.97
N GLU G 539 21.73 -27.13 1.26
CA GLU G 539 22.24 -25.81 0.93
C GLU G 539 22.33 -24.91 2.16
N GLU G 540 21.45 -25.10 3.15
CA GLU G 540 21.45 -24.24 4.32
C GLU G 540 22.40 -24.82 5.35
N ALA G 541 23.41 -24.05 5.76
CA ALA G 541 24.25 -24.51 6.85
C ALA G 541 23.45 -24.59 8.13
N GLU G 542 22.54 -23.65 8.33
CA GLU G 542 21.73 -23.57 9.53
C GLU G 542 20.29 -23.47 9.07
N PRO G 543 19.39 -24.32 9.57
CA PRO G 543 17.99 -24.23 9.13
C PRO G 543 17.41 -22.86 9.44
N LYS G 544 16.61 -22.36 8.50
CA LYS G 544 15.99 -21.04 8.63
C LYS G 544 14.47 -21.13 8.75
N GLN G 545 13.91 -22.32 8.69
CA GLN G 545 12.46 -22.51 8.81
C GLN G 545 12.20 -23.69 9.75
N GLY G 546 11.04 -23.69 10.38
CA GLY G 546 10.72 -24.75 11.31
C GLY G 546 9.28 -24.66 11.76
N ARG G 547 8.82 -25.77 12.35
CA ARG G 547 7.44 -25.90 12.80
C ARG G 547 7.39 -26.45 14.21
N ILE G 548 6.44 -25.95 14.99
CA ILE G 548 6.02 -26.55 16.25
C ILE G 548 4.59 -27.01 16.03
N VAL G 549 4.36 -28.30 16.20
CA VAL G 549 3.08 -28.92 15.90
C VAL G 549 2.51 -29.56 17.16
N VAL G 550 1.23 -29.27 17.43
CA VAL G 550 0.49 -29.83 18.55
C VAL G 550 -0.44 -30.91 18.03
N PHE G 551 -0.31 -32.12 18.57
CA PHE G 551 -1.11 -33.26 18.16
C PHE G 551 -1.98 -33.77 19.32
N GLN G 552 -3.09 -34.44 18.99
CA GLN G 552 -3.85 -35.21 19.97
C GLN G 552 -4.15 -36.60 19.42
N TYR G 553 -3.96 -37.62 20.26
CA TYR G 553 -4.30 -39.00 19.91
C TYR G 553 -5.73 -39.26 20.33
N SER G 554 -6.60 -39.53 19.37
CA SER G 554 -8.01 -39.80 19.65
C SER G 554 -8.42 -41.07 18.92
N ASP G 555 -8.72 -42.12 19.70
CA ASP G 555 -9.25 -43.36 19.17
C ASP G 555 -8.44 -43.86 17.98
N GLY G 556 -7.12 -43.90 18.14
CA GLY G 556 -6.26 -44.40 17.11
C GLY G 556 -5.97 -43.43 15.98
N LYS G 557 -6.25 -42.15 16.16
CA LYS G 557 -5.97 -41.15 15.15
C LYS G 557 -5.23 -40.00 15.81
N LEU G 558 -4.16 -39.52 15.17
CA LEU G 558 -3.40 -38.37 15.66
C LEU G 558 -3.89 -37.15 14.91
N GLN G 559 -4.45 -36.19 15.63
CA GLN G 559 -5.07 -35.02 15.01
C GLN G 559 -4.19 -33.79 15.21
N THR G 560 -3.95 -33.07 14.12
CA THR G 560 -3.26 -31.80 14.16
C THR G 560 -4.19 -30.74 14.75
N VAL G 561 -3.85 -30.26 15.95
CA VAL G 561 -4.70 -29.27 16.61
C VAL G 561 -4.26 -27.86 16.27
N ALA G 562 -2.96 -27.61 16.23
CA ALA G 562 -2.42 -26.28 16.02
C ALA G 562 -1.01 -26.39 15.45
N GLU G 563 -0.61 -25.37 14.70
CA GLU G 563 0.68 -25.32 14.04
C GLU G 563 1.29 -23.94 14.20
N LYS G 564 2.58 -23.89 14.52
CA LYS G 564 3.29 -22.64 14.73
C LYS G 564 4.55 -22.61 13.90
N GLU G 565 4.69 -21.58 13.05
CA GLU G 565 5.87 -21.43 12.22
C GLU G 565 6.99 -20.73 13.00
N VAL G 566 8.21 -21.23 12.84
CA VAL G 566 9.40 -20.61 13.43
C VAL G 566 10.48 -20.46 12.36
N LYS G 567 11.41 -19.53 12.62
CA LYS G 567 12.50 -19.25 11.67
C LYS G 567 13.79 -19.96 12.08
N GLY G 568 13.70 -21.27 12.28
CA GLY G 568 14.84 -22.02 12.76
C GLY G 568 14.38 -23.40 13.18
N ALA G 569 15.26 -24.08 13.89
CA ALA G 569 15.04 -25.46 14.31
C ALA G 569 14.63 -25.54 15.78
N VAL G 570 13.60 -26.33 16.06
CA VAL G 570 13.17 -26.55 17.45
C VAL G 570 14.04 -27.69 17.98
N TYR G 571 15.29 -27.33 18.33
CA TYR G 571 16.25 -28.36 18.73
C TYR G 571 15.77 -29.08 20.00
N SER G 572 15.22 -28.35 20.97
CA SER G 572 14.72 -28.97 22.19
C SER G 572 13.55 -28.15 22.73
N MET G 573 12.59 -28.86 23.33
CA MET G 573 11.38 -28.29 23.91
C MET G 573 11.13 -28.93 25.27
N VAL G 574 10.53 -28.16 26.18
CA VAL G 574 10.21 -28.66 27.52
C VAL G 574 8.94 -27.97 28.02
N GLU G 575 8.14 -28.71 28.79
CA GLU G 575 6.96 -28.12 29.42
C GLU G 575 7.39 -27.19 30.54
N PHE G 576 6.66 -26.09 30.72
CA PHE G 576 7.10 -25.07 31.69
C PHE G 576 5.87 -24.42 32.30
N ASN G 577 5.41 -24.98 33.43
CA ASN G 577 4.36 -24.36 34.22
C ASN G 577 3.16 -23.99 33.34
N GLY G 578 2.68 -24.96 32.58
CA GLY G 578 1.55 -24.76 31.70
C GLY G 578 1.86 -24.02 30.41
N LYS G 579 3.10 -23.60 30.22
CA LYS G 579 3.57 -22.95 29.01
C LYS G 579 4.61 -23.84 28.33
N LEU G 580 4.94 -23.50 27.09
CA LEU G 580 5.89 -24.27 26.30
C LEU G 580 7.18 -23.47 26.11
N LEU G 581 8.29 -24.04 26.56
CA LEU G 581 9.61 -23.43 26.42
C LEU G 581 10.34 -24.20 25.33
N ALA G 582 10.82 -23.48 24.31
CA ALA G 582 11.40 -24.10 23.13
C ALA G 582 12.63 -23.33 22.71
N SER G 583 13.55 -24.04 22.05
CA SER G 583 14.78 -23.44 21.53
C SER G 583 14.63 -23.42 20.01
N ILE G 584 14.69 -22.23 19.43
CA ILE G 584 14.59 -22.05 17.98
C ILE G 584 15.93 -21.44 17.54
N ASN G 585 16.83 -22.29 17.01
CA ASN G 585 18.19 -21.84 16.71
C ASN G 585 18.79 -21.19 17.95
N SER G 586 19.23 -19.93 17.86
CA SER G 586 19.79 -19.26 19.04
C SER G 586 18.71 -18.99 20.09
N THR G 587 17.54 -18.58 19.64
CA THR G 587 16.49 -18.10 20.54
C THR G 587 15.97 -19.22 21.43
N VAL G 588 15.72 -18.87 22.69
CA VAL G 588 15.00 -19.71 23.65
C VAL G 588 13.71 -18.96 23.94
N ARG G 589 12.57 -19.57 23.61
CA ARG G 589 11.30 -18.87 23.59
C ARG G 589 10.29 -19.60 24.47
N LEU G 590 9.46 -18.81 25.14
CA LEU G 590 8.38 -19.32 25.99
C LEU G 590 7.06 -18.97 25.33
N TYR G 591 6.26 -20.00 25.04
CA TYR G 591 4.96 -19.86 24.40
C TYR G 591 3.85 -20.06 25.43
N GLU G 592 2.75 -19.35 25.24
CA GLU G 592 1.51 -19.54 25.98
C GLU G 592 0.52 -20.28 25.09
N TRP G 593 -0.37 -21.07 25.72
CA TRP G 593 -1.38 -21.85 25.01
C TRP G 593 -2.72 -21.16 25.17
N THR G 594 -3.22 -20.56 24.09
CA THR G 594 -4.38 -19.68 24.23
C THR G 594 -5.67 -20.47 24.36
N THR G 595 -6.74 -19.74 24.70
CA THR G 595 -8.08 -20.30 24.72
C THR G 595 -8.55 -20.65 23.31
N GLU G 596 -7.85 -20.18 22.29
CA GLU G 596 -8.11 -20.48 20.91
C GLU G 596 -7.31 -21.68 20.39
N LYS G 597 -6.69 -22.43 21.30
CA LYS G 597 -5.89 -23.60 20.93
C LYS G 597 -4.80 -23.25 19.93
N GLU G 598 -4.06 -22.17 20.21
CA GLU G 598 -2.88 -21.82 19.43
C GLU G 598 -1.80 -21.23 20.33
N LEU G 599 -0.55 -21.38 19.88
CA LEU G 599 0.59 -20.92 20.66
C LEU G 599 0.85 -19.43 20.43
N ARG G 600 1.13 -18.71 21.51
CA ARG G 600 1.41 -17.28 21.50
C ARG G 600 2.71 -17.05 22.26
N THR G 601 3.64 -16.31 21.64
CA THR G 601 4.93 -16.05 22.22
C THR G 601 4.78 -15.06 23.37
N GLU G 602 5.36 -15.39 24.52
CA GLU G 602 5.37 -14.45 25.64
C GLU G 602 6.67 -13.64 25.71
N CYS G 603 7.81 -14.31 25.70
CA CYS G 603 9.10 -13.66 25.92
C CYS G 603 10.21 -14.54 25.34
N ASN G 604 11.37 -13.91 25.12
CA ASN G 604 12.47 -14.57 24.43
C ASN G 604 13.81 -14.28 25.11
N HIS G 605 14.76 -15.19 24.87
CA HIS G 605 16.17 -15.03 25.22
C HIS G 605 16.99 -15.38 23.99
N TYR G 606 17.95 -14.51 23.62
CA TYR G 606 18.68 -14.69 22.38
C TYR G 606 20.17 -14.95 22.53
N ASN G 607 20.74 -14.86 23.73
CA ASN G 607 22.20 -14.93 23.90
C ASN G 607 22.64 -16.40 23.91
N ASN G 608 22.51 -17.04 22.76
CA ASN G 608 22.96 -18.41 22.60
C ASN G 608 23.49 -18.58 21.20
N ILE G 609 24.58 -19.31 21.06
CA ILE G 609 25.07 -19.65 19.73
C ILE G 609 24.12 -20.63 19.07
N MET G 610 23.83 -21.74 19.76
CA MET G 610 22.85 -22.73 19.33
C MET G 610 22.34 -23.42 20.58
N ALA G 611 21.04 -23.28 20.86
CA ALA G 611 20.46 -23.74 22.11
C ALA G 611 20.09 -25.22 21.97
N LEU G 612 21.10 -26.07 22.10
CA LEU G 612 20.88 -27.47 21.74
C LEU G 612 19.99 -28.19 22.75
N TYR G 613 20.13 -27.90 24.05
CA TYR G 613 19.36 -28.65 25.05
C TYR G 613 18.76 -27.73 26.10
N LEU G 614 17.55 -28.08 26.56
CA LEU G 614 16.81 -27.31 27.55
C LEU G 614 16.29 -28.24 28.64
N LYS G 615 16.31 -27.75 29.89
CA LYS G 615 15.79 -28.45 31.07
C LYS G 615 15.35 -27.39 32.09
N THR G 616 14.37 -27.75 32.94
CA THR G 616 13.77 -26.77 33.84
C THR G 616 13.52 -27.32 35.25
N LYS G 617 13.31 -26.38 36.19
CA LYS G 617 12.92 -26.69 37.57
C LYS G 617 12.29 -25.45 38.19
N GLY G 618 11.01 -25.51 38.49
CA GLY G 618 10.31 -24.33 38.98
C GLY G 618 10.27 -23.28 37.89
N ASP G 619 10.71 -22.06 38.20
CA ASP G 619 10.84 -20.99 37.22
C ASP G 619 12.26 -20.87 36.70
N PHE G 620 13.13 -21.83 37.02
CA PHE G 620 14.52 -21.83 36.56
C PHE G 620 14.64 -22.71 35.31
N ILE G 621 15.50 -22.27 34.38
CA ILE G 621 15.72 -22.94 33.11
C ILE G 621 17.22 -23.16 32.94
N LEU G 622 17.60 -24.37 32.53
CA LEU G 622 18.99 -24.69 32.23
C LEU G 622 19.13 -24.85 30.73
N VAL G 623 20.04 -24.08 30.12
CA VAL G 623 20.22 -24.07 28.68
C VAL G 623 21.60 -24.64 28.37
N GLY G 624 21.65 -25.61 27.46
CA GLY G 624 22.91 -26.11 26.96
C GLY G 624 23.21 -25.43 25.63
N ASP G 625 24.45 -25.54 25.20
CA ASP G 625 24.86 -24.88 23.97
C ASP G 625 25.91 -25.70 23.24
N LEU G 626 26.09 -25.38 21.97
CA LEU G 626 27.05 -26.11 21.16
C LEU G 626 28.49 -25.88 21.63
N MET G 627 28.84 -24.63 21.95
CA MET G 627 30.21 -24.29 22.30
C MET G 627 30.34 -23.43 23.56
N ARG G 628 29.24 -22.96 24.13
CA ARG G 628 29.26 -22.01 25.23
C ARG G 628 28.83 -22.62 26.57
N SER G 629 29.01 -23.92 26.74
CA SER G 629 28.78 -24.59 28.03
C SER G 629 27.32 -24.34 28.41
N VAL G 630 27.02 -24.10 29.69
CA VAL G 630 25.66 -24.05 30.20
C VAL G 630 25.31 -22.65 30.70
N LEU G 631 24.02 -22.32 30.63
CA LEU G 631 23.50 -21.04 31.11
C LEU G 631 22.27 -21.26 31.98
N LEU G 632 22.21 -20.54 33.10
CA LEU G 632 21.05 -20.56 34.00
C LEU G 632 20.16 -19.34 33.73
N LEU G 633 18.95 -19.60 33.27
CA LEU G 633 17.96 -18.58 33.01
C LEU G 633 16.88 -18.64 34.09
N ALA G 634 16.23 -17.51 34.32
CA ALA G 634 15.10 -17.47 35.24
C ALA G 634 13.93 -16.80 34.55
N TYR G 635 12.74 -17.31 34.83
CA TYR G 635 11.50 -16.70 34.34
C TYR G 635 11.01 -15.76 35.44
N LYS G 636 10.86 -14.49 35.11
CA LYS G 636 10.36 -13.54 36.10
C LYS G 636 8.86 -13.33 35.95
N PRO G 637 8.01 -14.03 36.69
CA PRO G 637 6.57 -13.88 36.45
C PRO G 637 6.11 -12.45 36.67
N MET G 638 6.80 -11.71 37.55
CA MET G 638 6.42 -10.34 37.84
C MET G 638 6.48 -9.46 36.60
N GLU G 639 7.45 -9.73 35.71
CA GLU G 639 7.70 -8.91 34.54
C GLU G 639 7.25 -9.53 33.23
N GLY G 640 7.09 -10.84 33.16
CA GLY G 640 6.78 -11.50 31.90
C GLY G 640 7.98 -11.57 30.99
N ASN G 641 9.15 -11.91 31.53
CA ASN G 641 10.40 -11.91 30.78
C ASN G 641 11.35 -12.96 31.37
N PHE G 642 12.52 -13.10 30.76
CA PHE G 642 13.62 -13.91 31.26
C PHE G 642 14.67 -13.03 31.94
N GLU G 643 15.40 -13.59 32.90
CA GLU G 643 16.61 -12.99 33.43
C GLU G 643 17.76 -13.99 33.33
N GLU G 644 18.97 -13.47 33.15
CA GLU G 644 20.17 -14.31 33.00
C GLU G 644 20.78 -14.38 34.39
N ILE G 645 20.67 -15.53 35.05
CA ILE G 645 21.17 -15.63 36.42
C ILE G 645 22.68 -15.81 36.44
N ALA G 646 23.20 -16.77 35.68
CA ALA G 646 24.62 -17.07 35.75
C ALA G 646 25.00 -18.03 34.63
N ARG G 647 26.22 -17.85 34.11
CA ARG G 647 26.70 -18.60 32.98
C ARG G 647 28.06 -19.23 33.33
N ASP G 648 28.34 -20.39 32.72
CA ASP G 648 29.67 -20.98 32.80
C ASP G 648 30.47 -20.46 31.62
N PHE G 649 31.38 -19.52 31.85
CA PHE G 649 32.11 -18.92 30.76
C PHE G 649 33.15 -19.86 30.15
N ASN G 650 33.62 -20.88 30.86
CA ASN G 650 34.52 -21.85 30.24
C ASN G 650 33.84 -22.44 29.01
N PRO G 651 34.49 -22.46 27.84
CA PRO G 651 33.83 -23.01 26.66
C PRO G 651 33.96 -24.53 26.68
N ASN G 652 32.81 -25.20 26.58
CA ASN G 652 32.76 -26.65 26.47
C ASN G 652 31.74 -26.99 25.40
N TRP G 653 32.02 -28.05 24.65
CA TRP G 653 31.07 -28.61 23.70
C TRP G 653 30.12 -29.50 24.49
N MET G 654 28.83 -29.33 24.26
CA MET G 654 27.81 -30.00 25.06
C MET G 654 27.08 -31.11 24.31
N SER G 655 26.83 -32.20 25.03
CA SER G 655 26.03 -33.32 24.56
C SER G 655 24.71 -33.47 25.31
N ALA G 656 24.68 -33.19 26.61
CA ALA G 656 23.43 -33.17 27.33
C ALA G 656 23.63 -32.46 28.67
N VAL G 657 22.54 -31.88 29.16
CA VAL G 657 22.54 -31.17 30.44
C VAL G 657 21.30 -31.58 31.23
N GLU G 658 21.46 -31.68 32.54
CA GLU G 658 20.40 -31.99 33.48
C GLU G 658 20.64 -31.21 34.76
N ILE G 659 19.55 -30.87 35.43
CA ILE G 659 19.60 -30.11 36.67
C ILE G 659 19.63 -31.07 37.85
N LEU G 660 20.60 -30.88 38.76
CA LEU G 660 20.69 -31.73 39.95
C LEU G 660 19.88 -31.16 41.12
N ASP G 661 20.07 -29.89 41.48
CA ASP G 661 19.28 -29.23 42.49
C ASP G 661 19.30 -27.73 42.19
N ASP G 662 18.66 -26.94 43.04
CA ASP G 662 18.50 -25.50 42.76
C ASP G 662 19.83 -24.77 42.61
N ASP G 663 20.95 -25.37 43.05
CA ASP G 663 22.26 -24.74 42.91
C ASP G 663 23.25 -25.52 42.06
N ASN G 664 23.09 -26.83 41.88
CA ASN G 664 24.04 -27.66 41.13
C ASN G 664 23.49 -28.07 39.76
N PHE G 665 24.37 -28.06 38.74
CA PHE G 665 24.02 -28.35 37.36
C PHE G 665 25.02 -29.29 36.71
N LEU G 666 24.53 -30.29 35.96
CA LEU G 666 25.36 -31.33 35.39
C LEU G 666 25.44 -31.24 33.87
N GLY G 667 26.60 -31.62 33.32
CA GLY G 667 26.84 -31.52 31.89
C GLY G 667 27.73 -32.62 31.34
N ALA G 668 27.65 -32.80 30.03
CA ALA G 668 28.45 -33.77 29.28
C ALA G 668 29.08 -33.07 28.07
N GLU G 669 30.24 -33.58 27.67
CA GLU G 669 31.03 -33.02 26.57
C GLU G 669 31.33 -34.09 25.53
N ASN G 670 31.60 -33.65 24.31
CA ASN G 670 32.05 -34.64 23.33
C ASN G 670 33.47 -35.10 23.63
N ALA G 671 34.07 -34.59 24.71
CA ALA G 671 35.36 -35.03 25.19
C ALA G 671 35.24 -36.19 26.16
N PHE G 672 34.06 -36.79 26.25
CA PHE G 672 33.79 -37.90 27.15
C PHE G 672 34.01 -37.49 28.60
N ASN G 673 33.61 -36.24 28.93
CA ASN G 673 33.77 -35.68 30.27
C ASN G 673 32.44 -35.24 30.87
N LEU G 674 32.40 -35.17 32.19
CA LEU G 674 31.26 -34.65 32.95
C LEU G 674 31.72 -33.53 33.86
N PHE G 675 30.92 -32.47 33.97
CA PHE G 675 31.26 -31.36 34.85
C PHE G 675 30.01 -30.94 35.62
N VAL G 676 30.22 -30.30 36.76
CA VAL G 676 29.14 -29.79 37.61
C VAL G 676 29.42 -28.32 37.91
N CYS G 677 28.46 -27.46 37.60
CA CYS G 677 28.56 -26.03 37.85
C CYS G 677 27.65 -25.64 39.01
N GLN G 678 28.11 -24.69 39.81
CA GLN G 678 27.35 -24.22 40.98
C GLN G 678 27.22 -22.71 40.93
N LYS G 679 26.06 -22.21 41.37
CA LYS G 679 25.88 -20.79 41.54
C LYS G 679 26.81 -20.31 42.66
N ASP G 680 27.44 -19.14 42.49
CA ASP G 680 28.31 -18.66 43.56
C ASP G 680 27.47 -18.24 44.76
N SER G 681 26.71 -19.18 45.32
CA SER G 681 25.91 -18.99 46.53
C SER G 681 25.02 -17.76 46.34
N ALA G 682 25.00 -16.83 47.29
CA ALA G 682 24.25 -15.58 47.21
C ALA G 682 25.20 -14.41 47.48
N ALA G 683 26.22 -14.28 46.63
CA ALA G 683 27.28 -13.33 46.90
C ALA G 683 26.78 -11.89 46.79
N THR G 684 27.49 -11.01 47.52
CA THR G 684 27.20 -9.58 47.49
C THR G 684 27.57 -8.93 46.16
N THR G 685 28.45 -9.55 45.38
CA THR G 685 28.92 -8.97 44.13
C THR G 685 28.09 -9.53 42.99
N ASP G 686 27.57 -8.65 42.14
CA ASP G 686 26.79 -9.11 40.99
C ASP G 686 27.65 -9.93 40.03
N GLU G 687 28.93 -9.59 39.94
CA GLU G 687 29.81 -10.35 39.07
C GLU G 687 29.99 -11.78 39.56
N GLU G 688 30.10 -11.97 40.88
CA GLU G 688 30.18 -13.33 41.41
C GLU G 688 28.89 -14.11 41.21
N ARG G 689 27.74 -13.48 41.42
CA ARG G 689 26.48 -14.18 41.20
C ARG G 689 26.34 -14.63 39.75
N GLN G 690 26.69 -13.77 38.80
CA GLN G 690 26.51 -14.06 37.38
C GLN G 690 27.51 -15.07 36.83
N HIS G 691 28.37 -15.63 37.67
CA HIS G 691 29.40 -16.58 37.28
C HIS G 691 29.12 -17.96 37.84
N LEU G 692 28.84 -18.92 36.97
CA LEU G 692 28.80 -20.34 37.32
C LEU G 692 30.21 -20.92 37.47
N GLN G 693 30.42 -21.67 38.55
CA GLN G 693 31.72 -22.21 38.91
C GLN G 693 31.73 -23.70 38.60
N GLU G 694 32.65 -24.13 37.72
CA GLU G 694 32.83 -25.56 37.46
C GLU G 694 33.43 -26.19 38.70
N VAL G 695 32.60 -26.85 39.50
CA VAL G 695 33.03 -27.40 40.77
C VAL G 695 33.28 -28.90 40.74
N GLY G 696 32.75 -29.61 39.75
CA GLY G 696 32.97 -31.04 39.60
C GLY G 696 33.49 -31.39 38.22
N LEU G 697 34.53 -32.20 38.15
CA LEU G 697 35.12 -32.61 36.88
C LEU G 697 35.46 -34.10 36.94
N PHE G 698 35.01 -34.85 35.93
CA PHE G 698 35.17 -36.30 35.91
C PHE G 698 35.15 -36.73 34.44
N HIS G 699 36.10 -37.59 34.06
CA HIS G 699 36.14 -38.18 32.74
C HIS G 699 35.31 -39.45 32.75
N LEU G 700 34.12 -39.41 32.14
CA LEU G 700 33.27 -40.60 32.14
C LEU G 700 33.84 -41.67 31.23
N GLY G 701 34.35 -41.26 30.06
CA GLY G 701 34.82 -42.19 29.06
C GLY G 701 33.77 -42.61 28.06
N GLU G 702 32.57 -42.06 28.16
CA GLU G 702 31.44 -42.39 27.31
C GLU G 702 30.77 -41.11 26.84
N PHE G 703 30.00 -41.22 25.77
CA PHE G 703 29.30 -40.07 25.18
C PHE G 703 27.88 -40.09 25.75
N VAL G 704 27.56 -39.14 26.62
CA VAL G 704 26.22 -39.05 27.22
C VAL G 704 25.33 -38.29 26.24
N ASN G 705 24.29 -38.95 25.74
CA ASN G 705 23.30 -38.31 24.89
C ASN G 705 22.06 -37.85 25.66
N VAL G 706 21.69 -38.52 26.75
CA VAL G 706 20.47 -38.21 27.47
C VAL G 706 20.68 -38.38 28.96
N PHE G 707 20.23 -37.38 29.73
CA PHE G 707 20.10 -37.44 31.18
C PHE G 707 18.63 -37.53 31.55
N CYS G 708 18.29 -38.45 32.46
CA CYS G 708 16.91 -38.60 32.87
C CYS G 708 16.85 -38.86 34.36
N HIS G 709 16.05 -38.06 35.07
CA HIS G 709 15.87 -38.19 36.51
C HIS G 709 15.04 -39.43 36.84
N GLY G 710 15.55 -40.27 37.73
CA GLY G 710 14.80 -41.44 38.15
C GLY G 710 15.72 -42.52 38.68
N SER G 711 15.09 -43.65 39.01
CA SER G 711 15.84 -44.81 39.46
C SER G 711 15.12 -46.08 39.06
N LEU G 712 15.90 -47.12 38.80
CA LEU G 712 15.38 -48.44 38.48
C LEU G 712 15.15 -49.33 39.69
N VAL G 713 15.55 -48.88 40.87
CA VAL G 713 15.34 -49.65 42.10
C VAL G 713 14.02 -49.25 42.72
N MET G 714 13.50 -50.14 43.56
CA MET G 714 12.24 -49.87 44.22
C MET G 714 12.44 -48.69 45.17
N GLN G 715 11.74 -47.59 44.90
CA GLN G 715 11.76 -46.45 45.79
C GLN G 715 10.80 -46.74 46.94
N ASN G 716 11.32 -46.79 48.17
CA ASN G 716 10.41 -47.09 49.26
C ASN G 716 9.58 -45.86 49.62
N LEU G 717 8.29 -46.09 49.85
CA LEU G 717 7.40 -45.03 50.30
C LEU G 717 7.89 -44.43 51.60
N GLY G 718 8.54 -45.24 52.44
CA GLY G 718 9.07 -44.77 53.70
C GLY G 718 10.54 -44.44 53.51
N GLU G 719 10.93 -43.27 54.02
CA GLU G 719 12.28 -42.78 53.85
C GLU G 719 13.25 -43.51 54.79
N THR G 720 14.53 -43.48 54.41
CA THR G 720 15.62 -44.02 55.20
C THR G 720 16.77 -43.02 55.12
N SER G 721 17.80 -43.20 55.94
CA SER G 721 18.92 -42.26 55.98
C SER G 721 19.92 -42.75 54.94
N THR G 722 19.61 -42.47 53.69
CA THR G 722 20.41 -42.94 52.57
C THR G 722 21.74 -42.19 52.52
N PRO G 723 22.84 -42.88 52.18
CA PRO G 723 24.09 -42.13 51.92
C PRO G 723 23.99 -41.21 50.72
N THR G 724 23.39 -41.66 49.63
CA THR G 724 23.18 -40.90 48.42
C THR G 724 21.79 -40.25 48.41
N GLN G 725 21.71 -39.06 47.80
CA GLN G 725 20.44 -38.38 47.60
C GLN G 725 20.24 -37.99 46.14
N GLY G 726 19.11 -38.37 45.57
CA GLY G 726 18.75 -38.10 44.18
C GLY G 726 19.39 -39.10 43.23
N SER G 727 18.70 -39.33 42.13
CA SER G 727 19.19 -40.30 41.14
C SER G 727 18.87 -39.81 39.72
N VAL G 728 19.93 -39.56 38.94
CA VAL G 728 19.83 -39.14 37.56
C VAL G 728 20.56 -40.20 36.73
N LEU G 729 19.83 -40.90 35.88
CA LEU G 729 20.35 -41.93 34.98
C LEU G 729 20.75 -41.29 33.66
N PHE G 730 21.79 -41.84 33.02
CA PHE G 730 22.26 -41.33 31.74
C PHE G 730 22.51 -42.46 30.75
N GLY G 731 22.31 -42.14 29.48
CA GLY G 731 22.51 -43.07 28.38
C GLY G 731 23.64 -42.63 27.47
N THR G 732 24.38 -43.60 26.95
CA THR G 732 25.61 -43.32 26.22
C THR G 732 25.57 -43.93 24.82
N VAL G 733 26.57 -43.55 24.02
CA VAL G 733 26.64 -44.06 22.65
C VAL G 733 26.97 -45.54 22.62
N ASN G 734 27.80 -46.00 23.53
CA ASN G 734 28.23 -47.39 23.54
C ASN G 734 27.28 -48.29 24.34
N GLY G 735 26.09 -47.79 24.66
CA GLY G 735 25.10 -48.54 25.39
C GLY G 735 25.22 -48.48 26.90
N MET G 736 26.32 -47.94 27.43
CA MET G 736 26.49 -47.85 28.88
C MET G 736 25.40 -46.97 29.50
N ILE G 737 24.82 -47.46 30.61
CA ILE G 737 23.86 -46.70 31.40
C ILE G 737 24.38 -46.56 32.82
N GLY G 738 24.39 -45.32 33.34
CA GLY G 738 24.88 -45.02 34.67
C GLY G 738 23.97 -44.08 35.43
N LEU G 739 24.40 -43.70 36.64
CA LEU G 739 23.63 -42.81 37.50
C LEU G 739 24.56 -41.88 38.29
N VAL G 740 24.12 -40.63 38.48
CA VAL G 740 24.83 -39.61 39.25
C VAL G 740 23.97 -39.23 40.44
N THR G 741 24.57 -39.17 41.63
CA THR G 741 23.89 -38.81 42.85
C THR G 741 24.76 -37.92 43.72
N SER G 742 24.13 -37.13 44.58
CA SER G 742 24.81 -36.23 45.47
C SER G 742 25.15 -36.94 46.77
N LEU G 743 26.25 -36.53 47.41
CA LEU G 743 26.73 -37.10 48.66
C LEU G 743 26.97 -35.96 49.63
N SER G 744 26.83 -36.25 50.93
CA SER G 744 27.11 -35.25 51.94
C SER G 744 28.63 -35.11 52.08
N GLU G 745 29.08 -33.94 52.56
CA GLU G 745 30.52 -33.69 52.63
C GLU G 745 31.22 -34.83 53.37
N SER G 746 30.63 -35.30 54.48
CA SER G 746 31.24 -36.39 55.23
C SER G 746 31.37 -37.64 54.37
N TRP G 747 30.33 -37.94 53.59
CA TRP G 747 30.34 -39.15 52.77
C TRP G 747 31.37 -39.07 51.65
N TYR G 748 31.49 -37.90 51.02
CA TYR G 748 32.48 -37.72 49.96
C TYR G 748 33.87 -37.95 50.54
N ASN G 749 34.18 -37.30 51.67
CA ASN G 749 35.52 -37.41 52.22
C ASN G 749 35.85 -38.85 52.57
N LEU G 750 34.88 -39.59 53.13
CA LEU G 750 35.12 -40.99 53.44
C LEU G 750 35.43 -41.76 52.16
N LEU G 751 34.57 -41.63 51.15
CA LEU G 751 34.73 -42.38 49.91
C LEU G 751 35.97 -41.96 49.15
N LEU G 752 36.29 -40.67 49.13
CA LEU G 752 37.51 -40.23 48.46
C LEU G 752 38.73 -40.84 49.12
N ASP G 753 38.80 -40.77 50.45
CA ASP G 753 39.90 -41.39 51.18
C ASP G 753 39.99 -42.88 50.85
N MET G 754 38.85 -43.54 50.71
CA MET G 754 38.87 -44.95 50.35
C MET G 754 39.39 -45.17 48.94
N GLN G 755 39.06 -44.26 48.01
CA GLN G 755 39.54 -44.42 46.64
C GLN G 755 41.06 -44.35 46.60
N ASN G 756 41.64 -43.26 47.10
CA ASN G 756 43.08 -43.11 47.13
C ASN G 756 43.74 -44.27 47.86
N ARG G 757 43.05 -44.85 48.85
CA ARG G 757 43.54 -46.07 49.48
C ARG G 757 43.36 -47.26 48.56
N LEU G 758 42.20 -47.37 47.92
CA LEU G 758 41.93 -48.50 47.05
C LEU G 758 42.91 -48.52 45.89
N ASN G 759 43.29 -47.34 45.38
CA ASN G 759 44.18 -47.29 44.23
C ASN G 759 45.57 -47.81 44.55
N LYS G 760 46.05 -47.64 45.79
CA LYS G 760 47.34 -48.18 46.17
C LYS G 760 47.30 -49.70 46.23
N VAL G 761 46.11 -50.28 46.44
CA VAL G 761 45.94 -51.72 46.60
C VAL G 761 45.70 -52.42 45.29
N ILE G 762 44.84 -51.85 44.45
CA ILE G 762 44.31 -52.54 43.28
C ILE G 762 45.27 -52.43 42.12
N LYS G 763 45.50 -53.54 41.44
CA LYS G 763 46.30 -53.55 40.21
C LYS G 763 45.39 -53.42 39.00
N SER G 764 45.67 -52.43 38.15
CA SER G 764 44.93 -52.17 36.93
C SER G 764 45.63 -52.85 35.75
N VAL G 765 44.83 -53.26 34.75
CA VAL G 765 45.43 -53.80 33.54
C VAL G 765 46.18 -52.68 32.82
N GLY G 766 47.41 -52.97 32.42
CA GLY G 766 48.27 -51.98 31.82
C GLY G 766 48.98 -51.05 32.78
N LYS G 767 48.79 -51.22 34.08
CA LYS G 767 49.42 -50.37 35.10
C LYS G 767 49.07 -48.90 34.84
N ILE G 768 47.78 -48.64 34.59
CA ILE G 768 47.29 -47.28 34.37
C ILE G 768 46.83 -46.67 35.69
N GLU G 769 47.39 -45.51 36.04
CA GLU G 769 46.98 -44.79 37.23
C GLU G 769 45.52 -44.37 37.14
N HIS G 770 44.74 -44.70 38.17
CA HIS G 770 43.32 -44.35 38.20
C HIS G 770 43.12 -42.84 38.12
N SER G 771 43.94 -42.08 38.86
CA SER G 771 43.81 -40.62 38.84
C SER G 771 43.97 -40.07 37.43
N PHE G 772 44.86 -40.66 36.62
CA PHE G 772 45.05 -40.22 35.24
C PHE G 772 43.82 -40.49 34.38
N TRP G 773 43.30 -41.72 34.44
CA TRP G 773 42.16 -42.11 33.63
C TRP G 773 40.96 -41.20 33.85
N ARG G 774 40.61 -40.95 35.13
CA ARG G 774 39.44 -40.14 35.43
C ARG G 774 39.71 -38.64 35.37
N SER G 775 40.95 -38.22 35.07
CA SER G 775 41.21 -36.80 34.92
C SER G 775 40.47 -36.25 33.70
N PHE G 776 39.85 -35.09 33.89
CA PHE G 776 39.21 -34.34 32.81
C PHE G 776 40.17 -34.21 31.64
N HIS G 777 39.70 -34.46 30.43
CA HIS G 777 40.62 -34.47 29.31
C HIS G 777 39.96 -34.04 28.01
N THR G 778 40.52 -32.97 27.42
CA THR G 778 40.27 -32.58 26.05
C THR G 778 41.61 -32.59 25.33
N GLU G 779 41.60 -32.44 24.01
CA GLU G 779 42.87 -32.36 23.30
C GLU G 779 43.72 -31.19 23.81
N ARG G 780 43.09 -30.17 24.39
CA ARG G 780 43.79 -28.94 24.75
C ARG G 780 44.07 -28.79 26.24
N LYS G 781 43.25 -29.37 27.12
CA LYS G 781 43.55 -29.28 28.55
C LYS G 781 43.34 -30.64 29.21
N THR G 782 44.06 -30.84 30.32
CA THR G 782 43.88 -31.99 31.20
C THR G 782 43.97 -31.48 32.63
N GLU G 783 42.93 -31.74 33.43
CA GLU G 783 42.87 -31.38 34.84
C GLU G 783 42.47 -32.60 35.65
N PRO G 784 42.95 -32.71 36.89
CA PRO G 784 42.53 -33.84 37.74
C PRO G 784 41.05 -33.76 38.12
N ALA G 785 40.44 -34.94 38.26
CA ALA G 785 39.04 -35.01 38.62
C ALA G 785 38.80 -34.39 39.99
N THR G 786 37.62 -33.82 40.17
CA THR G 786 37.24 -33.20 41.43
C THR G 786 35.73 -33.25 41.57
N GLY G 787 35.26 -33.48 42.79
CA GLY G 787 33.83 -33.47 43.06
C GLY G 787 33.08 -34.70 42.61
N PHE G 788 33.77 -35.75 42.16
CA PHE G 788 33.14 -36.96 41.67
C PHE G 788 33.83 -38.19 42.25
N ILE G 789 33.04 -39.17 42.66
CA ILE G 789 33.51 -40.46 43.17
C ILE G 789 33.22 -41.57 42.17
N ASP G 790 34.25 -42.33 41.81
CA ASP G 790 34.11 -43.44 40.86
C ASP G 790 33.40 -44.61 41.53
N GLY G 791 32.09 -44.72 41.33
CA GLY G 791 31.34 -45.73 42.04
C GLY G 791 31.84 -47.15 41.77
N ASP G 792 32.32 -47.40 40.55
CA ASP G 792 32.80 -48.73 40.19
C ASP G 792 34.08 -49.09 40.94
N LEU G 793 34.83 -48.08 41.39
CA LEU G 793 35.98 -48.35 42.24
C LEU G 793 35.55 -48.62 43.68
N ILE G 794 34.71 -47.75 44.23
CA ILE G 794 34.18 -47.97 45.58
C ILE G 794 33.45 -49.31 45.66
N GLU G 795 32.66 -49.63 44.64
CA GLU G 795 31.93 -50.89 44.62
C GLU G 795 32.85 -52.07 44.31
N SER G 796 34.14 -51.83 44.12
CA SER G 796 35.11 -52.91 43.98
C SER G 796 35.65 -53.40 45.31
N PHE G 797 35.41 -52.65 46.40
CA PHE G 797 35.85 -53.08 47.72
C PHE G 797 35.35 -54.48 48.08
N LEU G 798 34.14 -54.80 47.65
CA LEU G 798 33.55 -56.09 48.00
C LEU G 798 34.33 -57.24 47.39
N ASP G 799 34.99 -57.01 46.26
CA ASP G 799 35.68 -58.05 45.53
C ASP G 799 37.15 -58.15 45.89
N ILE G 800 37.68 -57.25 46.76
CA ILE G 800 39.11 -57.32 47.05
C ILE G 800 39.36 -58.36 48.13
N SER G 801 40.59 -58.89 48.15
CA SER G 801 40.95 -59.93 49.09
C SER G 801 40.97 -59.38 50.52
N ARG G 802 40.77 -60.28 51.47
CA ARG G 802 40.73 -59.88 52.88
C ARG G 802 41.99 -59.19 53.37
N PRO G 803 43.19 -59.67 53.08
CA PRO G 803 44.40 -58.97 53.58
C PRO G 803 44.38 -57.50 53.24
N LYS G 804 43.97 -57.19 52.02
CA LYS G 804 43.92 -55.82 51.55
C LYS G 804 42.82 -55.04 52.25
N MET G 805 41.69 -55.69 52.56
CA MET G 805 40.60 -54.99 53.23
C MET G 805 41.10 -54.30 54.49
N GLN G 806 41.92 -55.00 55.28
CA GLN G 806 42.45 -54.39 56.48
C GLN G 806 43.32 -53.18 56.18
N GLU G 807 44.11 -53.25 55.11
CA GLU G 807 44.93 -52.10 54.76
C GLU G 807 44.07 -50.89 54.44
N VAL G 808 42.96 -51.10 53.73
CA VAL G 808 42.09 -50.00 53.35
C VAL G 808 41.42 -49.39 54.58
N VAL G 809 41.05 -50.23 55.55
CA VAL G 809 40.34 -49.74 56.73
C VAL G 809 41.31 -49.25 57.82
N ALA G 810 42.61 -49.41 57.61
CA ALA G 810 43.63 -49.00 58.56
C ALA G 810 43.77 -47.48 58.62
N ASN G 811 44.04 -46.97 59.83
CA ASN G 811 44.28 -45.54 60.02
C ASN G 811 43.12 -44.71 59.51
N LEU G 812 41.92 -45.28 59.58
CA LEU G 812 40.71 -44.68 59.05
C LEU G 812 39.70 -44.42 60.16
N GLN G 813 39.17 -43.20 60.23
CA GLN G 813 38.20 -42.83 61.26
C GLN G 813 36.83 -42.64 60.62
N TYR G 814 35.91 -43.54 60.94
CA TYR G 814 34.50 -43.56 60.56
C TYR G 814 33.65 -43.04 61.71
N ASP G 815 32.50 -42.49 61.38
CA ASP G 815 31.61 -41.90 62.38
C ASP G 815 30.41 -42.82 62.61
N ASP G 816 30.23 -43.24 63.87
CA ASP G 816 29.12 -44.10 64.31
C ASP G 816 28.18 -43.16 65.05
N GLY G 817 26.99 -42.94 64.50
CA GLY G 817 26.12 -41.93 65.07
C GLY G 817 26.71 -40.58 64.66
N SER G 818 26.86 -39.67 65.61
CA SER G 818 27.47 -38.36 65.35
C SER G 818 28.49 -38.05 66.44
N GLY G 819 29.69 -37.63 66.03
CA GLY G 819 30.75 -37.25 66.93
C GLY G 819 31.58 -38.36 67.53
N MET G 820 31.22 -39.62 67.27
CA MET G 820 31.94 -40.79 67.78
C MET G 820 32.79 -41.39 66.65
N LYS G 821 34.10 -41.15 66.72
CA LYS G 821 35.03 -41.66 65.73
C LYS G 821 35.56 -43.04 66.12
N ARG G 822 35.31 -44.04 65.28
CA ARG G 822 35.79 -45.39 65.54
C ARG G 822 36.63 -45.78 64.35
N GLU G 823 37.74 -46.49 64.59
CA GLU G 823 38.54 -46.93 63.45
C GLU G 823 37.65 -47.84 62.64
N ALA G 824 37.59 -47.61 61.34
CA ALA G 824 36.68 -48.41 60.55
C ALA G 824 37.12 -49.85 60.68
N THR G 825 36.17 -50.73 60.96
CA THR G 825 36.48 -52.14 60.92
C THR G 825 36.35 -52.55 59.46
N ALA G 826 36.86 -53.72 59.12
CA ALA G 826 36.63 -54.19 57.77
C ALA G 826 35.14 -54.28 57.51
N ASP G 827 34.38 -54.64 58.54
CA ASP G 827 32.93 -54.73 58.45
C ASP G 827 32.24 -53.37 58.43
N ASP G 828 32.88 -52.30 58.94
CA ASP G 828 32.27 -50.98 58.79
C ASP G 828 32.20 -50.59 57.31
N LEU G 829 33.28 -50.85 56.57
CA LEU G 829 33.29 -50.48 55.15
C LEU G 829 32.43 -51.40 54.30
N ILE G 830 32.44 -52.71 54.59
CA ILE G 830 31.64 -53.61 53.77
C ILE G 830 30.17 -53.22 53.85
N LYS G 831 29.72 -52.73 55.00
CA LYS G 831 28.37 -52.19 55.10
C LYS G 831 28.24 -50.92 54.27
N VAL G 832 29.19 -49.99 54.39
CA VAL G 832 29.09 -48.73 53.67
C VAL G 832 28.96 -48.99 52.17
N VAL G 833 29.80 -49.88 51.63
CA VAL G 833 29.78 -50.12 50.19
C VAL G 833 28.53 -50.89 49.78
N GLU G 834 28.14 -51.91 50.55
CA GLU G 834 26.95 -52.65 50.18
C GLU G 834 25.72 -51.76 50.14
N GLU G 835 25.57 -50.85 51.12
CA GLU G 835 24.43 -49.94 51.09
C GLU G 835 24.48 -49.02 49.87
N LEU G 836 25.69 -48.72 49.38
CA LEU G 836 25.81 -47.90 48.19
C LEU G 836 25.44 -48.67 46.92
N THR G 837 25.53 -49.99 46.93
CA THR G 837 25.16 -50.78 45.77
C THR G 837 23.63 -50.87 45.61
N ARG G 838 22.85 -50.16 46.42
CA ARG G 838 21.40 -50.32 46.33
C ARG G 838 20.85 -49.61 45.11
N ILE G 839 21.42 -48.44 44.78
CA ILE G 839 20.93 -47.59 43.71
C ILE G 839 21.18 -48.18 42.33
N HIS G 840 22.19 -49.01 42.16
CA HIS G 840 22.56 -49.49 40.82
C HIS G 840 21.78 -50.76 40.54
N THR H 7 27.32 15.70 18.50
CA THR H 7 28.17 15.39 17.36
C THR H 7 28.75 13.98 17.50
N GLU H 8 29.48 13.55 16.46
CA GLU H 8 30.07 12.21 16.46
C GLU H 8 31.14 12.03 17.52
N SER H 9 31.67 13.13 18.08
CA SER H 9 32.83 13.07 18.95
C SER H 9 32.52 13.15 20.45
N ASP H 10 31.31 13.57 20.82
CA ASP H 10 31.00 13.85 22.22
C ASP H 10 30.67 12.54 22.94
N TRP H 11 31.72 11.84 23.34
CA TRP H 11 31.59 10.55 23.99
C TRP H 11 31.30 10.73 25.47
N GLY H 12 30.73 9.70 26.07
CA GLY H 12 30.45 9.70 27.48
C GLY H 12 29.16 10.37 27.87
N LYS H 13 28.44 10.97 26.92
CA LYS H 13 27.20 11.67 27.22
C LYS H 13 25.96 10.83 26.90
N ARG H 14 25.94 10.17 25.74
CA ARG H 14 24.79 9.37 25.36
C ARG H 14 24.60 8.21 26.33
N CYS H 15 23.33 7.92 26.62
CA CYS H 15 22.99 6.90 27.61
C CYS H 15 22.96 5.51 27.00
N VAL H 16 23.20 4.50 27.85
CA VAL H 16 23.12 3.11 27.42
C VAL H 16 21.69 2.66 27.18
N ASP H 17 20.72 3.50 27.46
CA ASP H 17 19.34 3.19 27.10
C ASP H 17 19.20 2.91 25.61
N LYS H 18 20.04 3.53 24.79
CA LYS H 18 19.98 3.40 23.34
C LYS H 18 20.31 1.99 22.86
N PHE H 19 20.74 1.10 23.76
CA PHE H 19 21.06 -0.29 23.43
C PHE H 19 20.14 -1.25 24.17
N ASP H 20 19.62 -2.25 23.45
CA ASP H 20 18.94 -3.38 24.08
C ASP H 20 19.97 -4.44 24.49
N ILE H 21 20.05 -4.76 25.78
CA ILE H 21 21.05 -5.72 26.26
C ILE H 21 20.55 -7.13 25.95
N ILE H 22 21.34 -7.89 25.21
CA ILE H 22 20.97 -9.25 24.83
C ILE H 22 21.38 -10.27 25.88
N GLY H 23 22.57 -10.13 26.43
CA GLY H 23 23.05 -11.09 27.42
C GLY H 23 24.44 -10.69 27.87
N ILE H 24 25.10 -11.61 28.59
CA ILE H 24 26.45 -11.38 29.09
C ILE H 24 27.36 -12.38 28.39
N ILE H 25 28.31 -11.87 27.61
CA ILE H 25 29.13 -12.74 26.77
C ILE H 25 30.39 -13.23 27.48
N GLY H 26 31.08 -12.38 28.24
CA GLY H 26 32.32 -12.81 28.84
C GLY H 26 32.72 -11.95 30.01
N GLU H 27 33.58 -12.53 30.85
CA GLU H 27 34.24 -11.78 31.92
C GLU H 27 35.50 -11.13 31.38
N GLY H 28 35.66 -9.84 31.69
CA GLY H 28 36.75 -9.04 31.19
C GLY H 28 37.79 -8.79 32.25
N THR H 29 38.75 -7.91 31.91
CA THR H 29 39.79 -7.57 32.86
C THR H 29 39.27 -6.62 33.94
N TYR H 30 38.44 -5.64 33.56
CA TYR H 30 37.95 -4.64 34.49
C TYR H 30 36.44 -4.66 34.73
N GLY H 31 35.67 -5.42 33.97
CA GLY H 31 34.23 -5.42 34.11
C GLY H 31 33.64 -6.50 33.21
N GLN H 32 32.33 -6.67 33.32
CA GLN H 32 31.60 -7.65 32.52
C GLN H 32 31.39 -7.11 31.09
N VAL H 33 31.38 -8.03 30.13
CA VAL H 33 31.15 -7.70 28.72
C VAL H 33 29.78 -8.19 28.30
N TYR H 34 28.97 -7.32 27.74
CA TYR H 34 27.62 -7.66 27.32
C TYR H 34 27.50 -7.54 25.80
N LYS H 35 26.65 -8.39 25.22
CA LYS H 35 26.30 -8.30 23.79
C LYS H 35 25.01 -7.50 23.73
N ALA H 36 24.90 -6.62 22.73
CA ALA H 36 23.73 -5.75 22.68
C ALA H 36 23.41 -5.38 21.25
N LYS H 37 22.22 -4.78 21.07
CA LYS H 37 21.73 -4.32 19.78
C LYS H 37 21.40 -2.83 19.91
N ASP H 38 21.88 -2.04 18.94
CA ASP H 38 21.56 -0.62 18.87
C ASP H 38 20.11 -0.43 18.44
N LYS H 39 19.34 0.35 19.23
CA LYS H 39 17.93 0.54 18.92
C LYS H 39 17.70 1.33 17.63
N ASP H 40 18.59 2.29 17.33
CA ASP H 40 18.37 3.12 16.15
C ASP H 40 18.83 2.45 14.87
N THR H 41 19.98 1.79 14.90
CA THR H 41 20.61 1.25 13.70
C THR H 41 20.44 -0.25 13.54
N GLY H 42 20.26 -0.98 14.65
CA GLY H 42 20.18 -2.43 14.61
C GLY H 42 21.51 -3.13 14.68
N GLU H 43 22.61 -2.39 14.71
CA GLU H 43 23.94 -3.00 14.73
C GLU H 43 24.16 -3.76 16.02
N LEU H 44 24.82 -4.91 15.91
CA LEU H 44 25.24 -5.65 17.10
C LEU H 44 26.55 -5.04 17.60
N VAL H 45 26.62 -4.78 18.90
CA VAL H 45 27.78 -4.20 19.54
C VAL H 45 28.10 -5.07 20.74
N ALA H 46 29.26 -4.83 21.33
CA ALA H 46 29.65 -5.45 22.59
C ALA H 46 30.09 -4.34 23.53
N LEU H 47 29.50 -4.29 24.71
CA LEU H 47 29.72 -3.22 25.68
C LEU H 47 30.56 -3.77 26.83
N LYS H 48 31.69 -3.12 27.11
CA LYS H 48 32.48 -3.45 28.29
C LYS H 48 32.09 -2.48 29.40
N LYS H 49 31.63 -3.02 30.54
CA LYS H 49 31.12 -2.18 31.61
C LYS H 49 32.31 -1.74 32.46
N VAL H 50 32.40 -0.44 32.70
CA VAL H 50 33.43 0.12 33.54
C VAL H 50 32.74 0.74 34.74
N ARG H 51 33.05 0.21 35.91
CA ARG H 51 32.42 0.59 37.16
C ARG H 51 33.45 1.42 37.92
N LEU H 52 33.13 2.70 38.11
CA LEU H 52 33.93 3.54 39.00
C LEU H 52 33.25 3.69 40.34
N ASP H 53 32.18 2.93 40.56
CA ASP H 53 31.44 3.00 41.81
C ASP H 53 32.29 2.56 42.98
N ASN H 54 33.23 1.64 42.75
CA ASN H 54 34.13 1.20 43.82
C ASN H 54 34.93 2.37 44.38
N GLU H 55 35.39 3.27 43.51
CA GLU H 55 36.12 4.46 43.95
C GLU H 55 37.39 4.08 44.70
N LYS H 56 37.88 2.85 44.50
CA LYS H 56 39.15 2.46 45.08
C LYS H 56 40.28 3.36 44.58
N GLU H 57 40.44 3.44 43.26
CA GLU H 57 41.29 4.44 42.62
C GLU H 57 40.53 5.08 41.47
N GLY H 58 39.20 5.07 41.54
CA GLY H 58 38.39 5.67 40.51
C GLY H 58 38.43 4.87 39.22
N PHE H 59 38.44 5.58 38.11
CA PHE H 59 38.38 4.93 36.81
C PHE H 59 39.57 3.98 36.65
N PRO H 60 39.34 2.74 36.23
CA PRO H 60 40.46 1.78 36.11
C PRO H 60 41.43 2.18 35.00
N ILE H 61 42.72 1.99 35.27
CA ILE H 61 43.71 2.28 34.24
C ILE H 61 43.58 1.32 33.07
N THR H 62 43.27 0.04 33.34
CA THR H 62 43.08 -0.93 32.27
C THR H 62 42.15 -0.37 31.18
N ALA H 63 41.06 0.29 31.60
CA ALA H 63 40.16 0.92 30.64
C ALA H 63 40.77 2.21 30.08
N ILE H 64 41.45 3.00 30.93
CA ILE H 64 42.07 4.24 30.49
C ILE H 64 43.08 3.96 29.39
N ARG H 65 43.90 2.92 29.56
CA ARG H 65 44.83 2.57 28.50
C ARG H 65 44.10 2.22 27.22
N GLU H 66 43.06 1.40 27.32
CA GLU H 66 42.36 0.94 26.13
C GLU H 66 41.63 2.09 25.43
N ILE H 67 41.11 3.04 26.19
CA ILE H 67 40.45 4.19 25.57
C ILE H 67 41.50 5.07 24.90
N LYS H 68 42.56 5.39 25.65
CA LYS H 68 43.64 6.21 25.13
C LYS H 68 44.19 5.62 23.85
N ILE H 69 44.41 4.31 23.83
CA ILE H 69 45.14 3.70 22.72
C ILE H 69 44.23 3.44 21.53
N LEU H 70 43.02 2.90 21.76
CA LEU H 70 42.19 2.49 20.63
C LEU H 70 41.54 3.66 19.89
N ARG H 71 41.47 4.86 20.49
CA ARG H 71 41.07 6.04 19.74
C ARG H 71 42.18 6.54 18.81
N GLN H 72 43.41 6.09 19.05
CA GLN H 72 44.55 6.41 18.21
C GLN H 72 44.72 5.41 17.07
N LEU H 73 44.33 4.15 17.27
CA LEU H 73 44.57 3.04 16.35
C LEU H 73 43.34 2.75 15.49
N ILE H 74 43.51 2.81 14.17
CA ILE H 74 42.44 2.51 13.24
C ILE H 74 43.01 1.55 12.19
N HIS H 75 42.63 0.26 12.28
CA HIS H 75 43.08 -0.73 11.30
C HIS H 75 42.07 -1.86 11.23
N ARG H 76 42.05 -2.54 10.06
CA ARG H 76 41.05 -3.58 9.83
C ARG H 76 41.19 -4.74 10.79
N SER H 77 42.39 -4.95 11.32
CA SER H 77 42.65 -6.05 12.24
C SER H 77 42.81 -5.58 13.68
N VAL H 78 42.45 -4.34 13.97
CA VAL H 78 42.48 -3.80 15.33
C VAL H 78 41.05 -3.45 15.70
N VAL H 79 40.60 -3.92 16.86
CA VAL H 79 39.19 -3.79 17.23
C VAL H 79 38.82 -2.33 17.40
N ASN H 80 37.66 -1.95 16.89
CA ASN H 80 37.27 -0.56 16.85
C ASN H 80 36.36 -0.23 18.03
N MET H 81 36.78 0.75 18.82
CA MET H 81 35.94 1.34 19.86
C MET H 81 35.06 2.41 19.22
N LYS H 82 33.75 2.22 19.27
CA LYS H 82 32.80 3.06 18.57
C LYS H 82 32.40 4.30 19.37
N GLU H 83 32.12 4.16 20.66
CA GLU H 83 31.78 5.30 21.52
C GLU H 83 31.75 4.83 22.96
N ILE H 84 31.51 5.77 23.88
CA ILE H 84 31.37 5.50 25.30
C ILE H 84 30.05 6.06 25.78
N VAL H 85 29.27 5.24 26.48
CA VAL H 85 27.94 5.60 26.97
C VAL H 85 27.92 5.39 28.47
N THR H 86 26.92 5.96 29.13
CA THR H 86 26.87 5.99 30.59
C THR H 86 25.52 5.45 31.06
N ASP H 87 25.50 4.99 32.31
CA ASP H 87 24.24 4.67 32.95
C ASP H 87 23.43 5.94 33.17
N LYS H 88 22.11 5.79 33.26
CA LYS H 88 21.25 6.96 33.41
C LYS H 88 21.67 7.75 34.64
N GLN H 89 21.87 9.06 34.46
CA GLN H 89 22.29 9.92 35.56
C GLN H 89 21.05 10.41 36.34
N ASP H 90 20.33 9.43 36.88
CA ASP H 90 19.09 9.72 37.59
C ASP H 90 19.34 10.56 38.84
N ALA H 91 20.44 10.30 39.55
CA ALA H 91 20.76 11.10 40.72
C ALA H 91 20.75 12.58 40.39
N LEU H 92 20.15 13.36 41.29
CA LEU H 92 20.06 14.80 41.07
C LEU H 92 21.41 15.45 41.23
N ASP H 93 22.18 14.97 42.20
CA ASP H 93 23.54 15.41 42.48
C ASP H 93 24.50 14.38 41.91
N PHE H 94 25.47 14.83 41.11
CA PHE H 94 26.43 13.90 40.53
C PHE H 94 27.26 13.23 41.61
N LYS H 95 27.45 13.88 42.76
CA LYS H 95 28.12 13.21 43.87
C LYS H 95 27.43 11.91 44.21
N LYS H 96 26.10 11.91 44.17
CA LYS H 96 25.32 10.71 44.42
C LYS H 96 25.52 9.69 43.31
N ASP H 97 25.70 10.15 42.06
CA ASP H 97 25.77 9.24 40.91
C ASP H 97 26.96 8.28 41.06
N LYS H 98 26.63 6.99 41.18
CA LYS H 98 27.63 5.92 41.24
C LYS H 98 27.49 4.98 40.04
N GLY H 99 26.80 5.43 38.99
CA GLY H 99 26.61 4.66 37.79
C GLY H 99 27.89 4.35 37.06
N ALA H 100 27.81 3.56 36.00
CA ALA H 100 28.97 3.05 35.31
C ALA H 100 28.97 3.44 33.84
N PHE H 101 30.18 3.44 33.27
CA PHE H 101 30.37 3.67 31.84
C PHE H 101 30.52 2.36 31.06
N TYR H 102 30.17 2.43 29.77
CA TYR H 102 30.25 1.29 28.88
C TYR H 102 31.07 1.66 27.66
N LEU H 103 32.03 0.81 27.31
CA LEU H 103 32.84 1.02 26.12
C LEU H 103 32.21 0.23 24.97
N VAL H 104 31.69 0.93 23.98
CA VAL H 104 31.03 0.28 22.85
C VAL H 104 32.10 -0.22 21.88
N PHE H 105 31.98 -1.48 21.49
CA PHE H 105 32.86 -2.10 20.53
C PHE H 105 32.05 -2.73 19.41
N GLU H 106 32.70 -2.96 18.27
CA GLU H 106 32.12 -3.80 17.24
C GLU H 106 32.02 -5.23 17.77
N TYR H 107 31.00 -5.96 17.31
CA TYR H 107 30.78 -7.32 17.78
C TYR H 107 31.43 -8.27 16.78
N MET H 108 32.45 -8.99 17.24
CA MET H 108 33.09 -10.02 16.44
C MET H 108 32.42 -11.34 16.83
N ASP H 109 32.11 -12.17 15.85
CA ASP H 109 31.19 -13.28 16.10
C ASP H 109 31.78 -14.28 17.09
N HIS H 110 33.06 -14.62 16.96
CA HIS H 110 33.64 -15.66 17.80
C HIS H 110 35.07 -15.29 18.24
N ASP H 111 35.55 -16.01 19.26
CA ASP H 111 36.93 -15.89 19.72
C ASP H 111 37.68 -17.19 19.40
N LEU H 112 39.00 -17.05 19.18
CA LEU H 112 39.76 -18.22 18.75
C LEU H 112 39.75 -19.32 19.80
N MET H 113 39.80 -18.96 21.09
CA MET H 113 39.77 -19.98 22.14
C MET H 113 38.46 -20.76 22.04
N GLY H 114 37.34 -20.06 21.86
CA GLY H 114 36.05 -20.72 21.76
C GLY H 114 36.02 -21.73 20.62
N LEU H 115 36.47 -21.32 19.42
CA LEU H 115 36.44 -22.20 18.25
C LEU H 115 37.40 -23.37 18.43
N LEU H 116 38.60 -23.10 18.95
CA LEU H 116 39.56 -24.18 19.13
C LEU H 116 39.19 -25.12 20.29
N GLU H 117 38.74 -24.57 21.41
CA GLU H 117 38.48 -25.43 22.57
C GLU H 117 37.29 -26.37 22.37
N SER H 118 36.30 -25.97 21.60
CA SER H 118 35.22 -26.89 21.28
C SER H 118 35.61 -27.91 20.21
N GLY H 119 36.83 -27.86 19.70
CA GLY H 119 37.25 -28.78 18.64
C GLY H 119 36.39 -28.67 17.41
N LEU H 120 35.76 -27.52 17.22
CA LEU H 120 34.74 -27.31 16.21
C LEU H 120 35.27 -26.60 14.97
N VAL H 121 36.59 -26.55 14.79
CA VAL H 121 37.17 -25.83 13.67
C VAL H 121 38.30 -26.63 13.04
N HIS H 122 38.40 -26.50 11.72
CA HIS H 122 39.52 -27.03 10.96
C HIS H 122 40.15 -25.93 10.12
N PHE H 123 41.42 -25.65 10.37
CA PHE H 123 42.14 -24.62 9.63
C PHE H 123 43.09 -25.27 8.62
N SER H 124 42.92 -24.91 7.35
CA SER H 124 43.80 -25.33 6.27
C SER H 124 44.96 -24.35 6.17
N GLU H 125 46.02 -24.77 5.47
CA GLU H 125 47.15 -23.87 5.27
C GLU H 125 46.66 -22.51 4.80
N ASP H 126 45.78 -22.50 3.79
CA ASP H 126 45.28 -21.23 3.27
C ASP H 126 44.53 -20.45 4.33
N HIS H 127 43.80 -21.13 5.22
CA HIS H 127 43.11 -20.41 6.28
C HIS H 127 44.12 -19.76 7.21
N ILE H 128 45.18 -20.50 7.57
CA ILE H 128 46.21 -19.93 8.43
C ILE H 128 46.89 -18.74 7.76
N LYS H 129 47.09 -18.81 6.44
CA LYS H 129 47.70 -17.70 5.74
C LYS H 129 46.82 -16.46 5.83
N SER H 130 45.51 -16.63 5.53
CA SER H 130 44.60 -15.50 5.64
C SER H 130 44.55 -14.96 7.05
N PHE H 131 44.69 -15.85 8.03
CA PHE H 131 44.65 -15.47 9.43
C PHE H 131 45.89 -14.72 9.85
N MET H 132 47.06 -15.33 9.68
CA MET H 132 48.29 -14.73 10.19
C MET H 132 48.62 -13.44 9.47
N LYS H 133 48.31 -13.34 8.17
CA LYS H 133 48.59 -12.07 7.51
C LYS H 133 47.80 -10.96 8.19
N GLN H 134 46.53 -11.21 8.51
CA GLN H 134 45.75 -10.21 9.21
C GLN H 134 46.31 -9.96 10.61
N LEU H 135 46.56 -11.02 11.37
CA LEU H 135 47.06 -10.81 12.73
C LEU H 135 48.36 -10.03 12.72
N MET H 136 49.32 -10.43 11.88
CA MET H 136 50.62 -9.77 11.87
C MET H 136 50.56 -8.41 11.18
N GLU H 137 49.59 -8.17 10.29
CA GLU H 137 49.42 -6.83 9.75
C GLU H 137 48.92 -5.88 10.83
N GLY H 138 48.05 -6.36 11.72
CA GLY H 138 47.63 -5.54 12.84
C GLY H 138 48.75 -5.24 13.80
N LEU H 139 49.56 -6.25 14.14
CA LEU H 139 50.66 -6.03 15.06
C LEU H 139 51.62 -4.97 14.52
N GLU H 140 51.86 -4.98 13.21
CA GLU H 140 52.76 -3.99 12.65
C GLU H 140 52.22 -2.58 12.86
N TYR H 141 50.91 -2.40 12.66
CA TYR H 141 50.32 -1.08 12.87
C TYR H 141 50.58 -0.60 14.29
N CYS H 142 50.23 -1.43 15.27
CA CYS H 142 50.40 -1.06 16.68
C CYS H 142 51.86 -0.93 17.06
N HIS H 143 52.69 -1.87 16.63
CA HIS H 143 54.11 -1.78 16.98
C HIS H 143 54.77 -0.58 16.29
N LYS H 144 54.29 -0.20 15.10
CA LYS H 144 54.81 1.01 14.47
C LYS H 144 54.27 2.28 15.12
N LYS H 145 53.07 2.25 15.70
CA LYS H 145 52.59 3.37 16.51
C LYS H 145 53.21 3.36 17.91
N ASN H 146 54.10 2.39 18.18
CA ASN H 146 54.90 2.26 19.41
C ASN H 146 54.08 1.83 20.64
N PHE H 147 53.03 1.07 20.45
CA PHE H 147 52.26 0.46 21.53
C PHE H 147 52.54 -1.05 21.56
N LEU H 148 52.52 -1.63 22.75
CA LEU H 148 52.78 -3.06 22.96
C LEU H 148 51.51 -3.70 23.49
N HIS H 149 51.08 -4.81 22.88
CA HIS H 149 49.83 -5.45 23.33
C HIS H 149 50.00 -6.06 24.72
N ARG H 150 50.97 -6.92 24.87
CA ARG H 150 51.43 -7.42 26.14
C ARG H 150 50.45 -8.49 26.68
N ASP H 151 49.25 -8.65 26.13
CA ASP H 151 48.40 -9.77 26.48
C ASP H 151 47.87 -10.42 25.20
N ILE H 152 48.67 -11.25 24.56
CA ILE H 152 48.23 -11.93 23.35
C ILE H 152 47.90 -13.37 23.76
N LYS H 153 46.64 -13.74 23.55
CA LYS H 153 46.11 -15.04 23.90
C LYS H 153 45.11 -15.41 22.83
N CYS H 154 44.78 -16.69 22.75
CA CYS H 154 43.77 -17.10 21.79
C CYS H 154 42.44 -16.41 22.07
N SER H 155 42.16 -16.13 23.34
CA SER H 155 40.92 -15.46 23.70
C SER H 155 40.83 -14.03 23.17
N ASN H 156 41.94 -13.30 23.16
CA ASN H 156 41.92 -11.90 22.73
C ASN H 156 42.06 -11.73 21.22
N ILE H 157 42.15 -12.82 20.46
CA ILE H 157 42.05 -12.78 19.00
C ILE H 157 40.62 -13.12 18.62
N LEU H 158 39.90 -12.17 18.02
CA LEU H 158 38.50 -12.35 17.66
C LEU H 158 38.35 -12.42 16.15
N LEU H 159 37.45 -13.30 15.68
CA LEU H 159 37.17 -13.45 14.27
C LEU H 159 35.66 -13.50 14.05
N ASN H 160 35.18 -12.74 13.06
CA ASN H 160 33.80 -12.85 12.59
C ASN H 160 33.72 -13.92 11.50
N ASN H 161 32.49 -14.34 11.19
CA ASN H 161 32.31 -15.49 10.31
C ASN H 161 32.83 -15.26 8.89
N SER H 162 32.88 -14.01 8.44
CA SER H 162 33.36 -13.75 7.09
C SER H 162 34.84 -14.05 6.92
N GLY H 163 35.58 -14.24 8.01
CA GLY H 163 37.01 -14.51 7.92
C GLY H 163 37.93 -13.37 8.28
N GLN H 164 37.38 -12.25 8.76
CA GLN H 164 38.18 -11.16 9.29
C GLN H 164 38.65 -11.46 10.71
N ILE H 165 39.87 -11.02 11.03
CA ILE H 165 40.48 -11.22 12.33
C ILE H 165 40.73 -9.85 12.98
N LYS H 166 40.67 -9.79 14.30
CA LYS H 166 40.87 -8.55 15.03
C LYS H 166 41.51 -8.81 16.40
N LEU H 167 42.43 -7.94 16.81
CA LEU H 167 43.09 -8.00 18.12
C LEU H 167 42.23 -7.17 19.08
N ALA H 168 42.21 -7.57 20.37
CA ALA H 168 41.14 -7.03 21.19
C ALA H 168 41.39 -6.45 22.58
N ASP H 169 42.04 -7.17 23.48
CA ASP H 169 42.20 -6.68 24.86
C ASP H 169 43.48 -5.84 24.96
N PHE H 170 43.32 -4.53 24.78
CA PHE H 170 44.41 -3.57 24.92
C PHE H 170 44.51 -2.98 26.33
N GLY H 171 43.92 -3.66 27.31
CA GLY H 171 43.97 -3.19 28.69
C GLY H 171 45.37 -3.19 29.28
N LEU H 172 46.23 -4.10 28.82
CA LEU H 172 47.59 -4.17 29.30
C LEU H 172 48.61 -3.64 28.29
N ALA H 173 48.26 -2.61 27.56
CA ALA H 173 49.11 -2.04 26.53
C ALA H 173 49.78 -0.75 27.01
N ARG H 174 51.02 -0.54 26.56
CA ARG H 174 51.80 0.62 26.92
C ARG H 174 52.69 1.05 25.76
N LEU H 175 53.08 2.33 25.79
CA LEU H 175 53.99 2.87 24.79
C LEU H 175 55.41 2.41 25.06
N TYR H 176 56.16 2.17 23.98
CA TYR H 176 57.55 1.73 24.02
C TYR H 176 58.46 2.76 23.39
N ASN H 177 59.48 3.20 24.11
CA ASN H 177 60.51 4.05 23.55
C ASN H 177 61.85 3.33 23.61
N SER H 178 62.43 3.05 22.44
CA SER H 178 63.74 2.41 22.39
C SER H 178 64.82 3.29 23.03
N GLU H 179 64.82 4.58 22.68
CA GLU H 179 65.86 5.48 23.17
C GLU H 179 65.84 5.64 24.68
N GLU H 180 64.66 5.54 25.30
CA GLU H 180 64.51 5.70 26.74
C GLU H 180 64.10 4.36 27.35
N SER H 181 65.03 3.69 28.04
CA SER H 181 64.70 2.44 28.70
C SER H 181 63.99 2.74 30.02
N ARG H 182 62.81 2.19 30.22
CA ARG H 182 62.03 2.38 31.42
C ARG H 182 61.64 1.00 31.90
N PRO H 183 61.74 0.70 33.19
CA PRO H 183 61.34 -0.65 33.65
C PRO H 183 59.83 -0.80 33.58
N TYR H 184 59.37 -1.89 32.97
CA TYR H 184 57.93 -2.12 32.85
C TYR H 184 57.60 -3.29 33.80
N TPO H 185 56.38 -3.80 33.72
CA TPO H 185 55.91 -4.91 34.55
CB TPO H 185 54.37 -4.90 34.53
CG2 TPO H 185 53.85 -5.87 35.59
OG1 TPO H 185 53.95 -3.59 34.97
P TPO H 185 53.08 -2.67 33.94
O1P TPO H 185 53.79 -2.47 32.65
O2P TPO H 185 52.84 -1.23 34.63
O3P TPO H 185 51.63 -3.30 33.65
C TPO H 185 56.46 -6.25 34.04
O TPO H 185 56.24 -6.62 32.89
H TPO H 185 55.79 -3.52 33.15
HA TPO H 185 56.20 -4.80 35.48
HB TPO H 185 54.02 -5.16 33.54
HG21 TPO H 185 52.76 -5.81 35.62
HG22 TPO H 185 54.25 -5.59 36.57
HG23 TPO H 185 54.16 -6.88 35.34
N ASN H 186 57.18 -6.97 34.92
CA ASN H 186 57.86 -8.19 34.50
C ASN H 186 56.96 -9.25 33.89
N LYS H 187 55.85 -9.55 34.57
CA LYS H 187 54.94 -10.64 34.20
C LYS H 187 53.70 -10.06 33.54
N VAL H 188 53.67 -10.01 32.21
CA VAL H 188 52.49 -9.40 31.58
C VAL H 188 51.68 -10.32 30.65
N ILE H 189 52.33 -11.29 29.97
CA ILE H 189 51.62 -12.11 28.98
C ILE H 189 51.21 -13.40 29.69
N THR H 190 50.11 -14.03 29.25
CA THR H 190 49.64 -15.28 29.85
C THR H 190 50.72 -16.35 29.69
N LEU H 191 50.90 -17.16 30.73
CA LEU H 191 52.09 -18.01 30.80
C LEU H 191 52.26 -18.87 29.55
N TRP H 192 51.18 -19.44 29.03
CA TRP H 192 51.29 -20.32 27.87
C TRP H 192 51.92 -19.61 26.68
N TYR H 193 51.67 -18.32 26.53
CA TYR H 193 52.22 -17.56 25.42
C TYR H 193 53.22 -16.53 25.93
N ARG H 194 53.94 -16.84 27.01
CA ARG H 194 54.81 -15.80 27.56
C ARG H 194 56.22 -16.04 27.00
N PRO H 195 56.91 -14.99 26.56
CA PRO H 195 58.24 -15.16 25.95
C PRO H 195 59.27 -15.57 27.00
N PRO H 196 60.36 -16.21 26.55
CA PRO H 196 61.40 -16.63 27.50
C PRO H 196 62.07 -15.48 28.20
N GLU H 197 62.21 -14.34 27.52
CA GLU H 197 62.81 -13.19 28.15
C GLU H 197 62.08 -12.79 29.44
N LEU H 198 60.75 -12.73 29.39
CA LEU H 198 60.03 -12.29 30.58
C LEU H 198 60.06 -13.38 31.64
N LEU H 199 60.17 -14.64 31.24
CA LEU H 199 60.30 -15.72 32.20
C LEU H 199 61.62 -15.62 32.94
N LEU H 200 62.67 -15.20 32.25
CA LEU H 200 64.00 -15.03 32.80
C LEU H 200 64.21 -13.66 33.45
N GLY H 201 63.16 -12.88 33.61
CA GLY H 201 63.19 -11.70 34.45
C GLY H 201 63.50 -10.39 33.78
N GLU H 202 63.42 -10.31 32.46
CA GLU H 202 63.63 -9.05 31.76
C GLU H 202 62.51 -8.07 32.09
N GLU H 203 62.87 -6.90 32.63
CA GLU H 203 61.90 -5.86 32.95
C GLU H 203 61.83 -4.77 31.88
N ARG H 204 62.84 -4.67 31.01
CA ARG H 204 62.86 -3.75 29.87
C ARG H 204 62.66 -4.49 28.54
N TYR H 205 61.42 -4.67 28.11
CA TYR H 205 61.19 -5.56 26.98
C TYR H 205 60.90 -4.87 25.64
N THR H 206 61.24 -5.61 24.58
CA THR H 206 61.05 -5.18 23.21
C THR H 206 59.60 -5.39 22.81
N PRO H 207 59.19 -4.81 21.67
CA PRO H 207 57.87 -5.20 21.12
C PRO H 207 57.84 -6.66 20.75
N ALA H 208 59.02 -7.30 20.70
CA ALA H 208 59.10 -8.70 20.31
C ALA H 208 58.51 -9.63 21.35
N ILE H 209 58.11 -9.13 22.52
CA ILE H 209 57.36 -9.98 23.44
C ILE H 209 56.07 -10.43 22.76
N ASP H 210 55.41 -9.52 22.05
CA ASP H 210 54.18 -9.85 21.33
C ASP H 210 54.45 -10.75 20.15
N VAL H 211 55.57 -10.58 19.43
CA VAL H 211 55.80 -11.45 18.30
C VAL H 211 55.84 -12.91 18.75
N TRP H 212 56.55 -13.17 19.87
CA TRP H 212 56.63 -14.53 20.39
C TRP H 212 55.26 -15.14 20.60
N SER H 213 54.37 -14.40 21.28
CA SER H 213 53.04 -14.92 21.55
C SER H 213 52.33 -15.30 20.25
N CYS H 214 52.36 -14.40 19.26
CA CYS H 214 51.71 -14.66 17.99
C CYS H 214 52.28 -15.88 17.30
N GLY H 215 53.54 -16.21 17.57
CA GLY H 215 54.09 -17.42 16.99
C GLY H 215 53.56 -18.67 17.65
N CYS H 216 53.48 -18.66 18.99
CA CYS H 216 52.79 -19.74 19.70
C CYS H 216 51.44 -20.03 19.08
N ILE H 217 50.75 -18.97 18.63
CA ILE H 217 49.46 -19.15 17.94
C ILE H 217 49.66 -19.79 16.58
N LEU H 218 50.70 -19.37 15.85
CA LEU H 218 50.95 -19.98 14.56
C LEU H 218 51.07 -21.49 14.71
N GLY H 219 51.92 -21.93 15.64
CA GLY H 219 52.05 -23.36 15.88
C GLY H 219 50.75 -23.99 16.34
N GLU H 220 50.03 -23.29 17.22
CA GLU H 220 48.77 -23.83 17.74
C GLU H 220 47.79 -24.09 16.60
N LEU H 221 47.79 -23.24 15.57
CA LEU H 221 46.87 -23.46 14.45
C LEU H 221 47.20 -24.71 13.65
N PHE H 222 48.46 -25.14 13.65
CA PHE H 222 48.82 -26.36 12.95
C PHE H 222 48.57 -27.59 13.81
N THR H 223 48.53 -27.43 15.14
CA THR H 223 48.27 -28.56 16.03
C THR H 223 46.87 -28.59 16.64
N LYS H 224 46.22 -27.42 16.83
CA LYS H 224 44.93 -27.28 17.53
C LYS H 224 45.12 -27.43 19.03
N LYS H 225 46.37 -27.48 19.51
CA LYS H 225 46.73 -27.59 20.92
C LYS H 225 47.86 -26.60 21.21
N PRO H 226 47.75 -25.78 22.26
CA PRO H 226 48.86 -24.88 22.57
C PRO H 226 50.18 -25.62 22.67
N ILE H 227 51.27 -24.91 22.38
CA ILE H 227 52.56 -25.58 22.24
C ILE H 227 53.19 -25.82 23.61
N PHE H 228 53.16 -24.81 24.47
CA PHE H 228 53.85 -24.84 25.75
C PHE H 228 52.82 -24.70 26.85
N GLN H 229 52.34 -25.82 27.36
CA GLN H 229 51.35 -25.83 28.43
C GLN H 229 52.00 -26.29 29.71
N ALA H 230 52.16 -25.35 30.64
CA ALA H 230 52.68 -25.61 31.97
C ALA H 230 51.95 -24.65 32.90
N ASN H 231 52.08 -24.89 34.19
CA ASN H 231 51.43 -24.08 35.20
C ASN H 231 52.38 -23.14 35.91
N LEU H 232 53.68 -23.40 35.86
CA LEU H 232 54.67 -22.60 36.55
C LEU H 232 55.74 -22.09 35.61
N GLU H 233 56.31 -20.94 35.98
CA GLU H 233 57.24 -20.24 35.11
C GLU H 233 58.47 -21.08 34.78
N LEU H 234 58.98 -21.84 35.76
CA LEU H 234 60.12 -22.70 35.48
C LEU H 234 59.72 -23.86 34.58
N ALA H 235 58.60 -24.50 34.88
CA ALA H 235 58.13 -25.58 34.02
C ALA H 235 57.92 -25.10 32.59
N GLN H 236 57.47 -23.84 32.44
CA GLN H 236 57.28 -23.27 31.12
C GLN H 236 58.60 -23.10 30.38
N LEU H 237 59.60 -22.54 31.06
CA LEU H 237 60.91 -22.40 30.45
C LEU H 237 61.48 -23.75 30.04
N GLU H 238 61.22 -24.79 30.83
CA GLU H 238 61.69 -26.12 30.49
C GLU H 238 61.05 -26.61 29.18
N LEU H 239 59.74 -26.41 29.05
CA LEU H 239 59.07 -26.84 27.83
C LEU H 239 59.61 -26.08 26.64
N ILE H 240 59.72 -24.76 26.77
CA ILE H 240 60.30 -23.94 25.72
C ILE H 240 61.68 -24.46 25.35
N SER H 241 62.48 -24.82 26.35
CA SER H 241 63.84 -25.25 26.08
C SER H 241 63.88 -26.56 25.29
N ARG H 242 62.97 -27.49 25.56
CA ARG H 242 63.02 -28.78 24.88
C ARG H 242 62.89 -28.65 23.37
N LEU H 243 62.08 -27.70 22.93
CA LEU H 243 61.78 -27.50 21.53
C LEU H 243 62.66 -26.43 20.91
N CYS H 244 62.68 -25.25 21.52
CA CYS H 244 63.37 -24.10 20.94
C CYS H 244 64.87 -24.16 21.20
N GLY H 245 65.29 -24.93 22.18
CA GLY H 245 66.67 -24.91 22.64
C GLY H 245 66.80 -24.16 23.96
N SER H 246 67.83 -24.52 24.69
CA SER H 246 68.02 -23.93 26.01
C SER H 246 68.61 -22.52 25.90
N PRO H 247 68.15 -21.58 26.71
CA PRO H 247 68.80 -20.27 26.75
C PRO H 247 70.26 -20.40 27.18
N CYS H 248 71.16 -19.85 26.36
CA CYS H 248 72.59 -19.89 26.67
C CYS H 248 73.29 -18.83 25.85
N PRO H 249 74.43 -18.32 26.32
CA PRO H 249 75.12 -17.25 25.57
C PRO H 249 75.50 -17.61 24.14
N ALA H 250 75.64 -18.90 23.81
CA ALA H 250 76.05 -19.28 22.47
C ALA H 250 75.06 -18.82 21.40
N VAL H 251 73.77 -18.85 21.71
CA VAL H 251 72.74 -18.44 20.76
C VAL H 251 72.04 -17.16 21.21
N TRP H 252 72.16 -16.79 22.48
CA TRP H 252 71.56 -15.58 23.07
C TRP H 252 72.65 -14.86 23.87
N PRO H 253 73.45 -14.01 23.23
CA PRO H 253 74.68 -13.54 23.91
C PRO H 253 74.41 -12.71 25.17
N ASP H 254 73.30 -11.98 25.23
CA ASP H 254 73.03 -11.07 26.33
C ASP H 254 72.20 -11.69 27.45
N VAL H 255 71.95 -13.00 27.38
CA VAL H 255 71.10 -13.64 28.38
C VAL H 255 71.74 -13.54 29.76
N ILE H 256 73.07 -13.51 29.82
CA ILE H 256 73.78 -13.46 31.09
C ILE H 256 73.42 -12.22 31.89
N ARG H 257 72.93 -11.18 31.23
CA ARG H 257 72.48 -9.99 31.93
C ARG H 257 71.14 -10.20 32.63
N LEU H 258 70.40 -11.22 32.25
CA LEU H 258 69.04 -11.37 32.74
C LEU H 258 69.08 -11.83 34.19
N PRO H 259 68.19 -11.34 35.04
CA PRO H 259 68.33 -11.59 36.48
C PRO H 259 68.35 -13.07 36.83
N TYR H 260 67.44 -13.84 36.24
CA TYR H 260 67.21 -15.22 36.64
C TYR H 260 67.95 -16.21 35.77
N PHE H 261 68.92 -15.73 34.99
CA PHE H 261 69.61 -16.63 34.09
C PHE H 261 70.30 -17.76 34.86
N ASN H 262 71.02 -17.42 35.94
CA ASN H 262 71.62 -18.46 36.75
C ASN H 262 70.55 -19.21 37.54
N THR H 263 69.51 -18.49 37.95
CA THR H 263 68.47 -19.05 38.82
C THR H 263 67.62 -20.09 38.11
N MET H 264 67.03 -19.71 36.98
CA MET H 264 66.08 -20.58 36.29
C MET H 264 66.85 -21.35 35.22
N LYS H 265 67.53 -22.39 35.66
CA LYS H 265 68.20 -23.20 34.66
C LYS H 265 67.30 -24.36 34.25
N PRO H 266 67.26 -24.71 32.97
CA PRO H 266 66.51 -25.90 32.55
C PRO H 266 67.20 -27.18 33.04
N LYS H 267 66.45 -28.28 32.97
CA LYS H 267 66.96 -29.57 33.41
C LYS H 267 68.35 -29.82 32.82
N LYS H 268 68.55 -29.47 31.55
CA LYS H 268 69.84 -29.60 30.90
C LYS H 268 69.91 -28.56 29.79
N GLN H 269 71.02 -28.60 29.04
CA GLN H 269 71.22 -27.78 27.85
C GLN H 269 70.68 -28.49 26.62
N TYR H 270 69.42 -28.20 26.29
CA TYR H 270 68.77 -28.87 25.17
C TYR H 270 69.25 -28.29 23.84
N ARG H 271 69.13 -29.10 22.80
CA ARG H 271 69.35 -28.70 21.42
C ARG H 271 68.04 -28.32 20.76
N ARG H 272 68.10 -27.39 19.82
CA ARG H 272 66.91 -26.94 19.13
C ARG H 272 66.33 -28.09 18.31
N ARG H 273 65.05 -28.38 18.50
CA ARG H 273 64.36 -29.39 17.72
C ARG H 273 63.12 -28.87 17.04
N LEU H 274 62.91 -27.55 17.05
CA LEU H 274 61.68 -27.01 16.50
C LEU H 274 61.45 -27.53 15.09
N ARG H 275 62.50 -27.52 14.27
CA ARG H 275 62.36 -27.99 12.91
C ARG H 275 62.00 -29.47 12.89
N GLU H 276 62.54 -30.22 13.85
CA GLU H 276 62.29 -31.66 13.92
C GLU H 276 60.89 -31.95 14.43
N GLU H 277 60.49 -31.33 15.54
CA GLU H 277 59.20 -31.66 16.16
C GLU H 277 58.01 -31.06 15.42
N PHE H 278 58.21 -30.02 14.60
CA PHE H 278 57.15 -29.47 13.75
C PHE H 278 57.41 -29.79 12.28
N SER H 279 57.99 -30.96 12.00
CA SER H 279 58.27 -31.34 10.62
C SER H 279 57.01 -31.58 9.82
N PHE H 280 55.83 -31.61 10.46
CA PHE H 280 54.57 -31.80 9.76
C PHE H 280 54.04 -30.50 9.15
N ILE H 281 54.75 -29.40 9.33
CA ILE H 281 54.35 -28.08 8.85
C ILE H 281 54.95 -27.79 7.48
N PRO H 282 54.23 -27.07 6.63
CA PRO H 282 54.79 -26.65 5.34
C PRO H 282 56.07 -25.82 5.48
N SER H 283 56.93 -25.93 4.46
CA SER H 283 58.28 -25.35 4.56
C SER H 283 58.22 -23.84 4.79
N ALA H 284 57.39 -23.13 4.01
CA ALA H 284 57.29 -21.69 4.20
C ALA H 284 56.87 -21.34 5.62
N ALA H 285 56.01 -22.17 6.21
CA ALA H 285 55.56 -21.93 7.57
C ALA H 285 56.61 -22.26 8.62
N LEU H 286 57.30 -23.40 8.45
CA LEU H 286 58.27 -23.81 9.47
C LEU H 286 59.33 -22.74 9.67
N ASP H 287 59.77 -22.10 8.59
CA ASP H 287 60.72 -20.98 8.74
C ASP H 287 60.11 -19.86 9.58
N LEU H 288 58.83 -19.56 9.35
CA LEU H 288 58.19 -18.51 10.13
C LEU H 288 58.18 -18.88 11.61
N LEU H 289 57.79 -20.11 11.92
CA LEU H 289 57.72 -20.55 13.31
C LEU H 289 59.11 -20.56 13.95
N ASP H 290 60.10 -21.09 13.25
CA ASP H 290 61.45 -21.10 13.78
C ASP H 290 61.92 -19.70 14.13
N HIS H 291 61.54 -18.72 13.31
CA HIS H 291 62.02 -17.36 13.52
C HIS H 291 61.23 -16.63 14.60
N MET H 292 59.91 -16.82 14.66
CA MET H 292 59.11 -16.14 15.68
C MET H 292 59.41 -16.66 17.07
N LEU H 293 59.73 -17.95 17.20
CA LEU H 293 60.06 -18.57 18.47
C LEU H 293 61.57 -18.67 18.66
N THR H 294 62.31 -17.67 18.19
CA THR H 294 63.75 -17.60 18.39
C THR H 294 64.01 -16.97 19.76
N LEU H 295 64.93 -17.57 20.50
CA LEU H 295 65.10 -17.24 21.91
C LEU H 295 65.51 -15.79 22.13
N ASP H 296 66.44 -15.29 21.33
CA ASP H 296 67.00 -13.96 21.56
C ASP H 296 66.06 -12.87 21.06
N PRO H 297 65.57 -11.98 21.94
CA PRO H 297 64.67 -10.92 21.45
C PRO H 297 65.27 -10.09 20.35
N SER H 298 66.59 -9.98 20.32
CA SER H 298 67.25 -9.21 19.29
C SER H 298 67.30 -9.94 17.96
N LYS H 299 67.15 -11.26 17.99
CA LYS H 299 67.14 -12.05 16.77
C LYS H 299 65.72 -12.46 16.38
N ARG H 300 64.73 -12.21 17.24
CA ARG H 300 63.36 -12.57 16.90
C ARG H 300 62.86 -11.68 15.78
N CYS H 301 62.25 -12.28 14.78
CA CYS H 301 61.75 -11.52 13.66
C CYS H 301 60.77 -10.45 14.14
N THR H 302 60.65 -9.38 13.35
CA THR H 302 59.69 -8.34 13.65
C THR H 302 58.37 -8.62 12.91
N ALA H 303 57.36 -7.80 13.21
CA ALA H 303 56.08 -7.95 12.52
C ALA H 303 56.23 -7.71 11.03
N GLU H 304 56.91 -6.64 10.64
CA GLU H 304 57.04 -6.38 9.21
C GLU H 304 57.70 -7.55 8.49
N GLN H 305 58.73 -8.13 9.11
CA GLN H 305 59.44 -9.24 8.49
C GLN H 305 58.52 -10.44 8.31
N THR H 306 57.60 -10.67 9.25
CA THR H 306 56.69 -11.80 9.08
C THR H 306 55.82 -11.60 7.85
N LEU H 307 55.36 -10.37 7.62
CA LEU H 307 54.61 -10.03 6.43
C LEU H 307 55.47 -10.10 5.19
N GLN H 308 56.79 -10.00 5.35
CA GLN H 308 57.74 -10.16 4.24
C GLN H 308 58.33 -11.56 4.23
N SER H 309 57.51 -12.58 4.43
CA SER H 309 57.96 -13.97 4.47
C SER H 309 57.37 -14.74 3.28
N ASP H 310 58.07 -15.80 2.89
CA ASP H 310 57.54 -16.64 1.82
C ASP H 310 56.13 -17.13 2.15
N PHE H 311 55.77 -17.18 3.44
CA PHE H 311 54.48 -17.71 3.84
C PHE H 311 53.37 -16.68 3.66
N LEU H 312 53.62 -15.44 4.10
CA LEU H 312 52.59 -14.40 4.09
C LEU H 312 52.81 -13.32 3.06
N LYS H 313 53.97 -13.28 2.42
CA LYS H 313 54.30 -12.15 1.55
C LYS H 313 53.23 -11.98 0.50
N ASP H 314 52.94 -13.05 -0.23
CA ASP H 314 52.01 -13.00 -1.36
C ASP H 314 50.62 -13.50 -1.01
N VAL H 315 50.20 -13.35 0.25
CA VAL H 315 48.81 -13.66 0.60
C VAL H 315 47.96 -12.46 0.26
N GLU H 316 46.89 -12.69 -0.50
CA GLU H 316 45.93 -11.66 -0.83
C GLU H 316 44.70 -11.76 0.06
N LEU H 317 44.43 -10.71 0.83
CA LEU H 317 43.29 -10.72 1.72
C LEU H 317 41.98 -10.65 0.96
N SER H 318 42.01 -10.26 -0.32
CA SER H 318 40.78 -10.24 -1.11
C SER H 318 40.12 -11.61 -1.14
N LYS H 319 40.92 -12.67 -1.13
CA LYS H 319 40.35 -14.01 -1.06
C LYS H 319 39.58 -14.19 0.24
N MET H 320 40.17 -13.76 1.34
CA MET H 320 39.56 -13.77 2.66
C MET H 320 38.68 -15.01 2.79
N ALA H 321 39.30 -16.16 2.51
CA ALA H 321 38.55 -17.41 2.46
C ALA H 321 37.84 -17.60 3.79
N PRO H 322 36.52 -17.71 3.81
CA PRO H 322 35.84 -17.93 5.10
C PRO H 322 36.32 -19.24 5.68
N PRO H 323 36.54 -19.29 6.99
CA PRO H 323 37.01 -20.52 7.62
C PRO H 323 35.94 -21.59 7.70
N ASP H 324 36.37 -22.79 8.11
CA ASP H 324 35.50 -23.94 8.25
C ASP H 324 34.89 -23.93 9.65
N LEU H 325 33.57 -24.02 9.70
CA LEU H 325 32.77 -24.01 10.91
C LEU H 325 31.85 -25.21 10.92
N PRO H 326 31.34 -25.59 12.09
CA PRO H 326 30.52 -26.80 12.17
C PRO H 326 29.10 -26.57 11.71
N HIS H 327 28.67 -27.37 10.74
CA HIS H 327 27.33 -27.25 10.19
C HIS H 327 26.29 -27.73 11.21
N TRP H 328 25.03 -27.57 10.84
CA TRP H 328 23.95 -28.11 11.66
C TRP H 328 24.02 -29.62 11.59
N GLN H 329 24.40 -30.15 10.43
CA GLN H 329 24.53 -31.58 10.24
C GLN H 329 25.51 -32.18 11.23
N ASP H 330 26.59 -31.44 11.54
CA ASP H 330 27.56 -31.89 12.53
C ASP H 330 26.92 -31.98 13.91
N CYS H 331 26.00 -31.05 14.21
CA CYS H 331 25.39 -30.99 15.53
C CYS H 331 24.71 -32.31 15.90
N HIS H 332 23.89 -32.88 15.00
CA HIS H 332 23.34 -34.20 15.28
C HIS H 332 24.46 -35.22 15.09
N GLU H 333 24.64 -36.08 16.08
CA GLU H 333 25.79 -36.98 16.11
C GLU H 333 25.84 -37.80 14.83
N LEU H 334 27.06 -38.03 14.33
CA LEU H 334 27.26 -38.86 13.15
C LEU H 334 27.35 -40.32 13.57
N TRP H 335 26.20 -40.87 14.00
CA TRP H 335 26.13 -42.32 14.16
C TRP H 335 26.61 -42.98 12.87
N SER H 336 26.24 -42.41 11.73
CA SER H 336 26.80 -42.77 10.43
C SER H 336 28.32 -42.63 10.42
N THR I 24 34.82 12.01 13.88
CA THR I 24 35.68 11.02 14.51
C THR I 24 36.13 11.49 15.89
N LYS I 25 37.16 12.35 15.95
CA LYS I 25 37.71 12.90 17.18
C LYS I 25 37.43 14.40 17.27
N PRO I 26 37.26 14.93 18.48
CA PRO I 26 36.75 16.30 18.62
C PRO I 26 37.79 17.40 18.36
N CYS I 27 37.24 18.61 18.17
CA CYS I 27 38.02 19.82 17.97
C CYS I 27 38.21 20.54 19.30
N TRP I 28 39.46 20.75 19.70
CA TRP I 28 39.79 21.35 20.98
C TRP I 28 40.38 22.76 20.87
N TYR I 29 40.06 23.50 19.81
CA TYR I 29 40.64 24.82 19.63
C TYR I 29 39.58 25.86 19.30
N TRP I 30 39.66 27.00 19.98
CA TRP I 30 38.76 28.12 19.89
C TRP I 30 39.53 29.34 19.39
N ASP I 31 38.79 30.40 19.07
CA ASP I 31 39.36 31.70 18.77
C ASP I 31 39.38 32.58 20.01
N LYS I 32 40.40 33.44 20.10
CA LYS I 32 40.54 34.34 21.25
C LYS I 32 39.21 35.04 21.54
N LYS I 33 38.52 35.46 20.48
CA LYS I 33 37.24 36.15 20.68
C LYS I 33 36.26 35.28 21.46
N ASP I 34 36.40 33.95 21.37
CA ASP I 34 35.44 33.04 21.97
C ASP I 34 35.56 32.96 23.48
N LEU I 35 36.67 33.40 24.05
CA LEU I 35 36.86 33.33 25.50
C LEU I 35 36.06 34.38 26.25
N ALA I 36 35.39 35.27 25.53
CA ALA I 36 34.47 36.22 26.14
C ALA I 36 33.13 35.60 26.46
N HIS I 37 32.93 34.33 26.09
CA HIS I 37 31.67 33.64 26.24
C HIS I 37 31.82 32.30 26.95
N THR I 38 32.84 32.15 27.78
CA THR I 38 32.94 30.95 28.58
C THR I 38 31.82 30.94 29.62
N PRO I 39 31.44 29.76 30.11
CA PRO I 39 30.45 29.73 31.19
C PRO I 39 30.78 30.71 32.30
N SER I 40 32.05 30.83 32.66
CA SER I 40 32.45 31.74 33.72
C SER I 40 32.12 33.19 33.38
N GLN I 41 32.44 33.63 32.16
CA GLN I 41 32.12 35.00 31.78
C GLN I 41 30.61 35.25 31.85
N LEU I 42 29.82 34.28 31.38
CA LEU I 42 28.38 34.43 31.32
C LEU I 42 27.72 34.38 32.68
N GLU I 43 28.37 33.79 33.67
CA GLU I 43 27.86 33.82 35.04
C GLU I 43 28.26 35.09 35.79
N GLY I 44 29.00 36.02 35.17
CA GLY I 44 29.28 37.30 35.78
C GLY I 44 30.73 37.51 36.15
N LEU I 45 31.57 36.51 35.94
CA LEU I 45 33.00 36.64 36.18
C LEU I 45 33.63 37.50 35.10
N ASP I 46 34.49 38.44 35.52
CA ASP I 46 35.08 39.33 34.53
C ASP I 46 36.36 38.73 33.94
N PRO I 47 36.79 39.23 32.78
CA PRO I 47 37.94 38.61 32.09
C PRO I 47 39.20 38.54 32.93
N ALA I 48 39.51 39.59 33.70
CA ALA I 48 40.71 39.54 34.53
C ALA I 48 40.61 38.41 35.55
N THR I 49 39.44 38.20 36.13
CA THR I 49 39.29 37.20 37.17
C THR I 49 39.44 35.79 36.60
N GLU I 50 38.79 35.50 35.46
CA GLU I 50 38.92 34.17 34.88
C GLU I 50 40.36 33.88 34.51
N ALA I 51 41.07 34.88 33.98
CA ALA I 51 42.48 34.68 33.64
C ALA I 51 43.28 34.39 34.90
N ARG I 52 43.01 35.11 35.99
CA ARG I 52 43.68 34.85 37.24
C ARG I 52 43.42 33.44 37.76
N TYR I 53 42.15 33.01 37.75
CA TYR I 53 41.83 31.67 38.20
C TYR I 53 42.56 30.62 37.38
N ARG I 54 42.70 30.85 36.07
CA ARG I 54 43.39 29.91 35.21
C ARG I 54 44.87 29.81 35.60
N ARG I 55 45.51 30.96 35.85
CA ARG I 55 46.89 30.93 36.31
C ARG I 55 47.00 30.24 37.65
N GLU I 56 46.14 30.62 38.60
CA GLU I 56 46.21 30.01 39.93
C GLU I 56 46.01 28.52 39.83
N GLY I 57 45.00 28.08 39.05
CA GLY I 57 44.80 26.66 38.88
C GLY I 57 45.96 26.00 38.17
N ALA I 58 46.43 26.61 37.09
CA ALA I 58 47.54 26.02 36.35
C ALA I 58 48.78 25.90 37.23
N ARG I 59 49.14 26.96 37.94
CA ARG I 59 50.33 26.91 38.79
C ARG I 59 50.14 25.93 39.95
N PHE I 60 48.93 25.84 40.50
CA PHE I 60 48.64 24.84 41.53
C PHE I 60 48.95 23.43 41.02
N ILE I 61 48.45 23.09 39.83
CA ILE I 61 48.75 21.77 39.25
C ILE I 61 50.25 21.59 39.09
N PHE I 62 50.93 22.62 38.59
CA PHE I 62 52.37 22.54 38.38
C PHE I 62 53.10 22.30 39.69
N ASP I 63 52.80 23.11 40.71
CA ASP I 63 53.51 23.00 41.98
C ASP I 63 53.25 21.66 42.66
N VAL I 64 51.98 21.25 42.70
CA VAL I 64 51.64 20.00 43.37
C VAL I 64 52.37 18.83 42.70
N GLY I 65 52.33 18.80 41.37
CA GLY I 65 52.96 17.69 40.66
C GLY I 65 54.46 17.73 40.75
N THR I 66 55.05 18.93 40.75
CA THR I 66 56.50 19.03 40.90
C THR I 66 56.95 18.45 42.24
N ARG I 67 56.22 18.75 43.31
CA ARG I 67 56.57 18.20 44.62
C ARG I 67 56.50 16.68 44.61
N LEU I 68 55.57 16.10 43.85
CA LEU I 68 55.45 14.66 43.75
C LEU I 68 56.47 14.03 42.80
N GLY I 69 57.29 14.84 42.13
CA GLY I 69 58.31 14.29 41.26
C GLY I 69 57.80 13.84 39.91
N LEU I 70 56.79 14.50 39.38
CA LEU I 70 56.09 14.04 38.18
C LEU I 70 56.77 14.58 36.93
N HIS I 71 56.73 13.75 35.89
CA HIS I 71 57.27 14.11 34.58
C HIS I 71 56.58 15.35 34.05
N TYR I 72 57.30 16.12 33.22
CA TYR I 72 56.74 17.39 32.75
C TYR I 72 55.48 17.16 31.92
N ASP I 73 55.43 16.07 31.14
CA ASP I 73 54.24 15.83 30.31
C ASP I 73 53.00 15.65 31.18
N THR I 74 53.15 14.93 32.30
CA THR I 74 52.01 14.69 33.18
C THR I 74 51.43 16.00 33.69
N LEU I 75 52.30 16.94 34.07
CA LEU I 75 51.82 18.24 34.52
C LEU I 75 51.03 18.94 33.42
N ALA I 76 51.60 18.98 32.21
CA ALA I 76 50.94 19.68 31.11
C ALA I 76 49.61 19.03 30.79
N THR I 77 49.58 17.69 30.74
CA THR I 77 48.32 17.01 30.46
C THR I 77 47.25 17.41 31.46
N GLY I 78 47.57 17.39 32.75
CA GLY I 78 46.61 17.83 33.74
C GLY I 78 46.16 19.24 33.49
N ILE I 79 47.09 20.12 33.10
CA ILE I 79 46.76 21.52 32.92
C ILE I 79 45.85 21.72 31.71
N ILE I 80 46.09 20.99 30.62
CA ILE I 80 45.19 21.12 29.48
C ILE I 80 43.82 20.55 29.79
N TYR I 81 43.76 19.44 30.52
CA TYR I 81 42.46 18.97 31.01
C TYR I 81 41.78 20.12 31.75
N PHE I 82 42.51 20.76 32.67
CA PHE I 82 41.96 21.86 33.46
C PHE I 82 41.46 22.99 32.57
N HIS I 83 42.30 23.48 31.65
CA HIS I 83 41.87 24.59 30.80
C HIS I 83 40.62 24.23 30.01
N ARG I 84 40.61 23.04 29.42
CA ARG I 84 39.46 22.62 28.64
C ARG I 84 38.22 22.54 29.51
N PHE I 85 38.37 22.01 30.73
CA PHE I 85 37.23 21.85 31.63
C PHE I 85 36.46 23.16 31.75
N TYR I 86 37.16 24.27 31.97
CA TYR I 86 36.50 25.56 32.18
C TYR I 86 36.11 26.25 30.89
N MET I 87 36.22 25.55 29.77
CA MET I 87 35.51 25.92 28.56
C MET I 87 34.10 25.32 28.55
N PHE I 88 33.82 24.40 29.47
CA PHE I 88 32.55 23.72 29.58
C PHE I 88 31.83 23.96 30.89
N HIS I 89 32.49 24.55 31.88
CA HIS I 89 31.90 24.80 33.18
C HIS I 89 32.30 26.17 33.67
N SER I 90 31.67 26.58 34.77
CA SER I 90 31.95 27.88 35.36
C SER I 90 32.81 27.70 36.60
N PHE I 91 33.75 28.64 36.79
CA PHE I 91 34.56 28.63 37.99
C PHE I 91 33.71 28.80 39.22
N LYS I 92 32.55 29.45 39.08
CA LYS I 92 31.68 29.65 40.24
C LYS I 92 30.97 28.38 40.68
N GLN I 93 30.91 27.36 39.82
CA GLN I 93 30.25 26.12 40.19
C GLN I 93 31.23 25.00 40.54
N PHE I 94 32.48 25.13 40.10
CA PHE I 94 33.51 24.13 40.36
C PHE I 94 34.75 24.82 40.92
N PRO I 95 34.98 24.75 42.23
CA PRO I 95 36.17 25.37 42.81
C PRO I 95 37.43 24.89 42.12
N ARG I 96 38.31 25.84 41.76
CA ARG I 96 39.35 25.53 40.79
C ARG I 96 40.37 24.54 41.32
N TYR I 97 40.73 24.64 42.60
CA TYR I 97 41.80 23.77 43.08
C TYR I 97 41.35 22.32 43.22
N VAL I 98 40.07 22.08 43.47
CA VAL I 98 39.57 20.71 43.44
C VAL I 98 39.66 20.16 42.02
N THR I 99 39.18 20.95 41.05
CA THR I 99 39.31 20.58 39.65
C THR I 99 40.75 20.27 39.29
N GLY I 100 41.66 21.18 39.65
CA GLY I 100 43.06 20.94 39.36
C GLY I 100 43.53 19.60 39.90
N ALA I 101 43.28 19.34 41.18
CA ALA I 101 43.71 18.08 41.78
C ALA I 101 43.16 16.89 41.01
N CYS I 102 41.88 16.98 40.60
CA CYS I 102 41.28 15.90 39.85
C CYS I 102 41.97 15.71 38.51
N CYS I 103 42.26 16.81 37.81
CA CYS I 103 42.94 16.70 36.52
C CYS I 103 44.28 15.99 36.68
N LEU I 104 45.09 16.41 37.66
CA LEU I 104 46.38 15.78 37.84
C LEU I 104 46.21 14.30 38.17
N PHE I 105 45.23 13.97 39.04
CA PHE I 105 44.98 12.57 39.36
C PHE I 105 44.70 11.77 38.10
N LEU I 106 43.82 12.29 37.24
CA LEU I 106 43.54 11.59 35.99
C LEU I 106 44.75 11.61 35.07
N ALA I 107 45.40 12.76 34.97
CA ALA I 107 46.57 12.87 34.12
C ALA I 107 47.60 11.80 34.44
N GLY I 108 47.85 11.56 35.74
CA GLY I 108 48.83 10.57 36.12
C GLY I 108 48.50 9.19 35.59
N LYS I 109 47.25 8.78 35.68
CA LYS I 109 46.87 7.48 35.15
C LYS I 109 46.97 7.47 33.63
N VAL I 110 46.62 8.58 33.00
CA VAL I 110 46.69 8.66 31.54
C VAL I 110 48.13 8.53 31.07
N GLU I 111 49.04 9.27 31.70
CA GLU I 111 50.44 9.35 31.25
C GLU I 111 51.32 8.25 31.85
N GLU I 112 50.74 7.29 32.57
CA GLU I 112 51.50 6.19 33.18
C GLU I 112 52.48 6.70 34.23
N THR I 113 52.08 7.74 34.95
CA THR I 113 52.81 8.22 36.13
C THR I 113 51.83 8.35 37.31
N PRO I 114 51.17 7.27 37.70
CA PRO I 114 50.05 7.39 38.63
C PRO I 114 50.47 7.73 40.06
N LYS I 115 49.58 8.46 40.73
CA LYS I 115 49.73 8.80 42.15
C LYS I 115 48.41 8.57 42.84
N LYS I 116 48.49 8.27 44.14
CA LYS I 116 47.30 8.01 44.92
C LYS I 116 46.58 9.31 45.22
N CYS I 117 45.25 9.28 45.11
CA CYS I 117 44.49 10.49 45.42
C CYS I 117 44.89 10.99 46.80
N LYS I 118 45.18 10.05 47.71
CA LYS I 118 45.60 10.40 49.06
C LYS I 118 46.83 11.27 49.05
N ASP I 119 47.79 10.97 48.18
CA ASP I 119 49.03 11.74 48.14
C ASP I 119 48.82 13.13 47.56
N ILE I 120 47.99 13.24 46.52
CA ILE I 120 47.74 14.55 45.92
C ILE I 120 47.10 15.48 46.95
N ILE I 121 46.13 14.97 47.72
CA ILE I 121 45.49 15.82 48.72
C ILE I 121 46.51 16.31 49.74
N LYS I 122 47.35 15.39 50.22
CA LYS I 122 48.33 15.75 51.24
C LYS I 122 49.25 16.86 50.73
N THR I 123 49.72 16.74 49.47
CA THR I 123 50.58 17.77 48.90
C THR I 123 49.83 19.08 48.70
N ALA I 124 48.57 19.01 48.28
CA ALA I 124 47.78 20.21 48.10
C ALA I 124 47.66 20.96 49.42
N ARG I 125 47.53 20.23 50.51
CA ARG I 125 47.46 20.86 51.82
C ARG I 125 48.74 21.61 52.15
N SER I 126 49.89 21.06 51.76
CA SER I 126 51.15 21.75 52.00
C SER I 126 51.20 23.09 51.30
N LEU I 127 50.67 23.17 50.08
CA LEU I 127 50.82 24.34 49.25
C LEU I 127 49.68 25.33 49.39
N LEU I 128 48.52 24.90 49.85
CA LEU I 128 47.36 25.76 49.96
C LEU I 128 47.19 26.21 51.40
N ASN I 129 46.79 27.47 51.57
CA ASN I 129 46.44 28.00 52.88
C ASN I 129 45.06 27.49 53.29
N ASP I 130 44.66 27.84 54.52
CA ASP I 130 43.41 27.32 55.05
C ASP I 130 42.20 27.80 54.25
N VAL I 131 42.18 29.07 53.85
CA VAL I 131 41.07 29.58 53.05
C VAL I 131 40.96 28.82 51.74
N GLN I 132 42.11 28.65 51.07
CA GLN I 132 42.11 27.95 49.79
C GLN I 132 41.68 26.51 49.95
N PHE I 133 42.24 25.82 50.92
CA PHE I 133 41.89 24.42 51.14
C PHE I 133 40.45 24.23 51.56
N GLY I 134 39.75 25.31 51.93
CA GLY I 134 38.34 25.19 52.23
C GLY I 134 37.54 24.65 51.07
N GLN I 135 38.01 24.87 49.84
CA GLN I 135 37.32 24.35 48.67
C GLN I 135 37.14 22.84 48.76
N PHE I 136 38.09 22.11 49.35
CA PHE I 136 37.98 20.66 49.41
C PHE I 136 36.95 20.18 50.43
N GLY I 137 36.40 21.08 51.24
CA GLY I 137 35.31 20.67 52.10
C GLY I 137 35.71 19.65 53.14
N ASP I 138 34.71 18.88 53.57
CA ASP I 138 34.88 17.97 54.69
C ASP I 138 35.64 16.71 54.34
N ASP I 139 35.57 16.27 53.07
CA ASP I 139 36.24 15.05 52.61
C ASP I 139 36.98 15.38 51.33
N PRO I 140 38.24 15.82 51.42
CA PRO I 140 38.96 16.20 50.19
C PRO I 140 39.02 15.09 49.14
N LYS I 141 39.37 13.86 49.54
CA LYS I 141 39.51 12.78 48.55
C LYS I 141 38.22 12.57 47.77
N GLU I 142 37.08 12.50 48.46
CA GLU I 142 35.82 12.25 47.77
C GLU I 142 35.51 13.39 46.79
N GLU I 143 35.67 14.64 47.22
CA GLU I 143 35.38 15.76 46.33
C GLU I 143 36.14 15.61 45.01
N VAL I 144 37.36 15.07 45.05
CA VAL I 144 38.12 14.86 43.84
C VAL I 144 37.61 13.65 43.07
N MET I 145 37.49 12.48 43.74
CA MET I 145 37.08 11.27 43.03
C MET I 145 35.71 11.43 42.39
N VAL I 146 34.80 12.11 43.07
CA VAL I 146 33.47 12.33 42.53
C VAL I 146 33.53 13.16 41.27
N LEU I 147 34.52 14.04 41.17
CA LEU I 147 34.64 14.89 40.00
C LEU I 147 35.17 14.15 38.78
N GLU I 148 35.95 13.08 39.00
CA GLU I 148 36.54 12.35 37.88
C GLU I 148 35.51 11.94 36.84
N ARG I 149 34.33 11.51 37.30
CA ARG I 149 33.29 11.12 36.36
C ARG I 149 33.01 12.26 35.38
N ILE I 150 32.82 13.47 35.91
CA ILE I 150 32.52 14.62 35.07
C ILE I 150 33.72 14.99 34.22
N LEU I 151 34.92 15.02 34.81
CA LEU I 151 36.10 15.37 34.04
C LEU I 151 36.18 14.52 32.78
N LEU I 152 36.06 13.19 32.94
CA LEU I 152 36.12 12.28 31.81
C LEU I 152 35.04 12.58 30.78
N GLN I 153 33.81 12.85 31.25
CA GLN I 153 32.73 13.21 30.33
C GLN I 153 32.98 14.56 29.68
N THR I 154 33.52 15.50 30.44
CA THR I 154 33.75 16.84 29.90
C THR I 154 34.77 16.81 28.77
N ILE I 155 35.89 16.11 28.99
CA ILE I 155 36.95 16.05 27.97
C ILE I 155 36.59 14.98 26.95
N LYS I 156 35.36 14.50 26.99
CA LYS I 156 34.81 13.62 25.96
C LYS I 156 35.66 12.34 25.82
N PHE I 157 36.27 11.91 26.91
CA PHE I 157 37.10 10.70 26.93
C PHE I 157 38.17 10.75 25.84
N ASP I 158 38.53 11.95 25.38
CA ASP I 158 39.66 12.14 24.47
C ASP I 158 40.87 12.39 25.34
N LEU I 159 41.52 11.31 25.75
CA LEU I 159 42.56 11.42 26.77
C LEU I 159 43.94 11.72 26.22
N GLN I 160 44.21 11.34 24.98
CA GLN I 160 45.54 11.55 24.41
C GLN I 160 45.75 13.03 24.09
N VAL I 161 46.86 13.57 24.59
CA VAL I 161 47.20 14.97 24.41
C VAL I 161 48.69 15.10 24.05
N GLU I 162 48.99 15.98 23.10
CA GLU I 162 50.35 16.28 22.70
C GLU I 162 50.73 17.65 23.27
N HIS I 163 52.02 17.84 23.57
CA HIS I 163 52.45 19.09 24.18
C HIS I 163 53.60 19.72 23.39
N PRO I 164 53.76 21.04 23.50
CA PRO I 164 54.84 21.70 22.75
C PRO I 164 56.24 21.13 23.01
N TYR I 165 56.48 20.54 24.19
CA TYR I 165 57.85 20.17 24.54
C TYR I 165 58.45 19.24 23.50
N GLN I 166 57.71 18.19 23.14
CA GLN I 166 58.27 17.19 22.23
C GLN I 166 58.60 17.79 20.88
N PHE I 167 57.82 18.76 20.42
CA PHE I 167 58.10 19.39 19.13
C PHE I 167 59.26 20.35 19.26
N LEU I 168 59.37 21.02 20.41
CA LEU I 168 60.55 21.83 20.66
C LEU I 168 61.82 21.00 20.53
N LEU I 169 61.79 19.77 21.04
CA LEU I 169 62.95 18.89 20.93
C LEU I 169 63.10 18.34 19.51
N LYS I 170 62.00 17.87 18.93
CA LYS I 170 62.05 17.31 17.58
C LYS I 170 62.60 18.32 16.58
N TYR I 171 62.16 19.57 16.68
CA TYR I 171 62.59 20.60 15.73
C TYR I 171 64.02 21.06 16.01
N ALA I 172 64.37 21.26 17.28
CA ALA I 172 65.74 21.69 17.60
C ALA I 172 66.75 20.63 17.17
N LYS I 173 66.37 19.35 17.25
CA LYS I 173 67.26 18.26 16.88
C LYS I 173 67.73 18.38 15.43
N GLN I 174 66.92 19.00 14.57
CA GLN I 174 67.26 19.19 13.16
C GLN I 174 68.06 20.48 12.94
N LEU I 175 68.49 21.14 14.01
CA LEU I 175 69.32 22.32 13.92
C LEU I 175 70.77 21.91 14.15
N LYS I 176 71.68 22.42 13.31
CA LYS I 176 73.11 22.15 13.40
C LYS I 176 73.86 23.46 13.44
N GLY I 177 74.78 23.59 14.39
CA GLY I 177 75.52 24.82 14.54
C GLY I 177 76.22 24.85 15.89
N ASP I 178 76.53 26.06 16.36
CA ASP I 178 77.08 26.20 17.70
C ASP I 178 76.14 25.50 18.68
N LYS I 179 76.63 24.44 19.32
CA LYS I 179 75.76 23.69 20.22
C LYS I 179 75.26 24.56 21.37
N ASN I 180 76.12 25.42 21.91
CA ASN I 180 75.73 26.19 23.09
C ASN I 180 74.65 27.21 22.76
N LYS I 181 74.73 27.85 21.58
CA LYS I 181 73.66 28.77 21.20
C LYS I 181 72.33 28.03 21.01
N ILE I 182 72.39 26.85 20.38
CA ILE I 182 71.17 26.07 20.17
C ILE I 182 70.58 25.64 21.50
N GLN I 183 71.44 25.24 22.45
CA GLN I 183 70.94 24.85 23.77
C GLN I 183 70.28 26.01 24.50
N LYS I 184 70.88 27.20 24.42
CA LYS I 184 70.27 28.36 25.07
C LYS I 184 68.88 28.63 24.50
N LEU I 185 68.74 28.46 23.20
CA LEU I 185 67.44 28.60 22.57
C LEU I 185 66.45 27.59 23.12
N VAL I 186 66.86 26.33 23.23
CA VAL I 186 65.96 25.30 23.71
C VAL I 186 65.52 25.59 25.14
N GLN I 187 66.47 25.98 25.99
CA GLN I 187 66.14 26.23 27.40
C GLN I 187 65.21 27.42 27.55
N MET I 188 65.49 28.51 26.84
CA MET I 188 64.60 29.66 26.92
C MET I 188 63.21 29.29 26.43
N ALA I 189 63.15 28.57 25.32
CA ALA I 189 61.86 28.13 24.79
C ALA I 189 61.14 27.23 25.79
N TRP I 190 61.87 26.30 26.40
CA TRP I 190 61.27 25.41 27.38
C TRP I 190 60.68 26.22 28.53
N THR I 191 61.38 27.28 28.95
CA THR I 191 60.85 28.16 29.97
C THR I 191 59.60 28.85 29.47
N PHE I 192 59.58 29.29 28.21
CA PHE I 192 58.39 29.94 27.66
C PHE I 192 57.22 28.97 27.60
N VAL I 193 57.48 27.71 27.24
CA VAL I 193 56.41 26.71 27.20
C VAL I 193 55.80 26.58 28.59
N ASN I 194 56.65 26.44 29.62
CA ASN I 194 56.13 26.32 30.97
C ASN I 194 55.25 27.51 31.32
N ASP I 195 55.62 28.71 30.86
CA ASP I 195 54.82 29.90 31.15
C ASP I 195 53.52 29.92 30.36
N SER I 196 53.53 29.42 29.12
CA SER I 196 52.32 29.47 28.31
C SER I 196 51.22 28.62 28.92
N LEU I 197 51.59 27.59 29.69
CA LEU I 197 50.58 26.74 30.32
C LEU I 197 49.63 27.54 31.20
N CYS I 198 50.12 28.62 31.79
CA CYS I 198 49.23 29.48 32.58
C CYS I 198 48.17 30.14 31.72
N THR I 199 48.42 30.25 30.42
CA THR I 199 47.52 30.94 29.50
C THR I 199 46.60 29.97 28.79
N THR I 200 45.66 30.55 28.04
CA THR I 200 44.73 29.82 27.17
C THR I 200 45.32 29.49 25.82
N LEU I 201 46.61 29.76 25.60
CA LEU I 201 47.21 29.40 24.33
C LEU I 201 47.04 27.91 24.08
N SER I 202 47.06 27.11 25.16
CA SER I 202 46.82 25.68 25.02
C SER I 202 45.48 25.39 24.35
N LEU I 203 44.56 26.35 24.40
CA LEU I 203 43.25 26.21 23.79
C LEU I 203 43.13 26.88 22.43
N GLN I 204 44.13 27.65 21.99
CA GLN I 204 44.02 28.39 20.75
C GLN I 204 44.79 27.80 19.58
N TRP I 205 45.93 27.16 19.84
CA TRP I 205 46.85 26.77 18.78
C TRP I 205 47.38 25.37 19.04
N GLU I 206 47.56 24.60 17.97
CA GLU I 206 48.13 23.27 18.10
C GLU I 206 49.51 23.37 18.76
N PRO I 207 49.93 22.30 19.46
CA PRO I 207 51.22 22.37 20.17
C PRO I 207 52.39 22.61 19.23
N GLU I 208 52.34 22.05 18.01
CA GLU I 208 53.41 22.29 17.05
C GLU I 208 53.61 23.79 16.83
N ILE I 209 52.50 24.53 16.70
CA ILE I 209 52.58 25.98 16.52
C ILE I 209 53.16 26.66 17.74
N ILE I 210 52.76 26.21 18.94
CA ILE I 210 53.36 26.80 20.14
C ILE I 210 54.85 26.57 20.15
N ALA I 211 55.28 25.34 19.83
CA ALA I 211 56.70 25.02 19.86
C ALA I 211 57.47 25.94 18.93
N VAL I 212 56.93 26.21 17.75
CA VAL I 212 57.61 27.12 16.84
C VAL I 212 57.59 28.54 17.37
N ALA I 213 56.50 28.94 18.03
CA ALA I 213 56.41 30.30 18.53
C ALA I 213 57.50 30.55 19.58
N VAL I 214 57.67 29.61 20.52
CA VAL I 214 58.66 29.83 21.56
C VAL I 214 60.07 29.76 21.02
N MET I 215 60.31 28.93 20.00
CA MET I 215 61.61 28.99 19.31
C MET I 215 61.77 30.35 18.65
N TYR I 216 60.72 30.82 17.99
CA TYR I 216 60.71 32.14 17.34
C TYR I 216 61.01 33.24 18.35
N LEU I 217 60.36 33.22 19.51
CA LEU I 217 60.61 34.24 20.52
C LEU I 217 62.03 34.17 21.06
N ALA I 218 62.47 32.97 21.44
CA ALA I 218 63.83 32.82 21.97
C ALA I 218 64.86 33.32 20.98
N GLY I 219 64.64 33.05 19.69
CA GLY I 219 65.55 33.54 18.68
C GLY I 219 65.59 35.05 18.63
N ARG I 220 64.44 35.70 18.81
CA ARG I 220 64.42 37.16 18.76
C ARG I 220 65.14 37.75 19.97
N LEU I 221 64.97 37.13 21.14
CA LEU I 221 65.58 37.66 22.35
C LEU I 221 67.09 37.43 22.34
N CYS I 222 67.53 36.26 21.86
CA CYS I 222 68.95 35.94 21.78
C CYS I 222 69.63 36.45 20.52
N LYS I 223 68.89 37.12 19.63
CA LYS I 223 69.46 37.69 18.39
C LYS I 223 70.06 36.60 17.50
N PHE I 224 69.51 35.39 17.54
CA PHE I 224 69.92 34.31 16.66
C PHE I 224 69.19 34.38 15.32
N GLU I 225 69.87 33.93 14.27
CA GLU I 225 69.24 33.75 12.96
C GLU I 225 69.08 32.24 12.82
N ILE I 226 67.88 31.75 13.13
CA ILE I 226 67.67 30.31 13.22
C ILE I 226 67.80 29.64 11.88
N GLN I 227 67.43 30.34 10.80
CA GLN I 227 67.45 29.69 9.49
C GLN I 227 68.83 29.10 9.22
N GLU I 228 69.89 29.74 9.72
CA GLU I 228 71.25 29.30 9.42
C GLU I 228 71.52 27.87 9.87
N TRP I 229 70.94 27.45 10.99
CA TRP I 229 71.15 26.10 11.53
C TRP I 229 70.34 25.02 10.80
N THR I 230 69.36 25.40 9.98
CA THR I 230 68.50 24.46 9.28
C THR I 230 69.18 23.88 8.04
N SER I 231 68.54 22.85 7.48
CA SER I 231 68.98 22.28 6.20
C SER I 231 68.81 23.26 5.05
N LYS I 232 67.99 24.31 5.22
CA LYS I 232 67.77 25.32 4.20
C LYS I 232 68.17 26.69 4.72
N PRO I 233 69.46 27.01 4.70
CA PRO I 233 69.91 28.23 5.37
C PRO I 233 69.43 29.53 4.75
N MET I 234 69.01 29.56 3.49
CA MET I 234 68.62 30.80 2.82
C MET I 234 67.10 31.00 2.81
N TYR I 235 66.35 30.12 3.46
CA TYR I 235 64.88 30.17 3.58
C TYR I 235 64.53 30.90 4.88
N ARG I 236 64.27 32.21 4.77
CA ARG I 236 64.18 33.03 5.98
C ARG I 236 62.99 32.67 6.87
N ARG I 237 61.90 32.15 6.29
CA ARG I 237 60.81 31.62 7.11
C ARG I 237 61.11 30.15 7.42
N TRP I 238 62.05 29.99 8.35
CA TRP I 238 62.62 28.69 8.63
C TRP I 238 61.60 27.67 9.11
N TRP I 239 60.59 28.11 9.86
CA TRP I 239 59.69 27.16 10.49
C TRP I 239 58.82 26.40 9.50
N GLU I 240 58.61 26.93 8.30
CA GLU I 240 57.65 26.31 7.39
C GLU I 240 58.06 24.89 7.01
N GLN I 241 59.29 24.47 7.27
CA GLN I 241 59.73 23.09 7.08
C GLN I 241 59.42 22.21 8.28
N PHE I 242 58.94 22.80 9.38
CA PHE I 242 58.49 22.07 10.54
C PHE I 242 56.97 22.10 10.69
N VAL I 243 56.36 23.26 10.48
CA VAL I 243 54.92 23.44 10.65
C VAL I 243 54.43 24.18 9.41
N GLN I 244 53.72 23.47 8.54
CA GLN I 244 53.25 24.06 7.30
C GLN I 244 52.11 25.03 7.55
N ASP I 245 52.09 26.13 6.79
CA ASP I 245 50.96 27.05 6.76
C ASP I 245 50.80 27.86 8.03
N VAL I 246 51.91 28.30 8.62
CA VAL I 246 51.78 29.15 9.81
C VAL I 246 52.22 30.56 9.41
N PRO I 247 51.31 31.53 9.43
CA PRO I 247 51.70 32.92 9.16
C PRO I 247 52.38 33.55 10.38
N VAL I 248 53.18 34.58 10.09
CA VAL I 248 53.92 35.28 11.12
C VAL I 248 52.99 35.95 12.12
N ASP I 249 51.85 36.48 11.64
CA ASP I 249 50.90 37.09 12.57
C ASP I 249 50.63 36.19 13.77
N VAL I 250 50.42 34.90 13.50
CA VAL I 250 50.12 33.96 14.58
C VAL I 250 51.30 33.89 15.55
N LEU I 251 52.51 33.70 15.01
CA LEU I 251 53.68 33.62 15.88
C LEU I 251 53.83 34.92 16.67
N GLU I 252 53.44 36.06 16.10
CA GLU I 252 53.48 37.32 16.83
C GLU I 252 52.38 37.38 17.89
N ASP I 253 51.18 36.88 17.57
CA ASP I 253 50.11 36.83 18.56
C ASP I 253 50.52 36.01 19.78
N ILE I 254 51.09 34.82 19.54
CA ILE I 254 51.46 33.93 20.65
C ILE I 254 52.56 34.56 21.48
N CYS I 255 53.63 35.01 20.84
CA CYS I 255 54.75 35.60 21.57
C CYS I 255 54.25 36.76 22.43
N HIS I 256 53.41 37.60 21.84
CA HIS I 256 52.85 38.73 22.55
C HIS I 256 52.24 38.29 23.87
N GLN I 257 51.49 37.19 23.85
CA GLN I 257 50.84 36.77 25.08
C GLN I 257 51.85 36.38 26.15
N ILE I 258 52.94 35.70 25.75
CA ILE I 258 53.94 35.34 26.74
C ILE I 258 54.61 36.59 27.28
N LEU I 259 54.95 37.53 26.39
CA LEU I 259 55.61 38.74 26.83
C LEU I 259 54.69 39.56 27.73
N ASP I 260 53.37 39.51 27.51
CA ASP I 260 52.45 40.25 28.36
C ASP I 260 52.47 39.73 29.79
N LEU I 261 52.53 38.40 29.97
CA LEU I 261 52.56 37.85 31.31
C LEU I 261 53.78 38.35 32.07
N TYR I 262 54.94 38.34 31.43
CA TYR I 262 56.17 38.76 32.09
C TYR I 262 56.13 40.24 32.44
N SER I 263 55.71 41.08 31.51
CA SER I 263 55.74 42.53 31.71
C SER I 263 54.71 42.97 32.74
N GLN I 264 53.61 42.23 32.91
CA GLN I 264 52.61 42.62 33.91
C GLN I 264 53.26 42.69 35.30
N GLY I 265 53.99 41.65 35.69
CA GLY I 265 54.82 41.72 36.88
C GLY I 265 56.18 42.33 36.55
N LYS I 266 56.95 42.66 37.58
CA LYS I 266 58.32 43.11 37.32
C LYS I 266 59.23 41.93 37.04
N GLN I 267 58.79 40.98 36.21
CA GLN I 267 59.56 39.79 35.89
C GLN I 267 60.38 40.00 34.63
N GLN I 268 61.70 39.76 34.72
CA GLN I 268 62.56 39.94 33.57
C GLN I 268 62.54 38.69 32.70
N MET I 269 62.49 38.91 31.36
CA MET I 269 62.50 37.83 30.39
C MET I 269 63.70 36.97 30.74
N PRO I 270 63.64 35.64 30.58
CA PRO I 270 64.79 34.83 31.04
C PRO I 270 66.10 35.32 30.47
N HIS I 271 66.12 35.61 29.17
CA HIS I 271 67.31 36.09 28.47
C HIS I 271 68.62 35.63 29.14
S SO4 J . 21.99 64.02 30.08
O1 SO4 J . 20.88 63.11 30.31
O2 SO4 J . 21.88 64.59 28.77
O3 SO4 J . 21.97 65.05 31.09
O4 SO4 J . 23.21 63.28 30.20
S SO4 K . -6.82 13.46 16.19
O1 SO4 K . -7.75 12.99 15.19
O2 SO4 K . -6.24 14.71 15.72
O3 SO4 K . -7.49 13.71 17.43
O4 SO4 K . -5.79 12.48 16.37
S SO4 L . -20.40 49.27 12.84
O1 SO4 L . -21.71 49.75 12.49
O2 SO4 L . -19.81 48.66 11.68
O3 SO4 L . -19.59 50.36 13.30
O4 SO4 L . -20.50 48.30 13.90
S SO4 M . -13.91 19.78 9.58
O1 SO4 M . -14.70 18.59 9.68
O2 SO4 M . -14.31 20.51 8.42
O3 SO4 M . -14.07 20.59 10.76
O4 SO4 M . -12.51 19.43 9.46
S SO4 N . 18.33 83.66 14.31
O1 SO4 N . 18.77 83.55 12.95
O2 SO4 N . 17.14 84.45 14.38
O3 SO4 N . 19.35 84.26 15.12
O4 SO4 N . 18.06 82.34 14.81
C7 RLC O . -10.11 37.63 4.69
N2 RLC O . -10.37 39.02 0.47
N1 RLC O . -10.85 36.62 7.18
C8 RLC O . -9.72 38.08 3.44
C9 RLC O . -10.27 39.24 2.93
C10 RLC O . -11.18 39.92 3.73
C11 RLC O . -11.56 39.47 4.98
C12 RLC O . -9.84 39.78 1.59
C1 RLC O . -11.21 36.10 8.35
C2 RLC O . -11.42 37.77 6.81
C3 RLC O . -12.37 38.40 7.61
C4 RLC O . -12.72 37.82 8.82
C5 RLC O . -12.14 36.66 9.20
C6 RLC O . -11.01 38.30 5.49
O1 RLC O . -12.78 43.21 2.14
C13 RLC O . -11.53 39.32 -0.15
C14 RLC O . -13.56 40.52 -0.15
C15 RLC O . -13.11 39.19 -1.91
C16 RLC O . -11.89 38.80 -1.40
C17 RLC O . -12.11 37.81 -3.28
C18 RLC O . -14.35 38.62 -4.08
C19 RLC O . -14.30 39.90 -4.91
C20 RLC O . -15.68 38.45 -3.39
C21 RLC O . -14.43 42.83 0.39
C22 RLC O . -13.06 43.42 0.75
C23 RLC O . -14.93 43.22 -1.00
C24 RLC O . -13.85 43.41 -2.03
F1 RLC O . -9.56 36.48 5.16
N3 RLC O . -12.38 40.21 0.44
N4 RLC O . -13.97 40.05 -1.35
N5 RLC O . -11.27 37.92 -2.28
N6 RLC O . -13.24 38.56 -3.13
N7 RLC O . -14.40 41.37 0.50
H21 RLC O . -9.91 38.34 0.18
H81 RLC O . -9.06 37.60 2.94
H101 RLC O . -11.56 40.73 3.41
H111 RLC O . -12.20 39.95 5.48
H121 RLC O . -10.14 40.71 1.51
H122 RLC O . -8.87 39.77 1.54
H11 RLC O . -10.81 35.28 8.61
H31 RLC O . -12.78 39.20 7.32
H41 RLC O . -13.36 38.24 9.37
H51 RLC O . -12.35 36.25 10.02
H12 RLC O . -12.04 43.57 2.31
H171 RLC O . -11.96 37.26 -4.04
H181 RLC O . -14.24 37.86 -4.71
H193 RLC O . -14.49 40.67 -4.34
H191 RLC O . -14.98 39.86 -5.61
H192 RLC O . -13.42 40.01 -5.31
H202 RLC O . -15.89 39.24 -2.87
H203 RLC O . -15.65 37.67 -2.81
H201 RLC O . -16.38 38.31 -4.06
H211 RLC O . -15.07 43.18 1.06
H221 RLC O . -13.07 44.38 0.55
H222 RLC O . -12.38 43.00 0.20
H231 RLC O . -15.55 42.52 -1.32
H232 RLC O . -15.44 44.05 -0.93
H241 RLC O . -13.28 42.61 -2.05
H243 RLC O . -13.30 44.19 -1.79
H242 RLC O . -14.24 43.54 -2.90
H71 RLC O . -14.99 41.00 1.04
S SO4 P . 7.05 41.23 -16.13
O1 SO4 P . 6.23 42.33 -16.58
O2 SO4 P . 7.66 40.61 -17.27
O3 SO4 P . 8.08 41.73 -15.26
O4 SO4 P . 6.24 40.30 -15.42
S SO4 Q . -51.57 31.32 -31.69
O1 SO4 Q . -51.62 30.23 -32.65
O2 SO4 Q . -51.12 32.51 -32.36
O3 SO4 Q . -52.88 31.54 -31.15
O4 SO4 Q . -50.66 30.99 -30.63
S SO4 R . -18.19 57.85 -55.61
O1 SO4 R . -17.59 56.65 -56.10
O2 SO4 R . -18.77 58.58 -56.69
O3 SO4 R . -19.16 57.51 -54.62
O4 SO4 R . -17.18 58.68 -55.00
S SO4 S . -16.37 31.75 -51.85
O1 SO4 S . -17.78 31.62 -51.57
O2 SO4 S . -16.17 31.57 -53.26
O3 SO4 S . -15.62 30.78 -51.12
O4 SO4 S . -15.95 33.06 -51.45
S SO4 T . -51.99 0.46 -53.07
O1 SO4 T . -53.37 0.54 -53.49
O2 SO4 T . -51.34 -0.55 -53.84
O3 SO4 T . -51.93 0.12 -51.67
O4 SO4 T . -51.33 1.73 -53.25
S SO4 U . -22.93 -9.30 -2.20
O1 SO4 U . -21.94 -10.29 -1.87
O2 SO4 U . -23.12 -9.26 -3.63
O3 SO4 U . -24.19 -9.64 -1.58
O4 SO4 U . -22.48 -8.02 -1.73
S SO4 V . -20.09 -18.82 -5.81
O1 SO4 V . -21.45 -18.88 -6.27
O2 SO4 V . -19.32 -18.05 -6.78
O3 SO4 V . -19.54 -20.14 -5.71
O4 SO4 V . -20.04 -18.18 -4.52
S SO4 W . -45.76 -14.45 -73.01
O1 SO4 W . -47.07 -14.17 -73.50
O2 SO4 W . -44.91 -14.80 -74.12
O3 SO4 W . -45.22 -13.29 -72.35
O4 SO4 W . -45.80 -15.53 -72.08
C7 RLC X . -22.40 -24.16 -23.95
N2 RLC X . -20.48 -27.11 -27.25
N1 RLC X . -24.53 -23.52 -22.23
C8 RLC X . -21.39 -24.38 -24.86
C9 RLC X . -21.44 -25.49 -25.67
C10 RLC X . -22.52 -26.36 -25.53
C11 RLC X . -23.53 -26.13 -24.60
C12 RLC X . -20.36 -25.78 -26.68
C1 RLC X . -25.47 -23.25 -21.31
C2 RLC X . -24.52 -24.75 -22.76
C3 RLC X . -25.44 -25.71 -22.38
C4 RLC X . -26.39 -25.40 -21.41
C5 RLC X . -26.40 -24.14 -20.87
C6 RLC X . -23.48 -25.02 -23.77
O1 RLC X . -21.96 -30.55 -29.09
C13 RLC X . -19.73 -28.17 -26.92
C14 RLC X . -19.64 -30.49 -26.64
C15 RLC X . -17.77 -29.32 -26.29
C16 RLC X . -18.37 -28.11 -26.58
C17 RLC X . -16.33 -27.69 -26.13
C18 RLC X . -15.41 -29.96 -25.61
C19 RLC X . -14.84 -30.72 -26.82
C20 RLC X . -15.83 -30.93 -24.52
C21 RLC X . -21.00 -32.33 -27.71
C22 RLC X . -22.25 -31.57 -28.15
C23 RLC X . -20.03 -32.55 -28.88
C24 RLC X . -18.83 -33.45 -28.60
F1 RLC X . -22.32 -23.05 -23.15
N3 RLC X . -20.34 -29.37 -26.95
N4 RLC X . -18.34 -30.53 -26.29
N5 RLC X . -17.45 -27.08 -26.48
N6 RLC X . -16.46 -29.04 -26.00
N7 RLC X . -20.25 -31.68 -26.63
H21 RLC X . -21.10 -27.21 -27.87
H81 RLC X . -20.64 -23.78 -24.92
H101 RLC X . -22.57 -27.12 -26.07
H111 RLC X . -24.24 -26.74 -24.53
H121 RLC X . -19.48 -25.71 -26.24
H122 RLC X . -20.39 -25.11 -27.39
H11 RLC X . -25.48 -22.38 -20.95
H31 RLC X . -25.43 -26.57 -22.76
H41 RLC X . -27.01 -26.05 -21.14
H51 RLC X . -27.03 -23.91 -20.21
H12 RLC X . -22.69 -30.21 -29.35
H171 RLC X . -15.51 -27.24 -25.97
H181 RLC X . -14.68 -29.41 -25.22
H193 RLC X . -14.00 -31.15 -26.56
H191 RLC X . -15.48 -31.38 -27.11
H192 RLC X . -14.66 -30.09 -27.54
H202 RLC X . -16.28 -30.44 -23.81
H203 RLC X . -16.45 -31.59 -24.90
H201 RLC X . -15.05 -31.39 -24.17
H211 RLC X . -21.35 -33.18 -27.33
H221 RLC X . -22.89 -32.20 -28.54
H222 RLC X . -22.68 -31.17 -27.37
H231 RLC X . -20.53 -32.93 -29.62
H232 RLC X . -19.69 -31.67 -29.17
H241 RLC X . -19.14 -34.35 -28.42
H243 RLC X . -18.23 -33.45 -29.37
H242 RLC X . -18.35 -33.12 -27.82
H71 RLC X . -20.20 -32.15 -25.88
S SO4 Y . -21.19 -14.81 -58.39
O1 SO4 Y . -20.54 -14.77 -59.66
O2 SO4 Y . -22.40 -15.57 -58.52
O3 SO4 Y . -20.33 -15.45 -57.44
O4 SO4 Y . -21.49 -13.49 -57.93
S SO4 Z . 25.14 -54.79 -55.18
O1 SO4 Z . 25.81 -54.87 -56.44
O2 SO4 Z . 23.79 -54.31 -55.38
O3 SO4 Z . 25.83 -53.88 -54.30
O4 SO4 Z . 25.08 -56.10 -54.56
S SO4 AA . 11.20 -66.03 -9.11
O1 SO4 AA . 11.57 -66.67 -10.34
O2 SO4 AA . 10.19 -65.03 -9.38
O3 SO4 AA . 10.69 -67.00 -8.17
O4 SO4 AA . 12.36 -65.37 -8.52
S SO4 BA . 42.56 -58.54 8.02
O1 SO4 BA . 43.67 -57.80 7.47
O2 SO4 BA . 41.61 -58.82 6.97
O3 SO4 BA . 41.94 -57.79 9.07
O4 SO4 BA . 43.05 -59.79 8.56
S SO4 CA . 3.69 -14.94 17.97
O1 SO4 CA . 2.75 -14.60 16.93
O2 SO4 CA . 4.86 -15.53 17.38
O3 SO4 CA . 3.08 -15.88 18.87
O4 SO4 CA . 4.06 -13.75 18.69
S SO4 DA . 35.95 -21.62 36.51
O1 SO4 DA . 36.74 -22.69 35.96
O2 SO4 DA . 35.89 -20.55 35.53
O3 SO4 DA . 36.56 -21.14 37.73
O4 SO4 DA . 34.61 -22.07 36.79
S SO4 EA . 11.26 -9.81 22.94
O1 SO4 EA . 10.66 -10.46 21.81
O2 SO4 EA . 12.44 -9.08 22.51
O3 SO4 EA . 10.34 -8.90 23.54
O4 SO4 EA . 11.66 -10.81 23.90
S SO4 FA . -1.31 -31.67 8.92
O1 SO4 FA . -1.58 -32.87 8.19
O2 SO4 FA . -0.87 -30.65 7.99
O3 SO4 FA . -2.49 -31.21 9.59
O4 SO4 FA . -0.29 -31.90 9.90
C7 RLC GA . 30.12 -14.81 21.72
N2 RLC GA . 33.45 -12.04 20.78
N1 RLC GA . 27.89 -15.94 22.98
C8 RLC GA . 31.19 -14.26 21.06
C9 RLC GA . 32.39 -14.07 21.73
C10 RLC GA . 32.46 -14.49 23.05
C11 RLC GA . 31.39 -15.05 23.70
C12 RLC GA . 33.58 -13.47 21.03
C1 RLC GA . 26.80 -16.44 23.57
C2 RLC GA . 29.01 -15.83 23.73
C3 RLC GA . 29.02 -16.21 25.06
C4 RLC GA . 27.87 -16.73 25.63
C5 RLC GA . 26.74 -16.85 24.88
C6 RLC GA . 30.18 -15.24 23.04
O1 RLC GA . 36.07 -13.58 24.49
C13 RLC GA . 33.92 -11.10 21.62
C14 RLC GA . 34.78 -10.51 23.73
C15 RLC GA . 34.55 -8.89 22.20
C16 RLC GA . 34.05 -9.74 21.24
C17 RLC GA . 34.12 -7.81 20.34
C18 RLC GA . 35.05 -6.37 22.20
C19 RLC GA . 36.56 -6.29 22.30
C20 RLC GA . 34.36 -6.14 23.53
C21 RLC GA . 36.46 -11.36 25.41
C22 RLC GA . 36.96 -12.48 24.51
C23 RLC GA . 37.38 -10.14 25.52
C24 RLC GA . 38.10 -9.78 24.27
F1 RLC GA . 28.95 -14.97 21.06
N3 RLC GA . 34.31 -11.45 22.86
N4 RLC GA . 34.93 -9.20 23.45
N5 RLC GA . 33.78 -9.05 20.07
N6 RLC GA . 34.61 -7.64 21.61
N7 RLC GA . 35.12 -10.93 24.98
H21 RLC GA . 33.03 -11.78 20.05
H81 RLC GA . 31.11 -14.00 20.13
H101 RLC GA . 33.28 -14.38 23.52
H111 RLC GA . 31.47 -15.31 24.60
H121 RLC GA . 33.71 -13.92 20.17
H122 RLC GA . 34.38 -13.62 21.56
H11 RLC GA . 26.02 -16.52 23.04
H31 RLC GA . 29.81 -16.11 25.58
H41 RLC GA . 27.87 -17.00 26.53
H51 RLC GA . 25.94 -17.20 25.24
H12 RLC GA . 36.36 -14.16 23.93
H171 RLC GA . 34.03 -7.10 19.73
H181 RLC GA . 34.78 -5.64 21.58
H193 RLC GA . 36.81 -5.39 22.59
H191 RLC GA . 36.96 -6.48 21.43
H192 RLC GA . 36.88 -6.93 22.95
H202 RLC GA . 33.39 -6.24 23.42
H203 RLC GA . 34.68 -6.78 24.18
H201 RLC GA . 34.55 -5.24 23.84
H211 RLC GA . 36.39 -11.75 26.34
H221 RLC GA . 37.06 -12.12 23.59
H222 RLC GA . 37.84 -12.77 24.81
H231 RLC GA . 36.85 -9.37 25.81
H232 RLC GA . 38.05 -10.32 26.22
H241 RLC GA . 38.74 -10.47 24.05
H243 RLC GA . 38.57 -8.93 24.40
H242 RLC GA . 37.46 -9.68 23.54
H71 RLC GA . 34.48 -10.94 25.60
S SO4 HA . 44.92 -6.99 0.43
O1 SO4 HA . 45.04 -8.16 -0.39
O2 SO4 HA . 45.27 -5.86 -0.37
O3 SO4 HA . 43.56 -6.83 0.90
O4 SO4 HA . 45.78 -7.10 1.58
S SO4 IA . 48.68 5.80 9.62
O1 SO4 IA . 48.02 6.58 8.62
O2 SO4 IA . 48.74 4.44 9.15
O3 SO4 IA . 50.01 6.30 9.82
O4 SO4 IA . 47.96 5.85 10.85
S SO4 JA . 52.76 36.60 6.64
O1 SO4 JA . 51.74 36.59 5.65
O2 SO4 JA . 53.52 35.40 6.56
O3 SO4 JA . 52.17 36.70 7.95
O4 SO4 JA . 53.62 37.74 6.44
S SO4 KA . 77.12 29.68 14.76
O1 SO4 KA . 77.20 28.38 14.13
O2 SO4 KA . 77.03 30.69 13.75
O3 SO4 KA . 75.96 29.72 15.59
O4 SO4 KA . 78.31 29.87 15.56
S SO4 LA . 39.09 34.57 45.20
O1 SO4 LA . 38.93 33.13 45.17
O2 SO4 LA . 38.32 35.15 44.13
O3 SO4 LA . 38.68 35.07 46.50
O4 SO4 LA . 40.50 34.91 45.00
#